data_2M5I
#
_entry.id   2M5I
#
_entity_poly.entity_id   1
_entity_poly.type   'polypeptide(L)'
_entity_poly.pdbx_seq_one_letter_code
;GNRSSHSRLGRIEADSESQEDIIRNIARHLAQVGDSMDRSIPPGLVNGLALQLRNTSRSEEDRNRDLATALEQLLQAYPR
DMEKEKTMLVLALLLAKKVASHTPSLLRDVFHTTVNFINQNLRTYVRSLARNGMD
;
_entity_poly.pdbx_strand_id   A
#
# COMPACT_ATOMS: atom_id res chain seq x y z
N GLY A 1 34.52 -30.65 -2.52
CA GLY A 1 34.14 -29.33 -1.96
C GLY A 1 35.34 -28.73 -1.21
N ASN A 2 36.29 -28.20 -1.96
CA ASN A 2 37.49 -27.61 -1.36
C ASN A 2 37.26 -26.12 -1.08
N ARG A 3 36.07 -25.64 -1.43
CA ARG A 3 35.74 -24.23 -1.21
C ARG A 3 35.73 -23.92 0.28
N SER A 4 35.15 -24.82 1.07
CA SER A 4 35.07 -24.63 2.51
C SER A 4 34.55 -23.24 2.85
N SER A 5 35.44 -22.27 2.94
CA SER A 5 35.06 -20.90 3.25
C SER A 5 34.37 -20.84 4.61
N HIS A 6 34.76 -19.87 5.43
CA HIS A 6 34.16 -19.71 6.76
C HIS A 6 33.12 -18.60 6.76
N SER A 7 31.86 -18.99 6.86
CA SER A 7 30.75 -18.03 6.87
C SER A 7 29.73 -18.40 7.94
N ARG A 8 30.03 -19.43 8.72
CA ARG A 8 29.13 -19.87 9.78
C ARG A 8 29.30 -19.00 11.03
N LEU A 9 29.40 -17.70 10.82
CA LEU A 9 29.57 -16.77 11.92
C LEU A 9 28.35 -16.80 12.83
N GLY A 10 27.16 -16.85 12.22
CA GLY A 10 25.93 -16.90 12.97
C GLY A 10 25.69 -15.59 13.72
N ARG A 11 24.65 -15.56 14.55
CA ARG A 11 24.32 -14.36 15.31
C ARG A 11 25.16 -14.31 16.58
N ILE A 12 25.58 -13.11 16.98
CA ILE A 12 26.39 -12.93 18.18
C ILE A 12 25.87 -11.76 19.01
N GLU A 13 25.79 -11.95 20.32
CA GLU A 13 25.30 -10.91 21.22
C GLU A 13 25.86 -9.55 20.82
N ALA A 14 25.12 -8.84 19.97
CA ALA A 14 25.56 -7.53 19.51
C ALA A 14 24.49 -6.88 18.63
N ASP A 15 23.74 -7.71 17.90
CA ASP A 15 22.68 -7.22 17.02
C ASP A 15 21.34 -7.18 17.75
N SER A 16 21.39 -7.34 19.07
CA SER A 16 20.17 -7.33 19.86
C SER A 16 19.44 -6.00 19.69
N GLU A 17 20.18 -4.91 19.71
CA GLU A 17 19.59 -3.58 19.55
C GLU A 17 18.87 -3.49 18.20
N SER A 18 17.67 -2.92 18.22
CA SER A 18 16.90 -2.79 16.99
C SER A 18 16.62 -4.18 16.40
N GLN A 19 15.54 -4.80 16.87
CA GLN A 19 15.18 -6.13 16.38
C GLN A 19 14.96 -6.11 14.88
N GLU A 20 14.51 -4.97 14.36
CA GLU A 20 14.27 -4.83 12.93
C GLU A 20 15.58 -4.96 12.17
N ASP A 21 16.65 -4.46 12.76
CA ASP A 21 17.97 -4.52 12.14
C ASP A 21 18.39 -5.98 11.95
N ILE A 22 18.00 -6.82 12.90
CA ILE A 22 18.34 -8.24 12.83
C ILE A 22 17.72 -8.88 11.60
N ILE A 23 16.46 -8.56 11.34
CA ILE A 23 15.78 -9.11 10.18
C ILE A 23 16.49 -8.68 8.90
N ARG A 24 16.85 -7.42 8.82
CA ARG A 24 17.53 -6.91 7.63
C ARG A 24 18.82 -7.69 7.39
N ASN A 25 19.57 -7.92 8.46
CA ASN A 25 20.82 -8.68 8.34
C ASN A 25 20.53 -10.11 7.90
N ILE A 26 19.51 -10.72 8.51
CA ILE A 26 19.12 -12.09 8.17
C ILE A 26 18.70 -12.18 6.70
N ALA A 27 17.92 -11.20 6.25
CA ALA A 27 17.47 -11.19 4.87
C ALA A 27 18.66 -11.24 3.92
N ARG A 28 19.62 -10.35 4.15
CA ARG A 28 20.80 -10.28 3.29
C ARG A 28 21.46 -11.66 3.19
N HIS A 29 21.58 -12.34 4.32
CA HIS A 29 22.17 -13.67 4.33
C HIS A 29 21.36 -14.61 3.43
N LEU A 30 20.06 -14.65 3.67
CA LEU A 30 19.17 -15.51 2.89
C LEU A 30 19.29 -15.18 1.41
N ALA A 31 19.43 -13.91 1.09
CA ALA A 31 19.56 -13.49 -0.31
C ALA A 31 20.73 -14.24 -0.95
N GLN A 32 21.86 -14.28 -0.26
CA GLN A 32 23.03 -14.97 -0.77
C GLN A 32 22.69 -16.43 -1.06
N VAL A 33 22.11 -17.11 -0.08
CA VAL A 33 21.74 -18.52 -0.23
C VAL A 33 20.54 -18.65 -1.18
N GLY A 34 19.76 -17.59 -1.24
CA GLY A 34 18.57 -17.54 -2.09
C GLY A 34 18.95 -17.43 -3.56
N ASP A 35 20.11 -16.83 -3.82
CA ASP A 35 20.58 -16.66 -5.19
C ASP A 35 20.96 -18.00 -5.81
N SER A 36 21.56 -18.87 -5.01
CA SER A 36 21.98 -20.19 -5.49
C SER A 36 20.78 -21.10 -5.77
N MET A 37 19.61 -20.69 -5.28
CA MET A 37 18.40 -21.49 -5.48
C MET A 37 17.95 -21.44 -6.94
N ASP A 38 18.55 -20.55 -7.72
CA ASP A 38 18.19 -20.40 -9.13
C ASP A 38 19.18 -21.16 -10.02
N ARG A 39 20.05 -21.95 -9.40
CA ARG A 39 21.05 -22.72 -10.14
C ARG A 39 21.51 -23.93 -9.33
N SER A 40 20.58 -24.57 -8.63
CA SER A 40 20.91 -25.74 -7.82
C SER A 40 19.76 -26.74 -7.86
N ILE A 41 18.55 -26.25 -8.12
CA ILE A 41 17.36 -27.10 -8.20
C ILE A 41 17.07 -27.52 -9.64
N PRO A 42 17.30 -26.64 -10.60
CA PRO A 42 17.02 -26.94 -12.02
C PRO A 42 18.18 -27.66 -12.71
N PRO A 43 17.94 -28.28 -13.85
CA PRO A 43 19.02 -28.97 -14.63
C PRO A 43 20.20 -28.05 -14.88
N GLY A 44 19.90 -26.78 -15.20
CA GLY A 44 20.93 -25.78 -15.48
C GLY A 44 20.69 -25.14 -16.84
N LEU A 45 21.09 -23.88 -16.96
CA LEU A 45 20.93 -23.14 -18.22
C LEU A 45 19.47 -23.16 -18.69
N VAL A 46 18.61 -23.76 -17.87
CA VAL A 46 17.19 -23.85 -18.21
C VAL A 46 16.59 -22.46 -18.39
N ASN A 47 17.09 -21.51 -17.61
CA ASN A 47 16.60 -20.14 -17.68
C ASN A 47 17.02 -19.50 -18.99
N GLY A 48 18.31 -19.61 -19.29
CA GLY A 48 18.84 -19.03 -20.53
C GLY A 48 17.95 -19.38 -21.71
N LEU A 49 17.61 -20.67 -21.82
CA LEU A 49 16.76 -21.13 -22.91
C LEU A 49 15.38 -20.49 -22.80
N ALA A 50 14.85 -20.45 -21.59
CA ALA A 50 13.52 -19.87 -21.36
C ALA A 50 13.50 -18.41 -21.79
N LEU A 51 14.49 -17.64 -21.34
CA LEU A 51 14.56 -16.23 -21.69
C LEU A 51 14.81 -16.07 -23.20
N GLN A 52 15.75 -16.85 -23.71
CA GLN A 52 16.10 -16.79 -25.12
C GLN A 52 14.94 -17.29 -25.97
N LEU A 53 14.21 -18.28 -25.47
CA LEU A 53 13.09 -18.84 -26.21
C LEU A 53 12.04 -17.76 -26.47
N ARG A 54 11.75 -16.95 -25.47
CA ARG A 54 10.76 -15.90 -25.62
C ARG A 54 11.22 -14.86 -26.63
N ASN A 55 12.51 -14.54 -26.60
CA ASN A 55 13.06 -13.55 -27.51
C ASN A 55 12.92 -14.02 -28.95
N THR A 56 13.26 -15.29 -29.19
CA THR A 56 13.16 -15.85 -30.54
C THR A 56 11.72 -15.92 -31.00
N SER A 57 10.84 -16.41 -30.12
CA SER A 57 9.43 -16.54 -30.45
C SER A 57 8.68 -15.25 -30.14
N ARG A 58 9.43 -14.17 -29.99
CA ARG A 58 8.83 -12.87 -29.69
C ARG A 58 7.96 -12.40 -30.86
N SER A 59 6.82 -13.09 -31.04
CA SER A 59 5.89 -12.74 -32.12
C SER A 59 4.45 -12.78 -31.61
N GLU A 60 4.29 -13.00 -30.30
CA GLU A 60 2.96 -13.06 -29.69
C GLU A 60 2.98 -12.38 -28.32
N GLU A 61 2.01 -12.72 -27.48
CA GLU A 61 1.93 -12.13 -26.14
C GLU A 61 1.89 -10.62 -26.23
N ASP A 62 1.53 -9.98 -25.13
CA ASP A 62 1.44 -8.51 -25.10
C ASP A 62 0.28 -8.02 -25.95
N ARG A 63 0.07 -8.66 -27.10
CA ARG A 63 -1.02 -8.27 -27.99
C ARG A 63 -2.38 -8.47 -27.32
N ASN A 64 -2.52 -9.57 -26.60
CA ASN A 64 -3.77 -9.86 -25.90
C ASN A 64 -3.78 -9.23 -24.52
N ARG A 65 -2.60 -9.14 -23.92
CA ARG A 65 -2.47 -8.54 -22.60
C ARG A 65 -2.31 -7.03 -22.70
N ASP A 66 -2.50 -6.50 -23.90
CA ASP A 66 -2.36 -5.07 -24.11
C ASP A 66 -3.41 -4.30 -23.34
N LEU A 67 -4.67 -4.40 -23.76
CA LEU A 67 -5.75 -3.68 -23.09
C LEU A 67 -5.92 -4.18 -21.65
N ALA A 68 -5.70 -5.48 -21.44
CA ALA A 68 -5.86 -6.04 -20.12
C ALA A 68 -5.02 -5.27 -19.11
N THR A 69 -3.80 -4.90 -19.50
CA THR A 69 -2.93 -4.15 -18.61
C THR A 69 -3.55 -2.80 -18.27
N ALA A 70 -4.09 -2.14 -19.29
CA ALA A 70 -4.72 -0.83 -19.09
C ALA A 70 -5.82 -0.91 -18.05
N LEU A 71 -6.68 -1.93 -18.16
CA LEU A 71 -7.76 -2.11 -17.21
C LEU A 71 -7.21 -2.37 -15.80
N GLU A 72 -6.18 -3.20 -15.71
CA GLU A 72 -5.59 -3.51 -14.42
C GLU A 72 -4.91 -2.27 -13.85
N GLN A 73 -4.03 -1.65 -14.64
CA GLN A 73 -3.33 -0.46 -14.19
C GLN A 73 -4.31 0.64 -13.84
N LEU A 74 -5.27 0.89 -14.73
CA LEU A 74 -6.26 1.93 -14.49
C LEU A 74 -7.10 1.59 -13.26
N LEU A 75 -7.59 0.35 -13.22
CA LEU A 75 -8.42 -0.09 -12.10
C LEU A 75 -7.62 -0.04 -10.80
N GLN A 76 -6.37 -0.50 -10.87
CA GLN A 76 -5.52 -0.50 -9.70
C GLN A 76 -5.38 0.90 -9.13
N ALA A 77 -5.24 1.89 -10.01
CA ALA A 77 -5.11 3.29 -9.61
C ALA A 77 -6.38 4.06 -9.91
N TYR A 78 -7.44 3.79 -9.14
CA TYR A 78 -8.72 4.47 -9.33
C TYR A 78 -9.26 4.96 -7.99
N PRO A 79 -8.53 5.81 -7.31
CA PRO A 79 -8.93 6.36 -5.99
C PRO A 79 -10.10 7.35 -6.12
N ARG A 80 -10.12 8.07 -7.23
CA ARG A 80 -11.17 9.05 -7.47
C ARG A 80 -11.26 10.06 -6.33
N ASP A 81 -11.80 11.23 -6.61
CA ASP A 81 -11.93 12.27 -5.61
C ASP A 81 -12.82 11.80 -4.45
N MET A 82 -13.93 11.15 -4.80
CA MET A 82 -14.88 10.64 -3.82
C MET A 82 -15.55 11.79 -3.05
N GLU A 83 -14.92 12.97 -3.07
CA GLU A 83 -15.48 14.13 -2.38
C GLU A 83 -16.79 14.56 -3.02
N LYS A 84 -16.79 14.59 -4.34
CA LYS A 84 -17.98 14.98 -5.10
C LYS A 84 -19.13 14.00 -4.85
N GLU A 85 -18.78 12.74 -4.61
CA GLU A 85 -19.78 11.72 -4.35
C GLU A 85 -20.34 11.85 -2.93
N LYS A 86 -19.43 11.93 -1.96
CA LYS A 86 -19.83 12.08 -0.56
C LYS A 86 -20.45 13.45 -0.32
N THR A 87 -19.83 14.46 -0.91
CA THR A 87 -20.32 15.83 -0.78
C THR A 87 -21.73 15.96 -1.34
N MET A 88 -21.96 15.33 -2.50
CA MET A 88 -23.26 15.41 -3.12
C MET A 88 -24.34 14.85 -2.20
N LEU A 89 -24.07 13.68 -1.61
CA LEU A 89 -25.05 13.08 -0.69
C LEU A 89 -25.17 13.93 0.58
N VAL A 90 -24.03 14.24 1.18
CA VAL A 90 -24.01 15.02 2.41
C VAL A 90 -24.62 16.40 2.17
N LEU A 91 -24.26 17.01 1.05
CA LEU A 91 -24.77 18.32 0.70
C LEU A 91 -26.29 18.28 0.58
N ALA A 92 -26.80 17.25 -0.08
CA ALA A 92 -28.24 17.12 -0.26
C ALA A 92 -28.93 16.99 1.10
N LEU A 93 -28.34 16.18 1.97
CA LEU A 93 -28.92 15.97 3.30
C LEU A 93 -28.98 17.29 4.06
N LEU A 94 -27.93 18.08 3.96
CA LEU A 94 -27.88 19.36 4.67
C LEU A 94 -29.02 20.25 4.18
N LEU A 95 -29.25 20.26 2.88
CA LEU A 95 -30.32 21.07 2.33
C LEU A 95 -31.66 20.61 2.88
N ALA A 96 -31.89 19.31 2.86
CA ALA A 96 -33.12 18.74 3.37
C ALA A 96 -33.21 18.91 4.89
N LYS A 97 -32.06 18.78 5.54
CA LYS A 97 -32.00 18.92 6.99
C LYS A 97 -32.45 20.32 7.42
N LYS A 98 -31.95 21.34 6.72
CA LYS A 98 -32.32 22.71 7.03
C LYS A 98 -33.81 22.93 6.81
N VAL A 99 -34.33 22.33 5.75
CA VAL A 99 -35.75 22.45 5.44
C VAL A 99 -36.60 21.77 6.53
N ALA A 100 -36.17 20.57 6.92
CA ALA A 100 -36.89 19.81 7.95
C ALA A 100 -36.84 20.52 9.30
N SER A 101 -35.69 21.10 9.62
CA SER A 101 -35.51 21.81 10.87
C SER A 101 -34.26 22.68 10.82
N HIS A 102 -34.13 23.58 11.79
CA HIS A 102 -32.97 24.48 11.85
C HIS A 102 -32.12 24.13 13.07
N THR A 103 -30.88 23.67 12.81
CA THR A 103 -29.94 23.30 13.88
C THR A 103 -30.20 24.12 15.15
N PRO A 104 -31.00 23.61 16.07
CA PRO A 104 -31.31 24.36 17.33
C PRO A 104 -30.05 24.77 18.09
N SER A 105 -30.10 25.95 18.70
CA SER A 105 -28.98 26.46 19.47
C SER A 105 -28.84 25.66 20.77
N LEU A 106 -27.96 26.14 21.65
CA LEU A 106 -27.72 25.48 22.93
C LEU A 106 -27.03 24.13 22.71
N LEU A 107 -27.70 23.25 21.98
CA LEU A 107 -27.15 21.92 21.69
C LEU A 107 -25.88 22.04 20.87
N ARG A 108 -25.85 23.02 19.98
CA ARG A 108 -24.68 23.24 19.13
C ARG A 108 -23.47 23.62 19.97
N ASP A 109 -23.65 24.57 20.88
CA ASP A 109 -22.56 25.02 21.74
C ASP A 109 -22.05 23.88 22.62
N VAL A 110 -22.99 23.17 23.23
CA VAL A 110 -22.62 22.05 24.10
C VAL A 110 -21.95 20.95 23.30
N PHE A 111 -22.52 20.64 22.14
CA PHE A 111 -21.96 19.60 21.27
C PHE A 111 -20.55 19.96 20.85
N HIS A 112 -20.35 21.23 20.49
CA HIS A 112 -19.03 21.68 20.05
C HIS A 112 -17.98 21.42 21.13
N THR A 113 -18.28 21.80 22.37
CA THR A 113 -17.33 21.57 23.45
C THR A 113 -17.06 20.08 23.59
N THR A 114 -18.12 19.30 23.60
CA THR A 114 -17.99 17.85 23.75
C THR A 114 -17.02 17.30 22.70
N VAL A 115 -17.14 17.78 21.48
CA VAL A 115 -16.27 17.34 20.40
C VAL A 115 -14.81 17.68 20.72
N ASN A 116 -14.59 18.88 21.28
CA ASN A 116 -13.23 19.30 21.61
C ASN A 116 -12.60 18.34 22.61
N PHE A 117 -13.39 17.86 23.57
CA PHE A 117 -12.88 16.93 24.57
C PHE A 117 -12.42 15.63 23.89
N ILE A 118 -13.26 15.10 23.01
CA ILE A 118 -12.94 13.86 22.29
C ILE A 118 -11.81 14.11 21.29
N ASN A 119 -11.83 15.28 20.68
CA ASN A 119 -10.82 15.65 19.68
C ASN A 119 -9.41 15.37 20.20
N GLN A 120 -9.21 15.54 21.50
CA GLN A 120 -7.91 15.30 22.10
C GLN A 120 -7.40 13.91 21.72
N ASN A 121 -6.08 13.78 21.59
CA ASN A 121 -5.46 12.50 21.22
C ASN A 121 -5.74 12.17 19.76
N LEU A 122 -7.02 12.14 19.42
CA LEU A 122 -7.46 11.86 18.06
C LEU A 122 -6.93 12.92 17.09
N ARG A 123 -6.86 14.16 17.56
CA ARG A 123 -6.35 15.25 16.74
C ARG A 123 -4.97 14.92 16.21
N THR A 124 -4.20 14.16 16.96
CA THR A 124 -2.86 13.80 16.52
C THR A 124 -2.91 13.07 15.18
N TYR A 125 -3.79 12.09 15.07
CA TYR A 125 -3.93 11.33 13.82
C TYR A 125 -4.62 12.17 12.75
N VAL A 126 -5.74 12.78 13.13
CA VAL A 126 -6.50 13.60 12.20
C VAL A 126 -5.67 14.78 11.70
N ARG A 127 -4.99 15.44 12.62
CA ARG A 127 -4.17 16.59 12.28
C ARG A 127 -3.05 16.17 11.32
N SER A 128 -2.41 15.05 11.61
CA SER A 128 -1.33 14.56 10.76
C SER A 128 -1.85 14.30 9.35
N LEU A 129 -3.05 13.73 9.27
CA LEU A 129 -3.65 13.42 7.97
C LEU A 129 -3.91 14.72 7.19
N ALA A 130 -4.42 15.72 7.90
CA ALA A 130 -4.73 17.00 7.27
C ALA A 130 -3.46 17.79 6.99
N ARG A 131 -3.54 18.70 6.03
CA ARG A 131 -2.39 19.52 5.67
C ARG A 131 -1.17 18.66 5.42
N ASN A 132 -1.39 17.49 4.81
CA ASN A 132 -0.30 16.58 4.51
C ASN A 132 -0.66 15.67 3.34
N GLY A 133 0.36 15.21 2.62
CA GLY A 133 0.13 14.34 1.47
C GLY A 133 -0.14 12.91 1.92
N MET A 134 0.17 11.95 1.05
CA MET A 134 -0.04 10.54 1.37
C MET A 134 0.83 10.13 2.55
N ASP A 135 2.07 10.62 2.57
CA ASP A 135 2.99 10.30 3.66
C ASP A 135 4.18 11.24 3.65
N GLY A 1 32.31 -17.36 -6.56
CA GLY A 1 32.26 -18.74 -7.12
C GLY A 1 33.62 -19.41 -6.95
N ASN A 2 33.93 -20.34 -7.85
CA ASN A 2 35.20 -21.05 -7.78
C ASN A 2 36.37 -20.07 -7.96
N ARG A 3 36.21 -19.14 -8.90
CA ARG A 3 37.26 -18.16 -9.16
C ARG A 3 37.26 -17.08 -8.08
N SER A 4 38.44 -16.74 -7.59
CA SER A 4 38.56 -15.72 -6.55
C SER A 4 37.66 -16.06 -5.36
N SER A 5 38.21 -16.80 -4.41
CA SER A 5 37.45 -17.19 -3.22
C SER A 5 37.21 -15.98 -2.33
N HIS A 6 36.11 -16.01 -1.57
CA HIS A 6 35.77 -14.91 -0.68
C HIS A 6 36.78 -14.84 0.48
N SER A 7 37.28 -13.64 0.74
CA SER A 7 38.26 -13.44 1.82
C SER A 7 37.99 -12.12 2.54
N ARG A 8 36.72 -11.87 2.87
CA ARG A 8 36.34 -10.65 3.56
C ARG A 8 35.04 -10.85 4.33
N LEU A 9 35.15 -11.34 5.57
CA LEU A 9 33.98 -11.57 6.40
C LEU A 9 33.43 -10.25 6.92
N GLY A 10 32.11 -10.17 7.04
CA GLY A 10 31.47 -8.95 7.53
C GLY A 10 31.91 -8.65 8.95
N ARG A 11 31.56 -7.46 9.43
CA ARG A 11 31.93 -7.05 10.78
C ARG A 11 31.26 -7.95 11.82
N ILE A 12 30.00 -8.29 11.56
CA ILE A 12 29.24 -9.16 12.47
C ILE A 12 29.61 -8.89 13.94
N GLU A 13 29.92 -7.62 14.23
CA GLU A 13 30.30 -7.24 15.58
C GLU A 13 29.76 -5.85 15.92
N ALA A 14 30.16 -4.86 15.14
CA ALA A 14 29.71 -3.50 15.37
C ALA A 14 28.18 -3.42 15.32
N ASP A 15 27.56 -4.38 14.63
CA ASP A 15 26.11 -4.42 14.51
C ASP A 15 25.46 -4.48 15.89
N SER A 16 24.53 -5.42 16.06
CA SER A 16 23.84 -5.58 17.34
C SER A 16 23.01 -4.33 17.66
N GLU A 17 23.70 -3.22 17.93
CA GLU A 17 23.03 -1.97 18.24
C GLU A 17 22.12 -1.56 17.09
N SER A 18 22.63 -1.68 15.87
CA SER A 18 21.86 -1.31 14.69
C SER A 18 20.63 -2.22 14.54
N GLN A 19 20.78 -3.47 14.96
CA GLN A 19 19.69 -4.44 14.90
C GLN A 19 19.36 -4.79 13.44
N GLU A 20 18.98 -3.78 12.67
CA GLU A 20 18.65 -3.97 11.26
C GLU A 20 19.86 -4.50 10.49
N ASP A 21 21.05 -4.06 10.91
CA ASP A 21 22.28 -4.49 10.26
C ASP A 21 22.40 -6.02 10.32
N ILE A 22 21.82 -6.61 11.35
CA ILE A 22 21.86 -8.06 11.51
C ILE A 22 21.20 -8.74 10.32
N ILE A 23 20.01 -8.27 9.95
CA ILE A 23 19.30 -8.85 8.82
C ILE A 23 20.13 -8.66 7.56
N ARG A 24 20.65 -7.46 7.37
CA ARG A 24 21.46 -7.18 6.19
C ARG A 24 22.61 -8.18 6.10
N ASN A 25 23.27 -8.43 7.22
CA ASN A 25 24.37 -9.38 7.24
C ASN A 25 23.88 -10.79 6.91
N ILE A 26 22.76 -11.17 7.52
CA ILE A 26 22.20 -12.49 7.28
C ILE A 26 21.90 -12.68 5.80
N ALA A 27 21.31 -11.66 5.18
CA ALA A 27 21.00 -11.74 3.75
C ALA A 27 22.29 -11.96 2.97
N ARG A 28 23.32 -11.21 3.33
CA ARG A 28 24.59 -11.30 2.64
C ARG A 28 25.06 -12.75 2.57
N HIS A 29 24.96 -13.46 3.69
CA HIS A 29 25.37 -14.86 3.73
C HIS A 29 24.51 -15.69 2.77
N LEU A 30 23.20 -15.45 2.83
CA LEU A 30 22.27 -16.17 1.96
C LEU A 30 22.56 -15.84 0.50
N ALA A 31 22.88 -14.58 0.23
CA ALA A 31 23.18 -14.17 -1.14
C ALA A 31 24.32 -15.00 -1.70
N GLN A 32 25.33 -15.24 -0.86
CA GLN A 32 26.48 -16.03 -1.29
C GLN A 32 26.05 -17.45 -1.63
N VAL A 33 25.33 -18.09 -0.71
CA VAL A 33 24.85 -19.45 -0.92
C VAL A 33 23.75 -19.46 -1.98
N GLY A 34 23.06 -18.34 -2.12
CA GLY A 34 22.00 -18.20 -3.09
C GLY A 34 22.56 -18.09 -4.50
N ASP A 35 23.63 -17.32 -4.64
CA ASP A 35 24.26 -17.13 -5.94
C ASP A 35 24.82 -18.45 -6.47
N SER A 36 25.46 -19.21 -5.59
CA SER A 36 26.04 -20.48 -5.97
C SER A 36 24.98 -21.40 -6.56
N MET A 37 23.78 -21.36 -5.98
CA MET A 37 22.68 -22.18 -6.46
C MET A 37 22.21 -21.69 -7.82
N ASP A 38 23.11 -21.70 -8.80
CA ASP A 38 22.77 -21.25 -10.14
C ASP A 38 23.89 -21.60 -11.11
N ARG A 39 24.42 -22.81 -10.99
CA ARG A 39 25.51 -23.27 -11.86
C ARG A 39 25.19 -24.67 -12.40
N SER A 40 24.61 -25.51 -11.55
CA SER A 40 24.26 -26.88 -11.95
C SER A 40 22.77 -26.99 -12.26
N ILE A 41 22.06 -25.87 -12.14
CA ILE A 41 20.62 -25.84 -12.41
C ILE A 41 20.25 -24.56 -13.18
N PRO A 42 20.79 -24.40 -14.37
CA PRO A 42 20.52 -23.21 -15.20
C PRO A 42 19.07 -22.73 -15.06
N PRO A 43 18.81 -21.73 -14.24
CA PRO A 43 17.43 -21.21 -14.02
C PRO A 43 17.00 -20.19 -15.09
N GLY A 44 17.42 -18.95 -14.92
CA GLY A 44 17.06 -17.90 -15.87
C GLY A 44 17.25 -18.38 -17.30
N LEU A 45 18.28 -19.18 -17.53
CA LEU A 45 18.54 -19.70 -18.86
C LEU A 45 17.35 -20.52 -19.35
N VAL A 46 17.08 -21.64 -18.68
CA VAL A 46 15.98 -22.51 -19.05
C VAL A 46 14.64 -21.79 -18.87
N ASN A 47 14.48 -21.12 -17.73
CA ASN A 47 13.25 -20.40 -17.46
C ASN A 47 13.07 -19.28 -18.47
N GLY A 48 14.10 -18.47 -18.64
CA GLY A 48 14.06 -17.37 -19.58
C GLY A 48 13.82 -17.88 -21.00
N LEU A 49 14.33 -19.06 -21.30
CA LEU A 49 14.16 -19.64 -22.62
C LEU A 49 12.67 -19.86 -22.90
N ALA A 50 11.97 -20.44 -21.92
CA ALA A 50 10.55 -20.71 -22.09
C ALA A 50 9.82 -19.44 -22.48
N LEU A 51 10.06 -18.37 -21.74
CA LEU A 51 9.42 -17.08 -22.03
C LEU A 51 9.91 -16.56 -23.38
N GLN A 52 11.19 -16.73 -23.65
CA GLN A 52 11.74 -16.23 -24.91
C GLN A 52 11.02 -16.88 -26.09
N LEU A 53 10.82 -18.19 -26.01
CA LEU A 53 10.15 -18.89 -27.09
C LEU A 53 8.71 -18.41 -27.24
N ARG A 54 8.02 -18.22 -26.11
CA ARG A 54 6.64 -17.75 -26.15
C ARG A 54 6.58 -16.28 -26.48
N ASN A 55 7.47 -15.50 -25.86
CA ASN A 55 7.52 -14.07 -26.06
C ASN A 55 7.41 -13.74 -27.55
N THR A 56 7.65 -14.75 -28.38
CA THR A 56 7.57 -14.57 -29.82
C THR A 56 6.17 -14.10 -30.24
N SER A 57 5.16 -14.77 -29.73
CA SER A 57 3.79 -14.41 -30.04
C SER A 57 2.83 -15.05 -29.04
N ARG A 58 1.72 -15.58 -29.54
CA ARG A 58 0.74 -16.24 -28.68
C ARG A 58 0.25 -15.28 -27.60
N SER A 59 1.07 -15.12 -26.56
CA SER A 59 0.72 -14.23 -25.45
C SER A 59 1.08 -12.79 -25.81
N GLU A 60 0.97 -11.90 -24.82
CA GLU A 60 1.27 -10.49 -25.02
C GLU A 60 0.39 -9.91 -26.11
N GLU A 61 -0.60 -10.68 -26.55
CA GLU A 61 -1.51 -10.23 -27.59
C GLU A 61 -2.87 -9.87 -27.00
N ASP A 62 -3.80 -9.44 -27.87
CA ASP A 62 -5.12 -9.07 -27.42
C ASP A 62 -5.69 -10.12 -26.48
N ARG A 63 -5.09 -11.31 -26.49
CA ARG A 63 -5.54 -12.38 -25.63
C ARG A 63 -5.42 -11.99 -24.16
N ASN A 64 -4.29 -11.38 -23.80
CA ASN A 64 -4.05 -10.94 -22.42
C ASN A 64 -3.83 -9.44 -22.35
N ARG A 65 -2.65 -9.01 -22.81
CA ARG A 65 -2.33 -7.59 -22.80
C ARG A 65 -3.44 -6.78 -23.46
N ASP A 66 -4.45 -6.45 -22.68
CA ASP A 66 -5.58 -5.69 -23.19
C ASP A 66 -6.50 -5.31 -22.04
N LEU A 67 -7.61 -6.03 -21.92
CA LEU A 67 -8.58 -5.74 -20.87
C LEU A 67 -7.89 -5.64 -19.52
N ALA A 68 -6.91 -6.48 -19.28
CA ALA A 68 -6.20 -6.45 -18.00
C ALA A 68 -5.68 -5.04 -17.72
N THR A 69 -5.02 -4.44 -18.71
CA THR A 69 -4.49 -3.10 -18.56
C THR A 69 -5.61 -2.11 -18.28
N ALA A 70 -6.71 -2.24 -19.01
CA ALA A 70 -7.85 -1.34 -18.85
C ALA A 70 -8.32 -1.36 -17.39
N LEU A 71 -8.49 -2.55 -16.84
CA LEU A 71 -8.94 -2.67 -15.44
C LEU A 71 -7.97 -1.97 -14.51
N GLU A 72 -6.68 -2.13 -14.75
CA GLU A 72 -5.70 -1.48 -13.91
C GLU A 72 -5.96 0.02 -13.85
N GLN A 73 -6.08 0.64 -15.02
CA GLN A 73 -6.33 2.07 -15.08
C GLN A 73 -7.54 2.45 -14.25
N LEU A 74 -8.63 1.71 -14.42
CA LEU A 74 -9.84 1.99 -13.66
C LEU A 74 -9.58 1.76 -12.17
N LEU A 75 -8.90 0.66 -11.86
CA LEU A 75 -8.64 0.32 -10.47
C LEU A 75 -7.91 1.48 -9.79
N GLN A 76 -6.89 2.01 -10.44
CA GLN A 76 -6.14 3.12 -9.88
C GLN A 76 -7.08 4.27 -9.54
N ALA A 77 -8.21 4.32 -10.25
CA ALA A 77 -9.20 5.37 -10.02
C ALA A 77 -10.62 4.84 -10.24
N TYR A 78 -11.10 4.05 -9.28
CA TYR A 78 -12.44 3.48 -9.34
C TYR A 78 -13.45 4.41 -8.66
N PRO A 79 -13.06 5.14 -7.64
CA PRO A 79 -14.00 6.05 -6.91
C PRO A 79 -14.72 7.02 -7.87
N ARG A 80 -15.79 6.53 -8.50
CA ARG A 80 -16.56 7.37 -9.43
C ARG A 80 -17.99 6.85 -9.57
N ASP A 81 -18.88 7.73 -10.02
CA ASP A 81 -20.27 7.35 -10.19
C ASP A 81 -20.85 6.78 -8.89
N MET A 82 -20.39 7.32 -7.76
CA MET A 82 -20.86 6.86 -6.46
C MET A 82 -20.59 7.90 -5.39
N GLU A 83 -19.32 8.06 -5.04
CA GLU A 83 -18.94 9.04 -4.02
C GLU A 83 -19.24 10.45 -4.50
N LYS A 84 -19.06 10.67 -5.79
CA LYS A 84 -19.30 12.00 -6.35
C LYS A 84 -20.76 12.42 -6.15
N GLU A 85 -21.68 11.53 -6.48
CA GLU A 85 -23.09 11.82 -6.33
C GLU A 85 -23.44 12.04 -4.87
N LYS A 86 -22.89 11.20 -4.01
CA LYS A 86 -23.16 11.31 -2.58
C LYS A 86 -22.76 12.68 -2.06
N THR A 87 -21.61 13.17 -2.52
CA THR A 87 -21.14 14.48 -2.09
C THR A 87 -22.13 15.57 -2.46
N MET A 88 -22.60 15.53 -3.71
CA MET A 88 -23.56 16.53 -4.17
C MET A 88 -24.87 16.42 -3.40
N LEU A 89 -25.32 15.18 -3.17
CA LEU A 89 -26.56 14.96 -2.44
C LEU A 89 -26.45 15.46 -1.01
N VAL A 90 -25.31 15.22 -0.39
CA VAL A 90 -25.10 15.65 0.99
C VAL A 90 -25.20 17.17 1.09
N LEU A 91 -24.57 17.87 0.17
CA LEU A 91 -24.60 19.32 0.18
C LEU A 91 -26.03 19.82 0.03
N ALA A 92 -26.77 19.24 -0.90
CA ALA A 92 -28.15 19.63 -1.13
C ALA A 92 -29.00 19.30 0.09
N LEU A 93 -28.71 18.18 0.72
CA LEU A 93 -29.47 17.76 1.88
C LEU A 93 -29.32 18.77 3.01
N LEU A 94 -28.10 19.26 3.21
CA LEU A 94 -27.86 20.23 4.28
C LEU A 94 -28.67 21.49 4.03
N LEU A 95 -28.62 22.00 2.81
CA LEU A 95 -29.35 23.21 2.48
C LEU A 95 -30.86 22.98 2.67
N ALA A 96 -31.34 21.83 2.23
CA ALA A 96 -32.75 21.50 2.38
C ALA A 96 -33.07 21.22 3.84
N LYS A 97 -32.24 20.40 4.47
CA LYS A 97 -32.42 20.03 5.87
C LYS A 97 -32.28 21.26 6.76
N LYS A 98 -31.34 22.13 6.40
CA LYS A 98 -31.11 23.35 7.18
C LYS A 98 -32.36 24.22 7.22
N VAL A 99 -33.00 24.37 6.06
CA VAL A 99 -34.19 25.20 5.99
C VAL A 99 -35.28 24.64 6.91
N ALA A 100 -35.52 23.34 6.81
CA ALA A 100 -36.54 22.69 7.65
C ALA A 100 -36.06 22.59 9.09
N SER A 101 -34.77 22.29 9.26
CA SER A 101 -34.19 22.16 10.58
C SER A 101 -34.08 23.52 11.26
N HIS A 102 -33.30 23.57 12.34
CA HIS A 102 -33.10 24.82 13.07
C HIS A 102 -32.43 24.53 14.42
N THR A 103 -31.10 24.53 14.43
CA THR A 103 -30.36 24.27 15.66
C THR A 103 -29.39 25.43 15.98
N PRO A 104 -29.07 25.63 17.22
CA PRO A 104 -28.14 26.71 17.65
C PRO A 104 -26.71 26.45 17.17
N SER A 105 -25.92 27.51 17.06
CA SER A 105 -24.53 27.38 16.60
C SER A 105 -23.59 27.29 17.80
N LEU A 106 -24.14 27.46 19.01
CA LEU A 106 -23.32 27.41 20.21
C LEU A 106 -22.72 26.02 20.42
N LEU A 107 -23.57 25.00 20.33
CA LEU A 107 -23.12 23.61 20.49
C LEU A 107 -22.23 23.20 19.32
N ARG A 108 -22.59 23.66 18.13
CA ARG A 108 -21.83 23.32 16.95
C ARG A 108 -20.41 23.87 17.06
N ASP A 109 -20.27 25.06 17.63
CA ASP A 109 -18.95 25.66 17.79
C ASP A 109 -18.07 24.80 18.70
N VAL A 110 -18.62 24.37 19.83
CA VAL A 110 -17.87 23.53 20.76
C VAL A 110 -17.58 22.17 20.13
N PHE A 111 -18.63 21.57 19.58
CA PHE A 111 -18.49 20.25 18.95
C PHE A 111 -17.43 20.31 17.86
N HIS A 112 -17.40 21.41 17.13
CA HIS A 112 -16.42 21.60 16.06
C HIS A 112 -15.01 21.58 16.63
N THR A 113 -14.82 22.23 17.77
CA THR A 113 -13.50 22.29 18.41
C THR A 113 -13.00 20.88 18.73
N THR A 114 -13.87 20.07 19.33
CA THR A 114 -13.51 18.70 19.69
C THR A 114 -13.05 17.94 18.44
N VAL A 115 -13.79 18.11 17.35
CA VAL A 115 -13.46 17.42 16.11
C VAL A 115 -12.03 17.77 15.69
N ASN A 116 -11.69 19.05 15.81
CA ASN A 116 -10.35 19.51 15.45
C ASN A 116 -9.30 18.85 16.34
N PHE A 117 -9.62 18.68 17.62
CA PHE A 117 -8.69 18.08 18.56
C PHE A 117 -8.26 16.70 18.09
N ILE A 118 -9.23 15.89 17.66
CA ILE A 118 -8.94 14.54 17.18
C ILE A 118 -8.03 14.62 15.94
N ASN A 119 -8.30 15.62 15.10
CA ASN A 119 -7.54 15.82 13.88
C ASN A 119 -6.05 16.06 14.16
N GLN A 120 -5.76 16.73 15.27
CA GLN A 120 -4.38 17.03 15.63
C GLN A 120 -3.73 15.85 16.35
N ASN A 121 -2.66 15.31 15.75
CA ASN A 121 -1.90 14.20 16.34
C ASN A 121 -2.76 12.94 16.51
N LEU A 122 -3.85 13.07 17.25
CA LEU A 122 -4.74 11.95 17.50
C LEU A 122 -5.09 11.26 16.19
N ARG A 123 -5.21 12.03 15.11
CA ARG A 123 -5.56 11.44 13.83
C ARG A 123 -4.64 10.28 13.50
N THR A 124 -3.35 10.44 13.74
CA THR A 124 -2.40 9.37 13.46
C THR A 124 -2.69 8.14 14.32
N TYR A 125 -2.78 8.35 15.63
CA TYR A 125 -3.06 7.24 16.56
C TYR A 125 -4.47 6.71 16.38
N VAL A 126 -5.43 7.61 16.19
CA VAL A 126 -6.82 7.24 16.00
C VAL A 126 -6.99 6.41 14.75
N ARG A 127 -6.37 6.86 13.66
CA ARG A 127 -6.49 6.14 12.41
C ARG A 127 -5.94 4.72 12.55
N SER A 128 -4.71 4.61 13.04
CA SER A 128 -4.09 3.30 13.22
C SER A 128 -4.87 2.47 14.23
N LEU A 129 -5.34 3.13 15.30
CA LEU A 129 -6.09 2.44 16.34
C LEU A 129 -7.55 2.30 15.93
N ALA A 130 -8.04 1.06 15.94
CA ALA A 130 -9.42 0.81 15.57
C ALA A 130 -9.74 1.39 14.19
N ARG A 131 -9.98 0.52 13.23
CA ARG A 131 -10.29 0.96 11.88
C ARG A 131 -11.58 1.77 11.86
N ASN A 132 -11.55 2.90 11.16
CA ASN A 132 -12.71 3.77 11.06
C ASN A 132 -13.48 3.50 9.77
N GLY A 133 -13.10 2.41 9.09
CA GLY A 133 -13.75 2.05 7.83
C GLY A 133 -15.25 1.83 8.04
N MET A 134 -16.02 1.98 6.97
CA MET A 134 -17.47 1.80 7.05
C MET A 134 -17.83 0.32 6.90
N ASP A 135 -18.63 -0.18 7.83
CA ASP A 135 -19.06 -1.58 7.79
C ASP A 135 -17.89 -2.49 7.41
N GLY A 1 23.61 -7.41 15.44
CA GLY A 1 23.58 -6.57 16.68
C GLY A 1 24.95 -6.58 17.33
N ASN A 2 25.95 -7.07 16.61
CA ASN A 2 27.31 -7.13 17.12
C ASN A 2 28.00 -5.78 16.97
N ARG A 3 27.34 -4.85 16.29
CA ARG A 3 27.89 -3.51 16.07
C ARG A 3 26.77 -2.48 15.97
N SER A 4 27.13 -1.21 16.16
CA SER A 4 26.14 -0.12 16.08
C SER A 4 26.82 1.17 15.63
N SER A 5 26.52 1.60 14.42
CA SER A 5 27.09 2.82 13.88
C SER A 5 26.68 4.03 14.73
N HIS A 6 25.41 4.05 15.13
CA HIS A 6 24.89 5.15 15.94
C HIS A 6 23.87 4.62 16.95
N SER A 7 23.83 5.25 18.12
CA SER A 7 22.89 4.84 19.18
C SER A 7 21.70 5.80 19.23
N ARG A 8 20.78 5.65 18.27
CA ARG A 8 19.60 6.51 18.22
C ARG A 8 18.43 5.86 18.96
N LEU A 9 18.71 4.74 19.62
CA LEU A 9 17.68 4.03 20.36
C LEU A 9 17.40 4.74 21.69
N GLY A 10 16.12 4.93 21.99
CA GLY A 10 15.72 5.59 23.23
C GLY A 10 14.32 5.15 23.65
N ARG A 11 13.38 5.22 22.72
CA ARG A 11 12.00 4.83 22.99
C ARG A 11 11.79 3.35 22.65
N ILE A 12 12.83 2.72 22.14
CA ILE A 12 12.76 1.31 21.78
C ILE A 12 11.60 1.07 20.82
N GLU A 13 11.58 -0.10 20.19
CA GLU A 13 10.51 -0.45 19.25
C GLU A 13 10.77 0.21 17.89
N ALA A 14 11.34 1.41 17.92
CA ALA A 14 11.63 2.15 16.70
C ALA A 14 12.94 1.67 16.09
N ASP A 15 13.55 0.67 16.72
CA ASP A 15 14.81 0.11 16.24
C ASP A 15 14.55 -0.86 15.09
N SER A 16 13.42 -0.70 14.42
CA SER A 16 13.07 -1.57 13.29
C SER A 16 14.18 -1.54 12.25
N GLU A 17 14.93 -0.44 12.21
CA GLU A 17 16.02 -0.31 11.25
C GLU A 17 17.12 -1.32 11.56
N SER A 18 17.16 -1.78 12.81
CA SER A 18 18.17 -2.75 13.22
C SER A 18 17.99 -4.06 12.46
N GLN A 19 16.80 -4.26 11.91
CA GLN A 19 16.52 -5.47 11.15
C GLN A 19 17.28 -5.46 9.83
N GLU A 20 17.87 -4.32 9.51
CA GLU A 20 18.63 -4.21 8.27
C GLU A 20 19.93 -5.01 8.36
N ASP A 21 20.54 -5.01 9.55
CA ASP A 21 21.80 -5.73 9.75
C ASP A 21 21.63 -7.22 9.49
N ILE A 22 20.63 -7.82 10.12
CA ILE A 22 20.37 -9.25 9.94
C ILE A 22 19.96 -9.53 8.49
N ILE A 23 19.12 -8.65 7.93
CA ILE A 23 18.68 -8.80 6.55
C ILE A 23 19.88 -8.68 5.60
N ARG A 24 20.76 -7.72 5.88
CA ARG A 24 21.92 -7.53 5.03
C ARG A 24 22.72 -8.82 4.90
N ASN A 25 23.01 -9.47 6.03
CA ASN A 25 23.77 -10.71 5.99
C ASN A 25 23.03 -11.77 5.19
N ILE A 26 21.73 -11.84 5.38
CA ILE A 26 20.91 -12.82 4.68
C ILE A 26 21.02 -12.60 3.18
N ALA A 27 20.94 -11.35 2.76
CA ALA A 27 21.03 -11.03 1.33
C ALA A 27 22.34 -11.58 0.76
N ARG A 28 23.44 -11.35 1.47
CA ARG A 28 24.74 -11.82 1.01
C ARG A 28 24.71 -13.33 0.76
N HIS A 29 24.11 -14.07 1.69
CA HIS A 29 24.03 -15.51 1.55
C HIS A 29 23.18 -15.90 0.33
N LEU A 30 22.05 -15.23 0.19
CA LEU A 30 21.16 -15.47 -0.95
C LEU A 30 21.83 -15.02 -2.24
N ALA A 31 22.59 -13.93 -2.17
CA ALA A 31 23.26 -13.41 -3.35
C ALA A 31 24.18 -14.46 -3.96
N GLN A 32 24.98 -15.12 -3.12
CA GLN A 32 25.89 -16.15 -3.62
C GLN A 32 25.12 -17.32 -4.19
N VAL A 33 24.19 -17.86 -3.39
CA VAL A 33 23.37 -19.00 -3.81
C VAL A 33 22.40 -18.58 -4.92
N GLY A 34 22.07 -17.30 -4.94
CA GLY A 34 21.15 -16.77 -5.94
C GLY A 34 21.88 -16.41 -7.23
N ASP A 35 23.12 -15.94 -7.10
CA ASP A 35 23.91 -15.58 -8.28
C ASP A 35 24.20 -16.81 -9.13
N SER A 36 24.65 -17.88 -8.46
CA SER A 36 24.97 -19.12 -9.18
C SER A 36 25.13 -20.28 -8.20
N MET A 37 24.87 -21.49 -8.66
CA MET A 37 24.99 -22.67 -7.82
C MET A 37 25.24 -23.91 -8.66
N ASP A 38 26.28 -24.66 -8.29
CA ASP A 38 26.64 -25.86 -9.00
C ASP A 38 26.48 -25.65 -10.50
N ARG A 39 27.30 -24.74 -11.06
CA ARG A 39 27.25 -24.44 -12.49
C ARG A 39 26.98 -25.71 -13.30
N SER A 40 27.34 -26.84 -12.72
CA SER A 40 27.14 -28.13 -13.33
C SER A 40 25.66 -28.51 -13.33
N ILE A 41 24.80 -27.53 -13.11
CA ILE A 41 23.35 -27.76 -13.07
C ILE A 41 22.61 -26.75 -13.95
N PRO A 42 23.00 -26.66 -15.20
CA PRO A 42 22.38 -25.71 -16.16
C PRO A 42 20.89 -25.47 -15.87
N PRO A 43 20.57 -24.42 -15.14
CA PRO A 43 19.15 -24.12 -14.79
C PRO A 43 18.45 -23.32 -15.89
N GLY A 44 18.59 -22.00 -15.84
CA GLY A 44 17.97 -21.14 -16.85
C GLY A 44 18.56 -21.38 -18.23
N LEU A 45 19.79 -21.89 -18.24
CA LEU A 45 20.48 -22.15 -19.51
C LEU A 45 19.68 -23.13 -20.36
N VAL A 46 19.64 -24.39 -19.94
CA VAL A 46 18.92 -25.41 -20.69
C VAL A 46 17.43 -25.07 -20.77
N ASN A 47 16.87 -24.64 -19.64
CA ASN A 47 15.46 -24.27 -19.60
C ASN A 47 15.20 -23.05 -20.46
N GLY A 48 16.16 -22.13 -20.47
CA GLY A 48 16.03 -20.91 -21.25
C GLY A 48 15.57 -21.21 -22.68
N LEU A 49 15.87 -22.41 -23.15
CA LEU A 49 15.48 -22.78 -24.50
C LEU A 49 13.96 -22.78 -24.62
N ALA A 50 13.29 -23.33 -23.61
CA ALA A 50 11.83 -23.40 -23.64
C ALA A 50 11.26 -22.00 -23.85
N LEU A 51 11.85 -21.00 -23.20
CA LEU A 51 11.39 -19.63 -23.34
C LEU A 51 11.63 -19.12 -24.76
N GLN A 52 12.80 -19.45 -25.33
CA GLN A 52 13.14 -19.00 -26.67
C GLN A 52 12.05 -19.41 -27.67
N LEU A 53 11.56 -20.63 -27.54
CA LEU A 53 10.52 -21.12 -28.43
C LEU A 53 9.25 -20.28 -28.26
N ARG A 54 8.91 -19.94 -27.03
CA ARG A 54 7.72 -19.15 -26.78
C ARG A 54 7.94 -17.70 -27.18
N ASN A 55 9.20 -17.26 -27.13
CA ASN A 55 9.53 -15.88 -27.47
C ASN A 55 9.22 -15.61 -28.95
N THR A 56 9.55 -16.57 -29.81
CA THR A 56 9.30 -16.42 -31.24
C THR A 56 7.83 -16.55 -31.55
N SER A 57 7.14 -17.40 -30.79
CA SER A 57 5.71 -17.63 -31.01
C SER A 57 4.95 -16.30 -30.96
N ARG A 58 4.63 -15.85 -29.75
CA ARG A 58 3.89 -14.59 -29.57
C ARG A 58 2.48 -14.70 -30.14
N SER A 59 2.33 -15.44 -31.24
CA SER A 59 1.04 -15.62 -31.87
C SER A 59 0.06 -16.33 -30.94
N GLU A 60 0.57 -17.36 -30.27
CA GLU A 60 -0.27 -18.14 -29.36
C GLU A 60 -0.74 -17.27 -28.20
N GLU A 61 0.16 -16.45 -27.68
CA GLU A 61 -0.17 -15.57 -26.56
C GLU A 61 -0.75 -14.26 -27.08
N ASP A 62 -0.94 -13.30 -26.17
CA ASP A 62 -1.49 -12.00 -26.54
C ASP A 62 -2.85 -12.15 -27.21
N ARG A 63 -3.67 -13.07 -26.69
CA ARG A 63 -5.01 -13.31 -27.24
C ARG A 63 -6.06 -13.20 -26.14
N ASN A 64 -5.91 -14.01 -25.09
CA ASN A 64 -6.87 -13.99 -23.99
C ASN A 64 -6.50 -12.90 -22.98
N ARG A 65 -5.22 -12.77 -22.70
CA ARG A 65 -4.74 -11.78 -21.74
C ARG A 65 -4.80 -10.38 -22.33
N ASP A 66 -5.09 -10.29 -23.62
CA ASP A 66 -5.15 -9.00 -24.28
C ASP A 66 -5.97 -7.99 -23.49
N LEU A 67 -7.29 -8.18 -23.44
CA LEU A 67 -8.16 -7.28 -22.70
C LEU A 67 -7.89 -7.36 -21.20
N ALA A 68 -7.56 -8.57 -20.74
CA ALA A 68 -7.31 -8.78 -19.33
C ALA A 68 -6.24 -7.81 -18.82
N THR A 69 -5.23 -7.57 -19.64
CA THR A 69 -4.17 -6.65 -19.27
C THR A 69 -4.73 -5.24 -19.06
N ALA A 70 -5.54 -4.80 -20.02
CA ALA A 70 -6.14 -3.47 -19.94
C ALA A 70 -6.98 -3.32 -18.67
N LEU A 71 -7.78 -4.34 -18.38
CA LEU A 71 -8.65 -4.32 -17.20
C LEU A 71 -7.81 -4.22 -15.92
N GLU A 72 -6.71 -4.98 -15.88
CA GLU A 72 -5.84 -4.96 -14.72
C GLU A 72 -5.30 -3.56 -14.49
N GLN A 73 -4.82 -2.92 -15.55
CA GLN A 73 -4.27 -1.58 -15.44
C GLN A 73 -5.34 -0.60 -14.94
N LEU A 74 -6.49 -0.58 -15.62
CA LEU A 74 -7.56 0.33 -15.22
C LEU A 74 -8.05 -0.03 -13.82
N LEU A 75 -8.34 -1.31 -13.61
CA LEU A 75 -8.85 -1.78 -12.32
C LEU A 75 -7.87 -1.39 -11.21
N GLN A 76 -6.58 -1.50 -11.51
CA GLN A 76 -5.56 -1.16 -10.52
C GLN A 76 -5.76 0.28 -10.04
N ALA A 77 -6.34 1.12 -10.89
CA ALA A 77 -6.57 2.52 -10.53
C ALA A 77 -7.97 2.96 -10.94
N TYR A 78 -8.97 2.29 -10.37
CA TYR A 78 -10.37 2.63 -10.64
C TYR A 78 -10.88 3.67 -9.64
N PRO A 79 -10.40 3.66 -8.40
CA PRO A 79 -10.86 4.64 -7.38
C PRO A 79 -10.76 6.09 -7.85
N ARG A 80 -11.79 6.55 -8.55
CA ARG A 80 -11.81 7.92 -9.07
C ARG A 80 -13.23 8.47 -9.11
N ASP A 81 -13.36 9.79 -9.02
CA ASP A 81 -14.67 10.42 -9.05
C ASP A 81 -15.62 9.72 -8.09
N MET A 82 -15.19 9.59 -6.84
CA MET A 82 -16.02 8.95 -5.81
C MET A 82 -16.59 9.98 -4.85
N GLU A 83 -15.83 11.05 -4.63
CA GLU A 83 -16.27 12.12 -3.73
C GLU A 83 -17.47 12.86 -4.31
N LYS A 84 -17.49 13.00 -5.63
CA LYS A 84 -18.59 13.69 -6.31
C LYS A 84 -19.92 12.99 -6.03
N GLU A 85 -19.86 11.67 -5.86
CA GLU A 85 -21.07 10.92 -5.57
C GLU A 85 -21.61 11.25 -4.17
N LYS A 86 -20.71 11.23 -3.18
CA LYS A 86 -21.10 11.56 -1.82
C LYS A 86 -21.48 13.02 -1.70
N THR A 87 -20.76 13.87 -2.41
CA THR A 87 -21.03 15.30 -2.37
C THR A 87 -22.46 15.57 -2.80
N MET A 88 -22.90 14.91 -3.86
CA MET A 88 -24.26 15.11 -4.34
C MET A 88 -25.26 14.73 -3.26
N LEU A 89 -25.06 13.57 -2.63
CA LEU A 89 -25.97 13.15 -1.56
C LEU A 89 -25.86 14.10 -0.37
N VAL A 90 -24.62 14.42 0.02
CA VAL A 90 -24.38 15.30 1.16
C VAL A 90 -25.00 16.68 0.92
N LEU A 91 -24.83 17.19 -0.29
CA LEU A 91 -25.37 18.49 -0.62
C LEU A 91 -26.89 18.49 -0.44
N ALA A 92 -27.55 17.42 -0.87
CA ALA A 92 -28.99 17.34 -0.73
C ALA A 92 -29.37 17.31 0.76
N LEU A 93 -28.63 16.53 1.53
CA LEU A 93 -28.92 16.40 2.97
C LEU A 93 -28.78 17.75 3.66
N LEU A 94 -27.75 18.51 3.31
CA LEU A 94 -27.54 19.82 3.92
C LEU A 94 -28.72 20.73 3.63
N LEU A 95 -29.18 20.71 2.40
CA LEU A 95 -30.32 21.54 2.01
C LEU A 95 -31.57 21.12 2.80
N ALA A 96 -31.78 19.81 2.89
CA ALA A 96 -32.92 19.28 3.63
C ALA A 96 -32.78 19.54 5.12
N LYS A 97 -31.54 19.44 5.62
CA LYS A 97 -31.28 19.64 7.04
C LYS A 97 -31.72 21.04 7.49
N LYS A 98 -31.30 22.06 6.74
CA LYS A 98 -31.66 23.43 7.08
C LYS A 98 -33.15 23.67 6.89
N VAL A 99 -33.71 23.11 5.83
CA VAL A 99 -35.12 23.25 5.55
C VAL A 99 -35.95 22.52 6.60
N ALA A 100 -35.54 21.30 6.91
CA ALA A 100 -36.25 20.49 7.90
C ALA A 100 -36.21 21.14 9.27
N SER A 101 -35.05 21.68 9.63
CA SER A 101 -34.88 22.33 10.93
C SER A 101 -33.52 23.00 11.01
N HIS A 102 -33.24 23.64 12.14
CA HIS A 102 -31.96 24.33 12.35
C HIS A 102 -31.34 23.88 13.67
N THR A 103 -30.01 23.76 13.68
CA THR A 103 -29.32 23.33 14.89
C THR A 103 -29.20 24.49 15.90
N PRO A 104 -29.18 24.19 17.19
CA PRO A 104 -29.07 25.25 18.24
C PRO A 104 -27.68 25.88 18.26
N SER A 105 -27.60 27.10 18.78
CA SER A 105 -26.33 27.82 18.87
C SER A 105 -25.58 27.42 20.14
N LEU A 106 -24.40 28.00 20.33
CA LEU A 106 -23.60 27.73 21.52
C LEU A 106 -22.90 26.37 21.39
N LEU A 107 -23.69 25.32 21.23
CA LEU A 107 -23.16 23.96 21.09
C LEU A 107 -22.30 23.87 19.84
N ARG A 108 -22.60 24.72 18.87
CA ARG A 108 -21.85 24.73 17.62
C ARG A 108 -20.39 25.08 17.88
N ASP A 109 -20.16 26.07 18.74
CA ASP A 109 -18.79 26.48 19.06
C ASP A 109 -18.04 25.35 19.77
N VAL A 110 -18.68 24.73 20.74
CA VAL A 110 -18.05 23.64 21.50
C VAL A 110 -17.78 22.45 20.57
N PHE A 111 -18.77 22.12 19.74
CA PHE A 111 -18.63 21.00 18.81
C PHE A 111 -17.47 21.25 17.86
N HIS A 112 -17.34 22.48 17.39
CA HIS A 112 -16.27 22.84 16.47
C HIS A 112 -14.91 22.57 17.10
N THR A 113 -14.71 23.03 18.33
CA THR A 113 -13.44 22.83 19.01
C THR A 113 -13.14 21.34 19.14
N THR A 114 -14.14 20.58 19.57
CA THR A 114 -13.97 19.15 19.76
C THR A 114 -13.41 18.52 18.50
N VAL A 115 -13.95 18.93 17.35
CA VAL A 115 -13.49 18.40 16.07
C VAL A 115 -12.00 18.73 15.87
N ASN A 116 -11.63 19.97 16.16
CA ASN A 116 -10.25 20.40 16.02
C ASN A 116 -9.38 19.78 17.12
N PHE A 117 -9.99 19.54 18.28
CA PHE A 117 -9.27 18.96 19.40
C PHE A 117 -8.68 17.61 19.03
N ILE A 118 -9.45 16.82 18.28
CA ILE A 118 -8.99 15.50 17.88
C ILE A 118 -7.71 15.61 17.03
N ASN A 119 -7.68 16.58 16.13
CA ASN A 119 -6.52 16.77 15.27
C ASN A 119 -5.23 16.83 16.09
N GLN A 120 -5.33 17.38 17.30
CA GLN A 120 -4.17 17.50 18.17
C GLN A 120 -3.45 16.14 18.28
N ASN A 121 -3.86 15.33 19.24
CA ASN A 121 -3.25 14.01 19.44
C ASN A 121 -3.96 12.97 18.59
N LEU A 122 -3.97 13.19 17.28
CA LEU A 122 -4.62 12.26 16.35
C LEU A 122 -3.96 10.89 16.40
N ARG A 123 -2.63 10.88 16.50
CA ARG A 123 -1.91 9.63 16.57
C ARG A 123 -2.33 8.85 17.81
N THR A 124 -2.40 9.55 18.94
CA THR A 124 -2.80 8.91 20.18
C THR A 124 -4.18 8.28 20.02
N TYR A 125 -5.12 9.03 19.45
CA TYR A 125 -6.47 8.52 19.25
C TYR A 125 -6.44 7.19 18.49
N VAL A 126 -5.60 7.10 17.46
CA VAL A 126 -5.52 5.88 16.68
C VAL A 126 -5.10 4.71 17.57
N ARG A 127 -4.03 4.89 18.33
CA ARG A 127 -3.55 3.85 19.23
C ARG A 127 -4.53 3.63 20.37
N SER A 128 -5.17 4.72 20.78
CA SER A 128 -6.13 4.66 21.88
C SER A 128 -7.24 3.66 21.57
N LEU A 129 -7.74 3.71 20.34
CA LEU A 129 -8.79 2.80 19.92
C LEU A 129 -9.05 2.96 18.43
N ALA A 130 -9.19 1.83 17.73
CA ALA A 130 -9.44 1.86 16.29
C ALA A 130 -10.68 2.69 16.00
N ARG A 131 -10.52 4.00 16.02
CA ARG A 131 -11.63 4.92 15.77
C ARG A 131 -11.70 5.27 14.28
N ASN A 132 -11.16 6.42 13.92
CA ASN A 132 -11.18 6.85 12.52
C ASN A 132 -12.60 6.83 11.97
N GLY A 133 -13.56 7.18 12.82
CA GLY A 133 -14.96 7.20 12.41
C GLY A 133 -15.86 7.55 13.59
N MET A 134 -17.16 7.37 13.40
CA MET A 134 -18.14 7.68 14.44
C MET A 134 -17.96 9.12 14.94
N ASP A 135 -18.92 9.97 14.60
CA ASP A 135 -18.87 11.37 15.03
C ASP A 135 -19.25 11.49 16.50
N GLY A 1 -15.23 -13.67 28.36
CA GLY A 1 -14.98 -12.40 27.60
C GLY A 1 -13.73 -12.56 26.75
N ASN A 2 -13.57 -11.68 25.77
CA ASN A 2 -12.41 -11.73 24.89
C ASN A 2 -11.20 -11.08 25.55
N ARG A 3 -10.07 -11.77 25.52
CA ARG A 3 -8.84 -11.24 26.11
C ARG A 3 -7.63 -11.58 25.24
N SER A 4 -6.88 -10.55 24.86
CA SER A 4 -5.71 -10.76 24.02
C SER A 4 -4.62 -11.48 24.80
N SER A 5 -3.96 -12.44 24.15
CA SER A 5 -2.90 -13.19 24.80
C SER A 5 -1.75 -12.26 25.19
N HIS A 6 -1.37 -11.37 24.28
CA HIS A 6 -0.29 -10.43 24.55
C HIS A 6 -0.41 -9.21 23.65
N SER A 7 0.27 -8.13 24.02
CA SER A 7 0.23 -6.90 23.25
C SER A 7 0.89 -7.12 21.88
N ARG A 8 0.29 -6.53 20.84
CA ARG A 8 0.83 -6.67 19.49
C ARG A 8 2.22 -6.09 19.41
N LEU A 9 2.41 -4.90 19.98
CA LEU A 9 3.71 -4.24 19.97
C LEU A 9 4.20 -4.05 18.53
N GLY A 10 4.64 -5.14 17.92
CA GLY A 10 5.15 -5.09 16.54
C GLY A 10 6.66 -5.24 16.52
N ARG A 11 7.23 -5.81 17.59
CA ARG A 11 8.66 -6.00 17.67
C ARG A 11 9.41 -4.75 17.19
N ILE A 12 8.83 -3.59 17.46
CA ILE A 12 9.44 -2.32 17.06
C ILE A 12 10.74 -2.09 17.81
N GLU A 13 10.87 -2.74 18.97
CA GLU A 13 12.07 -2.60 19.77
C GLU A 13 13.20 -3.44 19.20
N ALA A 14 14.32 -3.48 19.91
CA ALA A 14 15.49 -4.26 19.47
C ALA A 14 16.13 -3.60 18.25
N ASP A 15 15.34 -3.40 17.21
CA ASP A 15 15.85 -2.79 15.99
C ASP A 15 15.91 -1.27 16.13
N SER A 16 15.96 -0.81 17.38
CA SER A 16 16.01 0.63 17.63
C SER A 16 17.16 1.27 16.89
N GLU A 17 18.29 0.55 16.81
CA GLU A 17 19.47 1.05 16.11
C GLU A 17 19.88 0.09 15.00
N SER A 18 19.74 0.55 13.77
CA SER A 18 20.09 -0.27 12.62
C SER A 18 19.50 -1.66 12.76
N GLN A 19 20.35 -2.64 13.07
CA GLN A 19 19.91 -4.02 13.25
C GLN A 19 19.43 -4.61 11.93
N GLU A 20 18.76 -3.80 11.13
CA GLU A 20 18.26 -4.25 9.84
C GLU A 20 19.42 -4.60 8.92
N ASP A 21 20.51 -3.85 9.05
CA ASP A 21 21.68 -4.10 8.22
C ASP A 21 22.18 -5.52 8.39
N ILE A 22 21.97 -6.08 9.58
CA ILE A 22 22.41 -7.45 9.85
C ILE A 22 21.69 -8.43 8.93
N ILE A 23 20.38 -8.26 8.80
CA ILE A 23 19.58 -9.12 7.94
C ILE A 23 19.99 -8.93 6.48
N ARG A 24 20.20 -7.67 6.10
CA ARG A 24 20.58 -7.37 4.72
C ARG A 24 21.83 -8.13 4.33
N ASN A 25 22.83 -8.14 5.23
CA ASN A 25 24.07 -8.85 4.96
C ASN A 25 23.83 -10.35 4.84
N ILE A 26 22.99 -10.87 5.73
CA ILE A 26 22.67 -12.29 5.73
C ILE A 26 22.03 -12.68 4.39
N ALA A 27 21.14 -11.84 3.90
CA ALA A 27 20.48 -12.11 2.63
C ALA A 27 21.51 -12.20 1.51
N ARG A 28 22.47 -11.27 1.52
CA ARG A 28 23.50 -11.26 0.49
C ARG A 28 24.20 -12.61 0.41
N HIS A 29 24.56 -13.17 1.56
CA HIS A 29 25.21 -14.47 1.59
C HIS A 29 24.28 -15.55 1.03
N LEU A 30 23.06 -15.57 1.56
CA LEU A 30 22.07 -16.54 1.12
C LEU A 30 21.75 -16.34 -0.36
N ALA A 31 21.83 -15.09 -0.79
CA ALA A 31 21.57 -14.78 -2.19
C ALA A 31 22.63 -15.41 -3.08
N GLN A 32 23.87 -15.44 -2.60
CA GLN A 32 24.96 -16.02 -3.38
C GLN A 32 24.71 -17.52 -3.60
N VAL A 33 24.45 -18.23 -2.52
CA VAL A 33 24.19 -19.67 -2.61
C VAL A 33 22.79 -19.94 -3.19
N GLY A 34 21.91 -18.96 -2.99
CA GLY A 34 20.54 -19.06 -3.47
C GLY A 34 20.42 -18.65 -4.93
N ASP A 35 21.17 -17.62 -5.31
CA ASP A 35 21.17 -17.13 -6.68
C ASP A 35 22.01 -18.02 -7.58
N SER A 36 23.20 -18.40 -7.11
CA SER A 36 24.08 -19.24 -7.89
C SER A 36 23.61 -20.69 -7.88
N MET A 37 23.34 -21.23 -9.06
CA MET A 37 22.88 -22.61 -9.21
C MET A 37 23.54 -23.27 -10.42
N ASP A 38 24.65 -22.70 -10.87
CA ASP A 38 25.35 -23.25 -12.02
C ASP A 38 25.88 -24.65 -11.71
N ARG A 39 26.36 -24.84 -10.49
CA ARG A 39 26.89 -26.13 -10.08
C ARG A 39 25.81 -27.21 -10.16
N SER A 40 24.60 -26.85 -9.74
CA SER A 40 23.49 -27.79 -9.76
C SER A 40 22.88 -27.85 -11.15
N ILE A 41 22.14 -26.80 -11.52
CA ILE A 41 21.49 -26.75 -12.83
C ILE A 41 22.27 -25.85 -13.78
N PRO A 42 22.28 -26.15 -15.06
CA PRO A 42 23.00 -25.34 -16.07
C PRO A 42 22.36 -23.96 -16.28
N PRO A 43 23.14 -22.97 -16.63
CA PRO A 43 22.61 -21.58 -16.87
C PRO A 43 21.81 -21.49 -18.16
N GLY A 44 20.88 -20.54 -18.20
CA GLY A 44 20.05 -20.34 -19.38
C GLY A 44 19.63 -21.68 -19.99
N LEU A 45 19.69 -21.75 -21.31
CA LEU A 45 19.32 -22.99 -22.02
C LEU A 45 17.90 -23.41 -21.66
N VAL A 46 17.74 -24.00 -20.49
CA VAL A 46 16.42 -24.46 -20.06
C VAL A 46 15.41 -23.32 -20.10
N ASN A 47 15.84 -22.16 -19.61
CA ASN A 47 14.97 -20.99 -19.60
C ASN A 47 14.85 -20.39 -21.00
N GLY A 48 16.00 -20.19 -21.64
CA GLY A 48 16.02 -19.61 -22.98
C GLY A 48 15.25 -20.49 -23.96
N LEU A 49 15.32 -21.80 -23.75
CA LEU A 49 14.62 -22.72 -24.62
C LEU A 49 13.12 -22.48 -24.58
N ALA A 50 12.60 -22.26 -23.39
CA ALA A 50 11.18 -22.02 -23.23
C ALA A 50 10.74 -20.86 -24.12
N LEU A 51 11.57 -19.84 -24.20
CA LEU A 51 11.26 -18.67 -25.03
C LEU A 51 11.28 -19.04 -26.51
N GLN A 52 12.22 -19.89 -26.90
CA GLN A 52 12.33 -20.29 -28.29
C GLN A 52 11.04 -20.95 -28.79
N LEU A 53 10.43 -21.77 -27.94
CA LEU A 53 9.20 -22.45 -28.31
C LEU A 53 8.08 -21.44 -28.55
N ARG A 54 7.99 -20.44 -27.69
CA ARG A 54 6.95 -19.43 -27.83
C ARG A 54 7.32 -18.42 -28.91
N ASN A 55 8.60 -18.03 -28.91
CA ASN A 55 9.08 -17.04 -29.86
C ASN A 55 8.65 -17.40 -31.28
N THR A 56 8.53 -18.69 -31.54
CA THR A 56 8.11 -19.16 -32.86
C THR A 56 6.71 -18.63 -33.19
N SER A 57 6.17 -17.79 -32.30
CA SER A 57 4.85 -17.25 -32.50
C SER A 57 3.83 -18.37 -32.73
N ARG A 58 3.91 -19.39 -31.87
CA ARG A 58 3.00 -20.53 -31.98
C ARG A 58 1.55 -20.06 -31.86
N SER A 59 1.28 -19.22 -30.87
CA SER A 59 -0.05 -18.70 -30.67
C SER A 59 -0.04 -17.52 -29.71
N GLU A 60 -1.02 -16.64 -29.84
CA GLU A 60 -1.12 -15.48 -28.95
C GLU A 60 -1.81 -15.85 -27.65
N GLU A 61 -1.12 -16.61 -26.81
CA GLU A 61 -1.68 -17.03 -25.53
C GLU A 61 -2.09 -15.83 -24.69
N ASP A 62 -1.56 -14.66 -25.05
CA ASP A 62 -1.86 -13.43 -24.33
C ASP A 62 -3.12 -12.77 -24.90
N ARG A 63 -3.82 -13.49 -25.75
CA ARG A 63 -5.04 -12.97 -26.36
C ARG A 63 -6.07 -12.64 -25.28
N ASN A 64 -6.23 -13.55 -24.31
CA ASN A 64 -7.17 -13.34 -23.23
C ASN A 64 -6.74 -12.16 -22.38
N ARG A 65 -5.44 -12.06 -22.15
CA ARG A 65 -4.91 -10.97 -21.34
C ARG A 65 -5.01 -9.65 -22.09
N ASP A 66 -5.83 -9.62 -23.12
CA ASP A 66 -5.99 -8.41 -23.91
C ASP A 66 -6.82 -7.38 -23.16
N LEU A 67 -8.14 -7.56 -23.15
CA LEU A 67 -9.02 -6.64 -22.47
C LEU A 67 -8.81 -6.69 -20.96
N ALA A 68 -8.51 -7.88 -20.45
CA ALA A 68 -8.31 -8.06 -19.02
C ALA A 68 -7.24 -7.11 -18.50
N THR A 69 -6.22 -6.84 -19.32
CA THR A 69 -5.16 -5.93 -18.92
C THR A 69 -5.73 -4.54 -18.66
N ALA A 70 -6.56 -4.07 -19.58
CA ALA A 70 -7.15 -2.75 -19.45
C ALA A 70 -8.02 -2.67 -18.20
N LEU A 71 -8.86 -3.69 -17.99
CA LEU A 71 -9.74 -3.72 -16.84
C LEU A 71 -8.94 -3.76 -15.55
N GLU A 72 -7.89 -4.57 -15.53
CA GLU A 72 -7.03 -4.68 -14.36
C GLU A 72 -6.36 -3.34 -14.05
N GLN A 73 -5.77 -2.73 -15.06
CA GLN A 73 -5.12 -1.44 -14.88
C GLN A 73 -6.10 -0.42 -14.35
N LEU A 74 -7.29 -0.40 -14.92
CA LEU A 74 -8.30 0.55 -14.49
C LEU A 74 -8.68 0.29 -13.04
N LEU A 75 -8.92 -0.97 -12.72
CA LEU A 75 -9.34 -1.34 -11.36
C LEU A 75 -8.29 -0.90 -10.35
N GLN A 76 -7.03 -1.02 -10.72
CA GLN A 76 -5.95 -0.62 -9.83
C GLN A 76 -6.12 0.82 -9.39
N ALA A 77 -6.81 1.62 -10.21
CA ALA A 77 -7.03 3.02 -9.88
C ALA A 77 -8.17 3.59 -10.71
N TYR A 78 -9.39 3.54 -10.15
CA TYR A 78 -10.57 4.07 -10.84
C TYR A 78 -11.38 4.98 -9.92
N PRO A 79 -10.92 6.18 -9.70
CA PRO A 79 -11.62 7.15 -8.82
C PRO A 79 -12.78 7.83 -9.54
N ARG A 80 -13.59 7.04 -10.22
CA ARG A 80 -14.73 7.59 -10.95
C ARG A 80 -15.77 8.15 -9.98
N ASP A 81 -16.19 9.39 -10.23
CA ASP A 81 -17.20 10.04 -9.39
C ASP A 81 -16.95 9.72 -7.91
N MET A 82 -17.68 8.72 -7.41
CA MET A 82 -17.54 8.31 -6.02
C MET A 82 -17.89 9.46 -5.09
N GLU A 83 -17.00 10.44 -5.01
CA GLU A 83 -17.22 11.60 -4.15
C GLU A 83 -18.37 12.45 -4.69
N LYS A 84 -18.49 12.50 -6.01
CA LYS A 84 -19.54 13.29 -6.65
C LYS A 84 -20.92 12.80 -6.24
N GLU A 85 -21.04 11.49 -6.06
CA GLU A 85 -22.31 10.90 -5.66
C GLU A 85 -22.65 11.28 -4.22
N LYS A 86 -21.63 11.29 -3.37
CA LYS A 86 -21.83 11.66 -1.96
C LYS A 86 -22.19 13.13 -1.84
N THR A 87 -21.53 13.97 -2.63
CA THR A 87 -21.78 15.40 -2.59
C THR A 87 -23.24 15.69 -2.93
N MET A 88 -23.77 15.00 -3.94
CA MET A 88 -25.16 15.22 -4.33
C MET A 88 -26.08 14.89 -3.16
N LEU A 89 -25.86 13.75 -2.52
CA LEU A 89 -26.70 13.36 -1.38
C LEU A 89 -26.46 14.30 -0.20
N VAL A 90 -25.19 14.55 0.08
CA VAL A 90 -24.82 15.42 1.19
C VAL A 90 -25.35 16.82 0.97
N LEU A 91 -25.23 17.30 -0.27
CA LEU A 91 -25.69 18.64 -0.59
C LEU A 91 -27.18 18.79 -0.27
N ALA A 92 -27.96 17.80 -0.67
CA ALA A 92 -29.40 17.84 -0.42
C ALA A 92 -29.67 17.86 1.08
N LEU A 93 -28.90 17.08 1.82
CA LEU A 93 -29.07 17.00 3.26
C LEU A 93 -28.86 18.37 3.89
N LEU A 94 -27.86 19.09 3.41
CA LEU A 94 -27.57 20.41 3.96
C LEU A 94 -28.76 21.33 3.76
N LEU A 95 -29.33 21.29 2.57
CA LEU A 95 -30.49 22.13 2.28
C LEU A 95 -31.67 21.75 3.19
N ALA A 96 -31.89 20.45 3.31
CA ALA A 96 -32.99 19.95 4.15
C ALA A 96 -32.70 20.22 5.62
N LYS A 97 -31.42 20.12 5.98
CA LYS A 97 -31.02 20.35 7.37
C LYS A 97 -31.40 21.76 7.81
N LYS A 98 -31.05 22.75 6.97
CA LYS A 98 -31.35 24.14 7.29
C LYS A 98 -32.85 24.35 7.38
N VAL A 99 -33.58 23.71 6.49
CA VAL A 99 -35.05 23.82 6.48
C VAL A 99 -35.64 23.14 7.71
N ALA A 100 -35.13 21.96 8.04
CA ALA A 100 -35.63 21.21 9.19
C ALA A 100 -35.44 22.00 10.49
N SER A 101 -34.27 22.60 10.64
CA SER A 101 -33.97 23.37 11.85
C SER A 101 -32.88 24.41 11.57
N HIS A 102 -32.87 25.48 12.36
CA HIS A 102 -31.89 26.54 12.19
C HIS A 102 -30.57 26.16 12.87
N THR A 103 -30.68 25.47 14.00
CA THR A 103 -29.50 25.07 14.75
C THR A 103 -28.75 26.29 15.28
N PRO A 104 -29.16 26.82 16.41
CA PRO A 104 -28.51 28.02 17.03
C PRO A 104 -27.02 27.81 17.24
N SER A 105 -26.26 28.90 17.14
CA SER A 105 -24.82 28.83 17.33
C SER A 105 -24.49 28.45 18.76
N LEU A 106 -23.91 27.26 18.93
CA LEU A 106 -23.54 26.78 20.25
C LEU A 106 -22.76 25.48 20.15
N LEU A 107 -23.49 24.38 19.97
CA LEU A 107 -22.89 23.05 19.86
C LEU A 107 -22.01 22.99 18.63
N ARG A 108 -22.31 23.83 17.65
CA ARG A 108 -21.54 23.86 16.41
C ARG A 108 -20.08 24.22 16.70
N ASP A 109 -19.88 25.23 17.56
CA ASP A 109 -18.53 25.66 17.91
C ASP A 109 -17.83 24.61 18.75
N VAL A 110 -18.53 24.06 19.73
CA VAL A 110 -17.95 23.04 20.61
C VAL A 110 -17.54 21.81 19.82
N PHE A 111 -18.43 21.35 18.95
CA PHE A 111 -18.15 20.18 18.11
C PHE A 111 -17.01 20.47 17.14
N HIS A 112 -16.98 21.69 16.64
CA HIS A 112 -15.93 22.07 15.70
C HIS A 112 -14.56 21.91 16.33
N THR A 113 -14.39 22.45 17.54
CA THR A 113 -13.10 22.37 18.22
C THR A 113 -12.72 20.91 18.45
N THR A 114 -13.67 20.12 18.91
CA THR A 114 -13.41 18.72 19.19
C THR A 114 -12.81 18.04 17.96
N VAL A 115 -13.37 18.33 16.80
CA VAL A 115 -12.87 17.74 15.56
C VAL A 115 -11.43 18.18 15.29
N ASN A 116 -11.15 19.46 15.51
CA ASN A 116 -9.81 19.98 15.29
C ASN A 116 -8.81 19.38 16.29
N PHE A 117 -9.27 19.21 17.54
CA PHE A 117 -8.42 18.65 18.58
C PHE A 117 -7.94 17.25 18.19
N ILE A 118 -8.83 16.48 17.61
CA ILE A 118 -8.48 15.11 17.21
C ILE A 118 -7.36 15.13 16.18
N ASN A 119 -7.46 16.05 15.23
CA ASN A 119 -6.46 16.15 14.17
C ASN A 119 -5.06 16.24 14.75
N GLN A 120 -4.93 16.89 15.91
CA GLN A 120 -3.62 17.04 16.57
C GLN A 120 -2.77 15.78 16.43
N ASN A 121 -2.75 14.97 17.49
CA ASN A 121 -1.97 13.73 17.49
C ASN A 121 -2.81 12.56 17.96
N LEU A 122 -4.01 12.85 18.45
CA LEU A 122 -4.92 11.82 18.93
C LEU A 122 -5.24 10.83 17.82
N ARG A 123 -5.35 11.33 16.60
CA ARG A 123 -5.72 10.46 15.49
C ARG A 123 -4.82 9.24 15.46
N THR A 124 -3.51 9.43 15.63
CA THR A 124 -2.59 8.32 15.63
C THR A 124 -2.91 7.35 16.77
N TYR A 125 -3.03 7.91 17.97
CA TYR A 125 -3.33 7.09 19.15
C TYR A 125 -4.72 6.47 19.04
N VAL A 126 -5.65 7.21 18.48
CA VAL A 126 -7.02 6.73 18.32
C VAL A 126 -7.04 5.48 17.45
N ARG A 127 -6.34 5.53 16.32
CA ARG A 127 -6.31 4.39 15.42
C ARG A 127 -5.76 3.18 16.13
N SER A 128 -4.56 3.32 16.71
CA SER A 128 -3.93 2.22 17.41
C SER A 128 -4.82 1.71 18.54
N LEU A 129 -5.44 2.65 19.24
CA LEU A 129 -6.32 2.30 20.34
C LEU A 129 -7.51 1.48 19.85
N ALA A 130 -8.06 1.89 18.71
CA ALA A 130 -9.21 1.18 18.15
C ALA A 130 -9.46 1.67 16.73
N ARG A 131 -10.13 0.83 15.94
CA ARG A 131 -10.44 1.18 14.55
C ARG A 131 -9.18 1.51 13.77
N ASN A 132 -9.05 0.92 12.59
CA ASN A 132 -7.88 1.16 11.76
C ASN A 132 -8.16 0.78 10.31
N GLY A 133 -7.66 1.58 9.37
CA GLY A 133 -7.86 1.31 7.96
C GLY A 133 -9.31 1.60 7.55
N MET A 134 -9.94 2.52 8.26
CA MET A 134 -11.32 2.87 7.98
C MET A 134 -11.44 3.49 6.58
N ASP A 135 -10.47 4.33 6.22
CA ASP A 135 -10.48 4.97 4.92
C ASP A 135 -9.15 5.66 4.66
N GLY A 1 22.05 -30.82 9.60
CA GLY A 1 21.04 -30.32 8.63
C GLY A 1 21.42 -28.91 8.20
N ASN A 2 22.51 -28.80 7.43
CA ASN A 2 22.97 -27.50 6.95
C ASN A 2 21.92 -26.86 6.05
N ARG A 3 21.33 -27.68 5.19
CA ARG A 3 20.31 -27.18 4.26
C ARG A 3 18.99 -26.96 4.98
N SER A 4 18.29 -25.89 4.61
CA SER A 4 17.01 -25.58 5.24
C SER A 4 17.16 -25.50 6.76
N SER A 5 17.51 -24.32 7.27
CA SER A 5 17.69 -24.12 8.70
C SER A 5 16.97 -22.85 9.15
N HIS A 6 15.76 -22.65 8.63
CA HIS A 6 14.98 -21.48 9.00
C HIS A 6 15.84 -20.22 9.01
N SER A 7 15.31 -19.14 9.57
CA SER A 7 16.05 -17.89 9.64
C SER A 7 17.18 -17.99 10.66
N ARG A 8 18.14 -17.07 10.57
CA ARG A 8 19.28 -17.07 11.48
C ARG A 8 19.18 -15.90 12.46
N LEU A 9 18.61 -16.19 13.63
CA LEU A 9 18.44 -15.17 14.66
C LEU A 9 19.30 -15.50 15.87
N GLY A 10 20.00 -14.48 16.38
CA GLY A 10 20.87 -14.67 17.54
C GLY A 10 21.33 -13.34 18.10
N ARG A 11 21.56 -12.37 17.20
CA ARG A 11 22.01 -11.05 17.62
C ARG A 11 20.82 -10.13 17.87
N ILE A 12 19.76 -10.69 18.45
CA ILE A 12 18.57 -9.91 18.74
C ILE A 12 18.86 -8.86 19.81
N GLU A 13 19.60 -9.26 20.83
CA GLU A 13 19.95 -8.33 21.91
C GLU A 13 20.88 -7.24 21.40
N ALA A 14 21.76 -7.59 20.47
CA ALA A 14 22.70 -6.63 19.91
C ALA A 14 22.07 -5.89 18.74
N ASP A 15 20.97 -5.19 19.00
CA ASP A 15 20.27 -4.43 17.97
C ASP A 15 19.75 -3.11 18.53
N SER A 16 20.24 -2.74 19.71
CA SER A 16 19.80 -1.50 20.35
C SER A 16 20.14 -0.29 19.48
N GLU A 17 21.34 -0.30 18.91
CA GLU A 17 21.77 0.81 18.06
C GLU A 17 20.90 0.88 16.81
N SER A 18 20.61 -0.27 16.23
CA SER A 18 19.79 -0.32 15.02
C SER A 18 19.04 -1.65 14.95
N GLN A 19 17.81 -1.60 14.44
CA GLN A 19 16.98 -2.81 14.32
C GLN A 19 16.59 -3.05 12.86
N GLU A 20 16.14 -1.99 12.19
CA GLU A 20 15.73 -2.11 10.80
C GLU A 20 16.93 -2.42 9.91
N ASP A 21 18.05 -1.75 10.18
CA ASP A 21 19.27 -1.95 9.41
C ASP A 21 19.77 -3.39 9.55
N ILE A 22 19.68 -3.92 10.76
CA ILE A 22 20.13 -5.29 11.01
C ILE A 22 19.34 -6.28 10.18
N ILE A 23 18.04 -6.10 10.12
CA ILE A 23 17.19 -6.98 9.33
C ILE A 23 17.58 -6.91 7.85
N ARG A 24 17.85 -5.69 7.38
CA ARG A 24 18.22 -5.51 5.99
C ARG A 24 19.50 -6.28 5.66
N ASN A 25 20.46 -6.27 6.59
CA ASN A 25 21.72 -6.98 6.37
C ASN A 25 21.49 -8.49 6.32
N ILE A 26 20.83 -9.01 7.34
CA ILE A 26 20.55 -10.45 7.39
C ILE A 26 19.74 -10.87 6.17
N ALA A 27 18.81 -10.02 5.76
CA ALA A 27 17.98 -10.35 4.62
C ALA A 27 18.85 -10.58 3.38
N ARG A 28 19.72 -9.62 3.10
CA ARG A 28 20.60 -9.73 1.94
C ARG A 28 21.36 -11.04 1.97
N HIS A 29 21.98 -11.34 3.10
CA HIS A 29 22.73 -12.59 3.25
C HIS A 29 21.80 -13.78 3.19
N LEU A 30 20.70 -13.67 3.92
CA LEU A 30 19.72 -14.75 3.95
C LEU A 30 19.20 -15.04 2.55
N ALA A 31 18.96 -13.98 1.78
CA ALA A 31 18.46 -14.14 0.42
C ALA A 31 19.41 -14.97 -0.41
N GLN A 32 20.70 -14.64 -0.32
CA GLN A 32 21.71 -15.37 -1.08
C GLN A 32 21.64 -16.86 -0.76
N VAL A 33 21.67 -17.20 0.53
CA VAL A 33 21.60 -18.59 0.96
C VAL A 33 20.17 -19.12 0.82
N GLY A 34 19.23 -18.20 0.88
CA GLY A 34 17.82 -18.54 0.76
C GLY A 34 17.48 -18.92 -0.68
N ASP A 35 18.27 -18.43 -1.62
CA ASP A 35 18.04 -18.72 -3.02
C ASP A 35 18.42 -20.17 -3.34
N SER A 36 19.58 -20.59 -2.88
CA SER A 36 20.07 -21.96 -3.11
C SER A 36 21.58 -22.03 -2.96
N MET A 37 22.29 -21.61 -4.01
CA MET A 37 23.75 -21.63 -4.01
C MET A 37 24.26 -23.05 -3.77
N ASP A 38 25.04 -23.56 -4.72
CA ASP A 38 25.57 -24.90 -4.60
C ASP A 38 24.46 -25.90 -4.34
N ARG A 39 23.23 -25.53 -4.70
CA ARG A 39 22.07 -26.40 -4.50
C ARG A 39 21.14 -26.32 -5.70
N SER A 40 21.09 -25.16 -6.35
CA SER A 40 20.24 -24.99 -7.52
C SER A 40 20.64 -23.74 -8.31
N ILE A 41 21.69 -23.87 -9.11
CA ILE A 41 22.16 -22.74 -9.92
C ILE A 41 22.90 -23.26 -11.16
N PRO A 42 22.30 -24.18 -11.88
CA PRO A 42 22.90 -24.75 -13.11
C PRO A 42 23.72 -23.72 -13.89
N PRO A 43 25.03 -23.72 -13.75
CA PRO A 43 25.90 -22.75 -14.46
C PRO A 43 25.66 -22.76 -15.98
N GLY A 44 25.59 -21.57 -16.56
CA GLY A 44 25.35 -21.45 -18.00
C GLY A 44 24.27 -22.42 -18.44
N LEU A 45 24.11 -22.58 -19.75
CA LEU A 45 23.10 -23.48 -20.31
C LEU A 45 21.69 -23.01 -19.95
N VAL A 46 21.49 -22.66 -18.68
CA VAL A 46 20.20 -22.19 -18.21
C VAL A 46 19.72 -21.02 -19.06
N ASN A 47 20.66 -20.14 -19.43
CA ASN A 47 20.32 -18.97 -20.24
C ASN A 47 19.69 -19.41 -21.55
N GLY A 48 20.09 -20.59 -22.02
CA GLY A 48 19.55 -21.13 -23.27
C GLY A 48 18.09 -21.52 -23.11
N LEU A 49 17.81 -22.30 -22.06
CA LEU A 49 16.45 -22.76 -21.80
C LEU A 49 15.53 -21.57 -21.53
N ALA A 50 16.02 -20.61 -20.75
CA ALA A 50 15.23 -19.44 -20.41
C ALA A 50 14.91 -18.64 -21.66
N LEU A 51 15.93 -18.36 -22.47
CA LEU A 51 15.73 -17.61 -23.70
C LEU A 51 14.99 -18.44 -24.72
N GLN A 52 15.39 -19.69 -24.86
CA GLN A 52 14.75 -20.58 -25.83
C GLN A 52 13.27 -20.69 -25.57
N LEU A 53 12.89 -20.77 -24.30
CA LEU A 53 11.48 -20.89 -23.97
C LEU A 53 10.73 -19.65 -24.44
N ARG A 54 11.29 -18.47 -24.21
CA ARG A 54 10.65 -17.23 -24.64
C ARG A 54 10.73 -17.09 -26.15
N ASN A 55 11.76 -17.67 -26.73
CA ASN A 55 11.96 -17.59 -28.18
C ASN A 55 10.81 -18.28 -28.91
N THR A 56 10.34 -19.39 -28.35
CA THR A 56 9.25 -20.15 -28.97
C THR A 56 7.89 -19.66 -28.47
N SER A 57 7.89 -18.53 -27.76
CA SER A 57 6.64 -17.97 -27.23
C SER A 57 6.04 -16.97 -28.23
N ARG A 58 6.76 -16.70 -29.30
CA ARG A 58 6.29 -15.77 -30.32
C ARG A 58 5.08 -16.35 -31.05
N SER A 59 4.93 -17.67 -30.97
CA SER A 59 3.82 -18.33 -31.63
C SER A 59 2.51 -18.07 -30.90
N GLU A 60 2.61 -17.41 -29.75
CA GLU A 60 1.43 -17.09 -28.95
C GLU A 60 1.78 -16.12 -27.83
N GLU A 61 1.04 -15.02 -27.75
CA GLU A 61 1.29 -14.02 -26.72
C GLU A 61 0.23 -12.92 -26.77
N ASP A 62 0.05 -12.34 -27.96
CA ASP A 62 -0.92 -11.28 -28.14
C ASP A 62 -2.35 -11.81 -27.96
N ARG A 63 -2.49 -13.12 -28.10
CA ARG A 63 -3.81 -13.75 -27.95
C ARG A 63 -4.40 -13.42 -26.58
N ASN A 64 -4.50 -14.44 -25.73
CA ASN A 64 -5.06 -14.25 -24.40
C ASN A 64 -4.15 -13.38 -23.54
N ARG A 65 -4.06 -12.10 -23.90
CA ARG A 65 -3.23 -11.17 -23.16
C ARG A 65 -3.71 -9.74 -23.37
N ASP A 66 -4.29 -9.49 -24.55
CA ASP A 66 -4.78 -8.14 -24.87
C ASP A 66 -5.62 -7.60 -23.72
N LEU A 67 -6.88 -7.98 -23.68
CA LEU A 67 -7.78 -7.50 -22.64
C LEU A 67 -7.17 -7.70 -21.25
N ALA A 68 -6.40 -8.77 -21.10
CA ALA A 68 -5.76 -9.05 -19.81
C ALA A 68 -4.97 -7.84 -19.34
N THR A 69 -4.13 -7.31 -20.22
CA THR A 69 -3.31 -6.15 -19.88
C THR A 69 -4.19 -4.95 -19.54
N ALA A 70 -5.23 -4.75 -20.34
CA ALA A 70 -6.14 -3.63 -20.10
C ALA A 70 -6.72 -3.68 -18.69
N LEU A 71 -7.19 -4.85 -18.29
CA LEU A 71 -7.78 -5.01 -16.97
C LEU A 71 -6.76 -4.68 -15.89
N GLU A 72 -5.52 -5.13 -16.10
CA GLU A 72 -4.46 -4.84 -15.14
C GLU A 72 -4.23 -3.35 -15.04
N GLN A 73 -4.06 -2.70 -16.18
CA GLN A 73 -3.82 -1.27 -16.21
C GLN A 73 -4.93 -0.52 -15.48
N LEU A 74 -6.17 -0.91 -15.74
CA LEU A 74 -7.30 -0.26 -15.09
C LEU A 74 -7.22 -0.50 -13.58
N LEU A 75 -7.00 -1.75 -13.20
CA LEU A 75 -6.96 -2.10 -11.80
C LEU A 75 -5.90 -1.26 -11.08
N GLN A 76 -4.76 -1.09 -11.74
CA GLN A 76 -3.69 -0.32 -11.16
C GLN A 76 -4.17 1.07 -10.79
N ALA A 77 -5.21 1.53 -11.49
CA ALA A 77 -5.79 2.84 -11.24
C ALA A 77 -7.29 2.73 -10.95
N TYR A 78 -7.62 2.31 -9.73
CA TYR A 78 -9.00 2.18 -9.29
C TYR A 78 -9.45 3.41 -8.49
N PRO A 79 -8.55 4.06 -7.78
CA PRO A 79 -8.89 5.26 -6.95
C PRO A 79 -9.73 6.28 -7.73
N ARG A 80 -11.06 6.21 -7.55
CA ARG A 80 -11.96 7.14 -8.24
C ARG A 80 -13.05 7.62 -7.30
N ASP A 81 -14.13 6.85 -7.19
CA ASP A 81 -15.24 7.21 -6.33
C ASP A 81 -14.76 7.42 -4.89
N MET A 82 -15.19 6.55 -3.98
CA MET A 82 -14.79 6.65 -2.58
C MET A 82 -15.27 7.97 -1.98
N GLU A 83 -14.40 8.96 -1.97
CA GLU A 83 -14.74 10.27 -1.41
C GLU A 83 -15.86 10.92 -2.20
N LYS A 84 -15.83 10.73 -3.51
CA LYS A 84 -16.85 11.32 -4.37
C LYS A 84 -18.24 10.80 -4.02
N GLU A 85 -18.31 9.52 -3.67
CA GLU A 85 -19.57 8.94 -3.29
C GLU A 85 -19.96 9.36 -1.88
N LYS A 86 -18.96 9.52 -1.02
CA LYS A 86 -19.20 9.94 0.35
C LYS A 86 -19.61 11.42 0.40
N THR A 87 -18.94 12.23 -0.43
CA THR A 87 -19.24 13.66 -0.48
C THR A 87 -20.67 13.89 -0.93
N MET A 88 -21.09 13.16 -1.96
CA MET A 88 -22.45 13.32 -2.47
C MET A 88 -23.47 12.97 -1.39
N LEU A 89 -23.24 11.87 -0.68
CA LEU A 89 -24.16 11.47 0.37
C LEU A 89 -24.13 12.46 1.53
N VAL A 90 -22.94 12.77 1.99
CA VAL A 90 -22.76 13.70 3.10
C VAL A 90 -23.30 15.08 2.72
N LEU A 91 -22.99 15.52 1.51
CA LEU A 91 -23.43 16.82 1.06
C LEU A 91 -24.95 16.91 1.09
N ALA A 92 -25.61 15.87 0.60
CA ALA A 92 -27.07 15.85 0.58
C ALA A 92 -27.62 15.87 2.00
N LEU A 93 -27.00 15.08 2.87
CA LEU A 93 -27.44 14.99 4.25
C LEU A 93 -27.38 16.36 4.91
N LEU A 94 -26.31 17.10 4.65
CA LEU A 94 -26.15 18.41 5.24
C LEU A 94 -27.29 19.34 4.81
N LEU A 95 -27.61 19.31 3.52
CA LEU A 95 -28.68 20.13 3.00
C LEU A 95 -30.02 19.73 3.62
N ALA A 96 -30.28 18.42 3.66
CA ALA A 96 -31.53 17.93 4.22
C ALA A 96 -31.55 18.17 5.73
N LYS A 97 -30.43 17.89 6.37
CA LYS A 97 -30.32 18.08 7.81
C LYS A 97 -30.49 19.55 8.17
N LYS A 98 -29.94 20.42 7.32
CA LYS A 98 -30.03 21.86 7.55
C LYS A 98 -31.50 22.30 7.55
N VAL A 99 -32.27 21.74 6.63
CA VAL A 99 -33.69 22.07 6.54
C VAL A 99 -34.43 21.57 7.78
N ALA A 100 -34.14 20.34 8.18
CA ALA A 100 -34.79 19.75 9.35
C ALA A 100 -34.41 20.49 10.63
N SER A 101 -33.17 20.96 10.68
CA SER A 101 -32.70 21.70 11.85
C SER A 101 -31.51 22.58 11.47
N HIS A 102 -31.21 23.58 12.29
CA HIS A 102 -30.10 24.49 12.04
C HIS A 102 -29.21 24.60 13.26
N THR A 103 -28.82 23.44 13.78
CA THR A 103 -27.95 23.38 14.95
C THR A 103 -28.56 24.15 16.14
N PRO A 104 -28.31 23.72 17.35
CA PRO A 104 -28.86 24.40 18.57
C PRO A 104 -28.17 25.75 18.81
N SER A 105 -27.10 25.73 19.59
CA SER A 105 -26.36 26.96 19.89
C SER A 105 -25.43 26.73 21.09
N LEU A 106 -26.01 26.54 22.25
CA LEU A 106 -25.21 26.33 23.45
C LEU A 106 -24.41 25.03 23.37
N LEU A 107 -25.06 23.99 22.86
CA LEU A 107 -24.43 22.68 22.75
C LEU A 107 -23.25 22.73 21.77
N ARG A 108 -23.30 23.68 20.86
CA ARG A 108 -22.23 23.83 19.88
C ARG A 108 -20.96 24.32 20.55
N ASP A 109 -21.09 25.30 21.43
CA ASP A 109 -19.93 25.85 22.12
C ASP A 109 -19.31 24.81 23.06
N VAL A 110 -20.17 24.16 23.84
CA VAL A 110 -19.71 23.15 24.79
C VAL A 110 -19.11 21.96 24.04
N PHE A 111 -19.80 21.53 22.99
CA PHE A 111 -19.34 20.40 22.19
C PHE A 111 -17.99 20.72 21.56
N HIS A 112 -17.82 21.97 21.14
CA HIS A 112 -16.57 22.37 20.51
C HIS A 112 -15.41 22.19 21.48
N THR A 113 -15.54 22.69 22.71
CA THR A 113 -14.48 22.56 23.69
C THR A 113 -14.16 21.09 23.95
N THR A 114 -15.20 20.27 24.05
CA THR A 114 -15.02 18.84 24.30
C THR A 114 -14.16 18.23 23.18
N VAL A 115 -14.45 18.61 21.95
CA VAL A 115 -13.71 18.11 20.80
C VAL A 115 -12.24 18.49 20.91
N ASN A 116 -11.96 19.70 21.39
CA ASN A 116 -10.58 20.15 21.52
C ASN A 116 -9.80 19.23 22.47
N PHE A 117 -10.44 18.83 23.56
CA PHE A 117 -9.78 17.94 24.51
C PHE A 117 -9.43 16.60 23.85
N ILE A 118 -10.39 16.05 23.15
CA ILE A 118 -10.22 14.76 22.45
C ILE A 118 -9.29 14.92 21.25
N ASN A 119 -9.36 16.08 20.61
CA ASN A 119 -8.55 16.35 19.43
C ASN A 119 -7.09 15.99 19.69
N GLN A 120 -6.62 16.18 20.92
CA GLN A 120 -5.25 15.85 21.26
C GLN A 120 -4.84 14.51 20.64
N ASN A 121 -5.83 13.65 20.39
CA ASN A 121 -5.59 12.32 19.81
C ASN A 121 -6.24 12.19 18.44
N LEU A 122 -7.51 12.57 18.37
CA LEU A 122 -8.26 12.49 17.12
C LEU A 122 -7.61 13.36 16.06
N ARG A 123 -7.07 14.50 16.48
CA ARG A 123 -6.44 15.42 15.56
C ARG A 123 -5.42 14.69 14.70
N THR A 124 -4.80 13.66 15.25
CA THR A 124 -3.81 12.91 14.50
C THR A 124 -4.43 12.32 13.23
N TYR A 125 -5.54 11.63 13.37
CA TYR A 125 -6.21 11.02 12.24
C TYR A 125 -6.85 12.09 11.35
N VAL A 126 -7.50 13.05 11.99
CA VAL A 126 -8.16 14.14 11.25
C VAL A 126 -7.13 14.97 10.51
N ARG A 127 -6.03 15.30 11.17
CA ARG A 127 -4.99 16.10 10.55
C ARG A 127 -4.45 15.41 9.31
N SER A 128 -4.19 14.11 9.42
CA SER A 128 -3.67 13.37 8.28
C SER A 128 -4.65 13.44 7.11
N LEU A 129 -5.92 13.52 7.43
CA LEU A 129 -6.94 13.58 6.38
C LEU A 129 -6.74 14.82 5.53
N ALA A 130 -6.49 15.95 6.17
CA ALA A 130 -6.29 17.21 5.46
C ALA A 130 -5.30 18.08 6.20
N ARG A 131 -4.44 18.75 5.44
CA ARG A 131 -3.43 19.62 6.03
C ARG A 131 -4.10 20.81 6.73
N ASN A 132 -5.10 21.39 6.07
CA ASN A 132 -5.80 22.54 6.64
C ASN A 132 -6.89 22.06 7.61
N GLY A 133 -6.71 22.38 8.88
CA GLY A 133 -7.67 21.98 9.90
C GLY A 133 -9.02 22.65 9.66
N MET A 134 -8.99 23.94 9.30
CA MET A 134 -10.21 24.70 9.05
C MET A 134 -10.30 25.10 7.58
N ASP A 135 -11.50 25.02 7.03
CA ASP A 135 -11.71 25.38 5.63
C ASP A 135 -13.21 25.43 5.31
N GLY A 1 34.44 -24.73 20.24
CA GLY A 1 33.51 -25.87 20.49
C GLY A 1 33.20 -26.57 19.17
N ASN A 2 33.22 -27.91 19.21
CA ASN A 2 32.93 -28.69 18.01
C ASN A 2 31.51 -28.44 17.54
N ARG A 3 30.58 -28.34 18.48
CA ARG A 3 29.18 -28.10 18.14
C ARG A 3 28.95 -26.63 17.84
N SER A 4 28.27 -26.35 16.73
CA SER A 4 27.98 -24.98 16.33
C SER A 4 26.92 -24.36 17.25
N SER A 5 27.16 -23.13 17.69
CA SER A 5 26.22 -22.44 18.56
C SER A 5 25.48 -21.35 17.80
N HIS A 6 25.82 -21.19 16.52
CA HIS A 6 25.18 -20.19 15.67
C HIS A 6 25.34 -18.80 16.28
N SER A 7 25.85 -17.86 15.48
CA SER A 7 26.05 -16.50 15.95
C SER A 7 24.73 -15.89 16.42
N ARG A 8 23.64 -16.26 15.75
CA ARG A 8 22.33 -15.74 16.11
C ARG A 8 22.37 -14.23 16.28
N LEU A 9 22.45 -13.53 15.15
CA LEU A 9 22.49 -12.08 15.18
C LEU A 9 21.20 -11.51 15.77
N GLY A 10 20.06 -12.07 15.36
CA GLY A 10 18.78 -11.62 15.85
C GLY A 10 18.72 -10.09 15.89
N ARG A 11 18.55 -9.54 17.08
CA ARG A 11 18.47 -8.09 17.24
C ARG A 11 19.87 -7.50 17.32
N ILE A 12 20.10 -6.43 16.57
CA ILE A 12 21.40 -5.76 16.55
C ILE A 12 21.24 -4.27 16.78
N GLU A 13 22.00 -3.74 17.73
CA GLU A 13 21.94 -2.31 18.04
C GLU A 13 20.50 -1.83 18.03
N ALA A 14 19.61 -2.64 18.60
CA ALA A 14 18.20 -2.29 18.66
C ALA A 14 17.67 -2.05 17.24
N ASP A 15 16.71 -2.87 16.83
CA ASP A 15 16.12 -2.73 15.51
C ASP A 15 15.45 -1.36 15.36
N SER A 16 15.56 -0.55 16.40
CA SER A 16 14.96 0.78 16.37
C SER A 16 15.54 1.61 15.24
N GLU A 17 16.87 1.59 15.10
CA GLU A 17 17.55 2.34 14.05
C GLU A 17 17.80 1.46 12.84
N SER A 18 18.75 0.54 12.98
CA SER A 18 19.09 -0.37 11.88
C SER A 18 17.83 -0.92 11.24
N GLN A 19 17.37 -2.07 11.74
CA GLN A 19 16.18 -2.71 11.20
C GLN A 19 16.43 -3.26 9.81
N GLU A 20 17.01 -2.44 8.94
CA GLU A 20 17.31 -2.85 7.58
C GLU A 20 18.43 -3.90 7.56
N ASP A 21 19.36 -3.78 8.49
CA ASP A 21 20.49 -4.70 8.56
C ASP A 21 20.00 -6.14 8.47
N ILE A 22 18.80 -6.40 9.00
CA ILE A 22 18.24 -7.73 8.97
C ILE A 22 18.07 -8.21 7.54
N ILE A 23 17.56 -7.34 6.68
CA ILE A 23 17.34 -7.68 5.28
C ILE A 23 18.67 -7.94 4.59
N ARG A 24 19.65 -7.08 4.88
CA ARG A 24 20.96 -7.20 4.26
C ARG A 24 21.48 -8.63 4.42
N ASN A 25 21.51 -9.12 5.66
CA ASN A 25 22.00 -10.46 5.93
C ASN A 25 21.14 -11.50 5.20
N ILE A 26 19.83 -11.30 5.23
CA ILE A 26 18.93 -12.23 4.55
C ILE A 26 19.23 -12.28 3.07
N ALA A 27 19.29 -11.11 2.43
CA ALA A 27 19.57 -11.05 1.00
C ALA A 27 20.94 -11.65 0.70
N ARG A 28 21.89 -11.34 1.56
CA ARG A 28 23.26 -11.85 1.38
C ARG A 28 23.25 -13.37 1.28
N HIS A 29 22.50 -14.02 2.17
CA HIS A 29 22.40 -15.46 2.16
C HIS A 29 21.72 -15.94 0.88
N LEU A 30 20.70 -15.21 0.47
CA LEU A 30 19.97 -15.56 -0.76
C LEU A 30 20.87 -15.38 -1.97
N ALA A 31 21.70 -14.34 -1.95
CA ALA A 31 22.60 -14.08 -3.06
C ALA A 31 23.49 -15.29 -3.32
N GLN A 32 24.07 -15.82 -2.25
CA GLN A 32 24.93 -17.00 -2.38
C GLN A 32 24.12 -18.17 -2.93
N VAL A 33 23.00 -18.46 -2.27
CA VAL A 33 22.14 -19.56 -2.70
C VAL A 33 21.54 -19.26 -4.07
N GLY A 34 21.40 -17.98 -4.38
CA GLY A 34 20.84 -17.56 -5.67
C GLY A 34 21.74 -17.99 -6.81
N ASP A 35 23.05 -18.01 -6.55
CA ASP A 35 24.01 -18.39 -7.59
C ASP A 35 23.73 -19.80 -8.08
N SER A 36 23.47 -20.72 -7.15
CA SER A 36 23.19 -22.11 -7.51
C SER A 36 22.50 -22.82 -6.35
N MET A 37 21.17 -22.77 -6.33
CA MET A 37 20.40 -23.41 -5.28
C MET A 37 20.66 -24.91 -5.28
N ASP A 38 20.53 -25.52 -6.45
CA ASP A 38 20.75 -26.95 -6.58
C ASP A 38 20.63 -27.36 -8.04
N ARG A 39 21.66 -28.00 -8.57
CA ARG A 39 21.66 -28.46 -9.95
C ARG A 39 20.45 -29.35 -10.22
N SER A 40 19.63 -29.55 -9.19
CA SER A 40 18.46 -30.39 -9.31
C SER A 40 17.52 -29.86 -10.39
N ILE A 41 17.34 -28.53 -10.41
CA ILE A 41 16.46 -27.87 -11.39
C ILE A 41 16.41 -28.68 -12.70
N PRO A 42 15.43 -29.54 -12.85
CA PRO A 42 15.30 -30.39 -14.05
C PRO A 42 15.52 -29.60 -15.36
N PRO A 43 16.62 -29.80 -16.03
CA PRO A 43 16.92 -29.08 -17.31
C PRO A 43 15.75 -29.15 -18.29
N GLY A 44 16.00 -28.71 -19.52
CA GLY A 44 14.98 -28.71 -20.56
C GLY A 44 14.21 -27.40 -20.56
N LEU A 45 13.56 -27.08 -19.45
CA LEU A 45 12.80 -25.84 -19.34
C LEU A 45 13.73 -24.64 -19.44
N VAL A 46 14.87 -24.72 -18.77
CA VAL A 46 15.83 -23.63 -18.78
C VAL A 46 16.11 -23.20 -20.21
N ASN A 47 16.26 -24.16 -21.11
CA ASN A 47 16.53 -23.84 -22.51
C ASN A 47 15.43 -22.93 -23.07
N GLY A 48 14.18 -23.31 -22.85
CA GLY A 48 13.05 -22.53 -23.33
C GLY A 48 13.04 -21.14 -22.70
N LEU A 49 13.13 -21.11 -21.37
CA LEU A 49 13.14 -19.85 -20.65
C LEU A 49 14.37 -19.03 -21.04
N ALA A 50 15.50 -19.71 -21.16
CA ALA A 50 16.74 -19.04 -21.52
C ALA A 50 16.57 -18.31 -22.84
N LEU A 51 15.88 -18.95 -23.78
CA LEU A 51 15.67 -18.35 -25.08
C LEU A 51 14.86 -17.06 -24.95
N GLN A 52 13.81 -17.11 -24.13
CA GLN A 52 12.99 -15.92 -23.92
C GLN A 52 13.79 -14.86 -23.17
N LEU A 53 14.44 -15.29 -22.10
CA LEU A 53 15.23 -14.37 -21.29
C LEU A 53 16.38 -13.79 -22.13
N ARG A 54 16.74 -14.50 -23.19
CA ARG A 54 17.80 -14.06 -24.08
C ARG A 54 17.33 -12.90 -24.95
N ASN A 55 16.11 -13.04 -25.49
CA ASN A 55 15.56 -12.02 -26.36
C ASN A 55 15.36 -10.70 -25.61
N THR A 56 14.88 -10.80 -24.37
CA THR A 56 14.66 -9.62 -23.55
C THR A 56 15.84 -9.39 -22.61
N SER A 57 17.04 -9.70 -23.09
CA SER A 57 18.24 -9.52 -22.29
C SER A 57 18.50 -8.04 -22.04
N ARG A 58 17.82 -7.19 -22.80
CA ARG A 58 17.98 -5.75 -22.67
C ARG A 58 17.34 -5.26 -21.37
N SER A 59 17.09 -6.20 -20.45
CA SER A 59 16.48 -5.85 -19.17
C SER A 59 15.15 -5.14 -19.39
N GLU A 60 14.06 -5.90 -19.35
CA GLU A 60 12.74 -5.33 -19.54
C GLU A 60 12.42 -4.34 -18.42
N GLU A 61 12.00 -3.13 -18.80
CA GLU A 61 11.67 -2.10 -17.81
C GLU A 61 10.19 -2.19 -17.44
N ASP A 62 9.47 -3.10 -18.08
CA ASP A 62 8.06 -3.27 -17.81
C ASP A 62 7.84 -4.07 -16.54
N ARG A 63 8.58 -3.71 -15.49
CA ARG A 63 8.47 -4.39 -14.20
C ARG A 63 7.69 -3.54 -13.20
N ASN A 64 7.86 -2.23 -13.30
CA ASN A 64 7.16 -1.31 -12.40
C ASN A 64 5.65 -1.38 -12.63
N ARG A 65 5.25 -1.53 -13.88
CA ARG A 65 3.84 -1.60 -14.22
C ARG A 65 3.13 -2.63 -13.35
N ASP A 66 3.91 -3.44 -12.65
CA ASP A 66 3.33 -4.47 -11.79
C ASP A 66 2.25 -3.88 -10.89
N LEU A 67 2.57 -2.78 -10.22
CA LEU A 67 1.59 -2.13 -9.34
C LEU A 67 0.50 -1.46 -10.15
N ALA A 68 0.90 -0.77 -11.20
CA ALA A 68 -0.03 -0.07 -12.07
C ALA A 68 -0.99 -1.06 -12.73
N THR A 69 -0.51 -2.27 -12.93
CA THR A 69 -1.32 -3.30 -13.57
C THR A 69 -2.60 -3.52 -12.79
N ALA A 70 -2.48 -3.74 -11.48
CA ALA A 70 -3.66 -3.96 -10.65
C ALA A 70 -4.58 -2.73 -10.67
N LEU A 71 -3.97 -1.56 -10.60
CA LEU A 71 -4.74 -0.31 -10.62
C LEU A 71 -5.47 -0.16 -11.94
N GLU A 72 -4.75 -0.38 -13.03
CA GLU A 72 -5.33 -0.25 -14.36
C GLU A 72 -6.55 -1.16 -14.49
N GLN A 73 -6.44 -2.38 -13.96
CA GLN A 73 -7.55 -3.32 -14.00
C GLN A 73 -8.78 -2.73 -13.32
N LEU A 74 -8.58 -2.14 -12.15
CA LEU A 74 -9.69 -1.55 -11.43
C LEU A 74 -10.25 -0.36 -12.22
N LEU A 75 -9.35 0.51 -12.68
CA LEU A 75 -9.76 1.70 -13.42
C LEU A 75 -10.44 1.31 -14.72
N GLN A 76 -9.99 0.21 -15.30
CA GLN A 76 -10.55 -0.27 -16.55
C GLN A 76 -12.07 -0.49 -16.39
N ALA A 77 -12.48 -0.86 -15.18
CA ALA A 77 -13.90 -1.10 -14.92
C ALA A 77 -14.32 -0.43 -13.62
N TYR A 78 -14.21 0.89 -13.57
CA TYR A 78 -14.58 1.64 -12.37
C TYR A 78 -14.70 3.13 -12.69
N PRO A 79 -15.73 3.52 -13.41
CA PRO A 79 -15.95 4.94 -13.79
C PRO A 79 -16.59 5.75 -12.65
N ARG A 80 -17.91 5.66 -12.54
CA ARG A 80 -18.63 6.37 -11.49
C ARG A 80 -18.40 7.88 -11.62
N ASP A 81 -19.50 8.62 -11.66
CA ASP A 81 -19.42 10.07 -11.78
C ASP A 81 -18.79 10.67 -10.54
N MET A 82 -19.05 10.07 -9.38
CA MET A 82 -18.51 10.55 -8.11
C MET A 82 -19.01 11.96 -7.81
N GLU A 83 -18.61 12.91 -8.66
CA GLU A 83 -19.01 14.30 -8.48
C GLU A 83 -20.53 14.39 -8.31
N LYS A 84 -21.27 13.70 -9.16
CA LYS A 84 -22.73 13.73 -9.08
C LYS A 84 -23.19 13.14 -7.75
N GLU A 85 -22.64 11.98 -7.43
CA GLU A 85 -23.00 11.30 -6.19
C GLU A 85 -22.76 12.24 -5.00
N LYS A 86 -21.59 12.87 -4.99
CA LYS A 86 -21.24 13.80 -3.93
C LYS A 86 -22.15 15.02 -3.97
N THR A 87 -22.45 15.49 -5.17
CA THR A 87 -23.30 16.67 -5.32
C THR A 87 -24.67 16.43 -4.70
N MET A 88 -25.28 15.30 -4.99
CA MET A 88 -26.59 15.00 -4.45
C MET A 88 -26.53 14.93 -2.92
N LEU A 89 -25.49 14.30 -2.40
CA LEU A 89 -25.34 14.19 -0.96
C LEU A 89 -25.11 15.55 -0.32
N VAL A 90 -24.26 16.36 -0.95
CA VAL A 90 -23.96 17.69 -0.42
C VAL A 90 -25.17 18.61 -0.51
N LEU A 91 -25.77 18.68 -1.68
CA LEU A 91 -26.93 19.53 -1.87
C LEU A 91 -28.08 19.07 -0.99
N ALA A 92 -28.32 17.78 -0.95
CA ALA A 92 -29.39 17.25 -0.15
C ALA A 92 -29.14 17.54 1.33
N LEU A 93 -27.88 17.45 1.73
CA LEU A 93 -27.51 17.70 3.11
C LEU A 93 -27.80 19.14 3.49
N LEU A 94 -27.50 20.06 2.57
CA LEU A 94 -27.72 21.48 2.84
C LEU A 94 -29.19 21.75 3.11
N LEU A 95 -30.06 21.26 2.23
CA LEU A 95 -31.48 21.45 2.42
C LEU A 95 -31.97 20.74 3.66
N ALA A 96 -31.51 19.51 3.85
CA ALA A 96 -31.91 18.73 5.01
C ALA A 96 -31.36 19.35 6.28
N LYS A 97 -30.09 19.77 6.22
CA LYS A 97 -29.43 20.39 7.36
C LYS A 97 -30.07 21.74 7.66
N LYS A 98 -30.45 22.46 6.61
CA LYS A 98 -31.07 23.78 6.76
C LYS A 98 -32.36 23.67 7.55
N VAL A 99 -33.15 22.65 7.25
CA VAL A 99 -34.42 22.46 7.95
C VAL A 99 -34.18 22.19 9.43
N ALA A 100 -33.22 21.32 9.73
CA ALA A 100 -32.94 20.99 11.12
C ALA A 100 -32.55 22.25 11.88
N SER A 101 -31.58 22.99 11.33
CA SER A 101 -31.10 24.23 11.96
C SER A 101 -31.12 24.09 13.48
N HIS A 102 -31.88 24.97 14.15
CA HIS A 102 -32.02 24.92 15.60
C HIS A 102 -30.74 24.42 16.26
N THR A 103 -29.74 25.28 16.38
CA THR A 103 -28.47 24.90 16.99
C THR A 103 -28.07 25.91 18.06
N PRO A 104 -28.63 25.79 19.24
CA PRO A 104 -28.34 26.70 20.38
C PRO A 104 -26.85 26.70 20.73
N SER A 105 -26.37 27.84 21.24
CA SER A 105 -24.97 27.96 21.61
C SER A 105 -24.62 26.89 22.63
N LEU A 106 -23.44 27.03 23.23
CA LEU A 106 -22.95 26.06 24.23
C LEU A 106 -22.66 24.72 23.57
N LEU A 107 -23.65 24.23 22.82
CA LEU A 107 -23.49 22.95 22.14
C LEU A 107 -22.32 23.01 21.17
N ARG A 108 -22.22 24.11 20.43
CA ARG A 108 -21.14 24.27 19.48
C ARG A 108 -19.80 24.39 20.19
N ASP A 109 -19.79 25.07 21.35
CA ASP A 109 -18.57 25.25 22.10
C ASP A 109 -17.99 23.90 22.54
N VAL A 110 -18.85 23.04 23.06
CA VAL A 110 -18.42 21.72 23.50
C VAL A 110 -18.04 20.87 22.29
N PHE A 111 -18.86 20.94 21.25
CA PHE A 111 -18.61 20.17 20.04
C PHE A 111 -17.24 20.51 19.45
N HIS A 112 -16.95 21.80 19.35
CA HIS A 112 -15.67 22.25 18.81
C HIS A 112 -14.52 21.82 19.70
N THR A 113 -14.65 22.07 21.01
CA THR A 113 -13.59 21.71 21.95
C THR A 113 -13.35 20.20 21.90
N THR A 114 -14.43 19.43 21.89
CA THR A 114 -14.30 17.97 21.85
C THR A 114 -13.43 17.55 20.67
N VAL A 115 -13.69 18.16 19.52
CA VAL A 115 -12.92 17.85 18.32
C VAL A 115 -11.44 18.15 18.54
N ASN A 116 -11.15 19.29 19.17
CA ASN A 116 -9.77 19.67 19.43
C ASN A 116 -9.06 18.60 20.25
N PHE A 117 -9.76 18.03 21.23
CA PHE A 117 -9.18 16.99 22.07
C PHE A 117 -8.75 15.80 21.23
N ILE A 118 -9.62 15.41 20.29
CA ILE A 118 -9.30 14.27 19.43
C ILE A 118 -8.10 14.57 18.56
N ASN A 119 -8.06 15.79 18.04
CA ASN A 119 -6.95 16.20 17.17
C ASN A 119 -5.61 15.88 17.83
N GLN A 120 -5.56 16.00 19.16
CA GLN A 120 -4.32 15.71 19.90
C GLN A 120 -3.55 14.56 19.27
N ASN A 121 -3.73 13.36 19.82
CA ASN A 121 -3.05 12.17 19.30
C ASN A 121 -4.04 11.06 19.00
N LEU A 122 -5.26 11.20 19.51
CA LEU A 122 -6.29 10.20 19.29
C LEU A 122 -6.66 10.13 17.80
N ARG A 123 -6.72 11.30 17.16
CA ARG A 123 -7.08 11.37 15.75
C ARG A 123 -6.19 10.43 14.94
N THR A 124 -4.94 10.28 15.37
CA THR A 124 -4.00 9.40 14.66
C THR A 124 -4.56 7.99 14.55
N TYR A 125 -5.05 7.46 15.67
CA TYR A 125 -5.62 6.12 15.68
C TYR A 125 -6.91 6.08 14.87
N VAL A 126 -7.67 7.17 14.93
CA VAL A 126 -8.94 7.25 14.20
C VAL A 126 -8.68 7.20 12.70
N ARG A 127 -7.68 7.95 12.24
CA ARG A 127 -7.36 7.97 10.81
C ARG A 127 -6.98 6.58 10.33
N SER A 128 -6.10 5.91 11.05
CA SER A 128 -5.68 4.57 10.67
C SER A 128 -6.87 3.61 10.67
N LEU A 129 -7.71 3.74 11.70
CA LEU A 129 -8.88 2.88 11.83
C LEU A 129 -10.13 3.60 11.34
N ALA A 130 -9.98 4.36 10.26
CA ALA A 130 -11.11 5.10 9.70
C ALA A 130 -12.20 4.15 9.22
N ARG A 131 -11.78 3.02 8.64
CA ARG A 131 -12.73 2.03 8.14
C ARG A 131 -13.34 1.24 9.30
N ASN A 132 -14.65 1.02 9.23
CA ASN A 132 -15.34 0.27 10.28
C ASN A 132 -16.64 -0.33 9.74
N GLY A 133 -17.24 -1.21 10.52
CA GLY A 133 -18.48 -1.86 10.11
C GLY A 133 -19.62 -0.85 10.01
N MET A 134 -19.66 0.08 10.97
CA MET A 134 -20.70 1.09 10.99
C MET A 134 -20.63 1.96 9.73
N ASP A 135 -19.41 2.33 9.35
CA ASP A 135 -19.21 3.15 8.16
C ASP A 135 -20.13 4.36 8.19
N GLY A 1 2.51 -19.04 5.73
CA GLY A 1 3.48 -17.93 5.96
C GLY A 1 4.87 -18.51 6.18
N ASN A 2 5.18 -19.59 5.48
CA ASN A 2 6.48 -20.25 5.59
C ASN A 2 7.46 -19.66 4.58
N ARG A 3 7.04 -18.62 3.88
CA ARG A 3 7.90 -17.98 2.89
C ARG A 3 8.88 -17.02 3.56
N SER A 4 10.11 -17.01 3.06
CA SER A 4 11.15 -16.15 3.62
C SER A 4 11.10 -14.78 2.94
N SER A 5 10.24 -14.65 1.94
CA SER A 5 10.12 -13.39 1.20
C SER A 5 9.76 -12.25 2.15
N HIS A 6 8.83 -12.52 3.07
CA HIS A 6 8.40 -11.51 4.03
C HIS A 6 9.09 -11.73 5.38
N SER A 7 10.37 -11.37 5.44
CA SER A 7 11.13 -11.52 6.68
C SER A 7 10.54 -10.65 7.79
N ARG A 8 10.20 -9.41 7.44
CA ARG A 8 9.62 -8.49 8.42
C ARG A 8 8.10 -8.62 8.45
N LEU A 9 7.53 -8.59 9.65
CA LEU A 9 6.09 -8.71 9.80
C LEU A 9 5.38 -7.54 9.15
N GLY A 10 5.93 -6.34 9.34
CA GLY A 10 5.35 -5.13 8.76
C GLY A 10 5.55 -3.94 9.70
N ARG A 11 5.00 -4.05 10.91
CA ARG A 11 5.12 -2.99 11.89
C ARG A 11 6.57 -2.81 12.32
N ILE A 12 7.38 -3.84 12.07
CA ILE A 12 8.79 -3.79 12.43
C ILE A 12 9.49 -2.64 11.72
N GLU A 13 10.60 -2.95 11.03
CA GLU A 13 11.36 -1.95 10.31
C GLU A 13 12.01 -0.95 11.27
N ALA A 14 11.33 -0.67 12.38
CA ALA A 14 11.85 0.25 13.38
C ALA A 14 13.12 -0.32 14.02
N ASP A 15 13.13 -1.64 14.22
CA ASP A 15 14.28 -2.31 14.84
C ASP A 15 15.30 -2.69 13.77
N SER A 16 15.11 -2.17 12.56
CA SER A 16 16.02 -2.46 11.46
C SER A 16 17.45 -2.05 11.81
N GLU A 17 17.57 -1.15 12.78
CA GLU A 17 18.88 -0.67 13.20
C GLU A 17 19.72 -1.84 13.76
N SER A 18 19.36 -2.29 14.96
CA SER A 18 20.09 -3.40 15.58
C SER A 18 19.98 -4.67 14.74
N GLN A 19 18.76 -4.94 14.26
CA GLN A 19 18.53 -6.12 13.45
C GLN A 19 19.41 -6.09 12.20
N GLU A 20 20.08 -4.97 11.98
CA GLU A 20 20.95 -4.83 10.82
C GLU A 20 22.08 -5.85 10.87
N ASP A 21 22.59 -6.10 12.08
CA ASP A 21 23.67 -7.05 12.26
C ASP A 21 23.26 -8.44 11.77
N ILE A 22 22.08 -8.89 12.20
CA ILE A 22 21.57 -10.19 11.79
C ILE A 22 21.28 -10.20 10.30
N ILE A 23 20.65 -9.12 9.81
CA ILE A 23 20.32 -9.02 8.40
C ILE A 23 21.58 -9.02 7.55
N ARG A 24 22.59 -8.27 8.00
CA ARG A 24 23.83 -8.21 7.25
C ARG A 24 24.39 -9.61 7.07
N ASN A 25 24.44 -10.39 8.15
CA ASN A 25 24.95 -11.74 8.07
C ASN A 25 24.11 -12.58 7.10
N ILE A 26 22.79 -12.42 7.20
CA ILE A 26 21.89 -13.17 6.33
C ILE A 26 22.17 -12.83 4.87
N ALA A 27 22.33 -11.55 4.57
CA ALA A 27 22.61 -11.13 3.21
C ALA A 27 23.97 -11.66 2.76
N ARG A 28 24.92 -11.65 3.68
CA ARG A 28 26.27 -12.11 3.38
C ARG A 28 26.25 -13.55 2.87
N HIS A 29 25.54 -14.42 3.58
CA HIS A 29 25.45 -15.82 3.18
C HIS A 29 24.76 -15.95 1.82
N LEU A 30 23.66 -15.23 1.68
CA LEU A 30 22.89 -15.24 0.43
C LEU A 30 23.73 -14.67 -0.71
N ALA A 31 24.48 -13.62 -0.41
CA ALA A 31 25.32 -12.98 -1.41
C ALA A 31 26.25 -14.00 -2.05
N GLN A 32 26.91 -14.81 -1.22
CA GLN A 32 27.82 -15.82 -1.74
C GLN A 32 27.06 -16.85 -2.57
N VAL A 33 26.00 -17.41 -1.98
CA VAL A 33 25.19 -18.41 -2.66
C VAL A 33 24.47 -17.80 -3.85
N GLY A 34 24.25 -16.50 -3.76
CA GLY A 34 23.58 -15.75 -4.83
C GLY A 34 24.57 -15.28 -5.89
N ASP A 35 25.80 -14.98 -5.47
CA ASP A 35 26.82 -14.52 -6.39
C ASP A 35 27.28 -15.65 -7.31
N SER A 36 27.56 -16.81 -6.73
CA SER A 36 28.02 -17.95 -7.51
C SER A 36 27.10 -18.22 -8.69
N MET A 37 26.29 -19.27 -8.59
CA MET A 37 25.37 -19.61 -9.67
C MET A 37 26.13 -19.79 -10.99
N ASP A 38 27.45 -19.69 -10.91
CA ASP A 38 28.28 -19.84 -12.09
C ASP A 38 28.39 -21.30 -12.48
N ARG A 39 29.05 -22.09 -11.64
CA ARG A 39 29.23 -23.52 -11.89
C ARG A 39 28.07 -24.32 -11.29
N SER A 40 27.52 -23.81 -10.20
CA SER A 40 26.41 -24.48 -9.53
C SER A 40 25.08 -24.04 -10.13
N ILE A 41 24.58 -24.81 -11.09
CA ILE A 41 23.31 -24.47 -11.73
C ILE A 41 22.63 -25.73 -12.29
N PRO A 42 21.32 -25.67 -12.46
CA PRO A 42 20.54 -26.81 -13.00
C PRO A 42 20.60 -26.90 -14.53
N PRO A 43 20.27 -28.05 -15.07
CA PRO A 43 20.26 -28.27 -16.54
C PRO A 43 19.70 -27.07 -17.31
N GLY A 44 20.44 -26.62 -18.32
CA GLY A 44 20.02 -25.48 -19.13
C GLY A 44 18.68 -25.74 -19.81
N LEU A 45 18.02 -26.82 -19.43
CA LEU A 45 16.73 -27.17 -20.01
C LEU A 45 15.67 -26.15 -19.60
N VAL A 46 15.74 -25.71 -18.35
CA VAL A 46 14.78 -24.74 -17.86
C VAL A 46 14.82 -23.47 -18.69
N ASN A 47 16.02 -22.95 -18.92
CA ASN A 47 16.18 -21.74 -19.71
C ASN A 47 15.56 -21.91 -21.09
N GLY A 48 15.65 -23.12 -21.63
CA GLY A 48 15.08 -23.42 -22.93
C GLY A 48 13.56 -23.29 -22.92
N LEU A 49 12.95 -23.77 -21.83
CA LEU A 49 11.51 -23.71 -21.70
C LEU A 49 11.00 -22.27 -21.77
N ALA A 50 11.71 -21.38 -21.10
CA ALA A 50 11.32 -19.98 -21.09
C ALA A 50 11.31 -19.43 -22.50
N LEU A 51 12.38 -19.68 -23.23
CA LEU A 51 12.48 -19.21 -24.61
C LEU A 51 11.50 -19.96 -25.50
N GLN A 52 11.42 -21.27 -25.28
CA GLN A 52 10.54 -22.11 -26.09
C GLN A 52 9.13 -21.53 -26.14
N LEU A 53 8.68 -20.97 -25.03
CA LEU A 53 7.35 -20.38 -24.99
C LEU A 53 7.25 -19.24 -25.98
N ARG A 54 8.28 -18.39 -26.01
CA ARG A 54 8.29 -17.26 -26.92
C ARG A 54 8.08 -17.74 -28.36
N ASN A 55 8.74 -18.83 -28.71
CA ASN A 55 8.62 -19.37 -30.05
C ASN A 55 7.18 -19.82 -30.32
N THR A 56 6.55 -20.41 -29.31
CA THR A 56 5.17 -20.88 -29.45
C THR A 56 4.18 -19.75 -29.16
N SER A 57 4.69 -18.64 -28.65
CA SER A 57 3.85 -17.49 -28.34
C SER A 57 3.44 -16.78 -29.63
N ARG A 58 3.55 -17.47 -30.75
CA ARG A 58 3.21 -16.89 -32.04
C ARG A 58 1.73 -16.50 -32.06
N SER A 59 0.91 -17.29 -31.39
CA SER A 59 -0.52 -17.00 -31.34
C SER A 59 -0.79 -15.70 -30.60
N GLU A 60 0.17 -15.29 -29.77
CA GLU A 60 0.03 -14.05 -29.00
C GLU A 60 -0.97 -14.25 -27.86
N GLU A 61 -2.17 -14.69 -28.21
CA GLU A 61 -3.22 -14.93 -27.21
C GLU A 61 -3.48 -13.66 -26.40
N ASP A 62 -3.19 -12.50 -26.99
CA ASP A 62 -3.42 -11.22 -26.32
C ASP A 62 -4.74 -10.61 -26.75
N ARG A 63 -5.47 -11.33 -27.60
CA ARG A 63 -6.76 -10.83 -28.08
C ARG A 63 -7.76 -10.72 -26.93
N ASN A 64 -7.87 -11.80 -26.16
CA ASN A 64 -8.79 -11.81 -25.02
C ASN A 64 -8.30 -10.88 -23.93
N ARG A 65 -6.98 -10.87 -23.71
CA ARG A 65 -6.39 -10.03 -22.68
C ARG A 65 -6.70 -8.54 -22.94
N ASP A 66 -6.84 -8.19 -24.22
CA ASP A 66 -7.10 -6.80 -24.60
C ASP A 66 -8.02 -6.11 -23.61
N LEU A 67 -9.32 -6.11 -23.90
CA LEU A 67 -10.29 -5.49 -23.05
C LEU A 67 -10.10 -5.93 -21.60
N ALA A 68 -9.57 -7.14 -21.39
CA ALA A 68 -9.39 -7.68 -20.05
C ALA A 68 -8.53 -6.74 -19.24
N THR A 69 -7.52 -6.17 -19.88
CA THR A 69 -6.63 -5.25 -19.22
C THR A 69 -7.41 -4.03 -18.75
N ALA A 70 -8.31 -3.55 -19.60
CA ALA A 70 -9.11 -2.39 -19.26
C ALA A 70 -9.88 -2.64 -17.97
N LEU A 71 -10.52 -3.80 -17.86
CA LEU A 71 -11.28 -4.11 -16.67
C LEU A 71 -10.38 -4.09 -15.43
N GLU A 72 -9.21 -4.68 -15.54
CA GLU A 72 -8.28 -4.70 -14.43
C GLU A 72 -7.79 -3.29 -14.14
N GLN A 73 -7.41 -2.58 -15.20
CA GLN A 73 -6.91 -1.21 -15.06
C GLN A 73 -8.01 -0.29 -14.54
N LEU A 74 -9.24 -0.53 -14.99
CA LEU A 74 -10.36 0.30 -14.57
C LEU A 74 -10.52 0.25 -13.04
N LEU A 75 -10.63 -0.96 -12.52
CA LEU A 75 -10.80 -1.15 -11.08
C LEU A 75 -9.58 -0.62 -10.33
N GLN A 76 -8.41 -0.85 -10.89
CA GLN A 76 -7.19 -0.41 -10.25
C GLN A 76 -7.23 1.09 -9.98
N ALA A 77 -7.92 1.83 -10.85
CA ALA A 77 -8.04 3.28 -10.69
C ALA A 77 -9.48 3.71 -10.93
N TYR A 78 -10.25 3.82 -9.84
CA TYR A 78 -11.64 4.24 -9.93
C TYR A 78 -12.11 4.87 -8.61
N PRO A 79 -11.30 5.71 -8.03
CA PRO A 79 -11.64 6.40 -6.74
C PRO A 79 -12.74 7.46 -6.92
N ARG A 80 -13.01 7.82 -8.17
CA ARG A 80 -14.03 8.82 -8.47
C ARG A 80 -15.41 8.17 -8.50
N ASP A 81 -16.42 8.97 -8.84
CA ASP A 81 -17.79 8.48 -8.93
C ASP A 81 -18.31 8.09 -7.55
N MET A 82 -18.24 9.03 -6.62
CA MET A 82 -18.71 8.79 -5.26
C MET A 82 -18.84 10.10 -4.50
N GLU A 83 -17.85 10.97 -4.66
CA GLU A 83 -17.87 12.26 -3.99
C GLU A 83 -18.98 13.12 -4.54
N LYS A 84 -19.13 13.11 -5.86
CA LYS A 84 -20.17 13.88 -6.51
C LYS A 84 -21.55 13.35 -6.15
N GLU A 85 -21.63 12.05 -5.88
CA GLU A 85 -22.89 11.42 -5.52
C GLU A 85 -23.40 11.93 -4.17
N LYS A 86 -22.55 11.91 -3.15
CA LYS A 86 -22.96 12.38 -1.83
C LYS A 86 -23.08 13.88 -1.82
N THR A 87 -22.28 14.55 -2.63
CA THR A 87 -22.31 16.01 -2.68
C THR A 87 -23.70 16.49 -3.09
N MET A 88 -24.27 15.88 -4.12
CA MET A 88 -25.59 16.27 -4.58
C MET A 88 -26.64 15.96 -3.52
N LEU A 89 -26.58 14.76 -2.95
CA LEU A 89 -27.54 14.38 -1.90
C LEU A 89 -27.35 15.23 -0.65
N VAL A 90 -26.10 15.36 -0.22
CA VAL A 90 -25.78 16.14 0.96
C VAL A 90 -26.17 17.59 0.75
N LEU A 91 -25.85 18.12 -0.42
CA LEU A 91 -26.17 19.50 -0.70
C LEU A 91 -27.65 19.76 -0.44
N ALA A 92 -28.50 18.87 -0.94
CA ALA A 92 -29.94 19.03 -0.74
C ALA A 92 -30.28 18.96 0.74
N LEU A 93 -29.56 18.11 1.47
CA LEU A 93 -29.83 17.96 2.90
C LEU A 93 -29.66 19.29 3.62
N LEU A 94 -28.59 20.01 3.31
CA LEU A 94 -28.35 21.29 3.96
C LEU A 94 -29.47 22.27 3.62
N LEU A 95 -29.84 22.29 2.36
CA LEU A 95 -30.91 23.19 1.93
C LEU A 95 -32.23 22.78 2.58
N ALA A 96 -32.49 21.47 2.59
CA ALA A 96 -33.72 20.97 3.19
C ALA A 96 -33.69 21.13 4.70
N LYS A 97 -32.56 20.78 5.31
CA LYS A 97 -32.43 20.88 6.74
C LYS A 97 -32.58 22.34 7.16
N LYS A 98 -31.99 23.24 6.38
CA LYS A 98 -32.07 24.65 6.68
C LYS A 98 -33.52 25.13 6.63
N VAL A 99 -34.23 24.71 5.61
CA VAL A 99 -35.62 25.08 5.44
C VAL A 99 -36.48 24.42 6.51
N ALA A 100 -36.23 23.14 6.75
CA ALA A 100 -37.00 22.39 7.74
C ALA A 100 -36.78 22.95 9.14
N SER A 101 -35.56 23.37 9.43
CA SER A 101 -35.24 23.92 10.73
C SER A 101 -33.83 24.50 10.73
N HIS A 102 -33.43 25.10 11.86
CA HIS A 102 -32.10 25.69 11.98
C HIS A 102 -31.41 25.16 13.23
N THR A 103 -30.10 24.95 13.13
CA THR A 103 -29.34 24.43 14.26
C THR A 103 -28.91 25.58 15.19
N PRO A 104 -28.69 25.30 16.45
CA PRO A 104 -28.26 26.33 17.44
C PRO A 104 -26.81 26.77 17.20
N SER A 105 -26.23 27.38 18.21
CA SER A 105 -24.84 27.86 18.12
C SER A 105 -24.15 27.75 19.47
N LEU A 106 -23.52 26.60 19.72
CA LEU A 106 -22.82 26.37 20.98
C LEU A 106 -22.07 25.04 20.93
N LEU A 107 -22.83 23.95 20.97
CA LEU A 107 -22.24 22.62 20.94
C LEU A 107 -21.52 22.38 19.62
N ARG A 108 -21.98 23.07 18.58
CA ARG A 108 -21.37 22.94 17.26
C ARG A 108 -19.90 23.32 17.31
N ASP A 109 -19.61 24.44 17.96
CA ASP A 109 -18.23 24.92 18.08
C ASP A 109 -17.40 23.95 18.91
N VAL A 110 -17.94 23.52 20.04
CA VAL A 110 -17.23 22.61 20.92
C VAL A 110 -16.99 21.28 20.22
N PHE A 111 -18.02 20.76 19.56
CA PHE A 111 -17.91 19.50 18.85
C PHE A 111 -16.86 19.60 17.76
N HIS A 112 -16.81 20.76 17.10
CA HIS A 112 -15.84 20.99 16.04
C HIS A 112 -14.41 20.84 16.56
N THR A 113 -14.13 21.46 17.70
CA THR A 113 -12.79 21.39 18.28
C THR A 113 -12.45 19.93 18.60
N THR A 114 -13.38 19.23 19.24
CA THR A 114 -13.15 17.84 19.62
C THR A 114 -12.70 17.02 18.41
N VAL A 115 -13.35 17.23 17.28
CA VAL A 115 -12.98 16.52 16.06
C VAL A 115 -11.57 16.88 15.63
N ASN A 116 -11.24 18.17 15.72
CA ASN A 116 -9.91 18.64 15.35
C ASN A 116 -8.87 18.21 16.40
N PHE A 117 -9.32 18.14 17.65
CA PHE A 117 -8.44 17.76 18.74
C PHE A 117 -7.84 16.38 18.50
N ILE A 118 -8.68 15.45 18.05
CA ILE A 118 -8.23 14.08 17.79
C ILE A 118 -7.17 14.07 16.68
N ASN A 119 -7.41 14.86 15.64
CA ASN A 119 -6.47 14.92 14.52
C ASN A 119 -5.05 15.20 15.03
N GLN A 120 -4.96 15.98 16.09
CA GLN A 120 -3.66 16.32 16.68
C GLN A 120 -2.69 15.13 16.58
N ASN A 121 -2.65 14.34 17.65
CA ASN A 121 -1.78 13.18 17.70
C ASN A 121 -2.35 12.10 18.60
N LEU A 122 -3.55 12.33 19.12
CA LEU A 122 -4.18 11.37 20.01
C LEU A 122 -4.12 9.97 19.42
N ARG A 123 -4.25 9.87 18.11
CA ARG A 123 -4.24 8.57 17.47
C ARG A 123 -3.00 7.78 17.92
N THR A 124 -1.83 8.40 17.83
CA THR A 124 -0.60 7.73 18.23
C THR A 124 -0.59 7.47 19.74
N TYR A 125 -0.88 8.51 20.52
CA TYR A 125 -0.88 8.38 21.97
C TYR A 125 -1.94 7.38 22.42
N VAL A 126 -3.12 7.47 21.82
CA VAL A 126 -4.21 6.56 22.15
C VAL A 126 -3.79 5.12 21.89
N ARG A 127 -3.13 4.89 20.76
CA ARG A 127 -2.72 3.54 20.42
C ARG A 127 -1.87 2.97 21.54
N SER A 128 -0.81 3.69 21.92
CA SER A 128 0.07 3.23 22.99
C SER A 128 -0.69 3.12 24.30
N LEU A 129 -1.54 4.11 24.56
CA LEU A 129 -2.33 4.13 25.80
C LEU A 129 -3.65 3.41 25.58
N ALA A 130 -4.54 3.50 26.58
CA ALA A 130 -5.83 2.84 26.50
C ALA A 130 -5.66 1.35 26.25
N ARG A 131 -4.91 0.69 27.13
CA ARG A 131 -4.67 -0.73 26.99
C ARG A 131 -5.98 -1.51 27.11
N ASN A 132 -6.80 -1.13 28.08
CA ASN A 132 -8.08 -1.79 28.30
C ASN A 132 -9.14 -1.23 27.36
N GLY A 133 -10.18 -2.01 27.12
CA GLY A 133 -11.26 -1.59 26.23
C GLY A 133 -12.43 -2.55 26.29
N MET A 134 -13.53 -2.18 25.65
CA MET A 134 -14.73 -3.03 25.64
C MET A 134 -15.31 -3.10 24.24
N ASP A 135 -15.89 -4.25 23.90
CA ASP A 135 -16.49 -4.44 22.58
C ASP A 135 -17.73 -3.58 22.43
N GLY A 1 20.45 11.86 -18.37
CA GLY A 1 21.06 12.56 -19.53
C GLY A 1 21.57 13.94 -19.10
N ASN A 2 22.12 14.68 -20.04
CA ASN A 2 22.64 16.02 -19.75
C ASN A 2 23.70 15.95 -18.66
N ARG A 3 24.47 14.86 -18.65
CA ARG A 3 25.51 14.69 -17.65
C ARG A 3 25.01 15.04 -16.26
N SER A 4 24.39 14.06 -15.60
CA SER A 4 23.86 14.28 -14.26
C SER A 4 23.74 12.95 -13.52
N SER A 5 23.62 13.04 -12.19
CA SER A 5 23.50 11.83 -11.37
C SER A 5 22.89 12.18 -10.01
N HIS A 6 22.44 11.16 -9.29
CA HIS A 6 21.83 11.36 -7.97
C HIS A 6 22.74 10.79 -6.88
N SER A 7 22.77 11.48 -5.74
CA SER A 7 23.59 11.03 -4.62
C SER A 7 22.97 9.83 -3.93
N ARG A 8 23.81 9.00 -3.32
CA ARG A 8 23.32 7.80 -2.63
C ARG A 8 22.82 8.16 -1.24
N LEU A 9 21.73 7.54 -0.82
CA LEU A 9 21.15 7.80 0.50
C LEU A 9 21.64 6.75 1.49
N GLY A 10 22.46 7.19 2.44
CA GLY A 10 23.01 6.30 3.45
C GLY A 10 22.12 6.29 4.70
N ARG A 11 22.53 7.03 5.72
CA ARG A 11 21.74 7.10 6.95
C ARG A 11 20.64 8.14 6.81
N ILE A 12 19.40 7.72 7.05
CA ILE A 12 18.27 8.63 6.94
C ILE A 12 17.94 9.21 8.30
N GLU A 13 18.44 10.42 8.56
CA GLU A 13 18.20 11.09 9.83
C GLU A 13 18.25 10.10 10.99
N ALA A 14 19.40 9.46 11.14
CA ALA A 14 19.57 8.48 12.21
C ALA A 14 18.43 7.48 12.20
N ASP A 15 17.94 7.13 13.38
CA ASP A 15 16.84 6.17 13.50
C ASP A 15 17.09 4.96 12.62
N SER A 16 18.34 4.80 12.18
CA SER A 16 18.73 3.67 11.33
C SER A 16 19.63 2.71 12.09
N GLU A 17 19.78 2.94 13.39
CA GLU A 17 20.62 2.09 14.23
C GLU A 17 19.77 1.07 14.98
N SER A 18 18.47 1.13 14.79
CA SER A 18 17.55 0.21 15.46
C SER A 18 16.25 0.08 14.67
N GLN A 19 16.36 -0.10 13.37
CA GLN A 19 15.17 -0.24 12.53
C GLN A 19 15.57 -0.61 11.10
N GLU A 20 16.10 0.36 10.36
CA GLU A 20 16.51 0.11 8.98
C GLU A 20 17.65 -0.89 8.94
N ASP A 21 18.52 -0.83 9.94
CA ASP A 21 19.66 -1.74 10.01
C ASP A 21 19.17 -3.18 10.12
N ILE A 22 18.14 -3.39 10.93
CA ILE A 22 17.60 -4.74 11.12
C ILE A 22 17.07 -5.28 9.79
N ILE A 23 16.27 -4.47 9.12
CA ILE A 23 15.70 -4.89 7.83
C ILE A 23 16.81 -5.15 6.82
N ARG A 24 17.81 -4.27 6.80
CA ARG A 24 18.91 -4.43 5.86
C ARG A 24 19.48 -5.84 5.96
N ASN A 25 19.86 -6.26 7.16
CA ASN A 25 20.43 -7.58 7.36
C ASN A 25 19.50 -8.66 6.80
N ILE A 26 18.23 -8.53 7.08
CA ILE A 26 17.26 -9.50 6.57
C ILE A 26 17.24 -9.47 5.05
N ALA A 27 17.12 -8.27 4.51
CA ALA A 27 17.07 -8.10 3.06
C ALA A 27 18.34 -8.62 2.41
N ARG A 28 19.47 -8.41 3.08
CA ARG A 28 20.75 -8.86 2.55
C ARG A 28 20.74 -10.37 2.35
N HIS A 29 20.27 -11.10 3.34
CA HIS A 29 20.21 -12.55 3.25
C HIS A 29 19.16 -12.99 2.23
N LEU A 30 17.99 -12.39 2.32
CA LEU A 30 16.89 -12.70 1.40
C LEU A 30 17.22 -12.24 -0.01
N ALA A 31 17.90 -11.11 -0.10
CA ALA A 31 18.26 -10.57 -1.40
C ALA A 31 19.20 -11.51 -2.14
N GLN A 32 20.18 -12.05 -1.42
CA GLN A 32 21.13 -12.96 -2.05
C GLN A 32 20.42 -14.22 -2.55
N VAL A 33 19.67 -14.86 -1.67
CA VAL A 33 18.95 -16.08 -2.04
C VAL A 33 17.76 -15.73 -2.93
N GLY A 34 17.24 -14.52 -2.74
CA GLY A 34 16.09 -14.07 -3.50
C GLY A 34 16.50 -13.64 -4.91
N ASP A 35 17.68 -13.05 -5.03
CA ASP A 35 18.17 -12.59 -6.32
C ASP A 35 18.38 -13.77 -7.26
N SER A 36 19.03 -14.82 -6.77
CA SER A 36 19.29 -16.00 -7.58
C SER A 36 19.67 -17.18 -6.69
N MET A 37 19.23 -18.38 -7.07
CA MET A 37 19.53 -19.57 -6.30
C MET A 37 21.00 -19.95 -6.47
N ASP A 38 21.83 -19.55 -5.51
CA ASP A 38 23.26 -19.86 -5.57
C ASP A 38 23.78 -19.66 -6.98
N ARG A 39 23.35 -18.57 -7.62
CA ARG A 39 23.77 -18.27 -8.98
C ARG A 39 22.96 -19.08 -9.98
N SER A 40 23.27 -20.37 -10.06
CA SER A 40 22.59 -21.27 -10.97
C SER A 40 23.20 -22.67 -10.92
N ILE A 41 22.74 -23.46 -9.96
CA ILE A 41 23.20 -24.84 -9.80
C ILE A 41 22.27 -25.81 -10.53
N PRO A 42 21.00 -25.50 -10.65
CA PRO A 42 20.02 -26.39 -11.33
C PRO A 42 20.44 -26.69 -12.77
N PRO A 43 19.82 -27.68 -13.39
CA PRO A 43 20.12 -28.04 -14.80
C PRO A 43 20.16 -26.82 -15.72
N GLY A 44 20.74 -27.01 -16.91
CA GLY A 44 20.83 -25.92 -17.88
C GLY A 44 19.45 -25.41 -18.27
N LEU A 45 18.42 -26.00 -17.68
CA LEU A 45 17.05 -25.61 -17.99
C LEU A 45 16.81 -24.16 -17.61
N VAL A 46 17.39 -23.74 -16.49
CA VAL A 46 17.22 -22.36 -16.02
C VAL A 46 17.78 -21.39 -17.05
N ASN A 47 18.97 -21.70 -17.57
CA ASN A 47 19.61 -20.84 -18.56
C ASN A 47 18.77 -20.77 -19.83
N GLY A 48 18.23 -21.91 -20.24
CA GLY A 48 17.40 -21.97 -21.44
C GLY A 48 16.28 -20.93 -21.40
N LEU A 49 15.93 -20.49 -20.21
CA LEU A 49 14.87 -19.51 -20.05
C LEU A 49 15.22 -18.21 -20.77
N ALA A 50 16.49 -17.81 -20.67
CA ALA A 50 16.94 -16.60 -21.33
C ALA A 50 17.08 -16.81 -22.83
N LEU A 51 17.68 -17.94 -23.21
CA LEU A 51 17.89 -18.26 -24.61
C LEU A 51 16.56 -18.49 -25.32
N GLN A 52 15.60 -19.05 -24.61
CA GLN A 52 14.30 -19.30 -25.18
C GLN A 52 13.57 -17.99 -25.44
N LEU A 53 13.56 -17.11 -24.45
CA LEU A 53 12.89 -15.83 -24.61
C LEU A 53 13.55 -15.01 -25.72
N ARG A 54 14.88 -15.02 -25.71
CA ARG A 54 15.63 -14.27 -26.71
C ARG A 54 15.36 -14.82 -28.11
N ASN A 55 15.39 -16.14 -28.22
CA ASN A 55 15.13 -16.80 -29.50
C ASN A 55 13.66 -16.69 -29.87
N THR A 56 12.79 -16.86 -28.87
CA THR A 56 11.35 -16.79 -29.09
C THR A 56 10.84 -15.37 -28.84
N SER A 57 11.76 -14.41 -28.84
CA SER A 57 11.38 -13.02 -28.62
C SER A 57 10.43 -12.53 -29.70
N ARG A 58 10.44 -13.23 -30.83
CA ARG A 58 9.56 -12.86 -31.94
C ARG A 58 8.10 -12.98 -31.54
N SER A 59 7.81 -13.92 -30.63
CA SER A 59 6.45 -14.12 -30.17
C SER A 59 5.93 -12.89 -29.45
N GLU A 60 5.86 -12.97 -28.12
CA GLU A 60 5.38 -11.86 -27.32
C GLU A 60 5.54 -12.16 -25.83
N GLU A 61 4.91 -13.26 -25.39
CA GLU A 61 4.99 -13.66 -23.98
C GLU A 61 4.33 -12.63 -23.07
N ASP A 62 3.20 -12.10 -23.51
CA ASP A 62 2.45 -11.11 -22.71
C ASP A 62 1.15 -11.72 -22.21
N ARG A 63 1.01 -13.03 -22.37
CA ARG A 63 -0.20 -13.71 -21.93
C ARG A 63 -0.40 -13.52 -20.43
N ASN A 64 0.69 -13.67 -19.66
CA ASN A 64 0.61 -13.49 -18.22
C ASN A 64 0.29 -12.05 -17.85
N ARG A 65 0.93 -11.11 -18.56
CA ARG A 65 0.70 -9.69 -18.30
C ARG A 65 -0.58 -9.22 -18.96
N ASP A 66 -1.20 -10.13 -19.72
CA ASP A 66 -2.43 -9.80 -20.41
C ASP A 66 -3.36 -9.00 -19.50
N LEU A 67 -3.88 -9.61 -18.44
CA LEU A 67 -4.77 -8.92 -17.53
C LEU A 67 -4.04 -7.81 -16.79
N ALA A 68 -2.80 -8.09 -16.38
CA ALA A 68 -2.01 -7.10 -15.65
C ALA A 68 -1.93 -5.79 -16.42
N THR A 69 -1.80 -5.91 -17.73
CA THR A 69 -1.73 -4.72 -18.59
C THR A 69 -3.09 -4.05 -18.70
N ALA A 70 -4.14 -4.86 -18.86
CA ALA A 70 -5.49 -4.32 -18.98
C ALA A 70 -5.90 -3.57 -17.71
N LEU A 71 -5.65 -4.18 -16.55
CA LEU A 71 -6.03 -3.56 -15.29
C LEU A 71 -5.28 -2.24 -15.09
N GLU A 72 -3.97 -2.26 -15.33
CA GLU A 72 -3.16 -1.05 -15.16
C GLU A 72 -3.72 0.11 -15.99
N GLN A 73 -4.16 -0.19 -17.22
CA GLN A 73 -4.71 0.84 -18.08
C GLN A 73 -6.05 1.35 -17.53
N LEU A 74 -6.83 0.43 -16.99
CA LEU A 74 -8.13 0.80 -16.44
C LEU A 74 -7.98 1.82 -15.32
N LEU A 75 -7.17 1.48 -14.34
CA LEU A 75 -6.94 2.38 -13.21
C LEU A 75 -6.23 3.65 -13.67
N GLN A 76 -5.27 3.49 -14.56
CA GLN A 76 -4.53 4.63 -15.09
C GLN A 76 -5.44 5.52 -15.92
N ALA A 77 -6.41 4.90 -16.59
CA ALA A 77 -7.33 5.64 -17.43
C ALA A 77 -8.11 6.65 -16.63
N TYR A 78 -8.72 6.21 -15.51
CA TYR A 78 -9.50 7.11 -14.66
C TYR A 78 -8.78 7.38 -13.33
N PRO A 79 -8.98 8.54 -12.76
CA PRO A 79 -8.37 8.89 -11.43
C PRO A 79 -9.02 8.11 -10.29
N ARG A 80 -8.27 7.97 -9.19
CA ARG A 80 -8.78 7.25 -8.02
C ARG A 80 -9.39 8.23 -7.04
N ASP A 81 -9.52 9.49 -7.45
CA ASP A 81 -10.10 10.51 -6.59
C ASP A 81 -11.55 10.17 -6.27
N MET A 82 -11.89 10.20 -4.99
CA MET A 82 -13.25 9.90 -4.53
C MET A 82 -13.88 11.12 -3.88
N GLU A 83 -13.14 12.23 -3.89
CA GLU A 83 -13.63 13.47 -3.29
C GLU A 83 -14.88 13.97 -4.01
N LYS A 84 -14.93 13.75 -5.33
CA LYS A 84 -16.07 14.19 -6.11
C LYS A 84 -17.34 13.50 -5.62
N GLU A 85 -17.20 12.22 -5.25
CA GLU A 85 -18.35 11.46 -4.76
C GLU A 85 -18.90 12.08 -3.48
N LYS A 86 -18.00 12.44 -2.56
CA LYS A 86 -18.40 13.05 -1.31
C LYS A 86 -19.00 14.42 -1.55
N THR A 87 -18.49 15.12 -2.56
CA THR A 87 -18.98 16.45 -2.87
C THR A 87 -20.47 16.41 -3.17
N MET A 88 -20.88 15.44 -3.98
CA MET A 88 -22.29 15.31 -4.33
C MET A 88 -23.10 15.01 -3.08
N LEU A 89 -22.62 14.08 -2.27
CA LEU A 89 -23.33 13.72 -1.03
C LEU A 89 -23.29 14.87 -0.03
N VAL A 90 -22.13 15.48 0.08
CA VAL A 90 -21.94 16.60 1.00
C VAL A 90 -22.85 17.75 0.62
N LEU A 91 -22.92 18.04 -0.67
CA LEU A 91 -23.75 19.14 -1.14
C LEU A 91 -25.20 18.91 -0.75
N ALA A 92 -25.70 17.71 -1.00
CA ALA A 92 -27.08 17.38 -0.65
C ALA A 92 -27.25 17.39 0.86
N LEU A 93 -26.26 16.82 1.55
CA LEU A 93 -26.30 16.76 2.99
C LEU A 93 -26.39 18.15 3.59
N LEU A 94 -25.64 19.09 3.01
CA LEU A 94 -25.64 20.46 3.50
C LEU A 94 -27.05 21.05 3.38
N LEU A 95 -27.68 20.82 2.24
CA LEU A 95 -29.03 21.33 2.04
C LEU A 95 -30.00 20.68 3.03
N ALA A 96 -29.91 19.35 3.14
CA ALA A 96 -30.78 18.62 4.03
C ALA A 96 -30.52 19.02 5.48
N LYS A 97 -29.24 19.18 5.82
CA LYS A 97 -28.87 19.58 7.16
C LYS A 97 -29.41 20.97 7.48
N LYS A 98 -29.36 21.84 6.48
CA LYS A 98 -29.87 23.20 6.65
C LYS A 98 -31.33 23.16 7.08
N VAL A 99 -32.08 22.28 6.43
CA VAL A 99 -33.50 22.13 6.75
C VAL A 99 -33.67 21.59 8.17
N ALA A 100 -32.89 20.56 8.49
CA ALA A 100 -32.95 19.95 9.81
C ALA A 100 -32.41 20.88 10.88
N SER A 101 -31.41 21.69 10.50
CA SER A 101 -30.79 22.64 11.42
C SER A 101 -31.80 23.13 12.47
N HIS A 102 -31.80 22.47 13.61
CA HIS A 102 -32.72 22.82 14.70
C HIS A 102 -32.22 22.28 16.03
N THR A 103 -30.91 22.40 16.27
CA THR A 103 -30.31 21.94 17.52
C THR A 103 -29.46 23.05 18.15
N PRO A 104 -30.01 24.24 18.25
CA PRO A 104 -29.30 25.40 18.85
C PRO A 104 -29.04 25.20 20.34
N SER A 105 -27.87 25.63 20.80
CA SER A 105 -27.51 25.50 22.21
C SER A 105 -26.00 25.63 22.39
N LEU A 106 -25.55 25.47 23.63
CA LEU A 106 -24.13 25.58 23.94
C LEU A 106 -23.39 24.31 23.52
N LEU A 107 -24.15 23.29 23.18
CA LEU A 107 -23.56 22.03 22.76
C LEU A 107 -22.71 22.24 21.49
N ARG A 108 -23.08 23.23 20.70
CA ARG A 108 -22.36 23.52 19.46
C ARG A 108 -20.91 23.88 19.75
N ASP A 109 -20.71 24.77 20.72
CA ASP A 109 -19.37 25.20 21.10
C ASP A 109 -18.60 24.04 21.73
N VAL A 110 -19.30 23.24 22.53
CA VAL A 110 -18.68 22.10 23.20
C VAL A 110 -18.14 21.10 22.17
N PHE A 111 -18.97 20.79 21.18
CA PHE A 111 -18.57 19.85 20.14
C PHE A 111 -17.36 20.37 19.37
N HIS A 112 -17.36 21.66 19.08
CA HIS A 112 -16.25 22.27 18.34
C HIS A 112 -14.94 22.08 19.10
N THR A 113 -14.94 22.43 20.40
CA THR A 113 -13.74 22.30 21.21
C THR A 113 -13.28 20.84 21.25
N THR A 114 -14.24 19.93 21.40
CA THR A 114 -13.91 18.51 21.46
C THR A 114 -13.14 18.08 20.21
N VAL A 115 -13.58 18.56 19.06
CA VAL A 115 -12.92 18.22 17.80
C VAL A 115 -11.47 18.72 17.81
N ASN A 116 -11.27 19.94 18.30
CA ASN A 116 -9.93 20.51 18.36
C ASN A 116 -9.06 19.75 19.36
N PHE A 117 -9.65 19.43 20.51
CA PHE A 117 -8.92 18.71 21.55
C PHE A 117 -8.52 17.32 21.07
N ILE A 118 -9.38 16.71 20.29
CA ILE A 118 -9.11 15.37 19.77
C ILE A 118 -7.77 15.34 19.06
N ASN A 119 -7.44 16.42 18.37
CA ASN A 119 -6.19 16.48 17.63
C ASN A 119 -5.01 16.16 18.54
N GLN A 120 -4.91 16.90 19.65
CA GLN A 120 -3.82 16.71 20.62
C GLN A 120 -4.31 15.90 21.81
N ASN A 121 -3.48 14.96 22.26
CA ASN A 121 -3.84 14.13 23.40
C ASN A 121 -4.93 13.14 23.01
N LEU A 122 -4.72 12.43 21.90
CA LEU A 122 -5.69 11.45 21.44
C LEU A 122 -5.79 10.28 22.41
N ARG A 123 -4.63 9.84 22.91
CA ARG A 123 -4.59 8.72 23.82
C ARG A 123 -5.46 8.99 25.04
N THR A 124 -5.55 10.25 25.44
CA THR A 124 -6.35 10.62 26.59
C THR A 124 -7.83 10.27 26.35
N TYR A 125 -8.35 10.66 25.21
CA TYR A 125 -9.75 10.37 24.88
C TYR A 125 -9.94 8.87 24.65
N VAL A 126 -8.99 8.28 23.94
CA VAL A 126 -9.04 6.85 23.67
C VAL A 126 -8.97 6.07 24.98
N ARG A 127 -8.08 6.51 25.86
CA ARG A 127 -7.91 5.86 27.16
C ARG A 127 -9.21 5.86 27.94
N SER A 128 -9.90 7.01 27.95
CA SER A 128 -11.16 7.12 28.65
C SER A 128 -12.19 6.16 28.08
N LEU A 129 -12.26 6.10 26.75
CA LEU A 129 -13.21 5.21 26.09
C LEU A 129 -12.90 3.76 26.43
N ALA A 130 -11.62 3.41 26.38
CA ALA A 130 -11.20 2.05 26.67
C ALA A 130 -11.31 1.76 28.16
N ARG A 131 -10.44 2.37 28.94
CA ARG A 131 -10.44 2.18 30.39
C ARG A 131 -10.69 0.71 30.75
N ASN A 132 -11.96 0.33 30.88
CA ASN A 132 -12.32 -1.03 31.21
C ASN A 132 -11.88 -1.98 30.10
N GLY A 133 -12.06 -1.55 28.86
CA GLY A 133 -11.67 -2.37 27.71
C GLY A 133 -12.35 -3.73 27.76
N MET A 134 -13.55 -3.77 28.33
CA MET A 134 -14.30 -5.02 28.43
C MET A 134 -13.47 -6.08 29.17
N ASP A 135 -12.53 -6.69 28.47
CA ASP A 135 -11.68 -7.71 29.06
C ASP A 135 -10.45 -7.95 28.20
N GLY A 1 -6.02 18.99 -0.09
CA GLY A 1 -6.24 17.53 -0.13
C GLY A 1 -5.20 16.83 0.74
N ASN A 2 -5.63 15.76 1.42
CA ASN A 2 -4.73 15.01 2.29
C ASN A 2 -3.96 13.97 1.48
N ARG A 3 -2.65 14.15 1.39
CA ARG A 3 -1.79 13.22 0.64
C ARG A 3 -0.66 12.74 1.52
N SER A 4 -0.50 11.42 1.60
CA SER A 4 0.56 10.83 2.42
C SER A 4 0.71 11.58 3.74
N SER A 5 -0.26 11.40 4.63
CA SER A 5 -0.21 12.07 5.93
C SER A 5 1.01 11.63 6.71
N HIS A 6 1.29 10.33 6.69
CA HIS A 6 2.44 9.77 7.41
C HIS A 6 2.93 8.49 6.73
N SER A 7 4.16 8.12 7.02
CA SER A 7 4.75 6.91 6.45
C SER A 7 5.89 6.38 7.31
N ARG A 8 6.29 5.15 7.06
CA ARG A 8 7.36 4.53 7.83
C ARG A 8 8.69 5.20 7.50
N LEU A 9 9.51 5.42 8.54
CA LEU A 9 10.80 6.06 8.36
C LEU A 9 11.82 5.49 9.33
N GLY A 10 12.60 4.51 8.87
CA GLY A 10 13.63 3.88 9.70
C GLY A 10 15.01 4.40 9.33
N ARG A 11 16.02 3.88 10.01
CA ARG A 11 17.39 4.29 9.76
C ARG A 11 17.49 5.82 9.75
N ILE A 12 17.60 6.40 10.94
CA ILE A 12 17.72 7.86 11.06
C ILE A 12 18.76 8.23 12.10
N GLU A 13 20.04 8.11 11.73
CA GLU A 13 21.13 8.44 12.64
C GLU A 13 20.83 7.95 14.05
N ALA A 14 19.93 6.97 14.14
CA ALA A 14 19.55 6.41 15.43
C ALA A 14 18.77 5.12 15.26
N ASP A 15 18.70 4.33 16.32
CA ASP A 15 17.98 3.06 16.27
C ASP A 15 18.50 2.19 15.14
N SER A 16 19.67 2.53 14.62
CA SER A 16 20.27 1.76 13.54
C SER A 16 21.18 0.67 14.11
N GLU A 17 21.34 0.67 15.42
CA GLU A 17 22.18 -0.31 16.09
C GLU A 17 21.76 -1.73 15.69
N SER A 18 20.45 -1.92 15.51
CA SER A 18 19.91 -3.23 15.13
C SER A 18 19.03 -3.08 13.90
N GLN A 19 18.18 -4.07 13.65
CA GLN A 19 17.29 -4.04 12.50
C GLN A 19 18.07 -4.24 11.20
N GLU A 20 19.06 -3.39 10.96
CA GLU A 20 19.87 -3.49 9.75
C GLU A 20 20.65 -4.79 9.76
N ASP A 21 21.07 -5.22 10.96
CA ASP A 21 21.83 -6.45 11.10
C ASP A 21 21.04 -7.63 10.55
N ILE A 22 19.76 -7.70 10.90
CA ILE A 22 18.91 -8.79 10.42
C ILE A 22 18.77 -8.74 8.90
N ILE A 23 18.57 -7.54 8.36
CA ILE A 23 18.44 -7.36 6.93
C ILE A 23 19.72 -7.79 6.23
N ARG A 24 20.86 -7.39 6.80
CA ARG A 24 22.14 -7.73 6.21
C ARG A 24 22.20 -9.24 6.03
N ASN A 25 21.95 -9.98 7.10
CA ASN A 25 22.00 -11.44 7.03
C ASN A 25 21.03 -11.96 5.98
N ILE A 26 19.84 -11.40 5.93
CA ILE A 26 18.85 -11.82 4.94
C ILE A 26 19.37 -11.53 3.54
N ALA A 27 19.78 -10.30 3.32
CA ALA A 27 20.29 -9.88 2.02
C ALA A 27 21.53 -10.69 1.65
N ARG A 28 22.37 -10.94 2.66
CA ARG A 28 23.59 -11.70 2.44
C ARG A 28 23.28 -13.05 1.80
N HIS A 29 22.30 -13.76 2.35
CA HIS A 29 21.92 -15.06 1.82
C HIS A 29 21.31 -14.93 0.43
N LEU A 30 20.42 -13.96 0.28
CA LEU A 30 19.79 -13.70 -1.01
C LEU A 30 20.80 -13.17 -2.01
N ALA A 31 21.75 -12.40 -1.51
CA ALA A 31 22.77 -11.81 -2.37
C ALA A 31 23.53 -12.91 -3.10
N GLN A 32 23.92 -13.94 -2.36
CA GLN A 32 24.66 -15.05 -2.95
C GLN A 32 23.77 -15.78 -3.96
N VAL A 33 22.57 -16.16 -3.51
CA VAL A 33 21.63 -16.86 -4.38
C VAL A 33 21.17 -15.96 -5.52
N GLY A 34 21.22 -14.66 -5.29
CA GLY A 34 20.82 -13.67 -6.30
C GLY A 34 21.99 -13.32 -7.22
N ASP A 35 23.21 -13.52 -6.74
CA ASP A 35 24.39 -13.21 -7.53
C ASP A 35 24.46 -14.07 -8.79
N SER A 36 24.18 -15.36 -8.64
CA SER A 36 24.21 -16.28 -9.77
C SER A 36 23.53 -17.59 -9.42
N MET A 37 24.22 -18.42 -8.64
CA MET A 37 23.67 -19.71 -8.24
C MET A 37 23.53 -20.63 -9.46
N ASP A 38 23.63 -20.05 -10.65
CA ASP A 38 23.52 -20.81 -11.88
C ASP A 38 24.77 -21.67 -12.08
N ARG A 39 25.85 -21.30 -11.40
CA ARG A 39 27.10 -22.04 -11.52
C ARG A 39 26.96 -23.41 -10.87
N SER A 40 26.30 -23.46 -9.72
CA SER A 40 26.10 -24.71 -9.01
C SER A 40 25.26 -25.67 -9.82
N ILE A 41 24.19 -25.15 -10.44
CA ILE A 41 23.31 -25.99 -11.25
C ILE A 41 23.44 -25.63 -12.74
N PRO A 42 23.64 -26.60 -13.60
CA PRO A 42 23.77 -26.37 -15.06
C PRO A 42 22.43 -26.04 -15.74
N PRO A 43 22.47 -25.45 -16.90
CA PRO A 43 21.24 -25.10 -17.67
C PRO A 43 20.18 -26.19 -17.56
N GLY A 44 20.61 -27.41 -17.24
CA GLY A 44 19.66 -28.53 -17.12
C GLY A 44 18.67 -28.53 -18.27
N LEU A 45 19.01 -27.81 -19.34
CA LEU A 45 18.14 -27.71 -20.51
C LEU A 45 16.78 -27.13 -20.10
N VAL A 46 16.58 -26.90 -18.81
CA VAL A 46 15.32 -26.35 -18.33
C VAL A 46 15.14 -24.93 -18.85
N ASN A 47 16.19 -24.14 -18.77
CA ASN A 47 16.14 -22.76 -19.25
C ASN A 47 15.91 -22.73 -20.76
N GLY A 48 16.44 -23.74 -21.44
CA GLY A 48 16.29 -23.84 -22.88
C GLY A 48 14.82 -23.95 -23.27
N LEU A 49 14.04 -24.64 -22.43
CA LEU A 49 12.62 -24.83 -22.70
C LEU A 49 11.90 -23.49 -22.73
N ALA A 50 12.31 -22.59 -21.85
CA ALA A 50 11.69 -21.27 -21.78
C ALA A 50 11.81 -20.57 -23.14
N LEU A 51 13.00 -20.59 -23.71
CA LEU A 51 13.22 -19.96 -25.00
C LEU A 51 12.42 -20.67 -26.09
N GLN A 52 12.48 -21.99 -26.10
CA GLN A 52 11.77 -22.76 -27.12
C GLN A 52 10.31 -22.32 -27.19
N LEU A 53 9.73 -22.00 -26.05
CA LEU A 53 8.34 -21.56 -26.03
C LEU A 53 8.19 -20.30 -26.86
N ARG A 54 9.12 -19.37 -26.71
CA ARG A 54 9.07 -18.12 -27.44
C ARG A 54 9.01 -18.40 -28.95
N ASN A 55 9.83 -19.35 -29.38
CA ASN A 55 9.87 -19.72 -30.80
C ASN A 55 8.51 -20.27 -31.24
N THR A 56 7.86 -21.03 -30.35
CA THR A 56 6.56 -21.62 -30.65
C THR A 56 5.43 -20.66 -30.27
N SER A 57 5.78 -19.62 -29.52
CA SER A 57 4.79 -18.64 -29.09
C SER A 57 4.32 -17.79 -30.27
N ARG A 58 4.26 -18.40 -31.44
CA ARG A 58 3.83 -17.70 -32.64
C ARG A 58 2.39 -17.25 -32.51
N SER A 59 1.59 -18.09 -31.86
CA SER A 59 0.19 -17.77 -31.67
C SER A 59 0.02 -16.57 -30.75
N GLU A 60 1.14 -15.92 -30.43
CA GLU A 60 1.12 -14.75 -29.54
C GLU A 60 0.74 -15.15 -28.13
N GLU A 61 -0.25 -16.03 -28.02
CA GLU A 61 -0.70 -16.51 -26.72
C GLU A 61 -1.13 -15.35 -25.85
N ASP A 62 -1.06 -14.13 -26.40
CA ASP A 62 -1.44 -12.93 -25.65
C ASP A 62 -2.44 -12.10 -26.44
N ARG A 63 -2.77 -12.57 -27.65
CA ARG A 63 -3.72 -11.87 -28.50
C ARG A 63 -5.10 -11.82 -27.84
N ASN A 64 -5.49 -12.94 -27.23
CA ASN A 64 -6.79 -13.00 -26.58
C ASN A 64 -6.85 -12.07 -25.37
N ARG A 65 -6.06 -12.38 -24.35
CA ARG A 65 -6.01 -11.56 -23.14
C ARG A 65 -5.51 -10.16 -23.46
N ASP A 66 -5.35 -9.87 -24.74
CA ASP A 66 -4.88 -8.56 -25.16
C ASP A 66 -5.85 -7.48 -24.73
N LEU A 67 -7.15 -7.74 -24.82
CA LEU A 67 -8.15 -6.77 -24.42
C LEU A 67 -8.19 -6.59 -22.91
N ALA A 68 -8.12 -7.72 -22.21
CA ALA A 68 -8.15 -7.69 -20.75
C ALA A 68 -6.97 -6.93 -20.20
N THR A 69 -5.88 -6.93 -20.96
CA THR A 69 -4.66 -6.24 -20.52
C THR A 69 -4.94 -4.76 -20.35
N ALA A 70 -5.55 -4.14 -21.36
CA ALA A 70 -5.86 -2.72 -21.30
C ALA A 70 -6.85 -2.44 -20.16
N LEU A 71 -7.89 -3.27 -20.07
CA LEU A 71 -8.89 -3.10 -19.03
C LEU A 71 -8.28 -3.31 -17.65
N GLU A 72 -7.44 -4.32 -17.54
CA GLU A 72 -6.80 -4.63 -16.27
C GLU A 72 -6.06 -3.40 -15.74
N GLN A 73 -5.33 -2.72 -16.62
CA GLN A 73 -4.59 -1.54 -16.22
C GLN A 73 -5.54 -0.45 -15.73
N LEU A 74 -6.61 -0.20 -16.49
CA LEU A 74 -7.57 0.82 -16.10
C LEU A 74 -8.25 0.44 -14.79
N LEU A 75 -8.74 -0.79 -14.73
CA LEU A 75 -9.45 -1.26 -13.55
C LEU A 75 -8.56 -1.15 -12.32
N GLN A 76 -7.27 -1.31 -12.51
CA GLN A 76 -6.32 -1.24 -11.41
C GLN A 76 -6.46 0.09 -10.68
N ALA A 77 -6.93 1.12 -11.38
CA ALA A 77 -7.12 2.44 -10.78
C ALA A 77 -8.61 2.72 -10.61
N TYR A 78 -9.10 3.71 -11.34
CA TYR A 78 -10.51 4.07 -11.29
C TYR A 78 -10.91 4.59 -9.91
N PRO A 79 -10.30 5.65 -9.45
CA PRO A 79 -10.62 6.25 -8.14
C PRO A 79 -11.92 7.04 -8.21
N ARG A 80 -12.42 7.22 -9.43
CA ARG A 80 -13.66 7.97 -9.65
C ARG A 80 -14.77 7.42 -8.76
N ASP A 81 -15.98 7.90 -8.98
CA ASP A 81 -17.13 7.45 -8.18
C ASP A 81 -16.87 7.68 -6.71
N MET A 82 -16.43 8.90 -6.36
CA MET A 82 -16.16 9.24 -4.97
C MET A 82 -16.52 10.69 -4.69
N GLU A 83 -15.83 11.60 -5.36
CA GLU A 83 -16.10 13.03 -5.17
C GLU A 83 -17.50 13.39 -5.65
N LYS A 84 -17.87 12.89 -6.81
CA LYS A 84 -19.19 13.19 -7.36
C LYS A 84 -20.29 12.62 -6.49
N GLU A 85 -20.03 11.48 -5.88
CA GLU A 85 -21.02 10.84 -5.02
C GLU A 85 -21.30 11.70 -3.79
N LYS A 86 -20.24 12.23 -3.20
CA LYS A 86 -20.39 13.07 -2.03
C LYS A 86 -21.11 14.37 -2.39
N THR A 87 -20.83 14.87 -3.59
CA THR A 87 -21.46 16.11 -4.04
C THR A 87 -22.97 15.96 -4.04
N MET A 88 -23.45 14.83 -4.54
CA MET A 88 -24.89 14.59 -4.58
C MET A 88 -25.47 14.59 -3.17
N LEU A 89 -24.81 13.89 -2.25
CA LEU A 89 -25.27 13.85 -0.86
C LEU A 89 -25.13 15.22 -0.20
N VAL A 90 -23.99 15.85 -0.45
CA VAL A 90 -23.72 17.15 0.14
C VAL A 90 -24.76 18.17 -0.33
N LEU A 91 -25.05 18.17 -1.61
CA LEU A 91 -26.02 19.11 -2.15
C LEU A 91 -27.37 18.95 -1.45
N ALA A 92 -27.80 17.71 -1.30
CA ALA A 92 -29.07 17.46 -0.64
C ALA A 92 -28.99 17.87 0.83
N LEU A 93 -27.85 17.57 1.45
CA LEU A 93 -27.68 17.90 2.87
C LEU A 93 -27.88 19.39 3.10
N LEU A 94 -27.29 20.21 2.24
CA LEU A 94 -27.43 21.65 2.37
C LEU A 94 -28.88 22.07 2.23
N LEU A 95 -29.56 21.50 1.27
CA LEU A 95 -30.96 21.84 1.07
C LEU A 95 -31.78 21.39 2.28
N ALA A 96 -31.64 20.11 2.65
CA ALA A 96 -32.37 19.56 3.78
C ALA A 96 -31.97 20.26 5.07
N LYS A 97 -30.67 20.50 5.22
CA LYS A 97 -30.16 21.16 6.41
C LYS A 97 -30.70 22.59 6.50
N LYS A 98 -30.83 23.23 5.34
CA LYS A 98 -31.34 24.59 5.29
C LYS A 98 -32.77 24.66 5.83
N VAL A 99 -33.56 23.64 5.49
CA VAL A 99 -34.94 23.59 5.96
C VAL A 99 -34.99 23.36 7.47
N ALA A 100 -34.24 22.36 7.94
CA ALA A 100 -34.20 22.04 9.35
C ALA A 100 -33.47 23.11 10.14
N SER A 101 -32.41 23.67 9.54
CA SER A 101 -31.59 24.71 10.19
C SER A 101 -32.39 25.45 11.25
N HIS A 102 -32.33 24.94 12.48
CA HIS A 102 -33.07 25.54 13.57
C HIS A 102 -32.48 25.11 14.90
N THR A 103 -31.16 25.01 14.96
CA THR A 103 -30.48 24.58 16.19
C THR A 103 -29.90 25.80 16.93
N PRO A 104 -29.80 25.72 18.23
CA PRO A 104 -29.24 26.83 19.06
C PRO A 104 -27.72 26.94 18.90
N SER A 105 -27.16 28.05 19.37
CA SER A 105 -25.71 28.28 19.26
C SER A 105 -25.06 28.18 20.64
N LEU A 106 -24.44 27.03 20.91
CA LEU A 106 -23.77 26.83 22.18
C LEU A 106 -22.99 25.51 22.17
N LEU A 107 -23.70 24.41 22.38
CA LEU A 107 -23.09 23.09 22.40
C LEU A 107 -22.47 22.78 21.04
N ARG A 108 -23.02 23.39 20.01
CA ARG A 108 -22.53 23.16 18.66
C ARG A 108 -21.06 23.57 18.55
N ASP A 109 -20.73 24.74 19.10
CA ASP A 109 -19.35 25.23 19.08
C ASP A 109 -18.45 24.33 19.90
N VAL A 110 -18.93 23.91 21.06
CA VAL A 110 -18.16 23.05 21.94
C VAL A 110 -17.86 21.71 21.25
N PHE A 111 -18.88 21.15 20.61
CA PHE A 111 -18.73 19.88 19.92
C PHE A 111 -17.64 19.99 18.85
N HIS A 112 -17.61 21.11 18.15
CA HIS A 112 -16.61 21.33 17.10
C HIS A 112 -15.20 21.28 17.69
N THR A 113 -15.02 21.93 18.83
CA THR A 113 -13.70 21.95 19.47
C THR A 113 -13.31 20.55 19.93
N THR A 114 -14.27 19.81 20.46
CA THR A 114 -14.01 18.46 20.96
C THR A 114 -13.44 17.57 19.86
N VAL A 115 -14.12 17.55 18.71
CA VAL A 115 -13.66 16.74 17.59
C VAL A 115 -12.30 17.24 17.09
N ASN A 116 -12.09 18.55 17.18
CA ASN A 116 -10.83 19.15 16.74
C ASN A 116 -9.70 18.80 17.69
N PHE A 117 -9.99 18.79 18.99
CA PHE A 117 -8.99 18.48 20.00
C PHE A 117 -8.46 17.06 19.82
N ILE A 118 -9.37 16.15 19.49
CA ILE A 118 -9.00 14.75 19.31
C ILE A 118 -7.96 14.61 18.19
N ASN A 119 -8.17 15.35 17.11
CA ASN A 119 -7.26 15.31 15.96
C ASN A 119 -5.81 15.46 16.41
N GLN A 120 -5.60 16.25 17.46
CA GLN A 120 -4.25 16.49 17.98
C GLN A 120 -3.41 15.21 17.93
N ASN A 121 -3.37 14.49 19.05
CA ASN A 121 -2.61 13.24 19.13
C ASN A 121 -3.47 12.10 19.67
N LEU A 122 -4.59 12.46 20.29
CA LEU A 122 -5.50 11.46 20.86
C LEU A 122 -6.05 10.58 19.75
N ARG A 123 -6.30 11.17 18.59
CA ARG A 123 -6.89 10.42 17.48
C ARG A 123 -6.09 9.15 17.22
N THR A 124 -4.76 9.25 17.23
CA THR A 124 -3.92 8.09 16.99
C THR A 124 -4.14 7.02 18.07
N TYR A 125 -4.05 7.43 19.33
CA TYR A 125 -4.24 6.50 20.44
C TYR A 125 -5.68 6.02 20.50
N VAL A 126 -6.62 6.94 20.29
CA VAL A 126 -8.03 6.61 20.33
C VAL A 126 -8.39 5.64 19.21
N ARG A 127 -7.85 5.90 18.01
CA ARG A 127 -8.15 5.04 16.87
C ARG A 127 -7.74 3.61 17.18
N SER A 128 -6.49 3.41 17.61
CA SER A 128 -6.00 2.08 17.90
C SER A 128 -6.86 1.42 18.97
N LEU A 129 -7.10 2.14 20.05
CA LEU A 129 -7.93 1.63 21.14
C LEU A 129 -8.11 2.70 22.22
N ALA A 130 -9.25 2.65 22.91
CA ALA A 130 -9.54 3.61 23.96
C ALA A 130 -8.64 3.34 25.17
N ARG A 131 -7.64 2.48 24.99
CA ARG A 131 -6.72 2.17 26.06
C ARG A 131 -5.88 3.38 26.43
N ASN A 132 -5.72 3.62 27.73
CA ASN A 132 -4.93 4.75 28.20
C ASN A 132 -3.47 4.35 28.34
N GLY A 133 -2.59 5.34 28.36
CA GLY A 133 -1.15 5.08 28.48
C GLY A 133 -0.83 4.48 29.84
N MET A 134 -0.07 3.38 29.82
CA MET A 134 0.33 2.71 31.06
C MET A 134 1.69 2.05 30.90
N ASP A 135 2.64 2.46 31.74
CA ASP A 135 3.98 1.90 31.69
C ASP A 135 4.82 2.41 32.86
N GLY A 1 33.21 -19.53 -12.58
CA GLY A 1 33.07 -18.37 -11.65
C GLY A 1 34.35 -18.23 -10.81
N ASN A 2 34.90 -17.03 -10.80
CA ASN A 2 36.13 -16.76 -10.03
C ASN A 2 36.21 -15.30 -9.65
N ARG A 3 37.18 -14.97 -8.79
CA ARG A 3 37.36 -13.59 -8.35
C ARG A 3 36.03 -13.00 -7.89
N SER A 4 35.59 -13.40 -6.70
CA SER A 4 34.34 -12.90 -6.16
C SER A 4 34.47 -11.44 -5.76
N SER A 5 33.39 -10.68 -5.94
CA SER A 5 33.39 -9.26 -5.61
C SER A 5 31.98 -8.76 -5.39
N HIS A 6 31.85 -7.61 -4.72
CA HIS A 6 30.55 -7.02 -4.46
C HIS A 6 29.56 -8.09 -3.98
N SER A 7 29.53 -8.31 -2.68
CA SER A 7 28.63 -9.31 -2.10
C SER A 7 27.19 -8.81 -2.11
N ARG A 8 26.24 -9.72 -1.96
CA ARG A 8 24.83 -9.36 -1.94
C ARG A 8 24.46 -8.68 -0.63
N LEU A 9 23.56 -7.70 -0.69
CA LEU A 9 23.12 -7.00 0.51
C LEU A 9 21.73 -6.42 0.30
N GLY A 10 20.72 -7.30 0.31
CA GLY A 10 19.35 -6.86 0.14
C GLY A 10 18.87 -6.01 1.32
N ARG A 11 19.25 -6.43 2.53
CA ARG A 11 18.86 -5.71 3.74
C ARG A 11 19.86 -4.59 4.04
N ILE A 12 19.34 -3.40 4.34
CA ILE A 12 20.21 -2.26 4.65
C ILE A 12 19.58 -1.40 5.74
N GLU A 13 18.43 -0.82 5.44
CA GLU A 13 17.74 0.02 6.40
C GLU A 13 17.22 -0.81 7.57
N ALA A 14 16.78 -2.03 7.28
CA ALA A 14 16.26 -2.91 8.32
C ALA A 14 17.30 -3.14 9.40
N ASP A 15 18.52 -3.47 8.99
CA ASP A 15 19.61 -3.72 9.94
C ASP A 15 20.38 -2.43 10.19
N SER A 16 21.64 -2.40 9.75
CA SER A 16 22.48 -1.23 9.94
C SER A 16 22.53 -0.82 11.39
N GLU A 17 22.25 -1.78 12.28
CA GLU A 17 22.27 -1.51 13.71
C GLU A 17 22.40 -2.81 14.49
N SER A 18 23.65 -3.22 14.74
CA SER A 18 23.90 -4.45 15.49
C SER A 18 23.53 -5.68 14.66
N GLN A 19 22.39 -5.61 13.98
CA GLN A 19 21.92 -6.72 13.17
C GLN A 19 22.89 -6.97 12.02
N GLU A 20 23.45 -5.90 11.47
CA GLU A 20 24.38 -6.01 10.36
C GLU A 20 25.61 -6.82 10.77
N ASP A 21 26.03 -6.65 12.02
CA ASP A 21 27.20 -7.38 12.51
C ASP A 21 26.95 -8.89 12.47
N ILE A 22 25.81 -9.30 13.02
CA ILE A 22 25.46 -10.72 13.03
C ILE A 22 25.28 -11.24 11.61
N ILE A 23 24.59 -10.44 10.79
CA ILE A 23 24.35 -10.83 9.41
C ILE A 23 25.67 -10.97 8.66
N ARG A 24 26.57 -10.03 8.89
CA ARG A 24 27.86 -10.07 8.23
C ARG A 24 28.52 -11.43 8.47
N ASN A 25 28.64 -11.81 9.74
CA ASN A 25 29.25 -13.09 10.08
C ASN A 25 28.52 -14.24 9.39
N ILE A 26 27.19 -14.19 9.44
CA ILE A 26 26.38 -15.23 8.81
C ILE A 26 26.64 -15.29 7.31
N ALA A 27 26.56 -14.14 6.66
CA ALA A 27 26.78 -14.06 5.22
C ALA A 27 28.18 -14.57 4.87
N ARG A 28 29.14 -14.20 5.70
CA ARG A 28 30.52 -14.61 5.47
C ARG A 28 30.60 -16.13 5.32
N HIS A 29 29.93 -16.85 6.21
CA HIS A 29 29.93 -18.30 6.16
C HIS A 29 29.27 -18.79 4.87
N LEU A 30 28.14 -18.18 4.53
CA LEU A 30 27.42 -18.54 3.31
C LEU A 30 28.25 -18.21 2.07
N ALA A 31 28.94 -17.07 2.12
CA ALA A 31 29.76 -16.65 1.00
C ALA A 31 30.76 -17.76 0.63
N GLN A 32 31.38 -18.33 1.65
CA GLN A 32 32.33 -19.42 1.41
C GLN A 32 31.62 -20.63 0.81
N VAL A 33 30.55 -21.06 1.46
CA VAL A 33 29.78 -22.21 0.99
C VAL A 33 29.15 -21.92 -0.36
N GLY A 34 28.90 -20.64 -0.63
CA GLY A 34 28.29 -20.23 -1.89
C GLY A 34 29.35 -20.04 -2.97
N ASP A 35 30.60 -19.87 -2.55
CA ASP A 35 31.69 -19.68 -3.51
C ASP A 35 31.84 -20.92 -4.39
N SER A 36 31.85 -22.09 -3.76
CA SER A 36 31.99 -23.33 -4.50
C SER A 36 30.69 -23.73 -5.19
N MET A 37 29.70 -24.11 -4.39
CA MET A 37 28.41 -24.51 -4.93
C MET A 37 27.60 -23.28 -5.33
N ASP A 38 26.38 -23.50 -5.80
CA ASP A 38 25.52 -22.41 -6.21
C ASP A 38 26.19 -21.55 -7.27
N ARG A 39 26.96 -22.19 -8.15
CA ARG A 39 27.67 -21.48 -9.22
C ARG A 39 27.00 -21.72 -10.57
N SER A 40 25.89 -22.47 -10.56
CA SER A 40 25.16 -22.75 -11.80
C SER A 40 23.70 -23.05 -11.51
N ILE A 41 23.33 -23.03 -10.24
CA ILE A 41 21.96 -23.26 -9.81
C ILE A 41 21.24 -21.91 -9.62
N PRO A 42 21.94 -20.83 -9.26
CA PRO A 42 21.30 -19.51 -9.04
C PRO A 42 20.29 -19.16 -10.14
N PRO A 43 19.00 -19.25 -9.87
CA PRO A 43 17.94 -18.93 -10.89
C PRO A 43 18.14 -17.53 -11.51
N GLY A 44 17.05 -16.79 -11.61
CA GLY A 44 17.10 -15.44 -12.18
C GLY A 44 17.17 -15.49 -13.70
N LEU A 45 16.82 -16.64 -14.27
CA LEU A 45 16.83 -16.82 -15.72
C LEU A 45 15.75 -17.80 -16.16
N VAL A 46 15.55 -18.85 -15.38
CA VAL A 46 14.54 -19.86 -15.68
C VAL A 46 13.15 -19.23 -15.60
N ASN A 47 12.91 -18.42 -14.57
CA ASN A 47 11.62 -17.78 -14.41
C ASN A 47 11.38 -16.81 -15.57
N GLY A 48 12.35 -15.95 -15.81
CA GLY A 48 12.24 -14.97 -16.88
C GLY A 48 12.15 -15.66 -18.23
N LEU A 49 12.79 -16.83 -18.35
CA LEU A 49 12.76 -17.56 -19.60
C LEU A 49 11.34 -17.93 -19.96
N ALA A 50 10.62 -18.47 -18.99
CA ALA A 50 9.23 -18.87 -19.22
C ALA A 50 8.40 -17.67 -19.62
N LEU A 51 8.53 -16.59 -18.87
CA LEU A 51 7.76 -15.37 -19.15
C LEU A 51 8.16 -14.81 -20.51
N GLN A 52 9.46 -14.74 -20.75
CA GLN A 52 9.95 -14.21 -22.02
C GLN A 52 9.47 -15.08 -23.17
N LEU A 53 9.38 -16.38 -22.93
CA LEU A 53 8.92 -17.29 -23.96
C LEU A 53 7.46 -16.99 -24.32
N ARG A 54 6.69 -16.55 -23.34
CA ARG A 54 5.28 -16.25 -23.56
C ARG A 54 5.12 -15.15 -24.62
N ASN A 55 5.99 -14.14 -24.56
CA ASN A 55 5.94 -13.04 -25.51
C ASN A 55 5.83 -13.56 -26.93
N THR A 56 6.11 -14.85 -27.10
CA THR A 56 6.05 -15.47 -28.43
C THR A 56 4.66 -15.37 -29.01
N SER A 57 3.65 -15.71 -28.20
CA SER A 57 2.27 -15.65 -28.65
C SER A 57 1.75 -14.22 -28.63
N ARG A 58 1.89 -13.57 -27.47
CA ARG A 58 1.43 -12.18 -27.30
C ARG A 58 0.18 -11.91 -28.12
N SER A 59 -0.64 -12.94 -28.30
CA SER A 59 -1.88 -12.83 -29.08
C SER A 59 -3.09 -13.21 -28.23
N GLU A 60 -2.83 -13.80 -27.07
CA GLU A 60 -3.90 -14.21 -26.18
C GLU A 60 -4.28 -13.09 -25.22
N GLU A 61 -3.45 -12.04 -25.21
CA GLU A 61 -3.70 -10.89 -24.34
C GLU A 61 -4.93 -10.10 -24.79
N ASP A 62 -5.08 -9.98 -26.11
CA ASP A 62 -6.22 -9.25 -26.66
C ASP A 62 -7.43 -10.16 -26.83
N ARG A 63 -7.26 -11.42 -26.46
CA ARG A 63 -8.34 -12.39 -26.56
C ARG A 63 -9.47 -12.06 -25.59
N ASN A 64 -9.10 -11.71 -24.35
CA ASN A 64 -10.08 -11.39 -23.33
C ASN A 64 -9.66 -10.13 -22.55
N ARG A 65 -8.35 -9.96 -22.39
CA ARG A 65 -7.84 -8.80 -21.67
C ARG A 65 -8.08 -7.52 -22.48
N ASP A 66 -8.95 -7.61 -23.48
CA ASP A 66 -9.25 -6.46 -24.32
C ASP A 66 -10.24 -5.53 -23.64
N LEU A 67 -11.52 -5.92 -23.64
CA LEU A 67 -12.55 -5.11 -23.01
C LEU A 67 -12.27 -4.91 -21.53
N ALA A 68 -11.64 -5.90 -20.91
CA ALA A 68 -11.32 -5.81 -19.49
C ALA A 68 -10.52 -4.55 -19.21
N THR A 69 -9.59 -4.22 -20.11
CA THR A 69 -8.78 -3.03 -19.92
C THR A 69 -9.66 -1.78 -19.89
N ALA A 70 -10.53 -1.67 -20.90
CA ALA A 70 -11.44 -0.52 -20.98
C ALA A 70 -12.42 -0.57 -19.82
N LEU A 71 -13.03 -1.73 -19.60
CA LEU A 71 -14.00 -1.88 -18.52
C LEU A 71 -13.36 -1.58 -17.19
N GLU A 72 -12.17 -2.13 -16.97
CA GLU A 72 -11.46 -1.88 -15.72
C GLU A 72 -10.97 -0.44 -15.67
N GLN A 73 -10.34 0.00 -16.76
CA GLN A 73 -9.82 1.36 -16.83
C GLN A 73 -10.95 2.38 -16.65
N LEU A 74 -12.07 2.13 -17.31
CA LEU A 74 -13.20 3.04 -17.22
C LEU A 74 -13.75 3.08 -15.79
N LEU A 75 -13.81 1.91 -15.17
CA LEU A 75 -14.33 1.80 -13.81
C LEU A 75 -13.59 2.74 -12.87
N GLN A 76 -12.34 3.03 -13.21
CA GLN A 76 -11.53 3.91 -12.38
C GLN A 76 -12.25 5.24 -12.18
N ALA A 77 -13.12 5.60 -13.12
CA ALA A 77 -13.89 6.84 -13.04
C ALA A 77 -15.38 6.51 -12.92
N TYR A 78 -16.14 6.74 -13.99
CA TYR A 78 -17.57 6.47 -13.99
C TYR A 78 -18.26 7.23 -12.87
N PRO A 79 -18.26 8.53 -12.94
CA PRO A 79 -18.90 9.39 -11.91
C PRO A 79 -20.42 9.43 -12.08
N ARG A 80 -20.87 9.71 -13.30
CA ARG A 80 -22.30 9.77 -13.59
C ARG A 80 -22.99 10.77 -12.67
N ASP A 81 -24.20 11.20 -13.04
CA ASP A 81 -24.94 12.14 -12.24
C ASP A 81 -24.94 11.70 -10.79
N MET A 82 -25.18 10.40 -10.56
CA MET A 82 -25.21 9.84 -9.20
C MET A 82 -24.30 10.62 -8.26
N GLU A 83 -23.07 10.87 -8.70
CA GLU A 83 -22.13 11.63 -7.90
C GLU A 83 -22.60 13.08 -7.72
N LYS A 84 -22.99 13.69 -8.84
CA LYS A 84 -23.48 15.07 -8.80
C LYS A 84 -24.76 15.16 -7.98
N GLU A 85 -25.59 14.12 -8.09
CA GLU A 85 -26.84 14.08 -7.34
C GLU A 85 -26.56 13.87 -5.86
N LYS A 86 -25.67 12.91 -5.57
CA LYS A 86 -25.33 12.60 -4.19
C LYS A 86 -24.79 13.85 -3.48
N THR A 87 -23.84 14.53 -4.11
CA THR A 87 -23.26 15.74 -3.54
C THR A 87 -24.33 16.84 -3.42
N MET A 88 -25.03 17.08 -4.53
CA MET A 88 -26.07 18.10 -4.55
C MET A 88 -27.17 17.77 -3.57
N LEU A 89 -27.45 16.48 -3.42
CA LEU A 89 -28.51 16.05 -2.52
C LEU A 89 -28.19 16.52 -1.10
N VAL A 90 -26.97 16.27 -0.65
CA VAL A 90 -26.58 16.67 0.69
C VAL A 90 -26.70 18.17 0.86
N LEU A 91 -26.24 18.93 -0.13
CA LEU A 91 -26.31 20.38 -0.06
C LEU A 91 -27.77 20.83 0.04
N ALA A 92 -28.62 20.25 -0.81
CA ALA A 92 -30.03 20.60 -0.81
C ALA A 92 -30.66 20.28 0.54
N LEU A 93 -30.17 19.22 1.18
CA LEU A 93 -30.69 18.83 2.48
C LEU A 93 -30.37 19.89 3.52
N LEU A 94 -29.16 20.45 3.45
CA LEU A 94 -28.74 21.45 4.42
C LEU A 94 -29.66 22.68 4.35
N LEU A 95 -29.94 23.13 3.14
CA LEU A 95 -30.82 24.28 2.96
C LEU A 95 -32.25 23.95 3.41
N ALA A 96 -32.68 22.73 3.10
CA ALA A 96 -34.01 22.30 3.49
C ALA A 96 -34.07 22.04 4.99
N LYS A 97 -33.02 21.41 5.51
CA LYS A 97 -32.95 21.09 6.93
C LYS A 97 -32.84 22.37 7.77
N LYS A 98 -32.03 23.31 7.29
CA LYS A 98 -31.84 24.56 8.00
C LYS A 98 -33.15 25.32 8.12
N VAL A 99 -33.89 25.39 7.01
CA VAL A 99 -35.17 26.09 7.02
C VAL A 99 -36.15 25.41 7.97
N ALA A 100 -36.20 24.09 7.89
CA ALA A 100 -37.11 23.33 8.75
C ALA A 100 -36.76 23.52 10.22
N SER A 101 -35.46 23.56 10.50
CA SER A 101 -35.00 23.74 11.88
C SER A 101 -33.53 24.12 11.90
N HIS A 102 -33.06 24.63 13.03
CA HIS A 102 -31.66 25.03 13.17
C HIS A 102 -31.01 24.27 14.32
N THR A 103 -29.81 23.75 14.10
CA THR A 103 -29.12 23.00 15.12
C THR A 103 -28.24 23.92 15.98
N PRO A 104 -27.91 23.52 17.19
CA PRO A 104 -27.06 24.33 18.09
C PRO A 104 -25.88 24.95 17.36
N SER A 105 -25.16 25.85 18.04
CA SER A 105 -24.00 26.53 17.45
C SER A 105 -22.75 26.23 18.27
N LEU A 106 -22.81 25.20 19.13
CA LEU A 106 -21.66 24.84 19.97
C LEU A 106 -21.33 23.35 19.81
N LEU A 107 -22.36 22.52 19.83
CA LEU A 107 -22.18 21.07 19.71
C LEU A 107 -21.51 20.75 18.37
N ARG A 108 -21.91 21.45 17.32
CA ARG A 108 -21.32 21.22 16.01
C ARG A 108 -19.88 21.76 15.97
N ASP A 109 -19.64 22.85 16.69
CA ASP A 109 -18.31 23.45 16.71
C ASP A 109 -17.28 22.49 17.29
N VAL A 110 -17.62 21.88 18.42
CA VAL A 110 -16.72 20.92 19.06
C VAL A 110 -16.62 19.65 18.22
N PHE A 111 -17.73 19.30 17.57
CA PHE A 111 -17.75 18.10 16.75
C PHE A 111 -16.69 18.19 15.66
N HIS A 112 -16.62 19.34 14.99
CA HIS A 112 -15.65 19.54 13.93
C HIS A 112 -14.23 19.53 14.49
N THR A 113 -14.05 20.17 15.64
CA THR A 113 -12.73 20.24 16.26
C THR A 113 -12.22 18.82 16.54
N THR A 114 -13.06 17.98 17.10
CA THR A 114 -12.68 16.60 17.41
C THR A 114 -12.25 15.87 16.14
N VAL A 115 -13.04 16.04 15.08
CA VAL A 115 -12.74 15.40 13.81
C VAL A 115 -11.38 15.86 13.28
N ASN A 116 -11.14 17.17 13.36
CA ASN A 116 -9.88 17.73 12.87
C ASN A 116 -8.69 17.06 13.56
N PHE A 117 -8.83 16.83 14.87
CA PHE A 117 -7.76 16.19 15.64
C PHE A 117 -7.51 14.77 15.11
N ILE A 118 -8.59 14.04 14.87
CA ILE A 118 -8.48 12.67 14.37
C ILE A 118 -7.83 12.67 12.99
N ASN A 119 -8.25 13.60 12.14
CA ASN A 119 -7.70 13.69 10.79
C ASN A 119 -6.18 13.67 10.83
N GLN A 120 -5.61 14.28 11.87
CA GLN A 120 -4.16 14.31 12.03
C GLN A 120 -3.70 13.14 12.90
N ASN A 121 -2.56 12.55 12.54
CA ASN A 121 -2.01 11.42 13.30
C ASN A 121 -3.01 10.27 13.31
N LEU A 122 -3.64 10.02 12.18
CA LEU A 122 -4.63 8.95 12.10
C LEU A 122 -3.97 7.60 12.39
N ARG A 123 -2.81 7.35 11.82
CA ARG A 123 -2.13 6.08 12.05
C ARG A 123 -1.85 5.91 13.54
N THR A 124 -1.51 7.00 14.22
CA THR A 124 -1.23 6.93 15.65
C THR A 124 -2.45 6.43 16.40
N TYR A 125 -3.61 7.01 16.10
CA TYR A 125 -4.85 6.60 16.76
C TYR A 125 -5.19 5.16 16.45
N VAL A 126 -4.89 4.72 15.23
CA VAL A 126 -5.18 3.35 14.84
C VAL A 126 -4.45 2.37 15.74
N ARG A 127 -3.17 2.64 15.98
CA ARG A 127 -2.39 1.76 16.84
C ARG A 127 -2.96 1.73 18.25
N SER A 128 -3.19 2.91 18.80
CA SER A 128 -3.73 3.01 20.16
C SER A 128 -5.08 2.31 20.25
N LEU A 129 -5.91 2.50 19.23
CA LEU A 129 -7.23 1.90 19.19
C LEU A 129 -7.20 0.56 18.45
N ALA A 130 -6.01 0.14 18.05
CA ALA A 130 -5.85 -1.12 17.34
C ALA A 130 -6.76 -2.19 17.92
N ARG A 131 -6.44 -2.65 19.14
CA ARG A 131 -7.24 -3.68 19.79
C ARG A 131 -7.69 -4.74 18.79
N ASN A 132 -8.87 -4.54 18.22
CA ASN A 132 -9.39 -5.49 17.24
C ASN A 132 -8.49 -5.55 16.01
N GLY A 133 -8.01 -4.39 15.58
CA GLY A 133 -7.13 -4.32 14.41
C GLY A 133 -7.94 -4.28 13.13
N MET A 134 -8.10 -3.09 12.56
CA MET A 134 -8.86 -2.94 11.33
C MET A 134 -8.18 -3.68 10.20
N ASP A 135 -6.86 -3.59 10.13
CA ASP A 135 -6.10 -4.27 9.08
C ASP A 135 -5.92 -5.75 9.42
N GLY A 1 58.85 -1.42 -13.48
CA GLY A 1 58.05 -1.12 -12.27
C GLY A 1 56.58 -1.43 -12.55
N ASN A 2 56.17 -2.65 -12.24
CA ASN A 2 54.79 -3.07 -12.47
C ASN A 2 53.92 -2.69 -11.27
N ARG A 3 53.06 -1.69 -11.46
CA ARG A 3 52.17 -1.22 -10.38
C ARG A 3 50.75 -1.08 -10.91
N SER A 4 49.79 -1.41 -10.06
CA SER A 4 48.38 -1.30 -10.44
C SER A 4 47.50 -1.25 -9.19
N SER A 5 46.26 -0.82 -9.37
CA SER A 5 45.31 -0.72 -8.26
C SER A 5 43.98 -1.36 -8.64
N HIS A 6 43.15 -1.65 -7.64
CA HIS A 6 41.85 -2.27 -7.86
C HIS A 6 40.83 -1.72 -6.87
N SER A 7 39.57 -1.72 -7.29
CA SER A 7 38.50 -1.22 -6.44
C SER A 7 37.13 -1.45 -7.10
N ARG A 8 36.40 -0.36 -7.32
CA ARG A 8 35.08 -0.46 -7.94
C ARG A 8 34.19 -1.43 -7.18
N LEU A 9 33.06 -1.79 -7.78
CA LEU A 9 32.13 -2.72 -7.14
C LEU A 9 31.66 -2.16 -5.80
N GLY A 10 30.43 -2.50 -5.43
CA GLY A 10 29.87 -2.03 -4.16
C GLY A 10 30.80 -2.36 -3.00
N ARG A 11 30.49 -1.81 -1.84
CA ARG A 11 31.31 -2.05 -0.65
C ARG A 11 31.10 -3.47 -0.14
N ILE A 12 30.82 -4.40 -1.04
CA ILE A 12 30.59 -5.78 -0.66
C ILE A 12 31.87 -6.41 -0.12
N GLU A 13 32.99 -6.11 -0.76
CA GLU A 13 34.27 -6.65 -0.34
C GLU A 13 34.79 -5.89 0.88
N ALA A 14 34.11 -4.81 1.24
CA ALA A 14 34.51 -4.01 2.38
C ALA A 14 34.36 -4.82 3.67
N ASP A 15 33.31 -5.64 3.72
CA ASP A 15 33.05 -6.46 4.90
C ASP A 15 34.24 -7.39 5.17
N SER A 16 33.96 -8.57 5.72
CA SER A 16 35.01 -9.52 6.03
C SER A 16 36.06 -8.91 6.95
N GLU A 17 35.69 -8.70 8.21
CA GLU A 17 36.61 -8.12 9.18
C GLU A 17 35.99 -8.15 10.58
N SER A 18 35.03 -7.26 10.82
CA SER A 18 34.37 -7.20 12.12
C SER A 18 33.68 -8.52 12.43
N GLN A 19 33.06 -9.10 11.42
CA GLN A 19 32.37 -10.37 11.59
C GLN A 19 31.09 -10.17 12.39
N GLU A 20 31.24 -9.77 13.65
CA GLU A 20 30.09 -9.55 14.51
C GLU A 20 29.25 -8.38 14.00
N ASP A 21 29.91 -7.29 13.66
CA ASP A 21 29.23 -6.11 13.15
C ASP A 21 28.60 -6.41 11.79
N ILE A 22 29.27 -7.25 11.02
CA ILE A 22 28.78 -7.62 9.69
C ILE A 22 27.43 -8.33 9.82
N ILE A 23 27.35 -9.25 10.78
CA ILE A 23 26.10 -9.97 11.00
C ILE A 23 24.99 -9.02 11.41
N ARG A 24 25.31 -8.10 12.32
CA ARG A 24 24.30 -7.14 12.77
C ARG A 24 23.88 -6.29 11.59
N ASN A 25 24.86 -5.65 10.96
CA ASN A 25 24.57 -4.80 9.82
C ASN A 25 23.76 -5.59 8.79
N ILE A 26 24.17 -6.81 8.49
CA ILE A 26 23.43 -7.62 7.54
C ILE A 26 22.03 -7.87 8.09
N ALA A 27 21.96 -8.23 9.35
CA ALA A 27 20.66 -8.51 9.97
C ALA A 27 19.70 -7.36 9.70
N ARG A 28 20.22 -6.13 9.67
CA ARG A 28 19.38 -4.96 9.40
C ARG A 28 18.85 -5.02 7.97
N HIS A 29 19.75 -5.24 7.02
CA HIS A 29 19.32 -5.34 5.63
C HIS A 29 18.51 -6.60 5.41
N LEU A 30 19.05 -7.73 5.85
CA LEU A 30 18.38 -9.01 5.66
C LEU A 30 16.96 -8.94 6.22
N ALA A 31 16.81 -8.31 7.38
CA ALA A 31 15.50 -8.19 7.99
C ALA A 31 14.55 -7.42 7.07
N GLN A 32 15.00 -6.27 6.58
CA GLN A 32 14.15 -5.46 5.70
C GLN A 32 13.84 -6.18 4.39
N VAL A 33 14.88 -6.67 3.72
CA VAL A 33 14.68 -7.39 2.46
C VAL A 33 13.99 -8.72 2.73
N GLY A 34 14.27 -9.29 3.89
CA GLY A 34 13.69 -10.57 4.27
C GLY A 34 12.16 -10.47 4.31
N ASP A 35 11.66 -9.30 4.71
CA ASP A 35 10.22 -9.12 4.78
C ASP A 35 9.60 -9.33 3.40
N SER A 36 10.18 -8.71 2.37
CA SER A 36 9.69 -8.84 1.00
C SER A 36 10.72 -9.57 0.14
N MET A 37 10.37 -10.79 -0.28
CA MET A 37 11.27 -11.58 -1.10
C MET A 37 11.10 -11.23 -2.59
N ASP A 38 10.41 -12.08 -3.32
CA ASP A 38 10.17 -11.84 -4.74
C ASP A 38 11.49 -11.54 -5.45
N ARG A 39 12.60 -11.92 -4.82
CA ARG A 39 13.93 -11.68 -5.39
C ARG A 39 14.86 -12.88 -5.14
N SER A 40 14.97 -13.27 -3.87
CA SER A 40 15.83 -14.39 -3.51
C SER A 40 15.05 -15.70 -3.60
N ILE A 41 13.78 -15.60 -3.99
CA ILE A 41 12.92 -16.78 -4.11
C ILE A 41 13.71 -17.97 -4.71
N PRO A 42 13.36 -19.18 -4.33
CA PRO A 42 14.05 -20.39 -4.84
C PRO A 42 14.43 -20.27 -6.32
N PRO A 43 15.43 -21.00 -6.76
CA PRO A 43 15.88 -21.00 -8.18
C PRO A 43 14.86 -21.65 -9.11
N GLY A 44 15.31 -22.03 -10.30
CA GLY A 44 14.42 -22.66 -11.27
C GLY A 44 13.53 -21.62 -11.93
N LEU A 45 12.54 -22.08 -12.67
CA LEU A 45 11.62 -21.18 -13.35
C LEU A 45 12.39 -20.20 -14.25
N VAL A 46 13.71 -20.33 -14.25
CA VAL A 46 14.54 -19.45 -15.05
C VAL A 46 14.18 -19.59 -16.52
N ASN A 47 14.13 -20.82 -17.01
CA ASN A 47 13.80 -21.06 -18.40
C ASN A 47 12.45 -20.45 -18.74
N GLY A 48 11.47 -20.69 -17.89
CA GLY A 48 10.14 -20.15 -18.09
C GLY A 48 10.18 -18.63 -17.98
N LEU A 49 10.91 -18.14 -16.99
CA LEU A 49 11.02 -16.71 -16.76
C LEU A 49 11.61 -16.02 -17.99
N ALA A 50 12.59 -16.65 -18.60
CA ALA A 50 13.22 -16.10 -19.79
C ALA A 50 12.22 -16.04 -20.94
N LEU A 51 11.37 -17.05 -21.05
CA LEU A 51 10.38 -17.09 -22.12
C LEU A 51 9.42 -15.90 -22.05
N GLN A 52 8.89 -15.67 -20.85
CA GLN A 52 7.97 -14.55 -20.65
C GLN A 52 8.73 -13.23 -20.70
N LEU A 53 9.86 -13.20 -20.02
CA LEU A 53 10.67 -11.99 -19.97
C LEU A 53 11.11 -11.59 -21.37
N ARG A 54 11.19 -12.58 -22.26
CA ARG A 54 11.59 -12.31 -23.64
C ARG A 54 10.41 -11.73 -24.44
N ASN A 55 9.27 -12.39 -24.34
CA ASN A 55 8.07 -11.96 -25.07
C ASN A 55 7.26 -10.97 -24.24
N THR A 56 6.86 -11.41 -23.04
CA THR A 56 6.08 -10.56 -22.14
C THR A 56 6.87 -9.31 -21.78
N SER A 57 8.08 -9.20 -22.32
CA SER A 57 8.94 -8.06 -22.03
C SER A 57 8.16 -6.76 -22.20
N ARG A 58 8.80 -5.64 -21.92
CA ARG A 58 8.14 -4.34 -22.02
C ARG A 58 7.12 -4.18 -20.89
N SER A 59 6.53 -5.29 -20.47
CA SER A 59 5.52 -5.27 -19.43
C SER A 59 6.03 -4.58 -18.18
N GLU A 60 7.33 -4.72 -17.94
CA GLU A 60 7.94 -4.09 -16.78
C GLU A 60 7.40 -2.68 -16.58
N GLU A 61 7.63 -2.12 -15.41
CA GLU A 61 7.16 -0.77 -15.09
C GLU A 61 5.64 -0.73 -15.08
N ASP A 62 5.02 -1.86 -14.74
CA ASP A 62 3.56 -1.96 -14.69
C ASP A 62 3.11 -2.52 -13.34
N ARG A 63 4.07 -2.73 -12.46
CA ARG A 63 3.76 -3.26 -11.13
C ARG A 63 2.92 -2.28 -10.34
N ASN A 64 3.32 -1.00 -10.36
CA ASN A 64 2.59 0.03 -9.65
C ASN A 64 1.22 0.24 -10.27
N ARG A 65 1.17 0.24 -11.59
CA ARG A 65 -0.09 0.43 -12.30
C ARG A 65 -0.87 -0.87 -12.34
N ASP A 66 -0.40 -1.85 -11.60
CA ASP A 66 -1.07 -3.14 -11.56
C ASP A 66 -2.52 -3.00 -11.09
N LEU A 67 -2.71 -2.30 -9.98
CA LEU A 67 -4.06 -2.10 -9.44
C LEU A 67 -4.87 -1.14 -10.32
N ALA A 68 -4.21 -0.08 -10.79
CA ALA A 68 -4.85 0.92 -11.63
C ALA A 68 -5.30 0.27 -12.94
N THR A 69 -4.59 -0.77 -13.35
CA THR A 69 -4.95 -1.44 -14.59
C THR A 69 -6.38 -1.98 -14.50
N ALA A 70 -6.66 -2.73 -13.46
CA ALA A 70 -8.00 -3.29 -13.29
C ALA A 70 -9.02 -2.19 -13.03
N LEU A 71 -8.69 -1.27 -12.13
CA LEU A 71 -9.60 -0.17 -11.82
C LEU A 71 -9.83 0.69 -13.06
N GLU A 72 -8.74 1.05 -13.73
CA GLU A 72 -8.84 1.89 -14.91
C GLU A 72 -9.80 1.26 -15.90
N GLN A 73 -9.75 -0.05 -16.03
CA GLN A 73 -10.64 -0.75 -16.93
C GLN A 73 -12.09 -0.59 -16.49
N LEU A 74 -12.32 -0.57 -15.18
CA LEU A 74 -13.68 -0.45 -14.68
C LEU A 74 -14.30 0.88 -15.12
N LEU A 75 -13.57 1.97 -14.92
CA LEU A 75 -14.06 3.29 -15.30
C LEU A 75 -14.32 3.36 -16.80
N GLN A 76 -13.56 2.59 -17.56
CA GLN A 76 -13.72 2.57 -18.99
C GLN A 76 -15.15 2.18 -19.37
N ALA A 77 -15.72 1.26 -18.60
CA ALA A 77 -17.09 0.80 -18.85
C ALA A 77 -18.03 1.35 -17.78
N TYR A 78 -18.17 2.67 -17.75
CA TYR A 78 -19.05 3.30 -16.78
C TYR A 78 -19.28 4.78 -17.16
N PRO A 79 -20.32 5.07 -17.90
CA PRO A 79 -20.64 6.47 -18.31
C PRO A 79 -20.74 7.41 -17.11
N ARG A 80 -20.31 8.65 -17.31
CA ARG A 80 -20.35 9.65 -16.25
C ARG A 80 -19.55 9.18 -15.05
N ASP A 81 -19.70 9.89 -13.93
CA ASP A 81 -18.98 9.53 -12.70
C ASP A 81 -19.96 9.10 -11.61
N MET A 82 -21.16 9.67 -11.65
CA MET A 82 -22.19 9.35 -10.67
C MET A 82 -21.91 10.05 -9.34
N GLU A 83 -20.64 10.22 -9.02
CA GLU A 83 -20.25 10.87 -7.77
C GLU A 83 -20.66 12.34 -7.79
N LYS A 84 -20.59 12.95 -8.96
CA LYS A 84 -20.97 14.35 -9.12
C LYS A 84 -22.45 14.55 -8.81
N GLU A 85 -23.27 13.61 -9.28
CA GLU A 85 -24.70 13.73 -9.04
C GLU A 85 -24.98 13.54 -7.55
N LYS A 86 -24.47 12.45 -6.98
CA LYS A 86 -24.71 12.19 -5.57
C LYS A 86 -24.29 13.39 -4.72
N THR A 87 -23.20 14.03 -5.10
CA THR A 87 -22.72 15.20 -4.38
C THR A 87 -23.76 16.33 -4.42
N MET A 88 -24.34 16.53 -5.59
CA MET A 88 -25.34 17.58 -5.76
C MET A 88 -26.56 17.31 -4.89
N LEU A 89 -26.95 16.05 -4.81
CA LEU A 89 -28.11 15.67 -4.00
C LEU A 89 -27.85 16.00 -2.53
N VAL A 90 -26.66 15.74 -2.04
CA VAL A 90 -26.34 16.02 -0.66
C VAL A 90 -26.46 17.52 -0.38
N LEU A 91 -25.97 18.33 -1.32
CA LEU A 91 -26.04 19.78 -1.15
C LEU A 91 -27.49 20.23 -1.01
N ALA A 92 -28.35 19.69 -1.86
CA ALA A 92 -29.76 20.04 -1.83
C ALA A 92 -30.40 19.59 -0.52
N LEU A 93 -29.89 18.49 0.03
CA LEU A 93 -30.42 17.98 1.29
C LEU A 93 -30.00 18.89 2.44
N LEU A 94 -28.77 19.37 2.40
CA LEU A 94 -28.27 20.23 3.45
C LEU A 94 -29.11 21.49 3.55
N LEU A 95 -29.45 22.06 2.40
CA LEU A 95 -30.25 23.27 2.39
C LEU A 95 -31.60 22.99 3.04
N ALA A 96 -32.26 21.93 2.59
CA ALA A 96 -33.56 21.57 3.14
C ALA A 96 -33.43 21.17 4.60
N LYS A 97 -32.33 20.50 4.93
CA LYS A 97 -32.10 20.04 6.29
C LYS A 97 -32.01 21.22 7.25
N LYS A 98 -31.26 22.25 6.85
CA LYS A 98 -31.10 23.43 7.69
C LYS A 98 -32.44 24.12 7.90
N VAL A 99 -33.23 24.20 6.84
CA VAL A 99 -34.54 24.85 6.93
C VAL A 99 -35.43 24.11 7.94
N ALA A 100 -35.46 22.79 7.83
CA ALA A 100 -36.27 21.98 8.73
C ALA A 100 -35.80 22.12 10.17
N SER A 101 -34.50 21.97 10.37
CA SER A 101 -33.92 22.08 11.71
C SER A 101 -32.41 22.28 11.63
N HIS A 102 -31.83 22.82 12.70
CA HIS A 102 -30.38 23.07 12.74
C HIS A 102 -29.79 22.59 14.06
N THR A 103 -28.69 21.86 13.97
CA THR A 103 -28.05 21.34 15.17
C THR A 103 -27.54 22.50 16.05
N PRO A 104 -27.40 22.25 17.34
CA PRO A 104 -26.92 23.29 18.30
C PRO A 104 -25.45 23.68 18.04
N SER A 105 -24.73 22.81 17.33
CA SER A 105 -23.34 23.07 17.03
C SER A 105 -22.57 23.40 18.32
N LEU A 106 -21.56 24.24 18.19
CA LEU A 106 -20.75 24.64 19.35
C LEU A 106 -20.09 23.43 19.98
N LEU A 107 -20.89 22.63 20.69
CA LEU A 107 -20.36 21.44 21.36
C LEU A 107 -19.82 20.46 20.33
N ARG A 108 -20.54 20.31 19.22
CA ARG A 108 -20.11 19.40 18.17
C ARG A 108 -18.77 19.85 17.59
N ASP A 109 -18.63 21.15 17.36
CA ASP A 109 -17.40 21.68 16.81
C ASP A 109 -16.23 21.46 17.77
N VAL A 110 -16.47 21.71 19.05
CA VAL A 110 -15.43 21.52 20.06
C VAL A 110 -15.03 20.05 20.14
N PHE A 111 -16.02 19.17 20.21
CA PHE A 111 -15.74 17.74 20.30
C PHE A 111 -14.93 17.27 19.10
N HIS A 112 -15.37 17.69 17.90
CA HIS A 112 -14.68 17.30 16.68
C HIS A 112 -13.26 17.87 16.66
N THR A 113 -13.13 19.12 17.10
CA THR A 113 -11.83 19.77 17.12
C THR A 113 -10.86 19.03 18.06
N THR A 114 -11.35 18.64 19.23
CA THR A 114 -10.52 17.93 20.19
C THR A 114 -10.05 16.60 19.61
N VAL A 115 -10.99 15.83 19.08
CA VAL A 115 -10.66 14.53 18.50
C VAL A 115 -9.72 14.72 17.31
N ASN A 116 -10.05 15.67 16.45
CA ASN A 116 -9.23 15.94 15.28
C ASN A 116 -7.83 16.38 15.68
N PHE A 117 -7.75 17.20 16.72
CA PHE A 117 -6.46 17.69 17.19
C PHE A 117 -5.54 16.51 17.57
N ILE A 118 -6.08 15.57 18.32
CA ILE A 118 -5.32 14.40 18.75
C ILE A 118 -4.93 13.55 17.55
N ASN A 119 -5.89 13.36 16.64
CA ASN A 119 -5.67 12.55 15.45
C ASN A 119 -4.38 12.98 14.73
N GLN A 120 -4.07 14.27 14.78
CA GLN A 120 -2.87 14.78 14.14
C GLN A 120 -1.66 13.91 14.49
N ASN A 121 -1.78 13.13 15.57
CA ASN A 121 -0.68 12.26 16.02
C ASN A 121 -1.18 10.83 16.23
N LEU A 122 -2.31 10.69 16.91
CA LEU A 122 -2.87 9.38 17.19
C LEU A 122 -3.23 8.68 15.88
N ARG A 123 -3.72 9.43 14.92
CA ARG A 123 -4.14 8.85 13.65
C ARG A 123 -3.01 7.99 13.07
N THR A 124 -1.78 8.41 13.28
CA THR A 124 -0.64 7.66 12.76
C THR A 124 -0.50 6.27 13.42
N TYR A 125 -0.52 6.24 14.76
CA TYR A 125 -0.37 4.98 15.50
C TYR A 125 -1.50 4.00 15.18
N VAL A 126 -2.72 4.51 15.23
CA VAL A 126 -3.89 3.69 14.95
C VAL A 126 -3.90 3.25 13.50
N ARG A 127 -3.39 4.11 12.62
CA ARG A 127 -3.36 3.78 11.20
C ARG A 127 -2.56 2.51 10.95
N SER A 128 -1.36 2.44 11.53
CA SER A 128 -0.52 1.27 11.36
C SER A 128 -1.20 0.04 11.92
N LEU A 129 -1.81 0.18 13.09
CA LEU A 129 -2.49 -0.93 13.74
C LEU A 129 -3.67 -1.40 12.89
N ALA A 130 -4.36 -0.45 12.27
CA ALA A 130 -5.51 -0.78 11.43
C ALA A 130 -5.13 -1.83 10.40
N ARG A 131 -3.86 -1.83 9.99
CA ARG A 131 -3.38 -2.80 9.01
C ARG A 131 -3.30 -4.19 9.62
N ASN A 132 -3.83 -5.18 8.90
CA ASN A 132 -3.81 -6.55 9.38
C ASN A 132 -4.44 -6.64 10.77
N GLY A 133 -5.44 -5.81 11.01
CA GLY A 133 -6.11 -5.79 12.31
C GLY A 133 -7.18 -6.88 12.38
N MET A 134 -7.95 -6.88 13.46
CA MET A 134 -9.00 -7.87 13.64
C MET A 134 -8.43 -9.28 13.56
N ASP A 135 -9.15 -10.24 14.13
CA ASP A 135 -8.71 -11.64 14.12
C ASP A 135 -9.90 -12.57 13.96
N GLY A 1 52.84 -19.76 -1.97
CA GLY A 1 52.66 -19.94 -3.43
C GLY A 1 51.25 -19.49 -3.83
N ASN A 2 51.03 -19.34 -5.13
CA ASN A 2 49.73 -18.91 -5.63
C ASN A 2 48.78 -20.11 -5.76
N ARG A 3 49.30 -21.30 -5.45
CA ARG A 3 48.50 -22.51 -5.52
C ARG A 3 47.35 -22.46 -4.52
N SER A 4 47.64 -21.94 -3.33
CA SER A 4 46.63 -21.84 -2.27
C SER A 4 46.12 -20.41 -2.17
N SER A 5 44.81 -20.24 -2.30
CA SER A 5 44.19 -18.91 -2.22
C SER A 5 42.72 -19.03 -1.88
N HIS A 6 42.15 -17.95 -1.36
CA HIS A 6 40.73 -17.94 -0.99
C HIS A 6 40.15 -16.54 -1.16
N SER A 7 38.87 -16.48 -1.49
CA SER A 7 38.19 -15.20 -1.67
C SER A 7 37.93 -14.55 -0.31
N ARG A 8 37.71 -13.24 -0.33
CA ARG A 8 37.43 -12.49 0.91
C ARG A 8 35.94 -12.41 1.16
N LEU A 9 35.55 -12.77 2.39
CA LEU A 9 34.14 -12.72 2.77
C LEU A 9 33.73 -11.32 3.16
N GLY A 10 32.48 -10.98 2.90
CA GLY A 10 31.95 -9.66 3.21
C GLY A 10 32.51 -9.16 4.54
N ARG A 11 31.82 -9.51 5.63
CA ARG A 11 32.27 -9.09 6.96
C ARG A 11 31.72 -10.04 8.02
N ILE A 12 32.55 -10.99 8.43
CA ILE A 12 32.15 -11.97 9.45
C ILE A 12 33.28 -12.18 10.43
N GLU A 13 32.99 -12.92 11.50
CA GLU A 13 33.98 -13.21 12.54
C GLU A 13 34.48 -11.92 13.18
N ALA A 14 34.07 -10.78 12.62
CA ALA A 14 34.48 -9.49 13.14
C ALA A 14 33.88 -9.25 14.52
N ASP A 15 32.65 -9.75 14.71
CA ASP A 15 31.95 -9.59 15.98
C ASP A 15 32.21 -10.80 16.88
N SER A 16 33.21 -11.60 16.53
CA SER A 16 33.55 -12.78 17.31
C SER A 16 33.83 -12.40 18.75
N GLU A 17 34.22 -11.14 18.97
CA GLU A 17 34.53 -10.66 20.31
C GLU A 17 33.28 -10.75 21.20
N SER A 18 32.12 -10.48 20.60
CA SER A 18 30.86 -10.54 21.34
C SER A 18 29.91 -11.54 20.67
N GLN A 19 29.62 -12.63 21.37
CA GLN A 19 28.72 -13.64 20.84
C GLN A 19 27.31 -13.06 20.69
N GLU A 20 26.94 -12.18 21.61
CA GLU A 20 25.62 -11.56 21.57
C GLU A 20 25.49 -10.66 20.35
N ASP A 21 26.59 -10.03 19.95
CA ASP A 21 26.58 -9.13 18.81
C ASP A 21 26.19 -9.90 17.54
N ILE A 22 26.62 -11.15 17.45
CA ILE A 22 26.30 -11.97 16.29
C ILE A 22 24.80 -12.17 16.17
N ILE A 23 24.17 -12.49 17.30
CA ILE A 23 22.72 -12.70 17.33
C ILE A 23 21.99 -11.38 17.03
N ARG A 24 22.49 -10.31 17.62
CA ARG A 24 21.89 -9.00 17.41
C ARG A 24 22.11 -8.53 15.97
N ASN A 25 23.34 -8.71 15.48
CA ASN A 25 23.65 -8.27 14.13
C ASN A 25 22.77 -9.00 13.12
N ILE A 26 22.82 -10.33 13.13
CA ILE A 26 22.02 -11.11 12.20
C ILE A 26 20.54 -10.83 12.42
N ALA A 27 20.17 -10.74 13.68
CA ALA A 27 18.77 -10.49 14.04
C ALA A 27 18.25 -9.28 13.26
N ARG A 28 19.09 -8.26 13.13
CA ARG A 28 18.71 -7.06 12.40
C ARG A 28 18.58 -7.37 10.90
N HIS A 29 19.55 -8.11 10.37
CA HIS A 29 19.51 -8.47 8.96
C HIS A 29 18.28 -9.32 8.68
N LEU A 30 18.09 -10.36 9.49
CA LEU A 30 16.97 -11.26 9.29
C LEU A 30 15.67 -10.47 9.20
N ALA A 31 15.54 -9.44 10.03
CA ALA A 31 14.32 -8.64 10.00
C ALA A 31 14.17 -7.99 8.61
N GLN A 32 15.25 -7.38 8.13
CA GLN A 32 15.21 -6.73 6.82
C GLN A 32 15.10 -7.79 5.72
N VAL A 33 15.97 -8.79 5.78
CA VAL A 33 15.96 -9.86 4.79
C VAL A 33 14.62 -10.57 4.81
N GLY A 34 14.11 -10.83 6.00
CA GLY A 34 12.82 -11.51 6.15
C GLY A 34 11.76 -10.78 5.34
N ASP A 35 11.75 -9.46 5.42
CA ASP A 35 10.78 -8.67 4.69
C ASP A 35 11.16 -8.60 3.21
N SER A 36 12.43 -8.30 2.95
CA SER A 36 12.92 -8.18 1.58
C SER A 36 12.77 -9.50 0.85
N MET A 37 13.60 -10.48 1.22
CA MET A 37 13.55 -11.80 0.60
C MET A 37 13.97 -11.73 -0.87
N ASP A 38 13.50 -10.70 -1.55
CA ASP A 38 13.83 -10.53 -2.96
C ASP A 38 15.33 -10.34 -3.14
N ARG A 39 15.94 -9.59 -2.22
CA ARG A 39 17.37 -9.33 -2.30
C ARG A 39 18.15 -10.63 -2.10
N SER A 40 17.71 -11.44 -1.13
CA SER A 40 18.37 -12.70 -0.84
C SER A 40 17.91 -13.77 -1.83
N ILE A 41 17.47 -14.92 -1.31
CA ILE A 41 17.01 -16.03 -2.13
C ILE A 41 16.43 -15.53 -3.46
N PRO A 42 17.25 -15.48 -4.49
CA PRO A 42 16.82 -14.97 -5.83
C PRO A 42 15.50 -15.60 -6.29
N PRO A 43 14.89 -15.05 -7.31
CA PRO A 43 13.62 -15.59 -7.86
C PRO A 43 13.74 -17.07 -8.23
N GLY A 44 12.64 -17.80 -8.07
CA GLY A 44 12.63 -19.22 -8.38
C GLY A 44 12.73 -19.45 -9.88
N LEU A 45 13.63 -18.71 -10.53
CA LEU A 45 13.84 -18.82 -11.96
C LEU A 45 12.54 -18.53 -12.72
N VAL A 46 11.48 -18.28 -11.98
CA VAL A 46 10.20 -17.97 -12.58
C VAL A 46 10.22 -16.60 -13.23
N ASN A 47 10.95 -15.67 -12.62
CA ASN A 47 11.04 -14.31 -13.15
C ASN A 47 11.66 -14.33 -14.55
N GLY A 48 12.67 -15.16 -14.73
CA GLY A 48 13.34 -15.26 -16.02
C GLY A 48 12.36 -15.75 -17.08
N LEU A 49 11.67 -16.86 -16.78
CA LEU A 49 10.71 -17.41 -17.72
C LEU A 49 9.56 -16.43 -17.97
N ALA A 50 9.10 -15.81 -16.89
CA ALA A 50 8.00 -14.86 -17.00
C ALA A 50 8.38 -13.71 -17.91
N LEU A 51 9.56 -13.14 -17.68
CA LEU A 51 10.03 -12.03 -18.50
C LEU A 51 10.27 -12.48 -19.93
N GLN A 52 10.90 -13.63 -20.09
CA GLN A 52 11.18 -14.16 -21.42
C GLN A 52 9.90 -14.57 -22.12
N LEU A 53 8.89 -14.91 -21.34
CA LEU A 53 7.62 -15.34 -21.92
C LEU A 53 7.02 -14.20 -22.74
N ARG A 54 7.07 -12.98 -22.21
CA ARG A 54 6.52 -11.84 -22.92
C ARG A 54 7.21 -11.66 -24.27
N ASN A 55 8.49 -11.98 -24.31
CA ASN A 55 9.25 -11.84 -25.54
C ASN A 55 8.63 -12.70 -26.64
N THR A 56 8.19 -13.89 -26.28
CA THR A 56 7.57 -14.79 -27.24
C THR A 56 6.17 -14.29 -27.62
N SER A 57 5.60 -13.45 -26.75
CA SER A 57 4.27 -12.90 -26.99
C SER A 57 4.36 -11.60 -27.78
N ARG A 58 5.56 -11.28 -28.24
CA ARG A 58 5.78 -10.05 -29.00
C ARG A 58 4.93 -10.06 -30.27
N SER A 59 4.88 -11.20 -30.94
CA SER A 59 4.09 -11.32 -32.16
C SER A 59 2.61 -11.08 -31.88
N GLU A 60 1.92 -10.48 -32.85
CA GLU A 60 0.50 -10.20 -32.70
C GLU A 60 0.25 -9.42 -31.41
N GLU A 61 0.55 -8.13 -31.43
CA GLU A 61 0.36 -7.29 -30.25
C GLU A 61 -1.11 -6.90 -30.12
N ASP A 62 -1.40 -6.04 -29.15
CA ASP A 62 -2.77 -5.60 -28.92
C ASP A 62 -3.67 -6.81 -28.65
N ARG A 63 -3.08 -8.00 -28.69
CA ARG A 63 -3.85 -9.22 -28.46
C ARG A 63 -4.42 -9.23 -27.04
N ASN A 64 -3.58 -8.85 -26.07
CA ASN A 64 -4.01 -8.83 -24.68
C ASN A 64 -3.73 -7.46 -24.06
N ARG A 65 -2.47 -7.17 -23.81
CA ARG A 65 -2.08 -5.89 -23.23
C ARG A 65 -2.68 -4.74 -24.04
N ASP A 66 -3.92 -4.41 -23.74
CA ASP A 66 -4.60 -3.32 -24.44
C ASP A 66 -5.83 -2.88 -23.67
N LEU A 67 -6.98 -3.45 -24.01
CA LEU A 67 -8.22 -3.09 -23.35
C LEU A 67 -8.07 -3.21 -21.84
N ALA A 68 -7.36 -4.23 -21.39
CA ALA A 68 -7.17 -4.43 -19.97
C ALA A 68 -6.62 -3.16 -19.32
N THR A 69 -5.59 -2.59 -19.91
CA THR A 69 -4.98 -1.37 -19.38
C THR A 69 -5.99 -0.23 -19.39
N ALA A 70 -6.73 -0.10 -20.48
CA ALA A 70 -7.73 0.96 -20.62
C ALA A 70 -8.76 0.87 -19.49
N LEU A 71 -9.27 -0.34 -19.25
CA LEU A 71 -10.25 -0.55 -18.20
C LEU A 71 -9.66 -0.20 -16.85
N GLU A 72 -8.42 -0.61 -16.62
CA GLU A 72 -7.78 -0.31 -15.36
C GLU A 72 -7.61 1.20 -15.20
N GLN A 73 -7.01 1.83 -16.20
CA GLN A 73 -6.79 3.27 -16.13
C GLN A 73 -8.12 4.01 -16.05
N LEU A 74 -9.08 3.60 -16.87
CA LEU A 74 -10.38 4.26 -16.86
C LEU A 74 -11.07 4.05 -15.52
N LEU A 75 -11.14 2.80 -15.07
CA LEU A 75 -11.81 2.48 -13.81
C LEU A 75 -11.17 3.26 -12.67
N GLN A 76 -9.85 3.39 -12.71
CA GLN A 76 -9.13 4.12 -11.68
C GLN A 76 -9.67 5.54 -11.56
N ALA A 77 -10.22 6.06 -12.67
CA ALA A 77 -10.77 7.42 -12.69
C ALA A 77 -12.28 7.35 -12.90
N TYR A 78 -12.76 8.14 -13.85
CA TYR A 78 -14.19 8.19 -14.14
C TYR A 78 -15.00 8.52 -12.88
N PRO A 79 -14.68 9.61 -12.23
CA PRO A 79 -15.39 10.05 -11.01
C PRO A 79 -16.78 10.60 -11.33
N ARG A 80 -17.04 10.86 -12.61
CA ARG A 80 -18.33 11.38 -13.03
C ARG A 80 -19.43 10.37 -12.79
N ASP A 81 -20.67 10.85 -12.68
CA ASP A 81 -21.81 9.98 -12.45
C ASP A 81 -21.60 9.14 -11.19
N MET A 82 -20.84 9.69 -10.24
CA MET A 82 -20.57 8.98 -8.99
C MET A 82 -20.37 9.97 -7.84
N GLU A 83 -19.12 10.15 -7.44
CA GLU A 83 -18.81 11.08 -6.36
C GLU A 83 -19.09 12.51 -6.77
N LYS A 84 -18.90 12.80 -8.06
CA LYS A 84 -19.13 14.14 -8.56
C LYS A 84 -20.56 14.58 -8.30
N GLU A 85 -21.51 13.68 -8.54
CA GLU A 85 -22.91 13.99 -8.32
C GLU A 85 -23.16 14.20 -6.83
N LYS A 86 -22.73 13.23 -6.03
CA LYS A 86 -22.92 13.31 -4.58
C LYS A 86 -22.38 14.63 -4.05
N THR A 87 -21.24 15.06 -4.57
CA THR A 87 -20.64 16.31 -4.12
C THR A 87 -21.58 17.48 -4.38
N MET A 88 -22.06 17.59 -5.61
CA MET A 88 -22.98 18.67 -5.97
C MET A 88 -24.32 18.49 -5.28
N LEU A 89 -24.79 17.25 -5.21
CA LEU A 89 -26.07 16.97 -4.59
C LEU A 89 -26.04 17.31 -3.11
N VAL A 90 -24.95 16.95 -2.44
CA VAL A 90 -24.83 17.23 -1.02
C VAL A 90 -24.89 18.73 -0.78
N LEU A 91 -24.17 19.50 -1.60
CA LEU A 91 -24.16 20.94 -1.42
C LEU A 91 -25.58 21.50 -1.60
N ALA A 92 -26.25 21.06 -2.65
CA ALA A 92 -27.60 21.53 -2.92
C ALA A 92 -28.56 21.06 -1.84
N LEU A 93 -28.32 19.85 -1.34
CA LEU A 93 -29.16 19.29 -0.29
C LEU A 93 -28.92 20.04 1.00
N LEU A 94 -27.67 20.44 1.23
CA LEU A 94 -27.33 21.14 2.46
C LEU A 94 -28.12 22.44 2.55
N LEU A 95 -28.17 23.18 1.46
CA LEU A 95 -28.89 24.44 1.45
C LEU A 95 -30.36 24.20 1.73
N ALA A 96 -30.94 23.21 1.06
CA ALA A 96 -32.34 22.89 1.27
C ALA A 96 -32.57 22.31 2.66
N LYS A 97 -31.69 21.40 3.06
CA LYS A 97 -31.78 20.78 4.38
C LYS A 97 -31.57 21.82 5.46
N LYS A 98 -30.67 22.76 5.20
CA LYS A 98 -30.39 23.81 6.17
C LYS A 98 -31.65 24.60 6.48
N VAL A 99 -32.38 24.99 5.45
CA VAL A 99 -33.61 25.75 5.63
C VAL A 99 -34.66 24.91 6.35
N ALA A 100 -34.80 23.66 5.91
CA ALA A 100 -35.77 22.76 6.53
C ALA A 100 -35.51 22.63 8.02
N SER A 101 -34.25 22.38 8.37
CA SER A 101 -33.86 22.22 9.78
C SER A 101 -33.00 23.40 10.22
N HIS A 102 -31.89 23.12 10.90
CA HIS A 102 -31.01 24.18 11.37
C HIS A 102 -29.82 23.57 12.10
N THR A 103 -28.79 24.38 12.33
CA THR A 103 -27.60 23.90 13.02
C THR A 103 -27.89 23.71 14.52
N PRO A 104 -27.23 22.78 15.16
CA PRO A 104 -27.41 22.51 16.62
C PRO A 104 -26.86 23.65 17.49
N SER A 105 -25.59 23.55 17.83
CA SER A 105 -24.95 24.57 18.67
C SER A 105 -23.44 24.35 18.73
N LEU A 106 -22.91 24.15 19.93
CA LEU A 106 -21.48 23.94 20.10
C LEU A 106 -21.11 22.49 19.80
N LEU A 107 -22.13 21.67 19.58
CA LEU A 107 -21.91 20.26 19.26
C LEU A 107 -21.12 20.11 17.97
N ARG A 108 -21.35 21.04 17.03
CA ARG A 108 -20.65 21.00 15.75
C ARG A 108 -19.14 21.12 15.96
N ASP A 109 -18.74 22.06 16.81
CA ASP A 109 -17.33 22.28 17.09
C ASP A 109 -16.72 21.07 17.79
N VAL A 110 -17.48 20.49 18.73
CA VAL A 110 -17.00 19.33 19.47
C VAL A 110 -16.75 18.17 18.51
N PHE A 111 -17.69 17.94 17.60
CA PHE A 111 -17.56 16.84 16.65
C PHE A 111 -16.26 16.98 15.86
N HIS A 112 -16.01 18.19 15.36
CA HIS A 112 -14.81 18.45 14.58
C HIS A 112 -13.56 18.20 15.44
N THR A 113 -13.66 18.56 16.71
CA THR A 113 -12.53 18.38 17.62
C THR A 113 -12.24 16.90 17.85
N THR A 114 -13.30 16.11 18.01
CA THR A 114 -13.14 14.67 18.25
C THR A 114 -12.37 14.01 17.10
N VAL A 115 -12.85 14.24 15.88
CA VAL A 115 -12.19 13.66 14.71
C VAL A 115 -10.75 14.16 14.62
N ASN A 116 -10.55 15.43 14.95
CA ASN A 116 -9.22 16.02 14.89
C ASN A 116 -8.27 15.31 15.86
N PHE A 117 -8.78 14.98 17.04
CA PHE A 117 -7.97 14.30 18.04
C PHE A 117 -7.48 12.96 17.50
N ILE A 118 -8.39 12.20 16.90
CA ILE A 118 -8.04 10.90 16.34
C ILE A 118 -7.07 11.07 15.19
N ASN A 119 -7.35 12.05 14.34
CA ASN A 119 -6.51 12.30 13.18
C ASN A 119 -5.04 12.42 13.60
N GLN A 120 -4.81 12.98 14.77
CA GLN A 120 -3.44 13.15 15.28
C GLN A 120 -2.81 11.79 15.58
N ASN A 121 -3.64 10.74 15.65
CA ASN A 121 -3.14 9.40 15.94
C ASN A 121 -3.91 8.37 15.14
N LEU A 122 -4.29 8.72 13.92
CA LEU A 122 -5.06 7.81 13.09
C LEU A 122 -4.26 6.54 12.82
N ARG A 123 -2.99 6.69 12.51
CA ARG A 123 -2.16 5.53 12.23
C ARG A 123 -2.17 4.57 13.41
N THR A 124 -1.99 5.11 14.61
CA THR A 124 -1.97 4.29 15.81
C THR A 124 -3.26 3.49 15.93
N TYR A 125 -4.39 4.16 15.66
CA TYR A 125 -5.69 3.51 15.74
C TYR A 125 -5.83 2.44 14.67
N VAL A 126 -5.23 2.67 13.51
CA VAL A 126 -5.32 1.70 12.42
C VAL A 126 -4.75 0.36 12.85
N ARG A 127 -3.55 0.38 13.43
CA ARG A 127 -2.93 -0.86 13.87
C ARG A 127 -3.78 -1.53 14.94
N SER A 128 -4.11 -0.77 15.97
CA SER A 128 -4.91 -1.29 17.06
C SER A 128 -6.24 -1.81 16.53
N LEU A 129 -6.62 -1.32 15.37
CA LEU A 129 -7.89 -1.73 14.77
C LEU A 129 -7.88 -3.24 14.50
N ALA A 130 -6.79 -3.73 13.91
CA ALA A 130 -6.68 -5.15 13.60
C ALA A 130 -5.91 -5.87 14.69
N ARG A 131 -6.28 -7.12 14.94
CA ARG A 131 -5.61 -7.91 15.96
C ARG A 131 -4.15 -8.15 15.59
N ASN A 132 -3.89 -8.33 14.30
CA ASN A 132 -2.54 -8.57 13.82
C ASN A 132 -1.84 -7.25 13.50
N GLY A 133 -0.93 -6.83 14.36
CA GLY A 133 -0.20 -5.59 14.17
C GLY A 133 0.69 -5.68 12.94
N MET A 134 1.35 -6.83 12.77
CA MET A 134 2.25 -7.04 11.64
C MET A 134 2.21 -8.50 11.19
N ASP A 135 2.46 -8.72 9.90
CA ASP A 135 2.46 -10.07 9.36
C ASP A 135 3.57 -10.91 9.98
N GLY A 1 9.99 11.49 14.75
CA GLY A 1 10.30 10.17 14.13
C GLY A 1 9.00 9.43 13.85
N ASN A 2 8.76 9.13 12.57
CA ASN A 2 7.54 8.42 12.18
C ASN A 2 7.65 6.94 12.51
N ARG A 3 6.52 6.35 12.92
CA ARG A 3 6.49 4.94 13.28
C ARG A 3 6.04 4.09 12.08
N SER A 4 6.82 3.07 11.75
CA SER A 4 6.51 2.19 10.62
C SER A 4 7.08 0.80 10.83
N SER A 5 6.29 -0.22 10.52
CA SER A 5 6.72 -1.60 10.67
C SER A 5 7.41 -1.80 12.02
N HIS A 6 7.21 -0.85 12.92
CA HIS A 6 7.80 -0.91 14.24
C HIS A 6 6.90 -1.67 15.20
N SER A 7 5.65 -1.87 14.80
CA SER A 7 4.70 -2.59 15.63
C SER A 7 5.16 -4.03 15.85
N ARG A 8 5.81 -4.60 14.83
CA ARG A 8 6.30 -5.98 14.93
C ARG A 8 7.81 -5.96 15.17
N LEU A 9 8.20 -6.18 16.42
CA LEU A 9 9.61 -6.19 16.78
C LEU A 9 10.37 -5.08 16.06
N GLY A 10 10.01 -3.84 16.38
CA GLY A 10 10.67 -2.69 15.75
C GLY A 10 12.13 -2.61 16.14
N ARG A 11 12.37 -2.30 17.42
CA ARG A 11 13.74 -2.20 17.93
C ARG A 11 14.16 -3.54 18.54
N ILE A 12 14.95 -4.31 17.78
CA ILE A 12 15.41 -5.61 18.27
C ILE A 12 16.78 -5.46 18.92
N GLU A 13 16.81 -5.63 20.23
CA GLU A 13 18.06 -5.52 20.99
C GLU A 13 18.74 -4.18 20.69
N ALA A 14 19.46 -4.14 19.57
CA ALA A 14 20.15 -2.91 19.18
C ALA A 14 20.86 -3.12 17.83
N ASP A 15 20.79 -4.35 17.33
CA ASP A 15 21.44 -4.68 16.05
C ASP A 15 20.54 -4.33 14.87
N SER A 16 19.37 -3.77 15.17
CA SER A 16 18.42 -3.40 14.11
C SER A 16 19.07 -2.40 13.14
N GLU A 17 19.78 -1.43 13.69
CA GLU A 17 20.45 -0.42 12.86
C GLU A 17 21.64 -1.03 12.13
N SER A 18 22.32 -1.96 12.80
CA SER A 18 23.49 -2.62 12.21
C SER A 18 23.06 -3.80 11.35
N GLN A 19 21.79 -3.79 10.94
CA GLN A 19 21.25 -4.87 10.12
C GLN A 19 22.15 -5.11 8.90
N GLU A 20 22.81 -4.06 8.44
CA GLU A 20 23.69 -4.19 7.27
C GLU A 20 24.87 -5.10 7.60
N ASP A 21 25.40 -4.97 8.82
CA ASP A 21 26.53 -5.79 9.24
C ASP A 21 26.16 -7.28 9.25
N ILE A 22 24.97 -7.58 9.78
CA ILE A 22 24.52 -8.97 9.84
C ILE A 22 24.35 -9.55 8.44
N ILE A 23 23.79 -8.76 7.53
CA ILE A 23 23.59 -9.22 6.16
C ILE A 23 24.93 -9.52 5.52
N ARG A 24 25.91 -8.66 5.76
CA ARG A 24 27.23 -8.86 5.20
C ARG A 24 27.73 -10.25 5.58
N ASN A 25 27.74 -10.55 6.87
CA ASN A 25 28.21 -11.85 7.34
C ASN A 25 27.44 -12.97 6.65
N ILE A 26 26.14 -12.78 6.48
CA ILE A 26 25.32 -13.79 5.80
C ILE A 26 25.75 -13.94 4.35
N ALA A 27 25.94 -12.82 3.67
CA ALA A 27 26.35 -12.85 2.27
C ALA A 27 27.72 -13.51 2.13
N ARG A 28 28.62 -13.23 3.07
CA ARG A 28 29.95 -13.81 3.02
C ARG A 28 29.89 -15.34 3.05
N HIS A 29 29.13 -15.89 3.98
CA HIS A 29 28.99 -17.34 4.09
C HIS A 29 28.26 -17.88 2.88
N LEU A 30 27.25 -17.16 2.44
CA LEU A 30 26.47 -17.57 1.28
C LEU A 30 27.32 -17.49 0.01
N ALA A 31 28.17 -16.47 -0.05
CA ALA A 31 29.03 -16.26 -1.20
C ALA A 31 29.92 -17.47 -1.42
N GLN A 32 30.56 -17.94 -0.36
CA GLN A 32 31.44 -19.10 -0.48
C GLN A 32 30.64 -20.35 -0.87
N VAL A 33 29.59 -20.62 -0.12
CA VAL A 33 28.74 -21.78 -0.38
C VAL A 33 27.99 -21.60 -1.70
N GLY A 34 27.76 -20.34 -2.06
CA GLY A 34 27.06 -20.03 -3.30
C GLY A 34 27.95 -20.23 -4.52
N ASP A 35 29.25 -20.00 -4.33
CA ASP A 35 30.20 -20.16 -5.42
C ASP A 35 30.21 -21.60 -5.91
N SER A 36 30.28 -22.55 -4.99
CA SER A 36 30.30 -23.96 -5.36
C SER A 36 28.96 -24.36 -5.98
N MET A 37 27.89 -23.72 -5.53
CA MET A 37 26.56 -24.02 -6.03
C MET A 37 26.49 -23.73 -7.53
N ASP A 38 27.18 -22.68 -7.97
CA ASP A 38 27.17 -22.31 -9.38
C ASP A 38 27.77 -23.42 -10.22
N ARG A 39 28.49 -24.32 -9.56
CA ARG A 39 29.12 -25.43 -10.27
C ARG A 39 28.07 -26.28 -10.97
N SER A 40 26.97 -26.56 -10.27
CA SER A 40 25.87 -27.35 -10.83
C SER A 40 24.57 -26.57 -10.75
N ILE A 41 24.01 -26.22 -11.92
CA ILE A 41 22.77 -25.46 -11.96
C ILE A 41 22.24 -25.41 -13.40
N PRO A 42 21.61 -26.45 -13.85
CA PRO A 42 21.05 -26.51 -15.23
C PRO A 42 19.94 -25.45 -15.46
N PRO A 43 19.71 -25.07 -16.68
CA PRO A 43 18.64 -24.09 -17.03
C PRO A 43 17.35 -24.35 -16.25
N GLY A 44 17.24 -25.56 -15.72
CA GLY A 44 16.05 -25.93 -14.96
C GLY A 44 14.80 -25.83 -15.82
N LEU A 45 14.35 -24.60 -16.05
CA LEU A 45 13.15 -24.34 -16.84
C LEU A 45 12.88 -22.85 -16.95
N VAL A 46 13.37 -22.09 -15.98
CA VAL A 46 13.17 -20.65 -15.95
C VAL A 46 13.74 -20.01 -17.22
N ASN A 47 14.96 -20.41 -17.58
CA ASN A 47 15.59 -19.85 -18.77
C ASN A 47 14.74 -20.14 -20.01
N GLY A 48 14.26 -21.38 -20.10
CA GLY A 48 13.43 -21.77 -21.24
C GLY A 48 12.02 -21.25 -21.08
N LEU A 49 11.64 -20.97 -19.84
CA LEU A 49 10.28 -20.48 -19.57
C LEU A 49 10.06 -19.15 -20.28
N ALA A 50 11.01 -18.24 -20.11
CA ALA A 50 10.89 -16.92 -20.72
C ALA A 50 10.92 -17.05 -22.25
N LEU A 51 11.89 -17.81 -22.75
CA LEU A 51 12.00 -18.02 -24.18
C LEU A 51 10.80 -18.77 -24.73
N GLN A 52 10.37 -19.79 -24.00
CA GLN A 52 9.22 -20.58 -24.44
C GLN A 52 8.03 -19.67 -24.66
N LEU A 53 7.78 -18.75 -23.74
CA LEU A 53 6.62 -17.88 -23.89
C LEU A 53 6.81 -17.02 -25.15
N ARG A 54 8.02 -16.48 -25.31
CA ARG A 54 8.30 -15.63 -26.46
C ARG A 54 7.87 -16.34 -27.74
N ASN A 55 8.11 -17.65 -27.77
CA ASN A 55 7.76 -18.45 -28.93
C ASN A 55 6.23 -18.52 -29.10
N THR A 56 5.53 -18.88 -28.03
CA THR A 56 4.08 -18.99 -28.08
C THR A 56 3.43 -17.62 -28.27
N SER A 57 3.88 -16.65 -27.49
CA SER A 57 3.33 -15.29 -27.57
C SER A 57 3.41 -14.78 -29.00
N ARG A 58 2.29 -14.87 -29.72
CA ARG A 58 2.23 -14.42 -31.10
C ARG A 58 0.93 -13.67 -31.36
N SER A 59 0.14 -14.15 -32.32
CA SER A 59 -1.13 -13.53 -32.66
C SER A 59 -2.08 -13.48 -31.46
N GLU A 60 -2.08 -14.55 -30.67
CA GLU A 60 -2.96 -14.62 -29.51
C GLU A 60 -2.57 -13.56 -28.47
N GLU A 61 -3.10 -13.69 -27.27
CA GLU A 61 -2.81 -12.73 -26.19
C GLU A 61 -3.19 -11.32 -26.62
N ASP A 62 -4.33 -11.19 -27.28
CA ASP A 62 -4.80 -9.88 -27.75
C ASP A 62 -6.31 -9.86 -27.84
N ARG A 63 -6.93 -11.03 -27.70
CA ARG A 63 -8.38 -11.14 -27.77
C ARG A 63 -9.01 -10.76 -26.44
N ASN A 64 -9.01 -11.71 -25.51
CA ASN A 64 -9.58 -11.48 -24.19
C ASN A 64 -8.81 -10.40 -23.45
N ARG A 65 -7.49 -10.43 -23.54
CA ARG A 65 -6.66 -9.45 -22.85
C ARG A 65 -6.71 -8.11 -23.59
N ASP A 66 -7.91 -7.60 -23.80
CA ASP A 66 -8.09 -6.33 -24.49
C ASP A 66 -9.02 -5.42 -23.70
N LEU A 67 -10.32 -5.70 -23.75
CA LEU A 67 -11.28 -4.89 -23.02
C LEU A 67 -11.05 -4.98 -21.52
N ALA A 68 -10.61 -6.14 -21.07
CA ALA A 68 -10.34 -6.33 -19.64
C ALA A 68 -9.39 -5.26 -19.14
N THR A 69 -8.34 -4.97 -19.89
CA THR A 69 -7.38 -3.96 -19.49
C THR A 69 -8.06 -2.60 -19.35
N ALA A 70 -8.80 -2.21 -20.39
CA ALA A 70 -9.51 -0.93 -20.35
C ALA A 70 -10.60 -0.97 -19.28
N LEU A 71 -11.36 -2.04 -19.25
CA LEU A 71 -12.43 -2.19 -18.29
C LEU A 71 -11.88 -2.20 -16.86
N GLU A 72 -10.78 -2.91 -16.66
CA GLU A 72 -10.18 -2.98 -15.34
C GLU A 72 -9.73 -1.60 -14.89
N GLN A 73 -8.95 -0.92 -15.74
CA GLN A 73 -8.47 0.41 -15.41
C GLN A 73 -9.64 1.35 -15.20
N LEU A 74 -10.67 1.22 -16.02
CA LEU A 74 -11.82 2.08 -15.91
C LEU A 74 -12.50 1.89 -14.55
N LEU A 75 -12.78 0.65 -14.20
CA LEU A 75 -13.47 0.38 -12.94
C LEU A 75 -12.65 0.90 -11.77
N GLN A 76 -11.35 0.76 -11.86
CA GLN A 76 -10.47 1.21 -10.81
C GLN A 76 -10.70 2.70 -10.53
N ALA A 77 -11.19 3.41 -11.53
CA ALA A 77 -11.45 4.84 -11.39
C ALA A 77 -12.50 5.30 -12.38
N TYR A 78 -13.75 5.39 -11.93
CA TYR A 78 -14.85 5.81 -12.79
C TYR A 78 -15.82 6.71 -12.02
N PRO A 79 -15.39 7.89 -11.66
CA PRO A 79 -16.22 8.85 -10.89
C PRO A 79 -17.59 9.09 -11.53
N ARG A 80 -17.62 9.12 -12.87
CA ARG A 80 -18.87 9.35 -13.57
C ARG A 80 -19.68 10.45 -12.90
N ASP A 81 -20.82 10.07 -12.33
CA ASP A 81 -21.69 11.03 -11.64
C ASP A 81 -22.29 10.41 -10.38
N MET A 82 -21.80 10.83 -9.22
CA MET A 82 -22.29 10.31 -7.95
C MET A 82 -22.05 11.33 -6.84
N GLU A 83 -20.93 12.05 -6.91
CA GLU A 83 -20.61 13.04 -5.89
C GLU A 83 -21.65 14.16 -5.90
N LYS A 84 -22.11 14.53 -7.08
CA LYS A 84 -23.11 15.58 -7.21
C LYS A 84 -24.41 15.15 -6.54
N GLU A 85 -24.83 13.92 -6.82
CA GLU A 85 -26.07 13.40 -6.27
C GLU A 85 -26.06 13.50 -4.74
N LYS A 86 -24.87 13.40 -4.15
CA LYS A 86 -24.74 13.51 -2.70
C LYS A 86 -25.02 14.94 -2.24
N THR A 87 -24.49 15.92 -2.95
CA THR A 87 -24.69 17.32 -2.60
C THR A 87 -26.14 17.73 -2.85
N MET A 88 -26.72 17.19 -3.92
CA MET A 88 -28.10 17.52 -4.25
C MET A 88 -29.02 17.12 -3.10
N LEU A 89 -28.83 15.91 -2.58
CA LEU A 89 -29.65 15.45 -1.47
C LEU A 89 -29.26 16.16 -0.18
N VAL A 90 -27.97 16.16 0.12
CA VAL A 90 -27.50 16.80 1.34
C VAL A 90 -27.84 18.28 1.34
N LEU A 91 -27.59 18.95 0.23
CA LEU A 91 -27.87 20.37 0.16
C LEU A 91 -29.35 20.63 0.45
N ALA A 92 -30.23 19.83 -0.15
CA ALA A 92 -31.65 20.01 0.06
C ALA A 92 -32.00 19.80 1.53
N LEU A 93 -31.33 18.86 2.18
CA LEU A 93 -31.59 18.59 3.59
C LEU A 93 -31.25 19.80 4.45
N LEU A 94 -30.13 20.45 4.15
CA LEU A 94 -29.72 21.63 4.92
C LEU A 94 -30.78 22.70 4.83
N LEU A 95 -31.30 22.91 3.64
CA LEU A 95 -32.31 23.93 3.45
C LEU A 95 -33.57 23.61 4.26
N ALA A 96 -33.93 22.33 4.29
CA ALA A 96 -35.10 21.89 5.04
C ALA A 96 -34.81 21.95 6.54
N LYS A 97 -33.59 21.57 6.91
CA LYS A 97 -33.20 21.58 8.30
C LYS A 97 -33.24 23.00 8.88
N LYS A 98 -32.71 23.94 8.11
CA LYS A 98 -32.69 25.34 8.56
C LYS A 98 -34.11 25.85 8.74
N VAL A 99 -34.98 25.54 7.79
CA VAL A 99 -36.37 25.97 7.87
C VAL A 99 -37.06 25.30 9.06
N ALA A 100 -36.80 24.01 9.22
CA ALA A 100 -37.40 23.24 10.32
C ALA A 100 -36.99 23.82 11.66
N SER A 101 -35.70 24.08 11.82
CA SER A 101 -35.20 24.64 13.07
C SER A 101 -33.76 25.12 12.90
N HIS A 102 -33.27 25.88 13.88
CA HIS A 102 -31.90 26.38 13.85
C HIS A 102 -31.11 25.82 15.01
N THR A 103 -29.96 25.23 14.71
CA THR A 103 -29.11 24.64 15.74
C THR A 103 -28.19 25.70 16.36
N PRO A 104 -27.72 25.47 17.56
CA PRO A 104 -26.81 26.41 18.27
C PRO A 104 -25.41 26.45 17.64
N SER A 105 -24.70 27.55 17.89
CA SER A 105 -23.35 27.72 17.35
C SER A 105 -22.32 27.03 18.24
N LEU A 106 -22.57 27.00 19.55
CA LEU A 106 -21.64 26.37 20.49
C LEU A 106 -21.47 24.89 20.17
N LEU A 107 -22.59 24.20 20.09
CA LEU A 107 -22.55 22.77 19.78
C LEU A 107 -21.94 22.58 18.40
N ARG A 108 -22.34 23.44 17.47
CA ARG A 108 -21.83 23.35 16.11
C ARG A 108 -20.32 23.50 16.11
N ASP A 109 -19.82 24.45 16.89
CA ASP A 109 -18.38 24.68 16.97
C ASP A 109 -17.66 23.45 17.51
N VAL A 110 -18.23 22.84 18.54
CA VAL A 110 -17.63 21.65 19.14
C VAL A 110 -17.59 20.52 18.12
N PHE A 111 -18.69 20.34 17.38
CA PHE A 111 -18.77 19.28 16.40
C PHE A 111 -17.62 19.39 15.40
N HIS A 112 -17.43 20.58 14.85
CA HIS A 112 -16.35 20.81 13.88
C HIS A 112 -14.98 20.54 14.52
N THR A 113 -14.79 21.05 15.73
CA THR A 113 -13.52 20.86 16.43
C THR A 113 -13.23 19.37 16.59
N THR A 114 -14.24 18.62 17.03
CA THR A 114 -14.07 17.18 17.24
C THR A 114 -13.52 16.52 15.97
N VAL A 115 -14.11 16.89 14.84
CA VAL A 115 -13.67 16.33 13.55
C VAL A 115 -12.20 16.71 13.30
N ASN A 116 -11.87 17.96 13.57
CA ASN A 116 -10.51 18.45 13.37
C ASN A 116 -9.54 17.68 14.26
N PHE A 117 -9.96 17.38 15.48
CA PHE A 117 -9.11 16.65 16.42
C PHE A 117 -8.74 15.28 15.84
N ILE A 118 -9.71 14.62 15.24
CA ILE A 118 -9.49 13.30 14.66
C ILE A 118 -8.45 13.37 13.54
N ASN A 119 -8.55 14.41 12.73
CA ASN A 119 -7.62 14.59 11.62
C ASN A 119 -6.19 14.69 12.13
N GLN A 120 -6.03 15.29 13.30
CA GLN A 120 -4.69 15.44 13.89
C GLN A 120 -4.10 14.09 14.25
N ASN A 121 -4.89 13.26 14.94
CA ASN A 121 -4.43 11.92 15.35
C ASN A 121 -5.09 10.85 14.51
N LEU A 122 -5.06 11.04 13.19
CA LEU A 122 -5.67 10.08 12.28
C LEU A 122 -4.95 8.73 12.35
N ARG A 123 -3.62 8.77 12.44
CA ARG A 123 -2.84 7.55 12.49
C ARG A 123 -3.23 6.73 13.73
N THR A 124 -3.34 7.42 14.86
CA THR A 124 -3.71 6.74 16.10
C THR A 124 -5.04 6.03 15.92
N TYR A 125 -6.01 6.70 15.31
CA TYR A 125 -7.33 6.13 15.09
C TYR A 125 -7.22 4.84 14.28
N VAL A 126 -6.34 4.84 13.28
CA VAL A 126 -6.17 3.67 12.44
C VAL A 126 -5.79 2.46 13.29
N ARG A 127 -4.78 2.63 14.14
CA ARG A 127 -4.34 1.53 14.99
C ARG A 127 -5.40 1.21 16.05
N SER A 128 -5.91 2.26 16.67
CA SER A 128 -6.93 2.10 17.71
C SER A 128 -8.14 1.38 17.15
N LEU A 129 -8.44 1.65 15.88
CA LEU A 129 -9.59 1.02 15.22
C LEU A 129 -9.12 -0.15 14.36
N ALA A 130 -8.03 -0.79 14.78
CA ALA A 130 -7.47 -1.93 14.05
C ALA A 130 -6.65 -1.47 12.86
N ARG A 131 -5.35 -1.77 12.90
CA ARG A 131 -4.47 -1.38 11.81
C ARG A 131 -4.66 -2.30 10.61
N ASN A 132 -4.73 -1.71 9.41
CA ASN A 132 -4.91 -2.48 8.17
C ASN A 132 -3.59 -2.57 7.40
N GLY A 133 -3.29 -3.77 6.93
CA GLY A 133 -2.06 -3.98 6.17
C GLY A 133 -2.17 -5.25 5.30
N MET A 134 -3.39 -5.60 4.93
CA MET A 134 -3.62 -6.77 4.11
C MET A 134 -2.82 -7.96 4.63
N ASP A 135 -2.79 -8.11 5.95
CA ASP A 135 -2.05 -9.20 6.57
C ASP A 135 -2.66 -10.55 6.19
N GLY A 1 50.91 -25.56 -1.07
CA GLY A 1 51.21 -24.12 -0.84
C GLY A 1 49.92 -23.37 -0.52
N ASN A 2 49.26 -22.86 -1.57
CA ASN A 2 48.01 -22.12 -1.40
C ASN A 2 47.03 -22.47 -2.51
N ARG A 3 45.91 -23.08 -2.13
CA ARG A 3 44.89 -23.47 -3.10
C ARG A 3 43.51 -23.41 -2.47
N SER A 4 42.48 -23.58 -3.30
CA SER A 4 41.10 -23.54 -2.80
C SER A 4 40.88 -22.33 -1.92
N SER A 5 40.98 -22.52 -0.61
CA SER A 5 40.79 -21.42 0.33
C SER A 5 39.40 -20.82 0.17
N HIS A 6 38.46 -21.28 0.99
CA HIS A 6 37.09 -20.79 0.93
C HIS A 6 36.99 -19.41 1.56
N SER A 7 36.26 -18.51 0.92
CA SER A 7 36.10 -17.15 1.44
C SER A 7 34.93 -16.45 0.75
N ARG A 8 33.85 -17.19 0.53
CA ARG A 8 32.67 -16.64 -0.12
C ARG A 8 32.05 -15.52 0.72
N LEU A 9 32.07 -15.69 2.03
CA LEU A 9 31.50 -14.70 2.94
C LEU A 9 32.43 -13.50 3.04
N GLY A 10 31.85 -12.32 3.21
CA GLY A 10 32.64 -11.10 3.32
C GLY A 10 33.57 -11.17 4.52
N ARG A 11 33.72 -10.05 5.22
CA ARG A 11 34.59 -9.99 6.39
C ARG A 11 33.80 -10.29 7.66
N ILE A 12 32.55 -10.73 7.48
CA ILE A 12 31.68 -11.04 8.61
C ILE A 12 32.31 -12.14 9.46
N GLU A 13 31.47 -13.06 9.94
CA GLU A 13 31.95 -14.16 10.78
C GLU A 13 32.57 -13.63 12.07
N ALA A 14 33.04 -12.38 12.04
CA ALA A 14 33.64 -11.77 13.21
C ALA A 14 32.65 -11.71 14.35
N ASP A 15 32.87 -10.79 15.27
CA ASP A 15 31.99 -10.63 16.42
C ASP A 15 31.75 -11.98 17.09
N SER A 16 32.63 -12.93 16.84
CA SER A 16 32.50 -14.26 17.44
C SER A 16 32.56 -14.17 18.95
N GLU A 17 33.20 -13.12 19.44
CA GLU A 17 33.31 -12.92 20.89
C GLU A 17 31.94 -12.75 21.52
N SER A 18 31.05 -12.03 20.83
CA SER A 18 29.69 -11.79 21.33
C SER A 18 28.68 -12.56 20.49
N GLN A 19 28.31 -13.75 20.96
CA GLN A 19 27.34 -14.58 20.23
C GLN A 19 26.01 -13.83 20.14
N GLU A 20 25.72 -13.02 21.15
CA GLU A 20 24.48 -12.26 21.16
C GLU A 20 24.49 -11.21 20.06
N ASP A 21 25.65 -10.63 19.80
CA ASP A 21 25.77 -9.62 18.76
C ASP A 21 25.41 -10.20 17.40
N ILE A 22 25.94 -11.39 17.13
CA ILE A 22 25.66 -12.07 15.87
C ILE A 22 24.17 -12.43 15.78
N ILE A 23 23.63 -12.96 16.87
CA ILE A 23 22.23 -13.34 16.91
C ILE A 23 21.34 -12.10 16.83
N ARG A 24 21.74 -11.05 17.52
CA ARG A 24 20.97 -9.81 17.49
C ARG A 24 21.09 -9.15 16.12
N ASN A 25 22.33 -9.00 15.65
CA ASN A 25 22.57 -8.34 14.36
C ASN A 25 21.72 -8.99 13.27
N ILE A 26 21.85 -10.30 13.11
CA ILE A 26 21.08 -10.99 12.09
C ILE A 26 19.59 -10.89 12.41
N ALA A 27 19.24 -11.09 13.67
CA ALA A 27 17.84 -11.03 14.08
C ALA A 27 17.21 -9.74 13.59
N ARG A 28 17.96 -8.63 13.66
CA ARG A 28 17.45 -7.35 13.18
C ARG A 28 17.22 -7.39 11.67
N HIS A 29 18.23 -7.86 10.93
CA HIS A 29 18.10 -7.94 9.48
C HIS A 29 17.06 -8.99 9.12
N LEU A 30 17.22 -10.18 9.67
CA LEU A 30 16.30 -11.27 9.38
C LEU A 30 14.88 -10.83 9.64
N ALA A 31 14.67 -10.05 10.69
CA ALA A 31 13.33 -9.57 10.99
C ALA A 31 12.79 -8.76 9.82
N GLN A 32 13.60 -7.83 9.34
CA GLN A 32 13.19 -6.99 8.21
C GLN A 32 13.09 -7.81 6.93
N VAL A 33 14.08 -8.64 6.68
CA VAL A 33 14.09 -9.49 5.49
C VAL A 33 12.97 -10.53 5.58
N GLY A 34 12.77 -11.07 6.77
CA GLY A 34 11.74 -12.07 6.98
C GLY A 34 10.38 -11.53 6.54
N ASP A 35 10.09 -10.29 6.90
CA ASP A 35 8.81 -9.70 6.52
C ASP A 35 8.68 -9.65 5.00
N SER A 36 9.73 -9.16 4.34
CA SER A 36 9.74 -9.05 2.87
C SER A 36 10.70 -10.07 2.28
N MET A 37 10.13 -11.07 1.61
CA MET A 37 10.94 -12.12 0.99
C MET A 37 11.82 -11.55 -0.12
N ASP A 38 11.56 -10.31 -0.50
CA ASP A 38 12.32 -9.66 -1.55
C ASP A 38 13.82 -9.73 -1.24
N ARG A 39 14.61 -8.96 -1.98
CA ARG A 39 16.06 -8.94 -1.80
C ARG A 39 16.61 -10.37 -1.81
N SER A 40 16.63 -11.01 -0.65
CA SER A 40 17.12 -12.38 -0.55
C SER A 40 16.07 -13.35 -1.06
N ILE A 41 16.03 -13.52 -2.39
CA ILE A 41 15.07 -14.42 -3.01
C ILE A 41 15.80 -15.51 -3.79
N PRO A 42 16.21 -16.57 -3.12
CA PRO A 42 16.90 -17.71 -3.78
C PRO A 42 16.07 -18.27 -4.95
N PRO A 43 14.76 -18.38 -4.81
CA PRO A 43 13.89 -18.90 -5.90
C PRO A 43 13.56 -17.83 -6.94
N GLY A 44 12.60 -18.14 -7.81
CA GLY A 44 12.19 -17.21 -8.87
C GLY A 44 13.13 -17.31 -10.07
N LEU A 45 14.07 -18.25 -10.00
CA LEU A 45 15.03 -18.44 -11.07
C LEU A 45 14.33 -18.87 -12.36
N VAL A 46 13.36 -19.77 -12.24
CA VAL A 46 12.61 -20.24 -13.40
C VAL A 46 11.72 -19.13 -13.95
N ASN A 47 11.19 -18.31 -13.03
CA ASN A 47 10.32 -17.20 -13.42
C ASN A 47 11.09 -16.21 -14.28
N GLY A 48 12.33 -15.94 -13.89
CA GLY A 48 13.16 -15.00 -14.64
C GLY A 48 13.19 -15.38 -16.12
N LEU A 49 13.34 -16.66 -16.39
CA LEU A 49 13.40 -17.13 -17.77
C LEU A 49 12.11 -16.76 -18.51
N ALA A 50 10.98 -17.07 -17.89
CA ALA A 50 9.70 -16.77 -18.51
C ALA A 50 9.56 -15.27 -18.76
N LEU A 51 9.95 -14.47 -17.78
CA LEU A 51 9.86 -13.02 -17.92
C LEU A 51 10.76 -12.54 -19.06
N GLN A 52 12.00 -13.02 -19.07
CA GLN A 52 12.95 -12.65 -20.11
C GLN A 52 12.48 -13.16 -21.46
N LEU A 53 11.94 -14.37 -21.47
CA LEU A 53 11.45 -14.96 -22.71
C LEU A 53 10.32 -14.13 -23.29
N ARG A 54 9.42 -13.68 -22.43
CA ARG A 54 8.29 -12.87 -22.87
C ARG A 54 8.77 -11.54 -23.43
N ASN A 55 9.80 -10.99 -22.80
CA ASN A 55 10.37 -9.71 -23.24
C ASN A 55 10.83 -9.82 -24.68
N THR A 56 11.39 -10.97 -25.04
CA THR A 56 11.88 -11.18 -26.40
C THR A 56 10.73 -11.05 -27.39
N SER A 57 9.59 -11.67 -27.08
CA SER A 57 8.41 -11.62 -27.95
C SER A 57 7.47 -10.52 -27.50
N ARG A 58 7.80 -9.28 -27.86
CA ARG A 58 6.98 -8.14 -27.48
C ARG A 58 5.60 -8.23 -28.13
N SER A 59 5.57 -8.67 -29.38
CA SER A 59 4.32 -8.79 -30.12
C SER A 59 3.33 -9.65 -29.34
N GLU A 60 3.84 -10.72 -28.74
CA GLU A 60 2.98 -11.61 -27.98
C GLU A 60 2.62 -10.99 -26.63
N GLU A 61 2.05 -9.79 -26.66
CA GLU A 61 1.66 -9.10 -25.44
C GLU A 61 0.88 -7.84 -25.76
N ASP A 62 1.46 -6.99 -26.61
CA ASP A 62 0.81 -5.74 -27.00
C ASP A 62 -0.60 -6.02 -27.52
N ARG A 63 -0.76 -7.18 -28.16
CA ARG A 63 -2.06 -7.56 -28.71
C ARG A 63 -3.13 -7.49 -27.64
N ASN A 64 -3.16 -8.50 -26.77
CA ASN A 64 -4.16 -8.54 -25.70
C ASN A 64 -3.97 -7.37 -24.75
N ARG A 65 -2.71 -7.05 -24.45
CA ARG A 65 -2.42 -5.95 -23.56
C ARG A 65 -2.86 -4.62 -24.17
N ASP A 66 -4.17 -4.40 -24.21
CA ASP A 66 -4.72 -3.16 -24.76
C ASP A 66 -5.99 -2.76 -24.00
N LEU A 67 -7.14 -3.24 -24.47
CA LEU A 67 -8.40 -2.90 -23.83
C LEU A 67 -8.34 -3.20 -22.34
N ALA A 68 -7.59 -4.24 -21.97
CA ALA A 68 -7.47 -4.60 -20.56
C ALA A 68 -7.00 -3.39 -19.76
N THR A 69 -5.94 -2.74 -20.23
CA THR A 69 -5.42 -1.56 -19.55
C THR A 69 -6.45 -0.44 -19.54
N ALA A 70 -7.12 -0.25 -20.68
CA ALA A 70 -8.13 0.79 -20.79
C ALA A 70 -9.18 0.58 -19.71
N LEU A 71 -9.65 -0.65 -19.57
CA LEU A 71 -10.65 -0.98 -18.58
C LEU A 71 -10.14 -0.63 -17.18
N GLU A 72 -8.87 -0.92 -16.92
CA GLU A 72 -8.30 -0.61 -15.63
C GLU A 72 -8.49 0.87 -15.31
N GLN A 73 -8.08 1.71 -16.24
CA GLN A 73 -8.19 3.16 -16.04
C GLN A 73 -9.63 3.51 -15.66
N LEU A 74 -10.58 2.98 -16.41
CA LEU A 74 -11.97 3.25 -16.12
C LEU A 74 -12.33 2.68 -14.76
N LEU A 75 -11.86 1.47 -14.50
CA LEU A 75 -12.15 0.82 -13.23
C LEU A 75 -11.69 1.71 -12.09
N GLN A 76 -10.47 2.22 -12.20
CA GLN A 76 -9.92 3.09 -11.16
C GLN A 76 -10.84 4.28 -10.95
N ALA A 77 -11.54 4.70 -12.00
CA ALA A 77 -12.47 5.82 -11.92
C ALA A 77 -13.90 5.30 -11.98
N TYR A 78 -14.52 5.16 -10.81
CA TYR A 78 -15.88 4.63 -10.75
C TYR A 78 -16.74 5.16 -11.91
N PRO A 79 -17.46 4.31 -12.61
CA PRO A 79 -18.31 4.75 -13.76
C PRO A 79 -19.12 6.01 -13.44
N ARG A 80 -19.75 6.01 -12.26
CA ARG A 80 -20.55 7.15 -11.84
C ARG A 80 -19.81 8.46 -12.09
N ASP A 81 -19.06 8.91 -11.08
CA ASP A 81 -18.28 10.14 -11.21
C ASP A 81 -19.19 11.37 -11.13
N MET A 82 -20.46 11.15 -10.81
CA MET A 82 -21.40 12.24 -10.71
C MET A 82 -21.15 13.03 -9.43
N GLU A 83 -19.92 12.99 -8.94
CA GLU A 83 -19.57 13.70 -7.72
C GLU A 83 -19.66 15.20 -7.94
N LYS A 84 -19.20 15.67 -9.09
CA LYS A 84 -19.24 17.10 -9.39
C LYS A 84 -20.68 17.59 -9.38
N GLU A 85 -21.55 16.87 -10.07
CA GLU A 85 -22.95 17.26 -10.10
C GLU A 85 -23.59 16.97 -8.75
N LYS A 86 -23.44 15.75 -8.27
CA LYS A 86 -24.03 15.36 -7.00
C LYS A 86 -23.61 16.35 -5.91
N THR A 87 -22.37 16.77 -5.95
CA THR A 87 -21.87 17.74 -4.98
C THR A 87 -22.61 19.07 -5.11
N MET A 88 -22.80 19.52 -6.35
CA MET A 88 -23.50 20.78 -6.58
C MET A 88 -24.93 20.70 -6.09
N LEU A 89 -25.56 19.55 -6.29
CA LEU A 89 -26.94 19.36 -5.85
C LEU A 89 -27.05 19.47 -4.34
N VAL A 90 -26.10 18.89 -3.62
CA VAL A 90 -26.14 18.94 -2.17
C VAL A 90 -26.00 20.38 -1.68
N LEU A 91 -25.11 21.14 -2.30
CA LEU A 91 -24.91 22.52 -1.89
C LEU A 91 -26.22 23.30 -2.02
N ALA A 92 -26.90 23.11 -3.14
CA ALA A 92 -28.16 23.79 -3.37
C ALA A 92 -29.20 23.33 -2.37
N LEU A 93 -29.09 22.07 -1.95
CA LEU A 93 -30.03 21.52 -0.97
C LEU A 93 -29.78 22.11 0.41
N LEU A 94 -28.51 22.26 0.77
CA LEU A 94 -28.15 22.80 2.08
C LEU A 94 -28.69 24.21 2.22
N LEU A 95 -28.59 24.99 1.15
CA LEU A 95 -29.08 26.36 1.17
C LEU A 95 -30.59 26.37 1.37
N ALA A 96 -31.28 25.49 0.65
CA ALA A 96 -32.73 25.40 0.76
C ALA A 96 -33.12 24.85 2.13
N LYS A 97 -32.37 23.85 2.59
CA LYS A 97 -32.65 23.24 3.88
C LYS A 97 -32.44 24.23 5.02
N LYS A 98 -31.37 25.01 4.92
CA LYS A 98 -31.07 25.99 5.95
C LYS A 98 -32.21 27.00 6.07
N VAL A 99 -32.69 27.47 4.93
CA VAL A 99 -33.77 28.44 4.93
C VAL A 99 -35.02 27.84 5.55
N ALA A 100 -35.34 26.61 5.15
CA ALA A 100 -36.52 25.93 5.68
C ALA A 100 -36.37 25.68 7.18
N SER A 101 -35.18 25.28 7.60
CA SER A 101 -34.91 24.99 9.01
C SER A 101 -33.50 25.44 9.38
N HIS A 102 -33.34 25.92 10.60
CA HIS A 102 -32.05 26.39 11.08
C HIS A 102 -31.08 25.21 11.24
N THR A 103 -30.30 25.23 12.31
CA THR A 103 -29.33 24.15 12.56
C THR A 103 -29.29 23.78 14.04
N PRO A 104 -28.98 22.53 14.36
CA PRO A 104 -28.90 22.08 15.78
C PRO A 104 -28.20 23.10 16.68
N SER A 105 -26.91 23.33 16.43
CA SER A 105 -26.13 24.28 17.23
C SER A 105 -24.63 24.08 16.95
N LEU A 106 -23.80 24.71 17.80
CA LEU A 106 -22.35 24.60 17.64
C LEU A 106 -21.88 23.18 17.91
N LEU A 107 -22.84 22.29 18.13
CA LEU A 107 -22.52 20.89 18.41
C LEU A 107 -21.80 20.27 17.20
N ARG A 108 -22.13 20.75 16.01
CA ARG A 108 -21.49 20.24 14.80
C ARG A 108 -20.01 20.58 14.79
N ASP A 109 -19.68 21.81 15.19
CA ASP A 109 -18.29 22.25 15.22
C ASP A 109 -17.49 21.44 16.25
N VAL A 110 -18.09 21.24 17.42
CA VAL A 110 -17.43 20.48 18.48
C VAL A 110 -17.15 19.06 18.02
N PHE A 111 -18.15 18.45 17.40
CA PHE A 111 -18.00 17.08 16.91
C PHE A 111 -16.82 16.99 15.94
N HIS A 112 -16.72 17.98 15.05
CA HIS A 112 -15.63 18.01 14.08
C HIS A 112 -14.28 18.04 14.79
N THR A 113 -14.19 18.82 15.87
CA THR A 113 -12.94 18.94 16.61
C THR A 113 -12.50 17.57 17.14
N THR A 114 -13.44 16.82 17.70
CA THR A 114 -13.13 15.49 18.24
C THR A 114 -12.56 14.59 17.15
N VAL A 115 -13.20 14.59 15.99
CA VAL A 115 -12.76 13.75 14.88
C VAL A 115 -11.34 14.14 14.48
N ASN A 116 -11.08 15.44 14.39
CA ASN A 116 -9.76 15.92 14.01
C ASN A 116 -8.71 15.49 15.03
N PHE A 117 -9.08 15.51 16.32
CA PHE A 117 -8.16 15.11 17.37
C PHE A 117 -7.66 13.69 17.14
N ILE A 118 -8.59 12.78 16.86
CA ILE A 118 -8.23 11.39 16.60
C ILE A 118 -7.39 11.30 15.33
N ASN A 119 -7.79 12.03 14.30
CA ASN A 119 -7.06 12.03 13.04
C ASN A 119 -5.61 12.48 13.24
N GLN A 120 -5.41 13.40 14.18
CA GLN A 120 -4.08 13.92 14.46
C GLN A 120 -3.12 12.81 14.87
N ASN A 121 -2.74 11.97 13.91
CA ASN A 121 -1.81 10.87 14.19
C ASN A 121 -2.36 9.88 15.21
N LEU A 122 -3.35 10.31 15.99
CA LEU A 122 -3.97 9.45 16.98
C LEU A 122 -4.66 8.27 16.31
N ARG A 123 -5.26 8.53 15.16
CA ARG A 123 -5.95 7.49 14.42
C ARG A 123 -5.01 6.34 14.11
N THR A 124 -3.77 6.66 13.81
CA THR A 124 -2.79 5.64 13.48
C THR A 124 -2.62 4.66 14.64
N TYR A 125 -2.39 5.19 15.84
CA TYR A 125 -2.21 4.34 17.02
C TYR A 125 -3.52 3.62 17.37
N VAL A 126 -4.63 4.34 17.23
CA VAL A 126 -5.94 3.78 17.51
C VAL A 126 -6.29 2.71 16.49
N ARG A 127 -5.94 2.95 15.23
CA ARG A 127 -6.23 2.00 14.17
C ARG A 127 -5.54 0.67 14.43
N SER A 128 -4.27 0.73 14.83
CA SER A 128 -3.51 -0.49 15.10
C SER A 128 -4.19 -1.30 16.18
N LEU A 129 -4.75 -0.61 17.18
CA LEU A 129 -5.43 -1.30 18.27
C LEU A 129 -6.73 -1.90 17.77
N ALA A 130 -6.70 -3.19 17.47
CA ALA A 130 -7.90 -3.88 16.99
C ALA A 130 -7.66 -5.38 16.90
N ARG A 131 -6.43 -5.75 16.52
CA ARG A 131 -6.07 -7.16 16.39
C ARG A 131 -6.13 -7.86 17.75
N ASN A 132 -5.63 -7.20 18.78
CA ASN A 132 -5.62 -7.77 20.12
C ASN A 132 -7.04 -8.03 20.61
N GLY A 133 -7.95 -7.10 20.31
CA GLY A 133 -9.35 -7.25 20.73
C GLY A 133 -10.28 -6.52 19.76
N MET A 134 -11.54 -6.92 19.76
CA MET A 134 -12.54 -6.30 18.89
C MET A 134 -13.91 -6.35 19.53
N ASP A 135 -14.81 -5.48 19.06
CA ASP A 135 -16.16 -5.43 19.58
C ASP A 135 -16.14 -5.39 21.11
N GLY A 1 27.71 4.21 -17.75
CA GLY A 1 26.29 3.94 -17.41
C GLY A 1 26.21 2.72 -16.49
N ASN A 2 26.62 1.56 -17.01
CA ASN A 2 26.59 0.34 -16.23
C ASN A 2 27.51 0.45 -15.03
N ARG A 3 28.68 1.05 -15.22
CA ARG A 3 29.65 1.22 -14.14
C ARG A 3 29.24 2.39 -13.24
N SER A 4 29.56 2.27 -11.96
CA SER A 4 29.22 3.33 -11.00
C SER A 4 27.74 3.68 -11.09
N SER A 5 26.92 2.71 -11.52
CA SER A 5 25.49 2.94 -11.65
C SER A 5 24.89 3.32 -10.30
N HIS A 6 25.36 2.67 -9.24
CA HIS A 6 24.86 2.94 -7.90
C HIS A 6 23.33 2.92 -7.89
N SER A 7 22.75 2.18 -8.82
CA SER A 7 21.29 2.09 -8.91
C SER A 7 20.72 1.61 -7.59
N ARG A 8 21.48 0.75 -6.89
CA ARG A 8 21.03 0.22 -5.62
C ARG A 8 21.22 1.26 -4.51
N LEU A 9 20.26 1.34 -3.60
CA LEU A 9 20.34 2.30 -2.50
C LEU A 9 21.32 1.82 -1.44
N GLY A 10 22.06 2.76 -0.86
CA GLY A 10 23.04 2.43 0.17
C GLY A 10 22.35 2.06 1.48
N ARG A 11 21.22 1.36 1.37
CA ARG A 11 20.48 0.95 2.55
C ARG A 11 20.20 2.14 3.46
N ILE A 12 19.45 3.10 2.93
CA ILE A 12 19.11 4.30 3.70
C ILE A 12 18.22 3.94 4.89
N GLU A 13 17.38 2.92 4.70
CA GLU A 13 16.49 2.48 5.77
C GLU A 13 17.27 2.18 7.04
N ALA A 14 18.60 2.16 6.91
CA ALA A 14 19.46 1.87 8.06
C ALA A 14 19.24 2.90 9.16
N ASP A 15 20.33 3.49 9.65
CA ASP A 15 20.24 4.48 10.71
C ASP A 15 19.47 3.93 11.91
N SER A 16 18.14 3.94 11.82
CA SER A 16 17.30 3.43 12.90
C SER A 16 17.84 2.10 13.41
N GLU A 17 18.55 2.15 14.52
CA GLU A 17 19.13 0.94 15.11
C GLU A 17 19.84 0.12 14.05
N SER A 18 20.28 0.78 12.98
CA SER A 18 20.98 0.10 11.90
C SER A 18 20.32 -1.24 11.59
N GLN A 19 19.00 -1.28 11.69
CA GLN A 19 18.26 -2.50 11.43
C GLN A 19 18.73 -3.15 10.13
N GLU A 20 19.18 -2.31 9.20
CA GLU A 20 19.67 -2.81 7.92
C GLU A 20 20.95 -3.61 8.10
N ASP A 21 21.77 -3.21 9.06
CA ASP A 21 23.02 -3.91 9.32
C ASP A 21 22.78 -5.38 9.57
N ILE A 22 21.80 -5.69 10.41
CA ILE A 22 21.48 -7.08 10.72
C ILE A 22 21.01 -7.80 9.46
N ILE A 23 20.12 -7.16 8.71
CA ILE A 23 19.60 -7.75 7.50
C ILE A 23 20.74 -7.97 6.51
N ARG A 24 21.61 -6.98 6.40
CA ARG A 24 22.74 -7.09 5.48
C ARG A 24 23.47 -8.40 5.72
N ASN A 25 23.81 -8.69 6.97
CA ASN A 25 24.52 -9.92 7.29
C ASN A 25 23.75 -11.13 6.79
N ILE A 26 22.44 -11.12 7.02
CA ILE A 26 21.60 -12.24 6.57
C ILE A 26 21.69 -12.36 5.04
N ALA A 27 21.49 -11.25 4.35
CA ALA A 27 21.55 -11.27 2.89
C ALA A 27 22.95 -11.63 2.41
N ARG A 28 23.95 -11.14 3.12
CA ARG A 28 25.34 -11.39 2.74
C ARG A 28 25.60 -12.89 2.70
N HIS A 29 25.20 -13.59 3.76
CA HIS A 29 25.40 -15.04 3.83
C HIS A 29 24.55 -15.74 2.78
N LEU A 30 23.33 -15.25 2.61
CA LEU A 30 22.41 -15.81 1.63
C LEU A 30 22.92 -15.56 0.22
N ALA A 31 23.48 -14.38 0.00
CA ALA A 31 23.99 -14.02 -1.32
C ALA A 31 25.08 -14.99 -1.76
N GLN A 32 25.97 -15.34 -0.83
CA GLN A 32 27.05 -16.27 -1.15
C GLN A 32 26.46 -17.64 -1.51
N VAL A 33 25.63 -18.16 -0.61
CA VAL A 33 25.00 -19.47 -0.82
C VAL A 33 23.96 -19.40 -1.94
N GLY A 34 23.43 -18.21 -2.16
CA GLY A 34 22.42 -18.01 -3.20
C GLY A 34 23.08 -17.74 -4.55
N ASP A 35 24.18 -16.99 -4.53
CA ASP A 35 24.90 -16.67 -5.75
C ASP A 35 25.62 -17.89 -6.31
N SER A 36 26.31 -18.61 -5.44
CA SER A 36 27.06 -19.79 -5.87
C SER A 36 26.13 -20.82 -6.53
N MET A 37 26.11 -22.03 -6.01
CA MET A 37 25.27 -23.09 -6.56
C MET A 37 25.69 -23.40 -7.98
N ASP A 38 26.73 -22.72 -8.45
CA ASP A 38 27.23 -22.93 -9.81
C ASP A 38 27.74 -24.36 -9.96
N ARG A 39 28.37 -24.88 -8.92
CA ARG A 39 28.90 -26.24 -8.95
C ARG A 39 27.77 -27.25 -9.03
N SER A 40 27.93 -28.24 -9.90
CA SER A 40 26.91 -29.28 -10.06
C SER A 40 25.53 -28.65 -10.12
N ILE A 41 25.09 -28.30 -11.32
CA ILE A 41 23.78 -27.71 -11.50
C ILE A 41 23.33 -27.86 -12.95
N PRO A 42 23.09 -29.07 -13.37
CA PRO A 42 22.61 -29.34 -14.75
C PRO A 42 21.41 -28.46 -15.13
N PRO A 43 20.49 -28.21 -14.24
CA PRO A 43 19.29 -27.35 -14.52
C PRO A 43 19.69 -25.94 -14.94
N GLY A 44 18.76 -25.00 -14.79
CA GLY A 44 19.00 -23.61 -15.15
C GLY A 44 18.65 -23.35 -16.61
N LEU A 45 18.25 -24.42 -17.31
CA LEU A 45 17.88 -24.29 -18.72
C LEU A 45 16.39 -23.97 -18.85
N VAL A 46 15.67 -24.09 -17.74
CA VAL A 46 14.24 -23.81 -17.75
C VAL A 46 13.97 -22.34 -18.10
N ASN A 47 14.88 -21.47 -17.70
CA ASN A 47 14.74 -20.04 -17.98
C ASN A 47 14.68 -19.79 -19.48
N GLY A 48 15.35 -20.65 -20.23
CA GLY A 48 15.37 -20.55 -21.68
C GLY A 48 13.97 -20.75 -22.25
N LEU A 49 13.31 -21.81 -21.78
CA LEU A 49 11.97 -22.13 -22.23
C LEU A 49 10.99 -21.03 -21.88
N ALA A 50 11.17 -20.45 -20.70
CA ALA A 50 10.30 -19.39 -20.25
C ALA A 50 10.27 -18.27 -21.27
N LEU A 51 11.44 -17.83 -21.71
CA LEU A 51 11.52 -16.75 -22.69
C LEU A 51 11.04 -17.24 -24.05
N GLN A 52 11.56 -18.39 -24.47
CA GLN A 52 11.19 -18.97 -25.76
C GLN A 52 9.70 -19.26 -25.80
N LEU A 53 9.09 -19.48 -24.63
CA LEU A 53 7.68 -19.80 -24.59
C LEU A 53 6.87 -18.65 -25.19
N ARG A 54 7.23 -17.42 -24.84
CA ARG A 54 6.51 -16.27 -25.37
C ARG A 54 6.66 -16.19 -26.88
N ASN A 55 7.87 -16.43 -27.37
CA ASN A 55 8.14 -16.38 -28.80
C ASN A 55 7.38 -17.49 -29.53
N THR A 56 7.39 -18.68 -28.95
CA THR A 56 6.70 -19.83 -29.54
C THR A 56 5.19 -19.58 -29.57
N SER A 57 4.66 -19.13 -28.45
CA SER A 57 3.23 -18.86 -28.34
C SER A 57 2.92 -17.43 -28.77
N ARG A 58 3.31 -17.07 -29.99
CA ARG A 58 3.07 -15.74 -30.51
C ARG A 58 1.57 -15.44 -30.57
N SER A 59 0.79 -16.44 -30.93
CA SER A 59 -0.66 -16.29 -31.02
C SER A 59 -1.29 -16.41 -29.63
N GLU A 60 -1.78 -17.60 -29.32
CA GLU A 60 -2.41 -17.85 -28.03
C GLU A 60 -3.28 -16.66 -27.63
N GLU A 61 -4.47 -16.58 -28.23
CA GLU A 61 -5.39 -15.49 -27.93
C GLU A 61 -6.76 -15.78 -28.50
N ASP A 62 -7.68 -14.84 -28.32
CA ASP A 62 -9.04 -14.99 -28.83
C ASP A 62 -9.68 -16.28 -28.28
N ARG A 63 -9.31 -16.63 -27.05
CA ARG A 63 -9.84 -17.83 -26.41
C ARG A 63 -10.23 -17.55 -24.97
N ASN A 64 -9.40 -16.77 -24.27
CA ASN A 64 -9.66 -16.44 -22.88
C ASN A 64 -9.02 -15.10 -22.51
N ARG A 65 -8.56 -14.37 -23.54
CA ARG A 65 -7.92 -13.07 -23.31
C ARG A 65 -8.86 -11.94 -23.71
N ASP A 66 -9.66 -12.18 -24.75
CA ASP A 66 -10.58 -11.16 -25.23
C ASP A 66 -11.33 -10.51 -24.07
N LEU A 67 -12.41 -11.14 -23.64
CA LEU A 67 -13.21 -10.59 -22.55
C LEU A 67 -12.34 -10.25 -21.36
N ALA A 68 -11.28 -11.01 -21.15
CA ALA A 68 -10.39 -10.75 -20.02
C ALA A 68 -9.92 -9.30 -20.04
N THR A 69 -9.47 -8.85 -21.21
CA THR A 69 -9.01 -7.47 -21.36
C THR A 69 -10.15 -6.50 -21.03
N ALA A 70 -11.35 -6.86 -21.45
CA ALA A 70 -12.51 -6.01 -21.21
C ALA A 70 -12.65 -5.72 -19.71
N LEU A 71 -12.56 -6.77 -18.91
CA LEU A 71 -12.70 -6.61 -17.46
C LEU A 71 -11.61 -5.67 -16.93
N GLU A 72 -10.38 -5.86 -17.38
CA GLU A 72 -9.29 -5.01 -16.93
C GLU A 72 -9.55 -3.57 -17.35
N GLN A 73 -9.85 -3.39 -18.65
CA GLN A 73 -10.12 -2.06 -19.17
C GLN A 73 -11.22 -1.37 -18.38
N LEU A 74 -12.22 -2.15 -17.98
CA LEU A 74 -13.33 -1.60 -17.23
C LEU A 74 -12.84 -0.97 -15.92
N LEU A 75 -12.06 -1.74 -15.18
CA LEU A 75 -11.54 -1.25 -13.90
C LEU A 75 -10.67 -0.03 -14.13
N GLN A 76 -9.80 -0.10 -15.14
CA GLN A 76 -8.92 1.02 -15.45
C GLN A 76 -9.75 2.27 -15.74
N ALA A 77 -10.88 2.06 -16.42
CA ALA A 77 -11.76 3.18 -16.75
C ALA A 77 -12.36 3.78 -15.49
N TYR A 78 -13.36 3.10 -14.92
CA TYR A 78 -14.04 3.57 -13.72
C TYR A 78 -13.06 4.34 -12.81
N PRO A 79 -13.07 5.65 -12.85
CA PRO A 79 -12.16 6.48 -12.01
C PRO A 79 -12.66 6.60 -10.57
N ARG A 80 -11.80 7.12 -9.70
CA ARG A 80 -12.15 7.28 -8.29
C ARG A 80 -12.94 8.57 -8.10
N ASP A 81 -13.75 8.91 -9.08
CA ASP A 81 -14.56 10.12 -9.01
C ASP A 81 -15.81 9.87 -8.18
N MET A 82 -15.69 10.11 -6.88
CA MET A 82 -16.82 9.91 -5.96
C MET A 82 -17.52 11.24 -5.68
N GLU A 83 -17.25 12.23 -6.52
CA GLU A 83 -17.86 13.55 -6.35
C GLU A 83 -19.38 13.45 -6.41
N LYS A 84 -19.87 12.66 -7.36
CA LYS A 84 -21.31 12.47 -7.53
C LYS A 84 -21.91 11.83 -6.27
N GLU A 85 -21.14 10.99 -5.63
CA GLU A 85 -21.59 10.33 -4.40
C GLU A 85 -21.68 11.34 -3.26
N LYS A 86 -20.66 12.19 -3.14
CA LYS A 86 -20.63 13.21 -2.10
C LYS A 86 -21.73 14.25 -2.33
N THR A 87 -21.94 14.60 -3.60
CA THR A 87 -22.94 15.58 -3.94
C THR A 87 -24.33 15.11 -3.49
N MET A 88 -24.61 13.84 -3.73
CA MET A 88 -25.91 13.29 -3.35
C MET A 88 -26.11 13.41 -1.84
N LEU A 89 -25.08 13.03 -1.07
CA LEU A 89 -25.17 13.13 0.39
C LEU A 89 -25.13 14.59 0.83
N VAL A 90 -24.15 15.32 0.33
CA VAL A 90 -23.98 16.73 0.70
C VAL A 90 -25.24 17.51 0.32
N LEU A 91 -25.77 17.23 -0.86
CA LEU A 91 -26.95 17.94 -1.30
C LEU A 91 -28.10 17.69 -0.33
N ALA A 92 -28.29 16.44 0.06
CA ALA A 92 -29.35 16.11 0.99
C ALA A 92 -29.19 16.92 2.27
N LEU A 93 -27.94 17.01 2.74
CA LEU A 93 -27.67 17.75 3.97
C LEU A 93 -28.15 19.19 3.85
N LEU A 94 -27.94 19.79 2.68
CA LEU A 94 -28.35 21.17 2.46
C LEU A 94 -29.85 21.31 2.68
N LEU A 95 -30.61 20.34 2.19
CA LEU A 95 -32.06 20.36 2.36
C LEU A 95 -32.41 20.30 3.85
N ALA A 96 -31.73 19.40 4.57
CA ALA A 96 -31.98 19.26 5.99
C ALA A 96 -31.48 20.49 6.74
N LYS A 97 -30.38 21.06 6.26
CA LYS A 97 -29.81 22.24 6.89
C LYS A 97 -30.82 23.39 6.87
N LYS A 98 -31.45 23.59 5.73
CA LYS A 98 -32.45 24.65 5.59
C LYS A 98 -33.62 24.41 6.52
N VAL A 99 -34.00 23.14 6.67
CA VAL A 99 -35.10 22.79 7.55
C VAL A 99 -34.72 23.01 9.00
N ALA A 100 -33.58 22.45 9.40
CA ALA A 100 -33.14 22.61 10.77
C ALA A 100 -32.63 24.03 11.02
N SER A 101 -31.75 24.51 10.15
CA SER A 101 -31.18 25.87 10.27
C SER A 101 -31.25 26.38 11.71
N HIS A 102 -31.08 25.46 12.66
CA HIS A 102 -31.15 25.79 14.07
C HIS A 102 -30.37 24.78 14.89
N THR A 103 -29.63 25.27 15.88
CA THR A 103 -28.86 24.38 16.74
C THR A 103 -28.46 25.11 18.03
N PRO A 104 -28.72 24.54 19.20
CA PRO A 104 -28.35 25.19 20.49
C PRO A 104 -26.94 25.78 20.46
N SER A 105 -26.05 25.14 19.70
CA SER A 105 -24.67 25.60 19.61
C SER A 105 -23.91 25.27 20.89
N LEU A 106 -22.81 25.99 21.13
CA LEU A 106 -22.00 25.77 22.32
C LEU A 106 -21.35 24.40 22.28
N LEU A 107 -22.19 23.36 22.22
CA LEU A 107 -21.70 22.00 22.16
C LEU A 107 -20.90 21.76 20.88
N ARG A 108 -21.30 22.46 19.82
CA ARG A 108 -20.62 22.33 18.54
C ARG A 108 -19.20 22.90 18.60
N ASP A 109 -19.05 24.04 19.25
CA ASP A 109 -17.74 24.68 19.35
C ASP A 109 -16.75 23.78 20.07
N VAL A 110 -17.16 23.22 21.19
CA VAL A 110 -16.30 22.32 21.97
C VAL A 110 -16.10 21.00 21.23
N PHE A 111 -17.17 20.50 20.62
CA PHE A 111 -17.11 19.24 19.89
C PHE A 111 -16.07 19.32 18.79
N HIS A 112 -16.09 20.41 18.04
CA HIS A 112 -15.14 20.60 16.94
C HIS A 112 -13.71 20.69 17.48
N THR A 113 -13.52 21.51 18.52
CA THR A 113 -12.20 21.68 19.11
C THR A 113 -11.72 20.38 19.76
N THR A 114 -12.64 19.68 20.42
CA THR A 114 -12.29 18.43 21.08
C THR A 114 -11.77 17.41 20.08
N VAL A 115 -12.46 17.31 18.94
CA VAL A 115 -12.05 16.38 17.90
C VAL A 115 -10.68 16.75 17.34
N ASN A 116 -10.45 18.05 17.17
CA ASN A 116 -9.17 18.53 16.65
C ASN A 116 -8.03 18.21 17.59
N PHE A 117 -8.26 18.42 18.89
CA PHE A 117 -7.22 18.16 19.90
C PHE A 117 -6.84 16.68 19.94
N ILE A 118 -7.84 15.82 20.09
CA ILE A 118 -7.60 14.38 20.15
C ILE A 118 -7.12 13.85 18.80
N ASN A 119 -7.65 14.44 17.73
CA ASN A 119 -7.28 14.02 16.38
C ASN A 119 -5.76 13.96 16.24
N GLN A 120 -5.06 14.86 16.90
CA GLN A 120 -3.59 14.90 16.82
C GLN A 120 -3.01 13.48 16.77
N ASN A 121 -3.53 12.58 17.60
CA ASN A 121 -3.05 11.19 17.64
C ASN A 121 -4.02 10.24 16.95
N LEU A 122 -5.31 10.42 17.24
CA LEU A 122 -6.35 9.56 16.65
C LEU A 122 -6.35 9.71 15.14
N ARG A 123 -6.09 10.90 14.65
CA ARG A 123 -6.10 11.13 13.21
C ARG A 123 -5.20 10.13 12.52
N THR A 124 -4.03 9.86 13.08
CA THR A 124 -3.12 8.90 12.46
C THR A 124 -3.76 7.52 12.36
N TYR A 125 -4.27 7.02 13.49
CA TYR A 125 -4.91 5.71 13.51
C TYR A 125 -6.23 5.73 12.76
N VAL A 126 -6.98 6.80 12.95
CA VAL A 126 -8.27 6.95 12.29
C VAL A 126 -8.09 7.05 10.78
N ARG A 127 -7.10 7.83 10.35
CA ARG A 127 -6.85 7.99 8.92
C ARG A 127 -6.54 6.64 8.28
N SER A 128 -5.56 5.93 8.84
CA SER A 128 -5.19 4.62 8.31
C SER A 128 -6.34 3.64 8.41
N LEU A 129 -7.07 3.68 9.53
CA LEU A 129 -8.19 2.78 9.75
C LEU A 129 -9.02 2.63 8.47
N ALA A 130 -9.72 3.70 8.13
CA ALA A 130 -10.55 3.68 6.92
C ALA A 130 -11.17 5.05 6.68
N ARG A 131 -10.51 6.10 7.18
CA ARG A 131 -11.01 7.47 7.01
C ARG A 131 -10.05 8.28 6.15
N ASN A 132 -10.59 8.99 5.17
CA ASN A 132 -9.77 9.81 4.30
C ASN A 132 -8.66 8.96 3.66
N GLY A 133 -9.03 7.75 3.24
CA GLY A 133 -8.06 6.86 2.62
C GLY A 133 -7.54 7.44 1.30
N MET A 134 -6.42 6.93 0.83
CA MET A 134 -5.82 7.40 -0.41
C MET A 134 -5.82 8.93 -0.46
N ASP A 135 -6.90 9.49 -0.98
CA ASP A 135 -7.02 10.95 -1.07
C ASP A 135 -7.07 11.57 0.32
N GLY A 1 38.97 -6.16 0.00
CA GLY A 1 37.85 -5.18 0.06
C GLY A 1 37.43 -4.96 1.51
N ASN A 2 36.14 -5.14 1.78
CA ASN A 2 35.61 -4.97 3.13
C ASN A 2 35.95 -3.58 3.67
N ARG A 3 35.78 -2.57 2.82
CA ARG A 3 36.09 -1.21 3.21
C ARG A 3 35.28 -0.79 4.42
N SER A 4 33.99 -1.14 4.42
CA SER A 4 33.11 -0.79 5.53
C SER A 4 33.01 0.73 5.70
N SER A 5 33.33 1.46 4.64
CA SER A 5 33.26 2.91 4.67
C SER A 5 31.83 3.38 4.82
N HIS A 6 30.90 2.64 4.22
CA HIS A 6 29.48 2.99 4.28
C HIS A 6 28.82 2.32 5.47
N SER A 7 28.75 3.04 6.59
CA SER A 7 28.13 2.50 7.79
C SER A 7 26.63 2.75 7.77
N ARG A 8 26.22 3.95 8.17
CA ARG A 8 24.80 4.32 8.21
C ARG A 8 24.47 5.29 7.08
N LEU A 9 23.27 5.15 6.52
CA LEU A 9 22.84 6.02 5.43
C LEU A 9 22.16 7.26 5.97
N GLY A 10 22.09 7.36 7.30
CA GLY A 10 21.46 8.50 7.94
C GLY A 10 19.99 8.23 8.19
N ARG A 11 19.20 9.29 8.27
CA ARG A 11 17.77 9.17 8.51
C ARG A 11 17.08 8.50 7.32
N ILE A 12 16.23 7.54 7.60
CA ILE A 12 15.50 6.82 6.57
C ILE A 12 14.17 6.29 7.11
N GLU A 13 13.84 5.06 6.74
CA GLU A 13 12.60 4.46 7.19
C GLU A 13 12.70 4.07 8.67
N ALA A 14 13.14 5.02 9.49
CA ALA A 14 13.29 4.75 10.92
C ALA A 14 14.30 3.66 11.18
N ASP A 15 15.19 3.43 10.20
CA ASP A 15 16.22 2.41 10.35
C ASP A 15 15.63 1.16 10.97
N SER A 16 14.31 1.01 10.85
CA SER A 16 13.63 -0.14 11.43
C SER A 16 14.19 -0.47 12.79
N GLU A 17 14.50 0.58 13.57
CA GLU A 17 15.07 0.42 14.90
C GLU A 17 16.49 -0.13 14.81
N SER A 18 16.72 -1.02 13.84
CA SER A 18 18.04 -1.61 13.63
C SER A 18 17.92 -2.94 12.88
N GLN A 19 16.69 -3.31 12.54
CA GLN A 19 16.46 -4.56 11.82
C GLN A 19 17.05 -4.49 10.42
N GLU A 20 17.28 -3.28 9.93
CA GLU A 20 17.84 -3.10 8.60
C GLU A 20 19.19 -3.78 8.49
N ASP A 21 19.98 -3.69 9.55
CA ASP A 21 21.31 -4.29 9.56
C ASP A 21 21.21 -5.81 9.39
N ILE A 22 20.32 -6.43 10.17
CA ILE A 22 20.14 -7.87 10.11
C ILE A 22 19.62 -8.29 8.72
N ILE A 23 18.65 -7.54 8.21
CA ILE A 23 18.09 -7.86 6.90
C ILE A 23 19.17 -7.73 5.84
N ARG A 24 19.97 -6.68 5.94
CA ARG A 24 21.02 -6.47 4.97
C ARG A 24 21.90 -7.70 4.90
N ASN A 25 22.31 -8.23 6.05
CA ASN A 25 23.16 -9.41 6.08
C ASN A 25 22.45 -10.59 5.45
N ILE A 26 21.17 -10.75 5.78
CA ILE A 26 20.40 -11.86 5.25
C ILE A 26 20.37 -11.79 3.73
N ALA A 27 20.14 -10.60 3.20
CA ALA A 27 20.10 -10.42 1.74
C ALA A 27 21.45 -10.78 1.13
N ARG A 28 22.52 -10.35 1.80
CA ARG A 28 23.87 -10.62 1.31
C ARG A 28 24.08 -12.11 1.06
N HIS A 29 23.64 -12.93 2.01
CA HIS A 29 23.77 -14.38 1.88
C HIS A 29 22.92 -14.89 0.72
N LEU A 30 21.71 -14.35 0.60
CA LEU A 30 20.81 -14.73 -0.48
C LEU A 30 21.37 -14.30 -1.83
N ALA A 31 21.95 -13.11 -1.86
CA ALA A 31 22.53 -12.59 -3.09
C ALA A 31 23.54 -13.57 -3.67
N GLN A 32 24.42 -14.08 -2.80
CA GLN A 32 25.43 -15.03 -3.25
C GLN A 32 24.74 -16.29 -3.79
N VAL A 33 23.85 -16.86 -2.99
CA VAL A 33 23.13 -18.07 -3.39
C VAL A 33 22.21 -17.80 -4.57
N GLY A 34 21.79 -16.53 -4.69
CA GLY A 34 20.91 -16.13 -5.78
C GLY A 34 21.71 -15.76 -7.03
N ASP A 35 22.93 -15.28 -6.82
CA ASP A 35 23.79 -14.88 -7.93
C ASP A 35 24.08 -16.07 -8.83
N SER A 36 24.43 -17.20 -8.23
CA SER A 36 24.74 -18.42 -8.99
C SER A 36 24.08 -19.63 -8.34
N MET A 37 22.99 -20.12 -8.95
CA MET A 37 22.28 -21.28 -8.43
C MET A 37 22.11 -22.34 -9.54
N ASP A 38 22.31 -21.92 -10.78
CA ASP A 38 22.18 -22.83 -11.91
C ASP A 38 23.25 -23.92 -11.85
N ARG A 39 24.41 -23.56 -11.30
CA ARG A 39 25.52 -24.51 -11.20
C ARG A 39 25.16 -25.66 -10.27
N SER A 40 24.49 -25.35 -9.16
CA SER A 40 24.12 -26.38 -8.19
C SER A 40 23.20 -27.41 -8.82
N ILE A 41 22.22 -26.96 -9.61
CA ILE A 41 21.28 -27.87 -10.25
C ILE A 41 21.65 -28.10 -11.71
N PRO A 42 21.35 -29.26 -12.25
CA PRO A 42 21.66 -29.60 -13.67
C PRO A 42 21.49 -28.39 -14.61
N PRO A 43 22.57 -27.78 -15.04
CA PRO A 43 22.50 -26.61 -15.95
C PRO A 43 22.20 -27.01 -17.39
N GLY A 44 22.11 -26.01 -18.27
CA GLY A 44 21.83 -26.25 -19.68
C GLY A 44 20.32 -26.22 -19.94
N LEU A 45 19.55 -26.31 -18.86
CA LEU A 45 18.09 -26.27 -18.95
C LEU A 45 17.63 -24.88 -19.37
N VAL A 46 18.37 -23.86 -18.94
CA VAL A 46 18.03 -22.49 -19.27
C VAL A 46 18.01 -22.28 -20.78
N ASN A 47 18.88 -23.00 -21.49
CA ASN A 47 18.94 -22.89 -22.93
C ASN A 47 17.62 -23.32 -23.55
N GLY A 48 17.07 -24.42 -23.06
CA GLY A 48 15.81 -24.92 -23.59
C GLY A 48 14.71 -23.86 -23.47
N LEU A 49 14.70 -23.16 -22.34
CA LEU A 49 13.70 -22.12 -22.11
C LEU A 49 13.86 -21.01 -23.14
N ALA A 50 15.09 -20.60 -23.39
CA ALA A 50 15.37 -19.55 -24.35
C ALA A 50 14.99 -20.00 -25.76
N LEU A 51 15.29 -21.25 -26.07
CA LEU A 51 14.97 -21.80 -27.38
C LEU A 51 13.46 -21.81 -27.62
N GLN A 52 12.72 -22.19 -26.58
CA GLN A 52 11.28 -22.23 -26.69
C GLN A 52 10.73 -20.86 -27.08
N LEU A 53 11.18 -19.82 -26.39
CA LEU A 53 10.71 -18.48 -26.70
C LEU A 53 11.22 -18.04 -28.08
N ARG A 54 12.49 -18.32 -28.32
CA ARG A 54 13.12 -17.95 -29.58
C ARG A 54 12.48 -18.72 -30.73
N ASN A 55 12.16 -19.98 -30.46
CA ASN A 55 11.55 -20.83 -31.48
C ASN A 55 10.19 -20.30 -31.89
N THR A 56 9.38 -19.89 -30.90
CA THR A 56 8.04 -19.37 -31.19
C THR A 56 8.10 -17.87 -31.46
N SER A 57 9.24 -17.41 -31.97
CA SER A 57 9.42 -16.00 -32.28
C SER A 57 8.74 -15.66 -33.59
N ARG A 58 8.17 -16.67 -34.24
CA ARG A 58 7.47 -16.46 -35.50
C ARG A 58 6.13 -15.80 -35.27
N SER A 59 6.13 -14.72 -34.51
CA SER A 59 4.90 -14.01 -34.20
C SER A 59 3.88 -14.94 -33.54
N GLU A 60 3.85 -14.91 -32.22
CA GLU A 60 2.92 -15.75 -31.48
C GLU A 60 2.88 -15.34 -30.01
N GLU A 61 2.42 -14.11 -29.77
CA GLU A 61 2.35 -13.60 -28.40
C GLU A 61 1.76 -12.19 -28.40
N ASP A 62 1.80 -11.54 -27.25
CA ASP A 62 1.25 -10.19 -27.13
C ASP A 62 -0.22 -10.16 -27.53
N ARG A 63 -0.77 -11.34 -27.83
CA ARG A 63 -2.16 -11.44 -28.22
C ARG A 63 -3.07 -11.29 -27.01
N ASN A 64 -3.07 -12.32 -26.16
CA ASN A 64 -3.89 -12.30 -24.95
C ASN A 64 -3.42 -11.20 -24.01
N ARG A 65 -2.10 -11.03 -23.91
CA ARG A 65 -1.55 -10.01 -23.04
C ARG A 65 -1.92 -8.62 -23.53
N ASP A 66 -3.20 -8.30 -23.47
CA ASP A 66 -3.68 -6.99 -23.92
C ASP A 66 -4.65 -6.41 -22.89
N LEU A 67 -5.92 -6.79 -22.98
CA LEU A 67 -6.92 -6.29 -22.05
C LEU A 67 -6.50 -6.56 -20.61
N ALA A 68 -5.77 -7.66 -20.41
CA ALA A 68 -5.31 -8.01 -19.07
C ALA A 68 -4.52 -6.85 -18.45
N THR A 69 -3.60 -6.30 -19.23
CA THR A 69 -2.79 -5.18 -18.74
C THR A 69 -3.65 -3.96 -18.44
N ALA A 70 -4.58 -3.66 -19.35
CA ALA A 70 -5.46 -2.50 -19.17
C ALA A 70 -6.24 -2.61 -17.87
N LEU A 71 -6.82 -3.78 -17.62
CA LEU A 71 -7.61 -3.98 -16.41
C LEU A 71 -6.74 -3.80 -15.17
N GLU A 72 -5.51 -4.31 -15.23
CA GLU A 72 -4.60 -4.17 -14.10
C GLU A 72 -4.32 -2.70 -13.83
N GLN A 73 -3.98 -1.97 -14.89
CA GLN A 73 -3.68 -0.55 -14.76
C GLN A 73 -4.91 0.22 -14.29
N LEU A 74 -6.06 -0.08 -14.87
CA LEU A 74 -7.29 0.59 -14.48
C LEU A 74 -7.60 0.34 -13.01
N LEU A 75 -7.65 -0.94 -12.63
CA LEU A 75 -7.98 -1.29 -11.26
C LEU A 75 -6.96 -0.66 -10.30
N GLN A 76 -5.71 -0.66 -10.72
CA GLN A 76 -4.66 -0.09 -9.89
C GLN A 76 -4.96 1.37 -9.58
N ALA A 77 -5.54 2.08 -10.55
CA ALA A 77 -5.88 3.50 -10.38
C ALA A 77 -7.38 3.70 -10.49
N TYR A 78 -8.14 3.09 -9.57
CA TYR A 78 -9.58 3.24 -9.55
C TYR A 78 -9.96 4.52 -8.77
N PRO A 79 -9.23 4.87 -7.73
CA PRO A 79 -9.56 6.08 -6.91
C PRO A 79 -9.64 7.34 -7.76
N ARG A 80 -10.86 7.85 -7.94
CA ARG A 80 -11.06 9.05 -8.72
C ARG A 80 -12.33 9.77 -8.26
N ASP A 81 -12.36 11.08 -8.44
CA ASP A 81 -13.52 11.88 -8.03
C ASP A 81 -14.01 11.44 -6.66
N MET A 82 -15.02 10.57 -6.64
CA MET A 82 -15.58 10.08 -5.39
C MET A 82 -16.19 11.21 -4.58
N GLU A 83 -15.35 12.15 -4.14
CA GLU A 83 -15.82 13.28 -3.36
C GLU A 83 -16.93 14.01 -4.09
N LYS A 84 -16.84 14.07 -5.40
CA LYS A 84 -17.85 14.76 -6.19
C LYS A 84 -19.22 14.09 -6.06
N GLU A 85 -19.20 12.75 -5.95
CA GLU A 85 -20.43 11.98 -5.83
C GLU A 85 -21.13 12.25 -4.49
N LYS A 86 -20.38 12.17 -3.40
CA LYS A 86 -20.95 12.41 -2.08
C LYS A 86 -21.31 13.87 -1.91
N THR A 87 -20.53 14.75 -2.55
CA THR A 87 -20.77 16.17 -2.44
C THR A 87 -22.16 16.51 -2.94
N MET A 88 -22.53 15.96 -4.08
CA MET A 88 -23.85 16.23 -4.62
C MET A 88 -24.92 15.72 -3.66
N LEU A 89 -24.75 14.49 -3.16
CA LEU A 89 -25.73 13.95 -2.22
C LEU A 89 -25.71 14.76 -0.92
N VAL A 90 -24.52 14.98 -0.42
CA VAL A 90 -24.33 15.74 0.81
C VAL A 90 -24.88 17.15 0.62
N LEU A 91 -24.62 17.72 -0.54
CA LEU A 91 -25.08 19.06 -0.83
C LEU A 91 -26.60 19.15 -0.69
N ALA A 92 -27.31 18.18 -1.24
CA ALA A 92 -28.75 18.17 -1.17
C ALA A 92 -29.23 18.03 0.26
N LEU A 93 -28.56 17.16 1.01
CA LEU A 93 -28.95 16.93 2.40
C LEU A 93 -28.81 18.21 3.21
N LEU A 94 -27.72 18.93 3.01
CA LEU A 94 -27.49 20.15 3.75
C LEU A 94 -28.61 21.15 3.47
N LEU A 95 -28.96 21.26 2.20
CA LEU A 95 -30.01 22.19 1.81
C LEU A 95 -31.33 21.79 2.49
N ALA A 96 -31.62 20.50 2.46
CA ALA A 96 -32.83 19.99 3.07
C ALA A 96 -32.74 20.09 4.58
N LYS A 97 -31.55 19.87 5.12
CA LYS A 97 -31.35 19.92 6.56
C LYS A 97 -31.69 21.31 7.09
N LYS A 98 -31.15 22.33 6.45
CA LYS A 98 -31.39 23.70 6.87
C LYS A 98 -32.87 24.06 6.71
N VAL A 99 -33.46 23.61 5.61
CA VAL A 99 -34.87 23.88 5.35
C VAL A 99 -35.77 23.19 6.37
N ALA A 100 -35.48 21.91 6.63
CA ALA A 100 -36.28 21.14 7.58
C ALA A 100 -36.11 21.69 9.00
N SER A 101 -34.91 22.14 9.30
CA SER A 101 -34.62 22.69 10.63
C SER A 101 -33.39 23.58 10.58
N HIS A 102 -33.21 24.41 11.60
CA HIS A 102 -32.07 25.31 11.67
C HIS A 102 -30.89 24.62 12.35
N THR A 103 -29.94 25.42 12.82
CA THR A 103 -28.76 24.87 13.48
C THR A 103 -29.04 24.62 14.97
N PRO A 104 -28.44 23.61 15.55
CA PRO A 104 -28.63 23.29 17.00
C PRO A 104 -28.65 24.55 17.87
N SER A 105 -27.48 25.16 18.05
CA SER A 105 -27.37 26.37 18.86
C SER A 105 -25.89 26.72 19.06
N LEU A 106 -25.40 26.56 20.30
CA LEU A 106 -24.01 26.86 20.63
C LEU A 106 -23.17 25.59 20.65
N LEU A 107 -23.84 24.45 20.54
CA LEU A 107 -23.16 23.16 20.54
C LEU A 107 -22.28 23.03 19.30
N ARG A 108 -22.66 23.75 18.25
CA ARG A 108 -21.91 23.72 17.00
C ARG A 108 -20.47 24.19 17.22
N ASP A 109 -20.30 25.23 18.01
CA ASP A 109 -18.97 25.76 18.29
C ASP A 109 -18.16 24.78 19.14
N VAL A 110 -18.78 24.25 20.20
CA VAL A 110 -18.10 23.31 21.08
C VAL A 110 -17.69 22.06 20.31
N PHE A 111 -18.61 21.53 19.52
CA PHE A 111 -18.34 20.34 18.73
C PHE A 111 -17.18 20.58 17.77
N HIS A 112 -17.14 21.78 17.20
CA HIS A 112 -16.09 22.13 16.26
C HIS A 112 -14.72 22.01 16.93
N THR A 113 -14.58 22.60 18.12
CA THR A 113 -13.31 22.53 18.83
C THR A 113 -12.96 21.08 19.14
N THR A 114 -13.93 20.34 19.66
CA THR A 114 -13.69 18.95 20.03
C THR A 114 -13.08 18.19 18.85
N VAL A 115 -13.59 18.43 17.66
CA VAL A 115 -13.07 17.76 16.47
C VAL A 115 -11.61 18.14 16.23
N ASN A 116 -11.31 19.42 16.37
CA ASN A 116 -9.94 19.90 16.18
C ASN A 116 -9.03 19.46 17.33
N PHE A 117 -9.60 19.41 18.53
CA PHE A 117 -8.84 19.01 19.71
C PHE A 117 -8.26 17.62 19.53
N ILE A 118 -9.05 16.72 18.97
CA ILE A 118 -8.61 15.36 18.75
C ILE A 118 -7.41 15.33 17.82
N ASN A 119 -7.46 16.15 16.78
CA ASN A 119 -6.38 16.22 15.80
C ASN A 119 -5.04 16.41 16.49
N GLN A 120 -5.05 17.15 17.61
CA GLN A 120 -3.84 17.43 18.36
C GLN A 120 -2.88 16.23 18.33
N ASN A 121 -2.96 15.39 19.37
CA ASN A 121 -2.12 14.20 19.45
C ASN A 121 -2.95 12.96 19.78
N LEU A 122 -4.20 13.19 20.18
CA LEU A 122 -5.10 12.11 20.52
C LEU A 122 -5.34 11.22 19.31
N ARG A 123 -5.41 11.82 18.13
CA ARG A 123 -5.67 11.05 16.92
C ARG A 123 -4.72 9.87 16.84
N THR A 124 -3.44 10.10 17.09
CA THR A 124 -2.46 9.03 17.05
C THR A 124 -2.79 7.98 18.11
N TYR A 125 -2.97 8.44 19.34
CA TYR A 125 -3.29 7.54 20.45
C TYR A 125 -4.61 6.84 20.20
N VAL A 126 -5.57 7.60 19.66
CA VAL A 126 -6.89 7.06 19.37
C VAL A 126 -6.80 5.96 18.32
N ARG A 127 -6.02 6.19 17.27
CA ARG A 127 -5.89 5.20 16.22
C ARG A 127 -5.40 3.87 16.79
N SER A 128 -4.28 3.92 17.51
CA SER A 128 -3.72 2.71 18.09
C SER A 128 -4.74 2.05 19.01
N LEU A 129 -5.44 2.86 19.79
CA LEU A 129 -6.44 2.36 20.73
C LEU A 129 -7.79 2.20 20.03
N ALA A 130 -7.96 1.06 19.37
CA ALA A 130 -9.21 0.78 18.66
C ALA A 130 -9.65 2.00 17.87
N ARG A 131 -10.90 1.99 17.41
CA ARG A 131 -11.45 3.10 16.64
C ARG A 131 -12.89 3.36 17.04
N ASN A 132 -13.30 4.63 16.99
CA ASN A 132 -14.66 5.01 17.33
C ASN A 132 -15.58 4.97 16.12
N GLY A 133 -16.46 3.99 16.08
CA GLY A 133 -17.38 3.84 14.95
C GLY A 133 -18.30 5.05 14.84
N MET A 134 -18.82 5.51 15.98
CA MET A 134 -19.70 6.67 16.01
C MET A 134 -19.82 7.23 17.42
N ASP A 135 -19.92 8.55 17.51
CA ASP A 135 -20.04 9.20 18.81
C ASP A 135 -21.10 8.50 19.67
N GLY A 1 9.96 9.33 -2.60
CA GLY A 1 8.53 9.05 -2.93
C GLY A 1 8.45 8.12 -4.13
N ASN A 2 9.54 8.05 -4.90
CA ASN A 2 9.59 7.20 -6.08
C ASN A 2 9.45 5.73 -5.69
N ARG A 3 10.12 5.34 -4.60
CA ARG A 3 10.07 3.95 -4.13
C ARG A 3 8.88 3.76 -3.19
N SER A 4 8.19 2.62 -3.34
CA SER A 4 7.04 2.33 -2.51
C SER A 4 7.48 1.80 -1.15
N SER A 5 8.14 2.66 -0.38
CA SER A 5 8.63 2.27 0.95
C SER A 5 7.47 2.25 1.95
N HIS A 6 7.68 1.57 3.07
CA HIS A 6 6.66 1.48 4.11
C HIS A 6 7.30 1.24 5.48
N SER A 7 7.25 -0.01 5.92
CA SER A 7 7.82 -0.38 7.22
C SER A 7 9.32 -0.62 7.09
N ARG A 8 9.81 -0.64 5.85
CA ARG A 8 11.23 -0.87 5.62
C ARG A 8 12.07 0.24 6.21
N LEU A 9 11.60 1.47 6.08
CA LEU A 9 12.31 2.62 6.60
C LEU A 9 12.42 2.54 8.13
N GLY A 10 11.33 2.13 8.77
CA GLY A 10 11.33 2.01 10.22
C GLY A 10 11.67 3.34 10.88
N ARG A 11 12.96 3.58 11.08
CA ARG A 11 13.43 4.82 11.71
C ARG A 11 14.76 5.26 11.11
N ILE A 12 15.05 6.56 11.23
CA ILE A 12 16.30 7.11 10.70
C ILE A 12 16.88 8.12 11.68
N GLU A 13 18.20 8.32 11.61
CA GLU A 13 18.87 9.26 12.49
C GLU A 13 18.80 8.77 13.94
N ALA A 14 18.86 7.46 14.12
CA ALA A 14 18.80 6.88 15.46
C ALA A 14 19.20 5.41 15.43
N ASP A 15 19.55 4.93 14.25
CA ASP A 15 19.95 3.53 14.09
C ASP A 15 20.79 3.35 12.85
N SER A 16 20.20 2.76 11.81
CA SER A 16 20.92 2.52 10.55
C SER A 16 22.34 2.05 10.83
N GLU A 17 22.57 1.50 12.02
CA GLU A 17 23.89 1.01 12.40
C GLU A 17 23.77 -0.30 13.15
N SER A 18 23.50 -1.38 12.41
CA SER A 18 23.38 -2.70 13.01
C SER A 18 22.86 -3.71 11.99
N GLN A 19 21.96 -3.26 11.13
CA GLN A 19 21.40 -4.13 10.10
C GLN A 19 22.50 -4.60 9.15
N GLU A 20 23.46 -3.73 8.90
CA GLU A 20 24.56 -4.07 8.00
C GLU A 20 25.31 -5.28 8.52
N ASP A 21 25.51 -5.34 9.84
CA ASP A 21 26.22 -6.45 10.45
C ASP A 21 25.47 -7.76 10.20
N ILE A 22 24.16 -7.74 10.41
CA ILE A 22 23.34 -8.93 10.20
C ILE A 22 23.33 -9.31 8.73
N ILE A 23 23.18 -8.33 7.86
CA ILE A 23 23.13 -8.59 6.43
C ILE A 23 24.44 -9.23 5.99
N ARG A 24 25.55 -8.71 6.51
CA ARG A 24 26.85 -9.27 6.13
C ARG A 24 26.89 -10.76 6.48
N ASN A 25 26.62 -11.09 7.73
CA ASN A 25 26.68 -12.47 8.16
C ASN A 25 25.82 -13.35 7.23
N ILE A 26 24.57 -12.97 7.05
CA ILE A 26 23.68 -13.72 6.18
C ILE A 26 24.20 -13.70 4.74
N ALA A 27 24.49 -12.51 4.26
CA ALA A 27 24.97 -12.36 2.90
C ALA A 27 26.24 -13.16 2.70
N ARG A 28 27.06 -13.20 3.74
CA ARG A 28 28.32 -13.94 3.67
C ARG A 28 28.05 -15.43 3.45
N HIS A 29 27.09 -15.98 4.21
CA HIS A 29 26.75 -17.39 4.08
C HIS A 29 26.14 -17.66 2.71
N LEU A 30 25.26 -16.77 2.29
CA LEU A 30 24.61 -16.89 0.98
C LEU A 30 25.61 -16.58 -0.13
N ALA A 31 26.53 -15.67 0.15
CA ALA A 31 27.53 -15.28 -0.84
C ALA A 31 28.32 -16.50 -1.29
N GLN A 32 28.79 -17.30 -0.34
CA GLN A 32 29.56 -18.49 -0.67
C GLN A 32 28.66 -19.57 -1.26
N VAL A 33 27.59 -19.90 -0.54
CA VAL A 33 26.65 -20.93 -0.99
C VAL A 33 25.93 -20.49 -2.26
N GLY A 34 25.80 -19.18 -2.42
CA GLY A 34 25.14 -18.62 -3.59
C GLY A 34 26.04 -18.71 -4.82
N ASP A 35 27.34 -18.51 -4.63
CA ASP A 35 28.26 -18.56 -5.75
C ASP A 35 28.29 -19.97 -6.36
N SER A 36 28.41 -20.98 -5.49
CA SER A 36 28.46 -22.37 -5.95
C SER A 36 27.14 -23.07 -5.64
N MET A 37 26.35 -23.30 -6.68
CA MET A 37 25.06 -23.97 -6.51
C MET A 37 24.45 -24.31 -7.87
N ASP A 38 24.72 -23.47 -8.86
CA ASP A 38 24.18 -23.69 -10.21
C ASP A 38 24.77 -24.95 -10.82
N ARG A 39 25.93 -25.36 -10.34
CA ARG A 39 26.59 -26.55 -10.86
C ARG A 39 25.71 -27.79 -10.66
N SER A 40 25.03 -27.85 -9.53
CA SER A 40 24.16 -28.98 -9.24
C SER A 40 23.02 -29.05 -10.26
N ILE A 41 22.44 -27.89 -10.57
CA ILE A 41 21.33 -27.83 -11.53
C ILE A 41 21.43 -26.55 -12.36
N PRO A 42 22.33 -26.52 -13.33
CA PRO A 42 22.52 -25.31 -14.20
C PRO A 42 21.17 -24.75 -14.69
N PRO A 43 20.74 -23.62 -14.17
CA PRO A 43 19.43 -23.00 -14.58
C PRO A 43 19.56 -22.23 -15.90
N GLY A 44 18.56 -21.38 -16.16
CA GLY A 44 18.54 -20.58 -17.38
C GLY A 44 17.90 -21.35 -18.53
N LEU A 45 17.82 -22.66 -18.37
CA LEU A 45 17.21 -23.51 -19.41
C LEU A 45 15.72 -23.22 -19.51
N VAL A 46 15.08 -23.07 -18.36
CA VAL A 46 13.65 -22.79 -18.31
C VAL A 46 13.34 -21.41 -18.91
N ASN A 47 14.22 -20.46 -18.65
CA ASN A 47 14.03 -19.10 -19.16
C ASN A 47 14.05 -19.10 -20.69
N GLY A 48 14.96 -19.88 -21.25
CA GLY A 48 15.07 -19.99 -22.70
C GLY A 48 13.84 -20.70 -23.27
N LEU A 49 13.50 -21.82 -22.67
CA LEU A 49 12.34 -22.60 -23.12
C LEU A 49 11.07 -21.79 -22.94
N ALA A 50 10.97 -21.11 -21.82
CA ALA A 50 9.78 -20.32 -21.51
C ALA A 50 9.52 -19.33 -22.63
N LEU A 51 10.55 -18.60 -23.04
CA LEU A 51 10.39 -17.63 -24.11
C LEU A 51 10.02 -18.32 -25.42
N GLN A 52 10.67 -19.45 -25.71
CA GLN A 52 10.40 -20.18 -26.93
C GLN A 52 8.97 -20.66 -26.97
N LEU A 53 8.43 -21.02 -25.81
CA LEU A 53 7.06 -21.49 -25.75
C LEU A 53 6.10 -20.40 -26.20
N ARG A 54 6.33 -19.16 -25.76
CA ARG A 54 5.46 -18.05 -26.13
C ARG A 54 5.80 -17.59 -27.55
N ASN A 55 7.00 -17.90 -28.00
CA ASN A 55 7.42 -17.51 -29.34
C ASN A 55 6.53 -18.14 -30.39
N THR A 56 6.09 -19.37 -30.12
CA THR A 56 5.23 -20.08 -31.06
C THR A 56 3.94 -19.30 -31.31
N SER A 57 3.30 -18.86 -30.24
CA SER A 57 2.06 -18.10 -30.37
C SER A 57 2.36 -16.61 -30.52
N ARG A 58 2.71 -15.97 -29.42
CA ARG A 58 3.03 -14.55 -29.42
C ARG A 58 2.00 -13.77 -30.23
N SER A 59 0.75 -14.22 -30.19
CA SER A 59 -0.32 -13.56 -30.92
C SER A 59 -1.67 -14.16 -30.55
N GLU A 60 -1.69 -15.47 -30.39
CA GLU A 60 -2.92 -16.17 -30.04
C GLU A 60 -3.40 -15.74 -28.66
N GLU A 61 -2.46 -15.57 -27.74
CA GLU A 61 -2.80 -15.16 -26.39
C GLU A 61 -3.36 -13.74 -26.37
N ASP A 62 -2.84 -12.89 -27.24
CA ASP A 62 -3.29 -11.51 -27.30
C ASP A 62 -4.59 -11.40 -28.10
N ARG A 63 -5.70 -11.56 -27.40
CA ARG A 63 -7.01 -11.47 -28.03
C ARG A 63 -8.12 -11.53 -26.98
N ASN A 64 -8.25 -12.69 -26.35
CA ASN A 64 -9.27 -12.88 -25.33
C ASN A 64 -9.02 -11.94 -24.15
N ARG A 65 -7.76 -11.81 -23.77
CA ARG A 65 -7.39 -10.95 -22.66
C ARG A 65 -7.44 -9.48 -23.07
N ASP A 66 -7.67 -9.25 -24.36
CA ASP A 66 -7.72 -7.89 -24.88
C ASP A 66 -8.62 -7.02 -24.01
N LEU A 67 -9.93 -7.27 -24.05
CA LEU A 67 -10.88 -6.49 -23.26
C LEU A 67 -10.64 -6.70 -21.77
N ALA A 68 -10.25 -7.93 -21.41
CA ALA A 68 -10.02 -8.26 -20.01
C ALA A 68 -9.02 -7.27 -19.39
N THR A 69 -7.95 -6.99 -20.12
CA THR A 69 -6.94 -6.06 -19.63
C THR A 69 -7.54 -4.67 -19.48
N ALA A 70 -8.27 -4.22 -20.49
CA ALA A 70 -8.88 -2.90 -20.47
C ALA A 70 -9.85 -2.78 -19.30
N LEU A 71 -10.65 -3.81 -19.08
CA LEU A 71 -11.62 -3.79 -17.99
C LEU A 71 -10.90 -3.67 -16.65
N GLU A 72 -9.82 -4.42 -16.49
CA GLU A 72 -9.05 -4.37 -15.26
C GLU A 72 -8.34 -3.03 -15.14
N GLN A 73 -7.71 -2.60 -16.22
CA GLN A 73 -6.98 -1.34 -16.22
C GLN A 73 -7.93 -0.18 -15.95
N LEU A 74 -9.02 -0.11 -16.71
CA LEU A 74 -9.98 0.97 -16.54
C LEU A 74 -10.64 0.90 -15.15
N LEU A 75 -11.08 -0.28 -14.79
CA LEU A 75 -11.74 -0.48 -13.49
C LEU A 75 -10.81 -0.10 -12.36
N GLN A 76 -9.51 -0.23 -12.59
CA GLN A 76 -8.52 0.06 -11.55
C GLN A 76 -8.72 1.48 -11.05
N ALA A 77 -9.30 2.34 -11.87
CA ALA A 77 -9.57 3.72 -11.48
C ALA A 77 -11.00 3.83 -10.95
N TYR A 78 -11.94 4.15 -11.82
CA TYR A 78 -13.34 4.29 -11.43
C TYR A 78 -13.50 5.41 -10.40
N PRO A 79 -13.22 6.63 -10.80
CA PRO A 79 -13.34 7.79 -9.89
C PRO A 79 -14.76 8.35 -9.84
N ARG A 80 -15.44 8.32 -10.98
CA ARG A 80 -16.80 8.84 -11.07
C ARG A 80 -17.68 8.20 -10.01
N ASP A 81 -18.98 8.45 -10.09
CA ASP A 81 -19.92 7.88 -9.13
C ASP A 81 -19.50 8.23 -7.70
N MET A 82 -18.92 9.41 -7.52
CA MET A 82 -18.48 9.85 -6.19
C MET A 82 -19.09 11.21 -5.85
N GLU A 83 -18.81 12.20 -6.69
CA GLU A 83 -19.34 13.54 -6.46
C GLU A 83 -20.86 13.55 -6.60
N LYS A 84 -21.37 12.75 -7.52
CA LYS A 84 -22.81 12.69 -7.75
C LYS A 84 -23.53 12.24 -6.48
N GLU A 85 -22.87 11.38 -5.73
CA GLU A 85 -23.43 10.89 -4.47
C GLU A 85 -23.29 11.96 -3.38
N LYS A 86 -22.18 12.69 -3.43
CA LYS A 86 -21.93 13.75 -2.46
C LYS A 86 -22.90 14.90 -2.67
N THR A 87 -23.05 15.32 -3.91
CA THR A 87 -23.95 16.42 -4.25
C THR A 87 -25.37 16.06 -3.88
N MET A 88 -25.76 14.82 -4.18
CA MET A 88 -27.10 14.37 -3.88
C MET A 88 -27.41 14.58 -2.40
N LEU A 89 -26.48 14.19 -1.54
CA LEU A 89 -26.69 14.35 -0.10
C LEU A 89 -26.64 15.83 0.29
N VAL A 90 -25.62 16.53 -0.21
CA VAL A 90 -25.46 17.95 0.10
C VAL A 90 -26.67 18.74 -0.35
N LEU A 91 -27.14 18.47 -1.56
CA LEU A 91 -28.29 19.18 -2.10
C LEU A 91 -29.51 18.94 -1.23
N ALA A 92 -29.74 17.69 -0.84
CA ALA A 92 -30.88 17.37 -0.01
C ALA A 92 -30.78 18.11 1.31
N LEU A 93 -29.57 18.20 1.83
CA LEU A 93 -29.35 18.89 3.09
C LEU A 93 -29.81 20.33 2.98
N LEU A 94 -29.53 20.98 1.85
CA LEU A 94 -29.92 22.37 1.66
C LEU A 94 -31.43 22.51 1.76
N LEU A 95 -32.15 21.60 1.13
CA LEU A 95 -33.61 21.63 1.18
C LEU A 95 -34.10 21.39 2.60
N ALA A 96 -33.54 20.37 3.25
CA ALA A 96 -33.93 20.05 4.62
C ALA A 96 -33.51 21.16 5.56
N LYS A 97 -32.32 21.69 5.32
CA LYS A 97 -31.79 22.77 6.15
C LYS A 97 -32.68 24.01 6.00
N LYS A 98 -33.18 24.22 4.78
CA LYS A 98 -34.04 25.37 4.50
C LYS A 98 -35.31 25.30 5.35
N VAL A 99 -35.85 24.09 5.48
CA VAL A 99 -37.05 23.89 6.29
C VAL A 99 -36.73 23.93 7.77
N ALA A 100 -35.72 23.17 8.17
CA ALA A 100 -35.34 23.13 9.57
C ALA A 100 -34.74 24.47 9.99
N SER A 101 -33.77 24.97 9.21
CA SER A 101 -33.11 26.26 9.49
C SER A 101 -33.17 26.60 10.98
N HIS A 102 -33.10 25.58 11.82
CA HIS A 102 -33.20 25.75 13.26
C HIS A 102 -32.36 24.71 13.97
N THR A 103 -31.39 25.17 14.76
CA THR A 103 -30.52 24.26 15.50
C THR A 103 -30.10 24.89 16.83
N PRO A 104 -29.39 24.16 17.65
CA PRO A 104 -28.91 24.67 18.97
C PRO A 104 -28.06 25.93 18.82
N SER A 105 -27.18 26.17 19.79
CA SER A 105 -26.31 27.34 19.76
C SER A 105 -25.01 27.05 20.51
N LEU A 106 -25.11 26.96 21.84
CA LEU A 106 -23.94 26.69 22.66
C LEU A 106 -23.38 25.30 22.36
N LEU A 107 -24.27 24.34 22.15
CA LEU A 107 -23.86 22.98 21.85
C LEU A 107 -23.10 22.92 20.53
N ARG A 108 -23.54 23.73 19.57
CA ARG A 108 -22.89 23.75 18.26
C ARG A 108 -21.43 24.16 18.40
N ASP A 109 -21.17 25.19 19.20
CA ASP A 109 -19.81 25.65 19.41
C ASP A 109 -18.97 24.58 20.10
N VAL A 110 -19.54 23.96 21.12
CA VAL A 110 -18.85 22.92 21.87
C VAL A 110 -18.56 21.72 20.98
N PHE A 111 -19.57 21.31 20.20
CA PHE A 111 -19.43 20.17 19.31
C PHE A 111 -18.30 20.40 18.31
N HIS A 112 -18.22 21.61 17.78
CA HIS A 112 -17.18 21.93 16.81
C HIS A 112 -15.80 21.75 17.42
N THR A 113 -15.59 22.30 18.61
CA THR A 113 -14.30 22.19 19.28
C THR A 113 -13.97 20.72 19.52
N THR A 114 -14.94 19.97 20.02
CA THR A 114 -14.72 18.56 20.31
C THR A 114 -14.16 17.85 19.07
N VAL A 115 -14.75 18.14 17.92
CA VAL A 115 -14.29 17.54 16.68
C VAL A 115 -12.82 17.90 16.44
N ASN A 116 -12.46 19.14 16.71
CA ASN A 116 -11.09 19.59 16.52
C ASN A 116 -10.13 18.79 17.41
N PHE A 117 -10.55 18.51 18.64
CA PHE A 117 -9.72 17.75 19.58
C PHE A 117 -9.38 16.38 19.01
N ILE A 118 -10.34 15.73 18.38
CA ILE A 118 -10.10 14.41 17.82
C ILE A 118 -9.03 14.49 16.73
N ASN A 119 -9.09 15.54 15.92
CA ASN A 119 -8.13 15.73 14.85
C ASN A 119 -6.72 15.95 15.40
N GLN A 120 -6.63 16.64 16.54
CA GLN A 120 -5.34 16.91 17.16
C GLN A 120 -4.56 15.61 17.40
N ASN A 121 -4.56 15.16 18.65
CA ASN A 121 -3.85 13.93 19.00
C ASN A 121 -4.68 12.70 18.65
N LEU A 122 -4.78 12.42 17.35
CA LEU A 122 -5.55 11.27 16.90
C LEU A 122 -4.92 9.97 17.38
N ARG A 123 -3.59 9.89 17.31
CA ARG A 123 -2.89 8.68 17.73
C ARG A 123 -3.16 8.40 19.21
N THR A 124 -3.21 9.46 20.01
CA THR A 124 -3.47 9.32 21.43
C THR A 124 -4.80 8.63 21.66
N TYR A 125 -5.81 9.07 20.93
CA TYR A 125 -7.14 8.49 21.05
C TYR A 125 -7.11 7.01 20.67
N VAL A 126 -6.36 6.66 19.64
CA VAL A 126 -6.27 5.27 19.20
C VAL A 126 -5.72 4.40 20.32
N ARG A 127 -4.61 4.83 20.92
CA ARG A 127 -3.98 4.08 22.00
C ARG A 127 -4.90 4.00 23.21
N SER A 128 -5.69 5.05 23.40
CA SER A 128 -6.60 5.12 24.53
C SER A 128 -7.54 3.93 24.53
N LEU A 129 -7.90 3.46 23.34
CA LEU A 129 -8.79 2.31 23.21
C LEU A 129 -7.99 1.01 23.23
N ALA A 130 -6.66 1.12 23.26
CA ALA A 130 -5.82 -0.06 23.30
C ALA A 130 -5.92 -0.83 21.97
N ARG A 131 -5.93 -0.09 20.87
CA ARG A 131 -6.03 -0.70 19.56
C ARG A 131 -4.77 -1.52 19.27
N ASN A 132 -3.62 -1.00 19.69
CA ASN A 132 -2.36 -1.68 19.46
C ASN A 132 -2.37 -3.07 20.11
N GLY A 133 -2.93 -3.16 21.31
CA GLY A 133 -3.01 -4.43 22.01
C GLY A 133 -4.09 -4.40 23.09
N MET A 134 -4.46 -5.57 23.59
CA MET A 134 -5.49 -5.67 24.61
C MET A 134 -4.95 -5.14 25.95
N ASP A 135 -5.85 -4.60 26.77
CA ASP A 135 -5.45 -4.07 28.07
C ASP A 135 -4.41 -2.97 27.91
N GLY A 1 34.68 -13.26 -3.06
CA GLY A 1 36.13 -13.02 -2.82
C GLY A 1 36.55 -13.68 -1.52
N ASN A 2 37.36 -14.73 -1.64
CA ASN A 2 37.83 -15.46 -0.46
C ASN A 2 38.69 -14.55 0.42
N ARG A 3 39.55 -13.76 -0.22
CA ARG A 3 40.43 -12.85 0.51
C ARG A 3 39.60 -11.79 1.22
N SER A 4 38.60 -11.26 0.52
CA SER A 4 37.74 -10.22 1.09
C SER A 4 36.74 -10.83 2.08
N SER A 5 37.19 -11.84 2.81
CA SER A 5 36.33 -12.50 3.79
C SER A 5 35.95 -11.52 4.90
N HIS A 6 36.69 -10.42 5.00
CA HIS A 6 36.41 -9.43 6.02
C HIS A 6 36.29 -10.08 7.39
N SER A 7 35.07 -10.07 7.93
CA SER A 7 34.82 -10.67 9.24
C SER A 7 33.35 -11.00 9.40
N ARG A 8 33.06 -12.01 10.22
CA ARG A 8 31.68 -12.43 10.46
C ARG A 8 31.03 -11.51 11.48
N LEU A 9 29.79 -11.11 11.22
CA LEU A 9 29.05 -10.23 12.13
C LEU A 9 27.83 -10.95 12.69
N GLY A 10 27.75 -11.03 14.01
CA GLY A 10 26.63 -11.69 14.69
C GLY A 10 25.74 -10.67 15.37
N ARG A 11 24.96 -11.13 16.34
CA ARG A 11 24.06 -10.24 17.06
C ARG A 11 24.83 -9.29 17.95
N ILE A 12 24.46 -8.02 17.92
CA ILE A 12 25.13 -7.00 18.73
C ILE A 12 24.10 -6.09 19.42
N GLU A 13 24.56 -5.33 20.40
CA GLU A 13 23.68 -4.42 21.13
C GLU A 13 22.81 -3.64 20.16
N ALA A 14 23.43 -3.10 19.10
CA ALA A 14 22.70 -2.32 18.11
C ALA A 14 21.33 -2.95 17.83
N ASP A 15 21.33 -4.05 17.07
CA ASP A 15 20.10 -4.75 16.73
C ASP A 15 18.98 -3.76 16.42
N SER A 16 18.32 -3.27 17.47
CA SER A 16 17.24 -2.33 17.31
C SER A 16 17.72 -1.09 16.54
N GLU A 17 18.90 -0.59 16.90
CA GLU A 17 19.45 0.57 16.23
C GLU A 17 19.84 0.24 14.80
N SER A 18 20.30 -1.00 14.58
CA SER A 18 20.71 -1.46 13.25
C SER A 18 19.85 -2.63 12.81
N GLN A 19 18.54 -2.52 13.02
CA GLN A 19 17.62 -3.58 12.63
C GLN A 19 17.65 -3.78 11.11
N GLU A 20 17.67 -2.68 10.38
CA GLU A 20 17.70 -2.74 8.92
C GLU A 20 19.03 -3.32 8.45
N ASP A 21 20.10 -3.00 9.18
CA ASP A 21 21.43 -3.49 8.82
C ASP A 21 21.46 -5.01 8.82
N ILE A 22 20.75 -5.62 9.77
CA ILE A 22 20.72 -7.08 9.84
C ILE A 22 20.09 -7.67 8.59
N ILE A 23 18.99 -7.08 8.13
CA ILE A 23 18.32 -7.56 6.94
C ILE A 23 19.23 -7.40 5.73
N ARG A 24 19.86 -6.25 5.63
CA ARG A 24 20.76 -5.99 4.50
C ARG A 24 21.82 -7.07 4.41
N ASN A 25 22.39 -7.44 5.56
CA ASN A 25 23.42 -8.48 5.59
C ASN A 25 22.83 -9.82 5.16
N ILE A 26 21.63 -10.11 5.63
CA ILE A 26 20.96 -11.36 5.27
C ILE A 26 20.76 -11.44 3.77
N ALA A 27 20.31 -10.34 3.17
CA ALA A 27 20.08 -10.32 1.74
C ALA A 27 21.37 -10.66 1.00
N ARG A 28 22.44 -9.98 1.37
CA ARG A 28 23.73 -10.21 0.72
C ARG A 28 24.09 -11.69 0.78
N HIS A 29 23.92 -12.29 1.96
CA HIS A 29 24.22 -13.70 2.13
C HIS A 29 23.24 -14.54 1.32
N LEU A 30 21.98 -14.15 1.36
CA LEU A 30 20.95 -14.88 0.63
C LEU A 30 21.21 -14.80 -0.88
N ALA A 31 21.59 -13.62 -1.34
CA ALA A 31 21.86 -13.42 -2.76
C ALA A 31 22.96 -14.38 -3.22
N GLN A 32 23.98 -14.56 -2.40
CA GLN A 32 25.07 -15.46 -2.75
C GLN A 32 24.57 -16.90 -2.83
N VAL A 33 23.90 -17.34 -1.78
CA VAL A 33 23.36 -18.70 -1.73
C VAL A 33 22.18 -18.85 -2.68
N GLY A 34 21.51 -17.73 -2.92
CA GLY A 34 20.34 -17.72 -3.82
C GLY A 34 20.78 -17.71 -5.28
N ASP A 35 21.80 -16.93 -5.57
CA ASP A 35 22.29 -16.83 -6.95
C ASP A 35 22.88 -18.16 -7.40
N SER A 36 23.71 -18.76 -6.55
CA SER A 36 24.32 -20.05 -6.88
C SER A 36 23.31 -21.18 -6.74
N MET A 37 22.37 -21.01 -5.82
CA MET A 37 21.36 -22.02 -5.58
C MET A 37 22.00 -23.36 -5.30
N ASP A 38 21.18 -24.41 -5.26
CA ASP A 38 21.66 -25.75 -4.99
C ASP A 38 22.13 -26.42 -6.27
N ARG A 39 22.07 -25.69 -7.38
CA ARG A 39 22.48 -26.22 -8.67
C ARG A 39 21.64 -27.44 -9.05
N SER A 40 20.85 -27.93 -8.10
CA SER A 40 19.99 -29.07 -8.35
C SER A 40 18.73 -28.63 -9.07
N ILE A 41 18.46 -27.33 -9.02
CA ILE A 41 17.26 -26.79 -9.66
C ILE A 41 17.11 -27.35 -11.08
N PRO A 42 15.89 -27.63 -11.51
CA PRO A 42 15.63 -28.19 -12.85
C PRO A 42 16.56 -27.60 -13.93
N PRO A 43 17.59 -28.32 -14.31
CA PRO A 43 18.55 -27.85 -15.33
C PRO A 43 18.03 -28.06 -16.76
N GLY A 44 18.55 -27.25 -17.68
CA GLY A 44 18.14 -27.35 -19.08
C GLY A 44 17.05 -26.34 -19.42
N LEU A 45 16.24 -26.00 -18.42
CA LEU A 45 15.16 -25.03 -18.62
C LEU A 45 15.74 -23.67 -18.95
N VAL A 46 16.88 -23.35 -18.36
CA VAL A 46 17.51 -22.05 -18.58
C VAL A 46 17.63 -21.77 -20.07
N ASN A 47 17.90 -22.81 -20.85
CA ASN A 47 18.02 -22.65 -22.29
C ASN A 47 16.71 -22.13 -22.89
N GLY A 48 15.60 -22.64 -22.38
CA GLY A 48 14.29 -22.23 -22.87
C GLY A 48 14.13 -20.71 -22.76
N LEU A 49 14.62 -20.15 -21.65
CA LEU A 49 14.52 -18.71 -21.43
C LEU A 49 15.32 -17.95 -22.50
N ALA A 50 16.51 -18.45 -22.80
CA ALA A 50 17.37 -17.82 -23.79
C ALA A 50 16.67 -17.80 -25.14
N LEU A 51 15.97 -18.89 -25.45
CA LEU A 51 15.25 -18.98 -26.72
C LEU A 51 14.15 -17.93 -26.79
N GLN A 52 13.47 -17.72 -25.67
CA GLN A 52 12.39 -16.75 -25.63
C GLN A 52 12.92 -15.37 -26.03
N LEU A 53 14.04 -14.98 -25.43
CA LEU A 53 14.64 -13.69 -25.73
C LEU A 53 15.01 -13.59 -27.21
N ARG A 54 15.16 -14.75 -27.83
CA ARG A 54 15.50 -14.80 -29.26
C ARG A 54 14.24 -14.77 -30.11
N ASN A 55 13.34 -15.71 -29.86
CA ASN A 55 12.09 -15.77 -30.60
C ASN A 55 11.24 -14.54 -30.35
N THR A 56 11.22 -14.08 -29.11
CA THR A 56 10.44 -12.91 -28.74
C THR A 56 11.01 -11.66 -29.39
N SER A 57 10.52 -11.36 -30.60
CA SER A 57 10.97 -10.17 -31.33
C SER A 57 9.89 -9.67 -32.25
N ARG A 58 8.66 -10.12 -32.03
CA ARG A 58 7.52 -9.70 -32.85
C ARG A 58 6.40 -9.14 -31.98
N SER A 59 5.80 -8.05 -32.45
CA SER A 59 4.73 -7.40 -31.71
C SER A 59 3.70 -8.43 -31.26
N GLU A 60 3.93 -9.01 -30.07
CA GLU A 60 3.03 -10.02 -29.54
C GLU A 60 2.89 -9.87 -28.03
N GLU A 61 4.00 -10.05 -27.32
CA GLU A 61 3.98 -9.94 -25.87
C GLU A 61 3.81 -8.48 -25.45
N ASP A 62 2.61 -7.95 -25.69
CA ASP A 62 2.33 -6.56 -25.34
C ASP A 62 0.85 -6.25 -25.58
N ARG A 63 0.31 -6.78 -26.67
CA ARG A 63 -1.09 -6.55 -27.01
C ARG A 63 -2.02 -7.25 -26.02
N ASN A 64 -1.65 -8.45 -25.62
CA ASN A 64 -2.48 -9.23 -24.70
C ASN A 64 -2.50 -8.58 -23.31
N ARG A 65 -1.32 -8.25 -22.80
CA ARG A 65 -1.22 -7.64 -21.48
C ARG A 65 -1.60 -6.17 -21.54
N ASP A 66 -1.74 -5.65 -22.75
CA ASP A 66 -2.10 -4.25 -22.93
C ASP A 66 -3.23 -3.85 -22.00
N LEU A 67 -4.47 -4.08 -22.43
CA LEU A 67 -5.61 -3.73 -21.63
C LEU A 67 -5.48 -4.28 -20.22
N ALA A 68 -4.91 -5.47 -20.10
CA ALA A 68 -4.75 -6.09 -18.78
C ALA A 68 -4.04 -5.12 -17.83
N THR A 69 -2.95 -4.54 -18.30
CA THR A 69 -2.20 -3.59 -17.48
C THR A 69 -3.05 -2.36 -17.17
N ALA A 70 -3.78 -1.89 -18.18
CA ALA A 70 -4.63 -0.72 -18.02
C ALA A 70 -5.62 -0.95 -16.88
N LEU A 71 -6.27 -2.11 -16.88
CA LEU A 71 -7.24 -2.43 -15.83
C LEU A 71 -6.56 -2.40 -14.47
N GLU A 72 -5.38 -2.96 -14.39
CA GLU A 72 -4.66 -2.99 -13.13
C GLU A 72 -4.33 -1.57 -12.68
N GLN A 73 -3.75 -0.79 -13.59
CA GLN A 73 -3.38 0.59 -13.28
C GLN A 73 -4.63 1.43 -13.04
N LEU A 74 -5.69 1.15 -13.77
CA LEU A 74 -6.92 1.91 -13.62
C LEU A 74 -7.44 1.79 -12.19
N LEU A 75 -7.64 0.55 -11.74
CA LEU A 75 -8.14 0.32 -10.40
C LEU A 75 -7.20 0.90 -9.37
N GLN A 76 -5.91 0.91 -9.69
CA GLN A 76 -4.93 1.45 -8.78
C GLN A 76 -5.27 2.89 -8.42
N ALA A 77 -5.98 3.57 -9.32
CA ALA A 77 -6.37 4.96 -9.09
C ALA A 77 -7.53 5.33 -9.99
N TYR A 78 -8.63 4.58 -9.87
CA TYR A 78 -9.80 4.84 -10.70
C TYR A 78 -10.66 5.96 -10.07
N PRO A 79 -10.92 7.04 -10.77
CA PRO A 79 -11.75 8.15 -10.23
C PRO A 79 -13.24 7.83 -10.27
N ARG A 80 -13.83 7.96 -11.45
CA ARG A 80 -15.25 7.68 -11.63
C ARG A 80 -16.08 8.59 -10.73
N ASP A 81 -17.25 9.00 -11.22
CA ASP A 81 -18.12 9.87 -10.44
C ASP A 81 -18.23 9.38 -9.01
N MET A 82 -17.36 9.90 -8.14
CA MET A 82 -17.36 9.50 -6.72
C MET A 82 -17.37 10.74 -5.83
N GLU A 83 -16.63 11.76 -6.24
CA GLU A 83 -16.57 12.99 -5.45
C GLU A 83 -17.94 13.67 -5.42
N LYS A 84 -18.58 13.74 -6.58
CA LYS A 84 -19.89 14.38 -6.65
C LYS A 84 -20.88 13.65 -5.76
N GLU A 85 -20.93 12.33 -5.92
CA GLU A 85 -21.86 11.53 -5.13
C GLU A 85 -21.64 11.79 -3.64
N LYS A 86 -20.38 12.01 -3.27
CA LYS A 86 -20.06 12.30 -1.87
C LYS A 86 -20.59 13.67 -1.46
N THR A 87 -20.28 14.67 -2.28
CA THR A 87 -20.72 16.03 -1.99
C THR A 87 -22.22 16.16 -2.20
N MET A 88 -22.72 15.55 -3.25
CA MET A 88 -24.14 15.62 -3.57
C MET A 88 -24.96 15.20 -2.36
N LEU A 89 -24.58 14.10 -1.73
CA LEU A 89 -25.29 13.63 -0.55
C LEU A 89 -25.19 14.65 0.58
N VAL A 90 -23.97 15.08 0.86
CA VAL A 90 -23.75 16.05 1.93
C VAL A 90 -24.49 17.35 1.63
N LEU A 91 -24.39 17.81 0.40
CA LEU A 91 -25.03 19.05 0.01
C LEU A 91 -26.55 18.91 0.16
N ALA A 92 -27.10 17.82 -0.34
CA ALA A 92 -28.52 17.60 -0.26
C ALA A 92 -28.97 17.60 1.20
N LEU A 93 -28.19 16.97 2.05
CA LEU A 93 -28.52 16.90 3.46
C LEU A 93 -28.63 18.30 4.05
N LEU A 94 -27.70 19.17 3.67
CA LEU A 94 -27.70 20.53 4.19
C LEU A 94 -29.00 21.24 3.81
N LEU A 95 -29.42 21.05 2.58
CA LEU A 95 -30.65 21.67 2.11
C LEU A 95 -31.84 21.16 2.92
N ALA A 96 -31.90 19.84 3.10
CA ALA A 96 -32.98 19.23 3.85
C ALA A 96 -32.88 19.57 5.33
N LYS A 97 -31.64 19.63 5.81
CA LYS A 97 -31.39 19.94 7.21
C LYS A 97 -31.90 21.35 7.55
N LYS A 98 -31.59 22.30 6.67
CA LYS A 98 -32.02 23.68 6.88
C LYS A 98 -33.55 23.77 6.88
N VAL A 99 -34.17 22.98 6.01
CA VAL A 99 -35.63 22.98 5.93
C VAL A 99 -36.24 22.42 7.21
N ALA A 100 -35.67 21.31 7.68
CA ALA A 100 -36.17 20.67 8.89
C ALA A 100 -35.91 21.53 10.12
N SER A 101 -34.74 22.15 10.17
CA SER A 101 -34.38 23.00 11.30
C SER A 101 -33.09 23.76 11.01
N HIS A 102 -32.74 24.67 11.90
CA HIS A 102 -31.52 25.45 11.73
C HIS A 102 -31.35 26.43 12.89
N THR A 103 -31.06 25.91 14.07
CA THR A 103 -30.87 26.74 15.26
C THR A 103 -29.43 26.60 15.79
N PRO A 104 -28.50 27.31 15.21
CA PRO A 104 -27.07 27.25 15.63
C PRO A 104 -26.80 28.15 16.83
N SER A 105 -25.55 28.17 17.27
CA SER A 105 -25.16 29.01 18.40
C SER A 105 -25.55 28.35 19.72
N LEU A 106 -25.65 27.02 19.71
CA LEU A 106 -26.03 26.28 20.91
C LEU A 106 -25.28 24.95 20.98
N LEU A 107 -26.00 23.87 20.71
CA LEU A 107 -25.40 22.53 20.74
C LEU A 107 -24.25 22.45 19.73
N ARG A 108 -24.33 23.28 18.70
CA ARG A 108 -23.30 23.29 17.66
C ARG A 108 -22.01 23.92 18.18
N ASP A 109 -22.15 24.99 18.95
CA ASP A 109 -20.98 25.68 19.48
C ASP A 109 -20.19 24.78 20.44
N VAL A 110 -20.89 24.12 21.34
CA VAL A 110 -20.25 23.21 22.28
C VAL A 110 -19.64 22.03 21.55
N PHE A 111 -20.37 21.51 20.58
CA PHE A 111 -19.90 20.38 19.79
C PHE A 111 -18.61 20.74 19.06
N HIS A 112 -18.58 21.95 18.52
CA HIS A 112 -17.40 22.43 17.78
C HIS A 112 -16.16 22.38 18.67
N THR A 113 -16.29 22.91 19.89
CA THR A 113 -15.16 22.92 20.82
C THR A 113 -14.68 21.48 21.09
N THR A 114 -15.61 20.57 21.26
CA THR A 114 -15.27 19.18 21.52
C THR A 114 -14.40 18.63 20.40
N VAL A 115 -14.77 18.95 19.17
CA VAL A 115 -14.03 18.49 18.01
C VAL A 115 -12.59 19.00 18.06
N ASN A 116 -12.42 20.25 18.47
CA ASN A 116 -11.09 20.84 18.57
C ASN A 116 -10.23 20.05 19.55
N PHE A 117 -10.82 19.61 20.64
CA PHE A 117 -10.09 18.84 21.65
C PHE A 117 -9.55 17.55 21.04
N ILE A 118 -10.41 16.85 20.30
CA ILE A 118 -10.00 15.59 19.66
C ILE A 118 -9.02 15.86 18.52
N ASN A 119 -9.22 16.97 17.83
CA ASN A 119 -8.35 17.32 16.71
C ASN A 119 -6.89 17.24 17.12
N GLN A 120 -6.60 17.58 18.36
CA GLN A 120 -5.23 17.53 18.86
C GLN A 120 -4.71 16.10 18.89
N ASN A 121 -5.59 15.16 19.23
CA ASN A 121 -5.22 13.74 19.30
C ASN A 121 -6.06 12.90 18.34
N LEU A 122 -6.33 13.46 17.17
CA LEU A 122 -7.14 12.76 16.19
C LEU A 122 -6.46 11.46 15.77
N ARG A 123 -5.16 11.53 15.55
CA ARG A 123 -4.42 10.35 15.15
C ARG A 123 -4.60 9.23 16.16
N THR A 124 -4.46 9.57 17.43
CA THR A 124 -4.60 8.58 18.49
C THR A 124 -6.00 7.97 18.45
N TYR A 125 -7.00 8.81 18.26
CA TYR A 125 -8.38 8.33 18.20
C TYR A 125 -8.56 7.35 17.06
N VAL A 126 -7.92 7.63 15.93
CA VAL A 126 -8.04 6.75 14.78
C VAL A 126 -7.55 5.35 15.13
N ARG A 127 -6.37 5.26 15.73
CA ARG A 127 -5.82 3.96 16.11
C ARG A 127 -6.65 3.36 17.24
N SER A 128 -6.82 4.14 18.30
CA SER A 128 -7.58 3.68 19.46
C SER A 128 -8.97 3.28 19.04
N LEU A 129 -9.55 4.02 18.10
CA LEU A 129 -10.90 3.72 17.62
C LEU A 129 -10.82 2.99 16.27
N ALA A 130 -11.13 1.70 16.30
CA ALA A 130 -11.10 0.89 15.08
C ALA A 130 -9.71 0.92 14.45
N ARG A 131 -9.07 -0.24 14.37
CA ARG A 131 -7.74 -0.32 13.79
C ARG A 131 -7.82 -0.13 12.27
N ASN A 132 -6.96 0.73 11.75
CA ASN A 132 -6.93 0.99 10.31
C ASN A 132 -5.72 0.32 9.67
N GLY A 133 -5.99 -0.68 8.84
CA GLY A 133 -4.92 -1.42 8.16
C GLY A 133 -5.24 -1.61 6.68
N MET A 134 -5.60 -2.83 6.30
CA MET A 134 -5.92 -3.13 4.92
C MET A 134 -4.84 -2.61 3.99
N ASP A 135 -3.59 -2.87 4.35
CA ASP A 135 -2.45 -2.42 3.54
C ASP A 135 -1.29 -3.42 3.64
N GLY A 1 13.16 -15.14 1.78
CA GLY A 1 13.51 -16.32 0.94
C GLY A 1 12.97 -16.13 -0.46
N ASN A 2 13.86 -15.82 -1.40
CA ASN A 2 13.45 -15.61 -2.78
C ASN A 2 12.89 -16.90 -3.37
N ARG A 3 13.54 -18.02 -3.07
CA ARG A 3 13.10 -19.32 -3.57
C ARG A 3 13.26 -20.39 -2.49
N SER A 4 14.44 -20.45 -1.89
CA SER A 4 14.72 -21.42 -0.84
C SER A 4 15.59 -20.82 0.24
N SER A 5 15.08 -20.78 1.46
CA SER A 5 15.81 -20.22 2.59
C SER A 5 15.24 -20.71 3.91
N HIS A 6 15.99 -20.53 4.99
CA HIS A 6 15.54 -20.97 6.31
C HIS A 6 14.94 -19.79 7.08
N SER A 7 13.61 -19.71 7.08
CA SER A 7 12.91 -18.64 7.78
C SER A 7 13.64 -17.31 7.60
N ARG A 8 13.33 -16.35 8.46
CA ARG A 8 13.97 -15.04 8.38
C ARG A 8 13.87 -14.32 9.72
N LEU A 9 14.99 -14.19 10.41
CA LEU A 9 15.01 -13.52 11.72
C LEU A 9 15.23 -12.02 11.55
N GLY A 10 14.40 -11.24 12.23
CA GLY A 10 14.51 -9.79 12.15
C GLY A 10 13.28 -9.12 12.76
N ARG A 11 12.93 -9.51 13.98
CA ARG A 11 11.77 -8.95 14.66
C ARG A 11 11.93 -9.04 16.17
N ILE A 12 13.10 -9.48 16.62
CA ILE A 12 13.37 -9.63 18.05
C ILE A 12 13.65 -8.28 18.68
N GLU A 13 13.03 -7.24 18.15
CA GLU A 13 13.24 -5.89 18.66
C GLU A 13 14.72 -5.53 18.64
N ALA A 14 15.44 -6.03 17.63
CA ALA A 14 16.87 -5.75 17.50
C ALA A 14 17.24 -5.45 16.05
N ASP A 15 16.26 -5.56 15.17
CA ASP A 15 16.48 -5.29 13.75
C ASP A 15 16.86 -3.83 13.53
N SER A 16 16.30 -2.94 14.35
CA SER A 16 16.58 -1.51 14.22
C SER A 16 18.08 -1.25 14.40
N GLU A 17 18.51 -0.07 13.98
CA GLU A 17 19.92 0.31 14.09
C GLU A 17 20.80 -0.69 13.33
N SER A 18 21.00 -1.87 13.92
CA SER A 18 21.81 -2.90 13.29
C SER A 18 21.13 -3.41 12.01
N GLN A 19 20.02 -2.78 11.65
CA GLN A 19 19.29 -3.18 10.45
C GLN A 19 20.25 -3.40 9.28
N GLU A 20 21.29 -2.57 9.22
CA GLU A 20 22.27 -2.68 8.14
C GLU A 20 22.98 -4.02 8.17
N ASP A 21 23.37 -4.46 9.37
CA ASP A 21 24.05 -5.74 9.51
C ASP A 21 23.14 -6.89 9.07
N ILE A 22 21.86 -6.76 9.41
CA ILE A 22 20.88 -7.78 9.06
C ILE A 22 20.76 -7.91 7.54
N ILE A 23 20.72 -6.78 6.86
CA ILE A 23 20.61 -6.78 5.41
C ILE A 23 21.84 -7.44 4.78
N ARG A 24 23.01 -7.09 5.30
CA ARG A 24 24.25 -7.67 4.77
C ARG A 24 24.34 -9.14 5.15
N ASN A 25 24.24 -9.42 6.46
CA ASN A 25 24.36 -10.78 6.95
C ASN A 25 23.40 -11.72 6.22
N ILE A 26 22.14 -11.32 6.15
CA ILE A 26 21.15 -12.14 5.48
C ILE A 26 21.47 -12.23 3.99
N ALA A 27 21.77 -11.09 3.40
CA ALA A 27 22.07 -11.03 1.98
C ALA A 27 23.32 -11.85 1.66
N ARG A 28 24.27 -11.82 2.59
CA ARG A 28 25.51 -12.56 2.41
C ARG A 28 25.23 -14.06 2.27
N HIS A 29 24.42 -14.59 3.18
CA HIS A 29 24.08 -16.01 3.13
C HIS A 29 23.24 -16.30 1.90
N LEU A 30 22.33 -15.39 1.58
CA LEU A 30 21.47 -15.56 0.42
C LEU A 30 22.27 -15.46 -0.87
N ALA A 31 23.29 -14.61 -0.86
CA ALA A 31 24.13 -14.43 -2.05
C ALA A 31 24.87 -15.71 -2.41
N GLN A 32 25.51 -16.33 -1.41
CA GLN A 32 26.27 -17.56 -1.69
C GLN A 32 25.33 -18.69 -2.10
N VAL A 33 24.32 -18.93 -1.28
CA VAL A 33 23.35 -19.99 -1.57
C VAL A 33 22.53 -19.65 -2.82
N GLY A 34 22.41 -18.36 -3.09
CA GLY A 34 21.65 -17.89 -4.25
C GLY A 34 22.52 -17.83 -5.50
N ASP A 35 23.82 -17.66 -5.30
CA ASP A 35 24.73 -17.59 -6.44
C ASP A 35 24.95 -18.98 -7.04
N SER A 36 25.21 -19.97 -6.19
CA SER A 36 25.44 -21.32 -6.67
C SER A 36 24.15 -21.94 -7.19
N MET A 37 23.05 -21.22 -7.02
CA MET A 37 21.75 -21.71 -7.47
C MET A 37 21.76 -21.90 -8.98
N ASP A 38 22.41 -20.98 -9.68
CA ASP A 38 22.48 -21.04 -11.13
C ASP A 38 23.28 -22.28 -11.57
N ARG A 39 24.28 -22.65 -10.77
CA ARG A 39 25.10 -23.80 -11.10
C ARG A 39 24.24 -25.04 -11.31
N SER A 40 23.28 -25.24 -10.41
CA SER A 40 22.39 -26.40 -10.51
C SER A 40 21.43 -26.22 -11.66
N ILE A 41 21.19 -24.96 -12.05
CA ILE A 41 20.28 -24.64 -13.16
C ILE A 41 21.02 -23.93 -14.29
N PRO A 42 21.72 -24.69 -15.12
CA PRO A 42 22.50 -24.12 -16.25
C PRO A 42 21.68 -23.13 -17.09
N PRO A 43 22.32 -22.13 -17.66
CA PRO A 43 21.63 -21.12 -18.51
C PRO A 43 21.19 -21.70 -19.86
N GLY A 44 20.13 -21.11 -20.41
CA GLY A 44 19.61 -21.57 -21.70
C GLY A 44 18.68 -22.76 -21.56
N LEU A 45 19.12 -23.75 -20.79
CA LEU A 45 18.31 -24.96 -20.58
C LEU A 45 17.01 -24.60 -19.87
N VAL A 46 17.12 -23.81 -18.81
CA VAL A 46 15.95 -23.41 -18.05
C VAL A 46 15.06 -22.49 -18.86
N ASN A 47 15.66 -21.50 -19.50
CA ASN A 47 14.93 -20.54 -20.32
C ASN A 47 14.40 -21.22 -21.58
N GLY A 48 15.18 -22.15 -22.11
CA GLY A 48 14.80 -22.88 -23.31
C GLY A 48 13.46 -23.59 -23.13
N LEU A 49 13.04 -23.74 -21.87
CA LEU A 49 11.77 -24.40 -21.59
C LEU A 49 10.60 -23.63 -22.18
N ALA A 50 10.58 -22.32 -21.94
CA ALA A 50 9.50 -21.50 -22.45
C ALA A 50 9.58 -21.38 -23.97
N LEU A 51 10.80 -21.29 -24.47
CA LEU A 51 11.02 -21.18 -25.91
C LEU A 51 10.54 -22.45 -26.62
N GLN A 52 10.78 -23.60 -26.01
CA GLN A 52 10.39 -24.85 -26.62
C GLN A 52 8.87 -24.95 -26.71
N LEU A 53 8.19 -24.64 -25.62
CA LEU A 53 6.73 -24.68 -25.61
C LEU A 53 6.17 -23.58 -26.49
N ARG A 54 6.75 -22.39 -26.40
CA ARG A 54 6.29 -21.27 -27.19
C ARG A 54 6.11 -21.69 -28.64
N ASN A 55 6.67 -22.84 -29.00
CA ASN A 55 6.57 -23.34 -30.36
C ASN A 55 5.11 -23.56 -30.74
N THR A 56 4.34 -24.10 -29.80
CA THR A 56 2.92 -24.37 -30.04
C THR A 56 2.15 -23.05 -30.17
N SER A 57 2.52 -22.08 -29.35
CA SER A 57 1.85 -20.78 -29.35
C SER A 57 2.35 -19.94 -30.53
N ARG A 58 2.38 -20.54 -31.71
CA ARG A 58 2.83 -19.83 -32.91
C ARG A 58 1.91 -18.66 -33.21
N SER A 59 0.62 -18.84 -32.94
CA SER A 59 -0.36 -17.79 -33.20
C SER A 59 -0.28 -16.71 -32.12
N GLU A 60 -1.00 -16.93 -31.03
CA GLU A 60 -1.00 -15.98 -29.93
C GLU A 60 -1.76 -16.54 -28.74
N GLU A 61 -2.98 -17.01 -28.97
CA GLU A 61 -3.80 -17.57 -27.91
C GLU A 61 -4.01 -16.57 -26.78
N ASP A 62 -3.91 -15.28 -27.11
CA ASP A 62 -4.09 -14.22 -26.13
C ASP A 62 -5.48 -13.60 -26.24
N ARG A 63 -6.34 -14.22 -27.05
CA ARG A 63 -7.68 -13.71 -27.25
C ARG A 63 -8.51 -13.79 -25.97
N ASN A 64 -8.31 -14.86 -25.20
CA ASN A 64 -9.05 -15.05 -23.96
C ASN A 64 -8.73 -13.95 -22.95
N ARG A 65 -7.44 -13.62 -22.83
CA ARG A 65 -7.03 -12.58 -21.89
C ARG A 65 -7.30 -11.19 -22.45
N ASP A 66 -7.71 -11.15 -23.71
CA ASP A 66 -7.98 -9.86 -24.35
C ASP A 66 -8.75 -8.95 -23.43
N LEU A 67 -10.03 -9.25 -23.19
CA LEU A 67 -10.85 -8.44 -22.31
C LEU A 67 -10.28 -8.43 -20.89
N ALA A 68 -9.73 -9.57 -20.47
CA ALA A 68 -9.18 -9.66 -19.13
C ALA A 68 -8.16 -8.55 -18.91
N THR A 69 -7.31 -8.32 -19.90
CA THR A 69 -6.29 -7.28 -19.80
C THR A 69 -6.96 -5.91 -19.67
N ALA A 70 -7.93 -5.65 -20.55
CA ALA A 70 -8.63 -4.38 -20.52
C ALA A 70 -9.33 -4.18 -19.19
N LEU A 71 -10.04 -5.22 -18.74
CA LEU A 71 -10.76 -5.16 -17.47
C LEU A 71 -9.78 -4.98 -16.32
N GLU A 72 -8.66 -5.67 -16.39
CA GLU A 72 -7.65 -5.58 -15.34
C GLU A 72 -7.16 -4.15 -15.19
N GLN A 73 -6.78 -3.53 -16.30
CA GLN A 73 -6.30 -2.15 -16.26
C GLN A 73 -7.36 -1.25 -15.66
N LEU A 74 -8.60 -1.44 -16.10
CA LEU A 74 -9.69 -0.63 -15.58
C LEU A 74 -9.83 -0.87 -14.08
N LEU A 75 -9.86 -2.13 -13.69
CA LEU A 75 -10.04 -2.47 -12.29
C LEU A 75 -8.92 -1.83 -11.46
N GLN A 76 -7.71 -1.90 -11.97
CA GLN A 76 -6.58 -1.33 -11.28
C GLN A 76 -6.77 0.17 -11.12
N ALA A 77 -7.51 0.76 -12.05
CA ALA A 77 -7.78 2.19 -12.01
C ALA A 77 -9.25 2.45 -12.32
N TYR A 78 -10.05 2.55 -11.25
CA TYR A 78 -11.48 2.80 -11.39
C TYR A 78 -12.02 3.42 -10.11
N PRO A 79 -11.81 4.70 -9.92
CA PRO A 79 -12.29 5.42 -8.71
C PRO A 79 -13.74 5.08 -8.37
N ARG A 80 -13.91 4.24 -7.36
CA ARG A 80 -15.26 3.83 -6.95
C ARG A 80 -16.19 5.04 -6.90
N ASP A 81 -17.32 4.91 -7.58
CA ASP A 81 -18.31 5.98 -7.61
C ASP A 81 -19.13 5.98 -6.34
N MET A 82 -18.62 6.64 -5.31
CA MET A 82 -19.30 6.72 -4.02
C MET A 82 -19.06 8.09 -3.38
N GLU A 83 -17.81 8.52 -3.38
CA GLU A 83 -17.46 9.80 -2.79
C GLU A 83 -18.13 10.94 -3.55
N LYS A 84 -18.00 10.92 -4.86
CA LYS A 84 -18.60 11.95 -5.70
C LYS A 84 -20.11 11.87 -5.63
N GLU A 85 -20.65 10.66 -5.65
CA GLU A 85 -22.08 10.47 -5.56
C GLU A 85 -22.60 10.88 -4.19
N LYS A 86 -21.80 10.62 -3.15
CA LYS A 86 -22.20 10.99 -1.80
C LYS A 86 -22.13 12.49 -1.62
N THR A 87 -21.14 13.11 -2.25
CA THR A 87 -20.96 14.55 -2.14
C THR A 87 -22.21 15.26 -2.66
N MET A 88 -22.72 14.80 -3.79
CA MET A 88 -23.92 15.41 -4.36
C MET A 88 -25.08 15.28 -3.38
N LEU A 89 -25.24 14.10 -2.80
CA LEU A 89 -26.32 13.87 -1.83
C LEU A 89 -26.10 14.73 -0.58
N VAL A 90 -24.86 14.77 -0.12
CA VAL A 90 -24.53 15.54 1.06
C VAL A 90 -24.81 17.02 0.83
N LEU A 91 -24.43 17.51 -0.33
CA LEU A 91 -24.64 18.92 -0.64
C LEU A 91 -26.12 19.27 -0.54
N ALA A 92 -26.96 18.41 -1.10
CA ALA A 92 -28.39 18.64 -1.06
C ALA A 92 -28.92 18.57 0.37
N LEU A 93 -28.40 17.61 1.12
CA LEU A 93 -28.83 17.43 2.50
C LEU A 93 -28.52 18.68 3.33
N LEU A 94 -27.33 19.25 3.12
CA LEU A 94 -26.94 20.44 3.86
C LEU A 94 -27.90 21.58 3.58
N LEU A 95 -28.18 21.79 2.30
CA LEU A 95 -29.10 22.85 1.91
C LEU A 95 -30.51 22.52 2.38
N ALA A 96 -30.94 21.28 2.16
CA ALA A 96 -32.28 20.86 2.56
C ALA A 96 -32.42 20.91 4.07
N LYS A 97 -31.41 20.39 4.77
CA LYS A 97 -31.44 20.38 6.23
C LYS A 97 -31.50 21.81 6.76
N LYS A 98 -30.79 22.72 6.10
CA LYS A 98 -30.79 24.12 6.51
C LYS A 98 -32.19 24.71 6.42
N VAL A 99 -32.87 24.39 5.33
CA VAL A 99 -34.22 24.89 5.11
C VAL A 99 -35.19 24.28 6.13
N ALA A 100 -35.04 22.97 6.35
CA ALA A 100 -35.90 22.27 7.30
C ALA A 100 -35.71 22.80 8.71
N SER A 101 -34.48 23.18 9.03
CA SER A 101 -34.18 23.72 10.35
C SER A 101 -32.89 24.52 10.33
N HIS A 102 -32.70 25.36 11.35
CA HIS A 102 -31.49 26.18 11.44
C HIS A 102 -30.47 25.54 12.38
N THR A 103 -30.97 24.75 13.32
CA THR A 103 -30.11 24.08 14.28
C THR A 103 -29.41 25.11 15.17
N PRO A 104 -29.19 24.79 16.43
CA PRO A 104 -28.50 25.72 17.37
C PRO A 104 -27.00 25.83 17.07
N SER A 105 -26.41 26.94 17.49
CA SER A 105 -24.99 27.17 17.27
C SER A 105 -24.20 26.70 18.47
N LEU A 106 -23.03 27.29 18.69
CA LEU A 106 -22.18 26.92 19.82
C LEU A 106 -21.65 25.51 19.66
N LEU A 107 -22.56 24.54 19.61
CA LEU A 107 -22.19 23.15 19.46
C LEU A 107 -21.49 22.92 18.13
N ARG A 108 -21.91 23.68 17.12
CA ARG A 108 -21.30 23.56 15.80
C ARG A 108 -19.84 23.97 15.84
N ASP A 109 -19.55 25.10 16.49
CA ASP A 109 -18.18 25.59 16.60
C ASP A 109 -17.33 24.63 17.43
N VAL A 110 -17.89 24.16 18.54
CA VAL A 110 -17.18 23.25 19.42
C VAL A 110 -16.89 21.93 18.70
N PHE A 111 -17.90 21.41 18.01
CA PHE A 111 -17.76 20.16 17.27
C PHE A 111 -16.68 20.30 16.20
N HIS A 112 -16.67 21.45 15.52
CA HIS A 112 -15.70 21.69 14.48
C HIS A 112 -14.27 21.71 15.04
N THR A 113 -14.08 22.48 16.11
CA THR A 113 -12.76 22.57 16.74
C THR A 113 -12.32 21.21 17.25
N THR A 114 -13.25 20.48 17.87
CA THR A 114 -12.94 19.17 18.42
C THR A 114 -12.33 18.28 17.35
N VAL A 115 -12.91 18.31 16.15
CA VAL A 115 -12.41 17.50 15.05
C VAL A 115 -11.01 17.93 14.65
N ASN A 116 -10.79 19.24 14.61
CA ASN A 116 -9.47 19.78 14.24
C ASN A 116 -8.46 19.57 15.37
N PHE A 117 -8.90 19.72 16.61
CA PHE A 117 -8.03 19.55 17.76
C PHE A 117 -7.46 18.13 17.80
N ILE A 118 -8.31 17.15 17.55
CA ILE A 118 -7.88 15.76 17.55
C ILE A 118 -6.83 15.54 16.47
N ASN A 119 -7.05 16.16 15.32
CA ASN A 119 -6.13 16.04 14.20
C ASN A 119 -4.70 16.28 14.67
N GLN A 120 -4.55 17.17 15.65
CA GLN A 120 -3.24 17.49 16.23
C GLN A 120 -2.32 16.27 16.20
N ASN A 121 -2.22 15.61 17.34
CA ASN A 121 -1.39 14.40 17.47
C ASN A 121 -2.18 13.26 18.08
N LEU A 122 -3.33 13.61 18.65
CA LEU A 122 -4.21 12.63 19.27
C LEU A 122 -4.63 11.56 18.28
N ARG A 123 -4.83 11.96 17.03
CA ARG A 123 -5.27 11.03 16.01
C ARG A 123 -4.39 9.78 16.02
N THR A 124 -3.09 9.95 16.15
CA THR A 124 -2.19 8.81 16.18
C THR A 124 -2.33 8.04 17.51
N TYR A 125 -2.22 8.77 18.61
CA TYR A 125 -2.32 8.15 19.93
C TYR A 125 -3.69 7.55 20.16
N VAL A 126 -4.72 8.32 19.88
CA VAL A 126 -6.09 7.86 20.07
C VAL A 126 -6.34 6.61 19.23
N ARG A 127 -5.72 6.56 18.06
CA ARG A 127 -5.90 5.41 17.18
C ARG A 127 -5.44 4.14 17.88
N SER A 128 -4.21 4.17 18.41
CA SER A 128 -3.68 2.99 19.10
C SER A 128 -4.58 2.61 20.27
N LEU A 129 -4.92 3.59 21.10
CA LEU A 129 -5.78 3.34 22.24
C LEU A 129 -7.17 2.89 21.80
N ALA A 130 -7.67 3.53 20.75
CA ALA A 130 -8.99 3.20 20.22
C ALA A 130 -8.95 1.89 19.46
N ARG A 131 -8.70 0.79 20.17
CA ARG A 131 -8.64 -0.53 19.55
C ARG A 131 -10.00 -1.22 19.61
N ASN A 132 -10.99 -0.52 20.14
CA ASN A 132 -12.34 -1.09 20.25
C ASN A 132 -13.11 -0.86 18.96
N GLY A 133 -14.18 -1.63 18.79
CA GLY A 133 -15.02 -1.51 17.59
C GLY A 133 -16.40 -2.10 17.82
N MET A 134 -17.41 -1.23 17.89
CA MET A 134 -18.78 -1.68 18.10
C MET A 134 -19.43 -2.08 16.78
N ASP A 135 -20.25 -3.12 16.83
CA ASP A 135 -20.93 -3.60 15.63
C ASP A 135 -22.18 -2.77 15.36
N GLY A 1 22.47 -32.83 24.72
CA GLY A 1 22.98 -31.51 24.24
C GLY A 1 24.44 -31.64 23.83
N ASN A 2 24.81 -32.82 23.32
CA ASN A 2 26.17 -33.05 22.89
C ASN A 2 26.54 -32.15 21.72
N ARG A 3 25.62 -31.98 20.79
CA ARG A 3 25.86 -31.14 19.62
C ARG A 3 25.86 -29.67 20.02
N SER A 4 26.73 -28.89 19.40
CA SER A 4 26.82 -27.47 19.69
C SER A 4 25.51 -26.77 19.36
N SER A 5 24.92 -27.12 18.23
CA SER A 5 23.67 -26.52 17.81
C SER A 5 23.83 -25.01 17.63
N HIS A 6 24.29 -24.62 16.45
CA HIS A 6 24.48 -23.20 16.15
C HIS A 6 23.16 -22.55 15.74
N SER A 7 22.16 -23.38 15.47
CA SER A 7 20.85 -22.88 15.06
C SER A 7 21.01 -21.91 13.90
N ARG A 8 20.05 -20.99 13.77
CA ARG A 8 20.07 -20.00 12.69
C ARG A 8 19.66 -18.63 13.20
N LEU A 9 18.42 -18.53 13.67
CA LEU A 9 17.91 -17.27 14.20
C LEU A 9 18.06 -16.16 13.16
N GLY A 10 16.94 -15.63 12.69
CA GLY A 10 16.96 -14.57 11.71
C GLY A 10 17.35 -13.23 12.34
N ARG A 11 18.13 -13.30 13.41
CA ARG A 11 18.57 -12.09 14.10
C ARG A 11 17.37 -11.25 14.51
N ILE A 12 17.14 -11.16 15.82
CA ILE A 12 16.02 -10.39 16.36
C ILE A 12 16.50 -9.42 17.43
N GLU A 13 15.64 -8.46 17.76
CA GLU A 13 15.98 -7.47 18.77
C GLU A 13 17.27 -6.74 18.40
N ALA A 14 17.52 -6.60 17.10
CA ALA A 14 18.73 -5.94 16.64
C ALA A 14 18.53 -5.42 15.21
N ASP A 15 17.48 -5.89 14.56
CA ASP A 15 17.19 -5.46 13.19
C ASP A 15 16.62 -4.05 13.18
N SER A 16 16.32 -3.53 14.37
CA SER A 16 15.77 -2.19 14.49
C SER A 16 16.86 -1.13 14.31
N GLU A 17 16.54 -0.08 13.59
CA GLU A 17 17.50 0.99 13.35
C GLU A 17 18.86 0.42 12.97
N SER A 18 18.86 -0.77 12.38
CA SER A 18 20.10 -1.42 11.97
C SER A 18 19.81 -2.54 10.98
N GLN A 19 18.88 -2.28 10.07
CA GLN A 19 18.52 -3.27 9.06
C GLN A 19 19.69 -3.54 8.12
N GLU A 20 20.51 -2.52 7.92
CA GLU A 20 21.66 -2.65 7.04
C GLU A 20 22.59 -3.75 7.53
N ASP A 21 22.75 -3.83 8.85
CA ASP A 21 23.63 -4.85 9.44
C ASP A 21 23.10 -6.25 9.13
N ILE A 22 21.79 -6.41 9.24
CA ILE A 22 21.18 -7.72 8.97
C ILE A 22 21.35 -8.10 7.51
N ILE A 23 21.12 -7.14 6.62
CA ILE A 23 21.26 -7.40 5.19
C ILE A 23 22.72 -7.74 4.87
N ARG A 24 23.65 -6.99 5.45
CA ARG A 24 25.06 -7.22 5.19
C ARG A 24 25.40 -8.68 5.44
N ASN A 25 25.08 -9.17 6.64
CA ASN A 25 25.36 -10.56 6.99
C ASN A 25 24.70 -11.51 5.99
N ILE A 26 23.47 -11.20 5.60
CA ILE A 26 22.75 -12.04 4.65
C ILE A 26 23.52 -12.10 3.33
N ALA A 27 23.86 -10.94 2.78
CA ALA A 27 24.58 -10.89 1.51
C ALA A 27 25.88 -11.68 1.61
N ARG A 28 26.54 -11.56 2.75
CA ARG A 28 27.79 -12.29 2.97
C ARG A 28 27.57 -13.79 2.88
N HIS A 29 26.50 -14.26 3.50
CA HIS A 29 26.19 -15.69 3.48
C HIS A 29 25.82 -16.15 2.07
N LEU A 30 25.00 -15.35 1.40
CA LEU A 30 24.60 -15.66 0.04
C LEU A 30 25.78 -15.51 -0.92
N ALA A 31 26.65 -14.55 -0.65
CA ALA A 31 27.80 -14.33 -1.51
C ALA A 31 28.67 -15.58 -1.57
N GLN A 32 28.97 -16.15 -0.41
CA GLN A 32 29.79 -17.35 -0.35
C GLN A 32 29.04 -18.53 -0.96
N VAL A 33 27.83 -18.77 -0.49
CA VAL A 33 27.02 -19.87 -1.00
C VAL A 33 26.64 -19.61 -2.45
N GLY A 34 26.56 -18.34 -2.81
CA GLY A 34 26.21 -17.95 -4.17
C GLY A 34 27.29 -18.39 -5.15
N ASP A 35 28.54 -18.27 -4.74
CA ASP A 35 29.66 -18.65 -5.59
C ASP A 35 29.57 -20.13 -5.94
N SER A 36 29.30 -20.96 -4.94
CA SER A 36 29.20 -22.40 -5.15
C SER A 36 27.87 -22.76 -5.79
N MET A 37 27.02 -21.77 -5.99
CA MET A 37 25.71 -22.00 -6.60
C MET A 37 25.86 -22.81 -7.89
N ASP A 38 27.09 -22.92 -8.36
CA ASP A 38 27.36 -23.67 -9.59
C ASP A 38 27.08 -25.15 -9.37
N ARG A 39 26.88 -25.54 -8.11
CA ARG A 39 26.60 -26.94 -7.79
C ARG A 39 25.18 -27.30 -8.20
N SER A 40 24.21 -26.70 -7.54
CA SER A 40 22.80 -26.98 -7.84
C SER A 40 22.39 -26.27 -9.12
N ILE A 41 22.28 -24.94 -9.04
CA ILE A 41 21.87 -24.13 -10.19
C ILE A 41 20.94 -24.90 -11.10
N PRO A 42 19.72 -25.09 -10.71
CA PRO A 42 18.74 -25.87 -11.52
C PRO A 42 18.20 -25.04 -12.70
N PRO A 43 18.52 -25.42 -13.92
CA PRO A 43 18.05 -24.68 -15.12
C PRO A 43 16.61 -25.01 -15.48
N GLY A 44 16.04 -26.01 -14.80
CA GLY A 44 14.65 -26.42 -15.06
C GLY A 44 13.81 -25.24 -15.50
N LEU A 45 14.08 -24.07 -14.91
CA LEU A 45 13.34 -22.87 -15.24
C LEU A 45 13.91 -22.19 -16.50
N VAL A 46 14.27 -23.01 -17.47
CA VAL A 46 14.81 -22.49 -18.73
C VAL A 46 13.70 -21.78 -19.51
N ASN A 47 12.55 -22.42 -19.58
CA ASN A 47 11.43 -21.86 -20.33
C ASN A 47 11.09 -20.47 -19.81
N GLY A 48 10.94 -20.36 -18.49
CA GLY A 48 10.62 -19.07 -17.88
C GLY A 48 11.80 -18.12 -17.96
N LEU A 49 12.98 -18.62 -17.61
CA LEU A 49 14.17 -17.79 -17.62
C LEU A 49 14.33 -17.11 -18.97
N ALA A 50 14.18 -17.89 -20.04
CA ALA A 50 14.33 -17.34 -21.38
C ALA A 50 13.38 -16.16 -21.57
N LEU A 51 12.11 -16.34 -21.20
CA LEU A 51 11.14 -15.28 -21.33
C LEU A 51 11.45 -14.13 -20.38
N GLN A 52 11.73 -14.47 -19.13
CA GLN A 52 12.04 -13.46 -18.13
C GLN A 52 13.32 -12.73 -18.49
N LEU A 53 14.24 -13.46 -19.11
CA LEU A 53 15.51 -12.88 -19.51
C LEU A 53 15.31 -11.84 -20.60
N ARG A 54 14.40 -12.12 -21.52
CA ARG A 54 14.13 -11.21 -22.63
C ARG A 54 13.02 -10.24 -22.27
N ASN A 55 12.20 -10.61 -21.29
CA ASN A 55 11.09 -9.76 -20.87
C ASN A 55 11.54 -8.81 -19.78
N THR A 56 12.83 -8.84 -19.46
CA THR A 56 13.38 -7.96 -18.43
C THR A 56 13.45 -6.52 -18.93
N SER A 57 13.80 -6.35 -20.19
CA SER A 57 13.92 -5.02 -20.77
C SER A 57 12.61 -4.24 -20.64
N ARG A 58 11.51 -4.91 -20.93
CA ARG A 58 10.20 -4.27 -20.85
C ARG A 58 9.70 -4.23 -19.42
N SER A 59 10.24 -5.11 -18.58
CA SER A 59 9.83 -5.16 -17.18
C SER A 59 10.29 -3.91 -16.46
N GLU A 60 10.60 -4.05 -15.17
CA GLU A 60 11.06 -2.93 -14.36
C GLU A 60 9.92 -1.92 -14.16
N GLU A 61 9.41 -1.39 -15.26
CA GLU A 61 8.32 -0.41 -15.20
C GLU A 61 6.97 -1.11 -15.21
N ASP A 62 6.98 -2.40 -15.53
CA ASP A 62 5.75 -3.17 -15.58
C ASP A 62 5.22 -3.45 -14.18
N ARG A 63 6.05 -3.20 -13.18
CA ARG A 63 5.67 -3.43 -11.79
C ARG A 63 4.59 -2.43 -11.36
N ASN A 64 4.71 -1.20 -11.83
CA ASN A 64 3.75 -0.16 -11.50
C ASN A 64 2.37 -0.52 -12.03
N ARG A 65 2.34 -1.13 -13.22
CA ARG A 65 1.08 -1.52 -13.84
C ARG A 65 0.44 -2.67 -13.06
N ASP A 66 0.27 -2.47 -11.75
CA ASP A 66 -0.34 -3.49 -10.89
C ASP A 66 -1.65 -2.98 -10.32
N LEU A 67 -1.58 -2.03 -9.40
CA LEU A 67 -2.79 -1.47 -8.78
C LEU A 67 -3.60 -0.69 -9.81
N ALA A 68 -2.92 0.11 -10.61
CA ALA A 68 -3.59 0.91 -11.62
C ALA A 68 -4.28 0.00 -12.65
N THR A 69 -3.67 -1.15 -12.90
CA THR A 69 -4.24 -2.09 -13.87
C THR A 69 -5.61 -2.56 -13.40
N ALA A 70 -5.69 -3.04 -12.17
CA ALA A 70 -6.96 -3.52 -11.62
C ALA A 70 -7.93 -2.36 -11.45
N LEU A 71 -7.41 -1.24 -10.97
CA LEU A 71 -8.24 -0.06 -10.76
C LEU A 71 -8.83 0.41 -12.09
N GLU A 72 -7.97 0.53 -13.09
CA GLU A 72 -8.41 1.00 -14.41
C GLU A 72 -9.47 0.07 -14.96
N GLN A 73 -9.34 -1.22 -14.67
CA GLN A 73 -10.30 -2.21 -15.15
C GLN A 73 -11.67 -1.94 -14.54
N LEU A 74 -11.69 -1.59 -13.27
CA LEU A 74 -12.96 -1.32 -12.59
C LEU A 74 -13.68 -0.14 -13.25
N LEU A 75 -12.93 0.91 -13.54
CA LEU A 75 -13.50 2.09 -14.17
C LEU A 75 -13.78 1.83 -15.65
N GLN A 76 -12.94 1.00 -16.26
CA GLN A 76 -13.09 0.68 -17.67
C GLN A 76 -14.47 0.13 -17.95
N ALA A 77 -14.95 -0.74 -17.06
CA ALA A 77 -16.27 -1.36 -17.21
C ALA A 77 -17.15 -1.06 -16.01
N TYR A 78 -17.60 0.19 -15.91
CA TYR A 78 -18.47 0.60 -14.80
C TYR A 78 -18.94 2.03 -15.00
N PRO A 79 -19.62 2.30 -16.09
CA PRO A 79 -20.15 3.67 -16.39
C PRO A 79 -21.39 3.98 -15.57
N ARG A 80 -21.25 4.92 -14.63
CA ARG A 80 -22.37 5.32 -13.79
C ARG A 80 -22.24 6.78 -13.38
N ASP A 81 -23.38 7.46 -13.30
CA ASP A 81 -23.39 8.87 -12.92
C ASP A 81 -22.93 9.04 -11.48
N MET A 82 -21.74 9.60 -11.29
CA MET A 82 -21.19 9.81 -9.96
C MET A 82 -21.37 11.26 -9.52
N GLU A 83 -21.16 12.18 -10.46
CA GLU A 83 -21.30 13.59 -10.15
C GLU A 83 -22.76 13.95 -9.94
N LYS A 84 -23.63 13.50 -10.84
CA LYS A 84 -25.04 13.80 -10.74
C LYS A 84 -25.64 13.21 -9.47
N GLU A 85 -25.35 11.94 -9.23
CA GLU A 85 -25.87 11.28 -8.04
C GLU A 85 -25.42 12.00 -6.78
N LYS A 86 -24.13 12.25 -6.68
CA LYS A 86 -23.58 12.95 -5.52
C LYS A 86 -24.14 14.36 -5.43
N THR A 87 -24.28 15.01 -6.59
CA THR A 87 -24.81 16.37 -6.61
C THR A 87 -26.22 16.42 -6.02
N MET A 88 -27.06 15.49 -6.45
CA MET A 88 -28.43 15.44 -5.93
C MET A 88 -28.43 15.13 -4.44
N LEU A 89 -27.59 14.20 -4.03
CA LEU A 89 -27.51 13.83 -2.63
C LEU A 89 -27.05 15.00 -1.77
N VAL A 90 -26.03 15.69 -2.24
CA VAL A 90 -25.50 16.84 -1.52
C VAL A 90 -26.53 17.97 -1.49
N LEU A 91 -27.17 18.21 -2.62
CA LEU A 91 -28.16 19.28 -2.69
C LEU A 91 -29.28 19.04 -1.69
N ALA A 92 -29.77 17.81 -1.65
CA ALA A 92 -30.85 17.47 -0.73
C ALA A 92 -30.37 17.58 0.71
N LEU A 93 -29.12 17.15 0.93
CA LEU A 93 -28.55 17.20 2.27
C LEU A 93 -28.44 18.64 2.75
N LEU A 94 -28.02 19.53 1.85
CA LEU A 94 -27.87 20.94 2.20
C LEU A 94 -29.20 21.51 2.65
N LEU A 95 -30.26 21.17 1.93
CA LEU A 95 -31.59 21.66 2.29
C LEU A 95 -32.00 21.12 3.66
N ALA A 96 -31.70 19.86 3.91
CA ALA A 96 -32.02 19.23 5.18
C ALA A 96 -31.13 19.78 6.29
N LYS A 97 -29.90 20.11 5.93
CA LYS A 97 -28.94 20.63 6.89
C LYS A 97 -29.29 22.07 7.28
N LYS A 98 -29.62 22.88 6.28
CA LYS A 98 -29.95 24.28 6.52
C LYS A 98 -31.20 24.42 7.37
N VAL A 99 -32.24 23.69 7.00
CA VAL A 99 -33.50 23.75 7.74
C VAL A 99 -33.29 23.26 9.17
N ALA A 100 -32.44 22.25 9.33
CA ALA A 100 -32.18 21.71 10.67
C ALA A 100 -31.60 22.81 11.56
N SER A 101 -30.54 23.48 11.07
CA SER A 101 -29.87 24.55 11.83
C SER A 101 -30.83 25.16 12.84
N HIS A 102 -30.32 25.49 14.02
CA HIS A 102 -31.16 26.07 15.07
C HIS A 102 -30.40 26.08 16.38
N THR A 103 -29.64 25.02 16.64
CA THR A 103 -28.88 24.93 17.88
C THR A 103 -27.60 25.77 17.79
N PRO A 104 -27.07 26.17 18.92
CA PRO A 104 -25.82 26.98 18.97
C PRO A 104 -24.63 26.20 18.43
N SER A 105 -23.72 26.90 17.76
CA SER A 105 -22.53 26.27 17.20
C SER A 105 -21.37 26.32 18.20
N LEU A 106 -21.57 27.07 19.29
CA LEU A 106 -20.51 27.18 20.31
C LEU A 106 -20.18 25.82 20.89
N LEU A 107 -21.20 25.14 21.40
CA LEU A 107 -20.98 23.83 21.99
C LEU A 107 -20.45 22.86 20.94
N ARG A 108 -21.02 22.93 19.75
CA ARG A 108 -20.60 22.05 18.67
C ARG A 108 -19.17 22.34 18.26
N ASP A 109 -18.82 23.62 18.23
CA ASP A 109 -17.47 24.01 17.85
C ASP A 109 -16.44 23.47 18.83
N VAL A 110 -16.72 23.63 20.12
CA VAL A 110 -15.80 23.14 21.14
C VAL A 110 -15.69 21.62 21.08
N PHE A 111 -16.83 20.96 20.94
CA PHE A 111 -16.85 19.50 20.87
C PHE A 111 -15.97 19.01 19.73
N HIS A 112 -16.12 19.64 18.57
CA HIS A 112 -15.33 19.26 17.40
C HIS A 112 -13.84 19.54 17.63
N THR A 113 -13.54 20.69 18.23
CA THR A 113 -12.15 21.05 18.49
C THR A 113 -11.49 20.00 19.37
N THR A 114 -12.16 19.60 20.43
CA THR A 114 -11.63 18.60 21.34
C THR A 114 -11.31 17.31 20.58
N VAL A 115 -12.24 16.91 19.72
CA VAL A 115 -12.07 15.69 18.93
C VAL A 115 -10.81 15.81 18.05
N ASN A 116 -10.64 16.97 17.44
CA ASN A 116 -9.48 17.19 16.57
C ASN A 116 -8.19 17.05 17.37
N PHE A 117 -8.17 17.55 18.59
CA PHE A 117 -6.98 17.47 19.42
C PHE A 117 -6.61 16.00 19.67
N ILE A 118 -7.60 15.20 20.02
CA ILE A 118 -7.37 13.78 20.28
C ILE A 118 -6.90 13.08 19.01
N ASN A 119 -7.51 13.43 17.90
CA ASN A 119 -7.18 12.82 16.61
C ASN A 119 -5.66 12.84 16.40
N GLN A 120 -5.02 13.89 16.88
CA GLN A 120 -3.56 14.01 16.73
C GLN A 120 -2.88 12.68 17.03
N ASN A 121 -3.47 11.89 17.91
CA ASN A 121 -2.90 10.58 18.28
C ASN A 121 -3.73 9.44 17.70
N LEU A 122 -5.03 9.49 17.91
CA LEU A 122 -5.92 8.45 17.41
C LEU A 122 -5.85 8.38 15.90
N ARG A 123 -5.71 9.52 15.25
CA ARG A 123 -5.64 9.56 13.79
C ARG A 123 -4.54 8.64 13.30
N THR A 124 -3.41 8.63 13.98
CA THR A 124 -2.28 7.79 13.57
C THR A 124 -2.69 6.31 13.59
N TYR A 125 -3.23 5.87 14.72
CA TYR A 125 -3.66 4.47 14.84
C TYR A 125 -4.85 4.19 13.93
N VAL A 126 -5.76 5.14 13.86
CA VAL A 126 -6.95 4.99 13.01
C VAL A 126 -6.56 4.97 11.53
N ARG A 127 -5.64 5.85 11.16
CA ARG A 127 -5.21 5.93 9.77
C ARG A 127 -4.60 4.61 9.32
N SER A 128 -3.75 4.03 10.15
CA SER A 128 -3.10 2.77 9.79
C SER A 128 -4.14 1.68 9.54
N LEU A 129 -5.06 1.51 10.48
CA LEU A 129 -6.11 0.52 10.35
C LEU A 129 -7.05 0.87 9.21
N ALA A 130 -7.36 2.15 9.09
CA ALA A 130 -8.25 2.61 8.04
C ALA A 130 -8.27 4.13 7.99
N ARG A 131 -9.41 4.71 8.32
CA ARG A 131 -9.56 6.16 8.31
C ARG A 131 -10.92 6.57 8.87
N ASN A 132 -11.98 6.01 8.29
CA ASN A 132 -13.34 6.32 8.73
C ASN A 132 -13.70 5.51 9.97
N GLY A 133 -14.44 6.13 10.88
CA GLY A 133 -14.85 5.46 12.11
C GLY A 133 -16.26 5.88 12.53
N MET A 134 -16.99 6.47 11.58
CA MET A 134 -18.35 6.92 11.86
C MET A 134 -19.34 5.77 11.74
N ASP A 135 -20.30 5.72 12.64
CA ASP A 135 -21.31 4.66 12.62
C ASP A 135 -20.64 3.29 12.51
#